data_8K47
#
_entry.id   8K47
#
_cell.length_a   1.00
_cell.length_b   1.00
_cell.length_c   1.00
_cell.angle_alpha   90.00
_cell.angle_beta   90.00
_cell.angle_gamma   90.00
#
_symmetry.space_group_name_H-M   'P 1'
#
loop_
_entity.id
_entity.type
_entity.pdbx_description
1 polymer 'nanobody Nb4'
2 polymer 'Spike glycoprotein'
3 branched 2-acetamido-2-deoxy-beta-D-glucopyranose-(1-4)-2-acetamido-2-deoxy-beta-D-glucopyranose
4 non-polymer 2-acetamido-2-deoxy-beta-D-glucopyranose
#
loop_
_entity_poly.entity_id
_entity_poly.type
_entity_poly.pdbx_seq_one_letter_code
_entity_poly.pdbx_strand_id
1 'polypeptide(L)'
;SAVQLQASGGGFVQPGGSLRLSCAASGWAETFGHMGWFRQAPGKEREFVSAIDWWDTVHYYADSVKGRFTISRDNSKNTV
YLQMNSLRAEDTATYYCAYWDMDYLQNSIPVDYWGQGTQVTVSS
;
I
2 'polypeptide(L)'
;MFVFLVLLPLVSSQCVNLITRTQLPPAYTNSFTRGVYYPDKVFRSSVLHSTQDLFLPFFSNVTWFHAIHVSGTNGTKRFD
NPVLPFNDGVYFASTEKSNIIRGWIFGTTLDSKTQSLLIVNNATNVVIKVCEFQFCNDPFLDVYYHKNNKSWMESEFRVY
SSANNCTFEYVSQPFLMDLEGKQGNFKNLREFVFKNIDGYFKIYSKHTPINLGRDLPQGFSALEPLVDLPIGINITRFQT
LLALHRSYLTPGDSSSGWTAGAAAYYVGYLQPRTFLLKYNENGTITDAVDCALDPLSETKCTLKSFTVEKGIYQTSNFRV
QPTESIVRFPNITNLCPFDEVFNATRFASVYAWNRKRISNCVADYSVLYNFAPFFAFKCYGVSPTKLNDLCFTNVYADSF
VIRGNEVSQIAPGQTGNIADYNYKLPDDFTGCVIAWNSNKLDSKVGGNYNYRYRLFRKSNLKPFERDISTEIYQAGNKPC
NGVAGVNCYFPLQSYGFRPTYGVGHQPYRVVVLSFELLHAPATVCGPKKSTNLVKNKCVNFNFNGLTGTGVLTESNKKFL
PFQQFGRDIADTTDAVRDPQTLEILDITPCSFGGVSVITPGTNTSNQVAVLYQGVNCTEVPVAIHADQLTPTWRVYSTGS
NVFQTRAGCLIGAEYVNSSYECDIPIGAGICASYQTQTKSHGSASSVASQSIIAYTMSLGAENSVAYSNNSIAIPTNFTI
SVTTEILPVSMTKTSVDCTMYICGDSTECSNLLLQYGSFCTQLKRALTGIAVEQDKNTQEVFAQVKQIYKTPPIKYFGGF
NFSQILPDPSKPSKRSPIEDLLFNKVTLADAGFIKQYGDCLGDIAARDLICAQKFNGLTVLPPLLTDEMIAQYTSALLAG
TITSGWTFGAGPALQIPFPMQMAYRFNGIGVTQNVLYENQKLIANQFNSAIGKIQDSLSSTPSALGKLQDVVNHNAQALN
TLVKQLSSKFGAISSVLNDILSRLDPPEAEVQIDRLITGRLQSLQTYVTQQLIRAAEIRASANLAATKMSECVLGQSKRV
DFCGKGYHLMSFPQSAPHGVVFLHVTYVPAQEKNFTTAPAICHDGKAHFPREGVFVSNGTHWFVTQRNFYEPQIITTDNT
FVSGNCDVVIGIVNNTVYDPLQPELDSFKEELDKYFKNHTSPDVDLGDISGINASVVNIQKEIDRLNEVAKNLNESLIDL
QELGKYEQGSGYIPEAPRDGQAYVRKDGEWVFLSTFLSGLEVLFQGPGGWSHPQFEKGGGSGGGSGGSAWSHPQFEKGGS
HHHHHHHH
;
A,B,C
#
loop_
_chem_comp.id
_chem_comp.type
_chem_comp.name
_chem_comp.formula
NAG D-saccharide, beta linking 2-acetamido-2-deoxy-beta-D-glucopyranose 'C8 H15 N O6'
#
# COMPACT_ATOMS: atom_id res chain seq x y z
N SER A 1 13.57 24.92 -25.04
CA SER A 1 14.65 25.79 -25.51
C SER A 1 14.69 25.84 -27.03
N ALA A 2 15.36 26.85 -27.57
CA ALA A 2 15.50 27.00 -29.02
C ALA A 2 16.77 27.80 -29.29
N VAL A 3 17.80 27.14 -29.82
CA VAL A 3 19.09 27.77 -30.07
C VAL A 3 19.40 27.64 -31.55
N GLN A 4 19.77 28.77 -32.17
CA GLN A 4 20.19 28.80 -33.56
C GLN A 4 21.70 28.93 -33.62
N LEU A 5 22.35 28.02 -34.34
CA LEU A 5 23.80 27.98 -34.43
C LEU A 5 24.25 28.36 -35.83
N GLN A 6 25.34 29.11 -35.91
CA GLN A 6 25.88 29.62 -37.17
C GLN A 6 27.27 29.03 -37.37
N ALA A 7 27.35 27.93 -38.11
CA ALA A 7 28.61 27.26 -38.39
C ALA A 7 29.10 27.62 -39.79
N SER A 8 30.40 27.85 -39.91
CA SER A 8 30.99 28.20 -41.20
C SER A 8 32.43 27.72 -41.23
N GLY A 9 32.97 27.56 -42.44
CA GLY A 9 34.31 27.11 -42.67
C GLY A 9 34.32 25.95 -43.64
N GLY A 10 35.48 25.30 -43.73
CA GLY A 10 35.63 24.16 -44.63
C GLY A 10 36.58 24.43 -45.77
N GLY A 11 36.23 23.93 -46.97
CA GLY A 11 37.04 24.13 -48.16
C GLY A 11 37.56 22.80 -48.69
N PHE A 12 38.81 22.80 -49.12
CA PHE A 12 39.47 21.60 -49.65
C PHE A 12 40.85 21.51 -49.03
N VAL A 13 40.98 20.65 -48.03
CA VAL A 13 42.26 20.43 -47.38
C VAL A 13 42.99 19.27 -48.04
N GLN A 14 44.29 19.20 -47.83
CA GLN A 14 45.16 18.15 -48.36
C GLN A 14 45.68 17.30 -47.21
N PRO A 15 46.12 16.05 -47.50
CA PRO A 15 46.73 15.23 -46.46
C PRO A 15 47.87 15.96 -45.75
N GLY A 16 47.78 16.07 -44.44
CA GLY A 16 48.69 16.91 -43.67
C GLY A 16 48.24 18.35 -43.54
N GLY A 17 47.09 18.70 -44.08
CA GLY A 17 46.59 20.06 -44.01
C GLY A 17 45.91 20.36 -42.70
N SER A 18 45.19 21.49 -42.68
CA SER A 18 44.54 21.96 -41.46
C SER A 18 43.32 22.78 -41.82
N LEU A 19 42.43 22.93 -40.85
CA LEU A 19 41.20 23.71 -40.98
C LEU A 19 41.13 24.73 -39.85
N ARG A 20 40.39 25.81 -40.10
CA ARG A 20 40.06 26.79 -39.06
C ARG A 20 38.56 27.02 -39.16
N LEU A 21 37.79 26.20 -38.46
CA LEU A 21 36.34 26.23 -38.55
C LEU A 21 35.79 27.37 -37.70
N SER A 22 34.47 27.47 -37.61
CA SER A 22 33.82 28.49 -36.81
C SER A 22 32.40 28.03 -36.50
N CYS A 23 31.87 28.50 -35.38
CA CYS A 23 30.50 28.19 -34.99
C CYS A 23 30.02 29.29 -34.05
N ALA A 24 29.22 30.21 -34.58
CA ALA A 24 28.67 31.30 -33.79
C ALA A 24 27.41 30.84 -33.07
N ALA A 25 27.15 31.45 -31.91
CA ALA A 25 26.05 31.06 -31.05
C ALA A 25 25.08 32.22 -30.85
N SER A 26 23.80 31.94 -30.97
N SER A 26 23.80 31.94 -30.97
CA SER A 26 22.75 32.93 -30.74
CA SER A 26 22.75 32.92 -30.74
C SER A 26 21.49 32.21 -30.30
C SER A 26 21.49 32.21 -30.30
N GLY A 27 20.60 32.94 -29.65
CA GLY A 27 19.36 32.38 -29.17
C GLY A 27 19.42 32.05 -27.69
N TRP A 28 18.24 31.82 -27.13
CA TRP A 28 18.13 31.48 -25.72
C TRP A 28 18.23 29.96 -25.52
N ALA A 29 18.90 29.56 -24.45
CA ALA A 29 19.06 28.17 -24.10
C ALA A 29 18.74 27.99 -22.62
N GLU A 30 18.20 26.81 -22.28
CA GLU A 30 17.89 26.52 -20.89
C GLU A 30 19.13 26.60 -20.02
N THR A 31 20.29 26.25 -20.57
CA THR A 31 21.55 26.34 -19.85
C THR A 31 22.63 26.82 -20.79
N PHE A 32 23.69 27.40 -20.21
CA PHE A 32 24.85 27.77 -21.00
C PHE A 32 25.63 26.52 -21.37
N GLY A 33 25.26 25.90 -22.49
CA GLY A 33 25.88 24.67 -22.92
C GLY A 33 27.27 24.90 -23.48
N HIS A 34 27.89 23.80 -23.90
CA HIS A 34 29.21 23.83 -24.49
C HIS A 34 29.11 23.56 -25.99
N MET A 35 29.86 24.33 -26.76
CA MET A 35 29.89 24.15 -28.20
C MET A 35 30.90 23.07 -28.59
N GLY A 36 30.75 22.59 -29.83
CA GLY A 36 31.67 21.60 -30.35
C GLY A 36 31.16 21.03 -31.65
N TRP A 37 31.96 20.15 -32.22
CA TRP A 37 31.61 19.44 -33.44
C TRP A 37 31.34 17.98 -33.10
N PHE A 38 30.34 17.40 -33.74
CA PHE A 38 29.87 16.06 -33.40
C PHE A 38 29.79 15.33 -34.75
N ARG A 39 30.92 14.78 -35.19
CA ARG A 39 31.13 14.38 -36.57
C ARG A 39 31.07 12.87 -36.72
N GLN A 40 30.52 12.42 -37.84
CA GLN A 40 30.58 11.03 -38.26
C GLN A 40 31.56 10.87 -39.41
N ALA A 41 32.28 9.75 -39.41
CA ALA A 41 33.06 9.38 -40.59
C ALA A 41 32.10 9.04 -41.73
N PRO A 42 32.53 9.26 -42.99
CA PRO A 42 31.61 8.99 -44.12
C PRO A 42 31.10 7.56 -44.13
N GLY A 43 29.79 7.41 -43.93
CA GLY A 43 29.16 6.11 -43.79
C GLY A 43 29.17 5.56 -42.38
N LYS A 44 29.70 6.30 -41.41
CA LYS A 44 29.81 5.85 -40.03
C LYS A 44 28.83 6.62 -39.15
N GLU A 45 28.69 6.15 -37.92
CA GLU A 45 27.79 6.80 -36.97
C GLU A 45 28.41 8.09 -36.44
N ARG A 46 27.53 9.00 -36.00
CA ARG A 46 27.99 10.27 -35.44
C ARG A 46 28.85 10.03 -34.22
N GLU A 47 29.95 10.79 -34.11
CA GLU A 47 30.92 10.61 -33.03
C GLU A 47 31.34 11.96 -32.44
N PHE A 48 31.67 11.95 -31.16
CA PHE A 48 32.18 13.14 -30.50
C PHE A 48 33.58 13.47 -31.02
N VAL A 49 33.88 14.76 -31.15
CA VAL A 49 35.13 15.24 -31.72
C VAL A 49 35.99 15.96 -30.69
N SER A 50 35.51 17.09 -30.19
CA SER A 50 36.28 17.92 -29.26
C SER A 50 35.36 18.95 -28.61
N ALA A 51 35.57 19.22 -27.33
CA ALA A 51 34.63 20.03 -26.55
C ALA A 51 35.36 21.20 -25.90
N ILE A 52 34.68 22.36 -25.90
CA ILE A 52 35.10 23.53 -25.14
C ILE A 52 33.89 24.04 -24.39
N ASP A 53 34.11 24.52 -23.17
CA ASP A 53 33.03 25.07 -22.35
C ASP A 53 32.87 26.57 -22.62
N TRP A 54 31.70 27.10 -22.24
CA TRP A 54 31.42 28.51 -22.44
C TRP A 54 32.34 29.40 -21.61
N TRP A 55 32.88 28.88 -20.51
CA TRP A 55 33.74 29.65 -19.63
C TRP A 55 35.21 29.57 -20.03
N ASP A 56 35.55 28.83 -21.09
CA ASP A 56 36.93 28.64 -21.52
C ASP A 56 37.78 28.02 -20.41
N THR A 57 37.25 26.94 -19.82
CA THR A 57 37.93 26.23 -18.75
C THR A 57 38.05 24.73 -18.95
N VAL A 58 37.28 24.13 -19.84
CA VAL A 58 37.28 22.68 -20.04
C VAL A 58 37.51 22.38 -21.50
N HIS A 59 38.45 21.47 -21.79
CA HIS A 59 38.77 21.05 -23.14
C HIS A 59 38.80 19.54 -23.22
N TYR A 60 38.36 18.99 -24.35
CA TYR A 60 38.28 17.54 -24.54
C TYR A 60 38.85 17.17 -25.90
N TYR A 61 39.46 15.98 -25.96
CA TYR A 61 40.04 15.45 -27.18
C TYR A 61 39.82 13.95 -27.22
N ALA A 62 39.89 13.38 -28.42
CA ALA A 62 39.64 11.96 -28.65
C ALA A 62 40.84 11.34 -29.35
N ASP A 63 40.94 10.02 -29.22
CA ASP A 63 42.10 9.30 -29.78
C ASP A 63 42.18 9.45 -31.29
N SER A 64 41.03 9.31 -31.97
CA SER A 64 41.01 9.47 -33.43
C SER A 64 41.27 10.91 -33.86
N VAL A 65 41.24 11.87 -32.93
CA VAL A 65 41.45 13.26 -33.24
C VAL A 65 42.64 13.86 -32.49
N LYS A 66 43.30 13.09 -31.63
CA LYS A 66 44.40 13.61 -30.84
C LYS A 66 45.58 13.97 -31.73
N GLY A 67 46.23 15.10 -31.41
CA GLY A 67 47.37 15.58 -32.15
C GLY A 67 47.03 16.31 -33.43
N ARG A 68 45.77 16.30 -33.86
CA ARG A 68 45.38 16.99 -35.08
C ARG A 68 44.04 17.70 -34.93
N PHE A 69 43.60 17.96 -33.71
CA PHE A 69 42.32 18.63 -33.48
C PHE A 69 42.45 19.53 -32.26
N THR A 70 41.79 20.68 -32.32
CA THR A 70 41.80 21.64 -31.22
C THR A 70 40.58 22.53 -31.36
N ILE A 71 39.95 22.83 -30.23
CA ILE A 71 38.75 23.66 -30.19
C ILE A 71 39.04 24.92 -29.38
N SER A 72 38.59 26.06 -29.89
CA SER A 72 38.78 27.35 -29.22
C SER A 72 37.63 28.28 -29.59
N ARG A 73 37.14 29.03 -28.61
CA ARG A 73 36.04 29.95 -28.82
C ARG A 73 36.54 31.39 -28.79
N ASP A 74 36.06 32.19 -29.76
CA ASP A 74 36.50 33.56 -29.86
C ASP A 74 35.89 34.40 -28.74
N ASN A 75 36.69 35.31 -28.19
CA ASN A 75 36.25 36.17 -27.11
C ASN A 75 35.46 37.38 -27.57
N SER A 76 35.52 37.71 -28.86
CA SER A 76 34.89 38.92 -29.37
C SER A 76 33.50 38.66 -29.95
N LYS A 77 33.42 37.83 -30.98
CA LYS A 77 32.15 37.52 -31.64
C LYS A 77 31.52 36.23 -31.12
N ASN A 78 32.15 35.56 -30.16
CA ASN A 78 31.61 34.34 -29.56
C ASN A 78 31.34 33.26 -30.60
N THR A 79 32.25 33.13 -31.56
CA THR A 79 32.20 32.07 -32.57
C THR A 79 33.33 31.10 -32.27
N VAL A 80 32.98 29.88 -31.88
CA VAL A 80 33.99 28.89 -31.50
C VAL A 80 34.63 28.31 -32.75
N TYR A 81 35.95 28.32 -32.79
CA TYR A 81 36.68 27.78 -33.92
C TYR A 81 37.06 26.32 -33.67
N LEU A 82 37.64 25.70 -34.71
CA LEU A 82 38.26 24.38 -34.61
C LEU A 82 39.65 24.50 -35.23
N GLN A 83 40.62 24.91 -34.43
CA GLN A 83 41.99 25.07 -34.88
C GLN A 83 42.60 23.68 -35.09
N MET A 84 43.40 23.54 -36.15
CA MET A 84 43.85 22.24 -36.61
C MET A 84 45.38 22.23 -36.65
N ASN A 85 45.95 21.02 -36.53
CA ASN A 85 47.39 20.83 -36.68
C ASN A 85 47.63 19.52 -37.44
N SER A 86 47.88 19.63 -38.74
CA SER A 86 48.25 18.51 -39.60
C SER A 86 47.18 17.40 -39.58
N LEU A 87 46.01 17.77 -40.11
CA LEU A 87 44.92 16.83 -40.29
C LEU A 87 45.34 15.70 -41.23
N ARG A 88 44.87 14.49 -40.94
CA ARG A 88 45.21 13.33 -41.77
C ARG A 88 44.31 13.29 -43.01
N ALA A 89 44.60 12.34 -43.89
CA ALA A 89 43.92 12.23 -45.17
C ALA A 89 42.59 11.49 -45.09
N GLU A 90 42.26 10.90 -43.94
CA GLU A 90 41.05 10.10 -43.80
C GLU A 90 39.87 10.89 -43.23
N ASP A 91 40.03 12.20 -43.04
CA ASP A 91 38.94 13.03 -42.53
C ASP A 91 38.10 13.64 -43.66
N THR A 92 37.68 12.78 -44.59
CA THR A 92 36.82 13.21 -45.70
C THR A 92 35.35 13.06 -45.32
N ALA A 93 34.98 13.78 -44.26
CA ALA A 93 33.68 13.62 -43.62
C ALA A 93 32.94 14.95 -43.59
N THR A 94 31.72 14.91 -43.04
CA THR A 94 30.90 16.08 -42.81
C THR A 94 30.85 16.34 -41.31
N TYR A 95 31.37 17.49 -40.89
CA TYR A 95 31.49 17.82 -39.48
C TYR A 95 30.24 18.62 -39.06
N TYR A 96 29.45 18.05 -38.15
CA TYR A 96 28.26 18.71 -37.63
C TYR A 96 28.60 19.43 -36.34
N CYS A 97 28.23 20.71 -36.25
CA CYS A 97 28.46 21.52 -35.06
C CYS A 97 27.22 21.41 -34.17
N ALA A 98 27.18 20.34 -33.37
CA ALA A 98 26.04 20.10 -32.50
C ALA A 98 26.13 20.97 -31.25
N TYR A 99 25.16 20.80 -30.36
CA TYR A 99 25.06 21.59 -29.14
C TYR A 99 24.60 20.69 -28.01
N TRP A 100 25.23 20.81 -26.85
CA TRP A 100 24.84 20.07 -25.66
C TRP A 100 24.39 21.08 -24.60
N ASP A 101 23.10 21.09 -24.31
CA ASP A 101 22.52 22.06 -23.37
C ASP A 101 22.66 21.59 -21.93
N MET A 102 23.88 21.25 -21.53
CA MET A 102 24.18 20.83 -20.16
C MET A 102 25.48 21.46 -19.72
N ASP A 103 25.54 21.90 -18.47
CA ASP A 103 26.74 22.51 -17.93
C ASP A 103 27.89 21.52 -17.80
N TYR A 104 27.60 20.22 -17.74
CA TYR A 104 28.64 19.20 -17.65
C TYR A 104 28.27 18.06 -18.58
N LEU A 105 29.27 17.51 -19.27
CA LEU A 105 29.06 16.45 -20.26
C LEU A 105 29.41 15.11 -19.61
N GLN A 106 28.44 14.55 -18.88
CA GLN A 106 28.61 13.22 -18.30
C GLN A 106 28.71 12.16 -19.40
N ASN A 107 27.87 12.29 -20.43
CA ASN A 107 27.93 11.39 -21.58
C ASN A 107 27.61 12.21 -22.83
N SER A 108 28.32 11.92 -23.92
CA SER A 108 28.18 12.68 -25.16
C SER A 108 27.07 12.17 -26.05
N ILE A 109 26.47 11.01 -25.75
CA ILE A 109 25.42 10.46 -26.61
C ILE A 109 24.20 11.36 -26.71
N PRO A 110 23.63 11.91 -25.60
CA PRO A 110 22.42 12.74 -25.76
C PRO A 110 22.80 14.17 -26.12
N VAL A 111 22.40 14.58 -27.32
CA VAL A 111 22.71 15.92 -27.81
C VAL A 111 21.40 16.69 -27.94
N ASP A 112 21.35 17.86 -27.31
CA ASP A 112 20.11 18.61 -27.24
C ASP A 112 19.75 19.27 -28.57
N TYR A 113 20.74 19.87 -29.25
CA TYR A 113 20.48 20.58 -30.49
C TYR A 113 21.56 20.26 -31.51
N TRP A 114 21.16 20.26 -32.78
CA TRP A 114 22.04 19.95 -33.90
C TRP A 114 22.34 21.22 -34.69
N GLY A 115 23.47 21.21 -35.38
CA GLY A 115 23.89 22.29 -36.21
C GLY A 115 24.04 21.90 -37.67
N GLN A 116 24.76 22.74 -38.41
CA GLN A 116 24.99 22.52 -39.83
C GLN A 116 26.26 21.72 -40.05
N GLY A 117 26.26 20.92 -41.12
CA GLY A 117 27.40 20.07 -41.43
C GLY A 117 28.42 20.79 -42.29
N THR A 118 29.67 20.35 -42.16
CA THR A 118 30.80 20.92 -42.92
C THR A 118 31.50 19.78 -43.64
N GLN A 119 31.17 19.59 -44.92
CA GLN A 119 31.76 18.51 -45.72
C GLN A 119 33.08 18.98 -46.32
N VAL A 120 34.18 18.40 -45.84
CA VAL A 120 35.51 18.71 -46.34
C VAL A 120 36.20 17.40 -46.73
N THR A 121 36.69 17.33 -47.95
CA THR A 121 37.49 16.20 -48.41
C THR A 121 38.97 16.50 -48.25
N VAL A 122 39.75 15.47 -48.00
CA VAL A 122 41.18 15.59 -47.77
C VAL A 122 41.88 14.85 -48.90
N SER A 123 42.21 15.58 -49.96
CA SER A 123 42.91 15.00 -51.10
C SER A 123 43.54 16.14 -51.89
N SER A 124 44.52 15.79 -52.73
CA SER A 124 45.25 16.78 -53.51
C SER A 124 44.85 16.71 -54.99
N THR B 29 38.49 -33.51 4.44
CA THR B 29 37.91 -34.09 5.64
C THR B 29 36.43 -33.72 5.74
N ASN B 30 35.71 -34.46 6.57
CA ASN B 30 34.32 -34.10 6.84
C ASN B 30 34.27 -32.92 7.79
N SER B 31 34.11 -31.72 7.25
CA SER B 31 34.02 -30.52 8.09
C SER B 31 32.72 -30.59 8.86
N PHE B 32 32.79 -31.02 10.11
CA PHE B 32 31.57 -31.25 10.90
C PHE B 32 30.78 -29.96 11.06
N THR B 33 31.30 -29.03 11.84
CA THR B 33 30.62 -27.74 12.03
C THR B 33 31.65 -26.62 12.01
N ARG B 34 32.81 -26.88 11.44
CA ARG B 34 33.90 -25.91 11.39
C ARG B 34 33.66 -24.94 10.24
N GLY B 35 34.46 -23.87 10.21
CA GLY B 35 34.35 -22.85 9.20
C GLY B 35 33.45 -21.69 9.54
N VAL B 36 32.80 -21.73 10.69
CA VAL B 36 31.94 -20.61 11.09
C VAL B 36 32.80 -19.48 11.65
N TYR B 37 32.63 -18.29 11.09
CA TYR B 37 33.37 -17.12 11.53
C TYR B 37 32.44 -15.96 11.79
N TYR B 38 32.95 -14.95 12.48
CA TYR B 38 32.13 -13.81 12.87
C TYR B 38 31.79 -12.98 11.64
N PRO B 39 30.50 -12.76 11.36
CA PRO B 39 30.13 -12.07 10.12
C PRO B 39 30.61 -10.63 10.07
N ASP B 40 30.72 -9.96 11.21
CA ASP B 40 31.03 -8.55 11.25
C ASP B 40 31.62 -8.24 12.62
N LYS B 41 31.80 -6.96 12.92
CA LYS B 41 32.32 -6.52 14.21
C LYS B 41 31.20 -5.97 15.10
N VAL B 42 30.03 -6.60 15.06
CA VAL B 42 28.87 -6.18 15.82
C VAL B 42 28.68 -7.14 16.99
N PHE B 43 28.60 -6.60 18.20
CA PHE B 43 28.38 -7.44 19.37
C PHE B 43 26.88 -7.69 19.56
N ARG B 44 26.51 -8.96 19.57
CA ARG B 44 25.13 -9.36 19.81
C ARG B 44 25.13 -10.45 20.87
N SER B 45 24.21 -10.36 21.81
CA SER B 45 24.10 -11.32 22.90
C SER B 45 22.69 -11.89 22.95
N SER B 46 22.59 -13.21 23.04
CA SER B 46 21.32 -13.92 23.09
C SER B 46 20.44 -13.57 21.90
N VAL B 47 21.05 -13.55 20.71
CA VAL B 47 20.37 -13.15 19.49
C VAL B 47 20.57 -14.24 18.45
N LEU B 48 19.48 -14.62 17.77
CA LEU B 48 19.55 -15.59 16.68
C LEU B 48 19.69 -14.82 15.37
N HIS B 49 20.93 -14.40 15.10
CA HIS B 49 21.21 -13.54 13.95
C HIS B 49 21.52 -14.39 12.73
N SER B 50 20.79 -14.15 11.65
CA SER B 50 21.03 -14.82 10.38
C SER B 50 21.72 -13.87 9.42
N THR B 51 22.86 -14.30 8.88
CA THR B 51 23.69 -13.46 8.03
C THR B 51 23.91 -14.16 6.70
N GLN B 52 23.70 -13.44 5.61
CA GLN B 52 24.02 -13.95 4.27
C GLN B 52 25.44 -13.51 3.95
N ASP B 53 26.37 -14.46 3.93
CA ASP B 53 27.77 -14.13 3.77
C ASP B 53 28.53 -15.37 3.33
N LEU B 54 29.67 -15.13 2.68
CA LEU B 54 30.56 -16.21 2.26
C LEU B 54 30.93 -17.09 3.45
N PHE B 55 30.71 -18.39 3.32
CA PHE B 55 30.84 -19.28 4.46
C PHE B 55 31.23 -20.67 4.00
N LEU B 56 31.73 -21.47 4.94
CA LEU B 56 32.00 -22.88 4.71
C LEU B 56 30.84 -23.70 5.26
N PRO B 57 30.10 -24.43 4.44
CA PRO B 57 28.96 -25.20 4.96
C PRO B 57 29.39 -26.25 5.96
N PHE B 58 28.58 -26.43 7.00
CA PHE B 58 28.81 -27.52 7.93
C PHE B 58 28.52 -28.85 7.25
N PHE B 59 29.04 -29.93 7.83
CA PHE B 59 28.88 -31.30 7.36
C PHE B 59 29.45 -31.49 5.97
N SER B 60 29.91 -30.39 5.38
CA SER B 60 30.40 -30.45 3.98
C SER B 60 31.86 -30.88 3.95
N ASN B 61 32.08 -32.19 3.97
CA ASN B 61 33.46 -32.69 3.84
C ASN B 61 34.15 -31.99 2.66
N VAL B 62 35.47 -31.75 2.77
CA VAL B 62 36.19 -31.02 1.69
C VAL B 62 37.59 -31.60 1.48
N THR B 63 38.49 -30.83 0.89
CA THR B 63 39.83 -31.36 0.53
C THR B 63 40.48 -32.09 1.72
N TRP B 64 40.37 -33.42 1.76
CA TRP B 64 41.10 -34.18 2.79
C TRP B 64 42.52 -33.65 2.78
N PHE B 65 43.14 -33.68 1.60
CA PHE B 65 44.48 -33.10 1.45
C PHE B 65 45.44 -33.63 2.52
N HIS B 66 45.73 -34.94 2.48
CA HIS B 66 46.78 -35.42 3.42
C HIS B 66 48.11 -34.90 2.87
N ALA B 67 48.34 -33.59 3.01
CA ALA B 67 49.54 -32.98 2.37
C ALA B 67 50.84 -33.28 3.08
N ILE B 68 51.96 -32.98 2.42
CA ILE B 68 53.31 -33.18 3.02
C ILE B 68 54.19 -31.99 2.62
N GLY B 72 58.85 -31.63 2.26
CA GLY B 72 59.40 -31.60 3.62
C GLY B 72 60.91 -31.73 3.61
N THR B 73 61.57 -31.14 2.62
CA THR B 73 63.06 -31.25 2.47
C THR B 73 63.47 -32.71 2.68
N ASN B 74 62.69 -33.66 2.15
CA ASN B 74 63.00 -35.10 2.43
C ASN B 74 63.23 -35.87 1.12
N GLY B 75 63.86 -37.05 1.20
CA GLY B 75 64.18 -37.86 0.05
C GLY B 75 62.93 -38.32 -0.68
N THR B 76 63.07 -38.49 -2.00
CA THR B 76 61.95 -38.66 -2.92
C THR B 76 61.12 -37.39 -2.95
N LYS B 77 59.81 -37.51 -3.20
CA LYS B 77 58.99 -36.31 -3.34
C LYS B 77 58.77 -35.64 -1.98
N ARG B 78 58.01 -36.30 -1.11
CA ARG B 78 57.86 -35.75 0.28
C ARG B 78 57.42 -34.28 0.25
N PHE B 79 56.75 -33.82 -0.82
CA PHE B 79 56.19 -32.44 -0.83
C PHE B 79 54.98 -32.39 -1.77
N ASP B 80 53.76 -32.26 -1.22
CA ASP B 80 52.58 -32.06 -2.09
C ASP B 80 51.98 -30.70 -1.75
N ASN B 81 52.52 -29.64 -2.36
CA ASN B 81 52.04 -28.28 -2.15
C ASN B 81 51.77 -27.64 -3.50
N PRO B 82 50.72 -28.08 -4.20
CA PRO B 82 50.38 -27.45 -5.47
C PRO B 82 49.70 -26.10 -5.24
N VAL B 83 49.61 -25.33 -6.32
CA VAL B 83 48.94 -24.04 -6.25
C VAL B 83 47.44 -24.25 -6.11
N LEU B 84 46.77 -23.27 -5.51
CA LEU B 84 45.34 -23.37 -5.27
C LEU B 84 44.60 -22.21 -5.92
N PRO B 85 43.43 -22.45 -6.52
CA PRO B 85 42.71 -21.38 -7.22
C PRO B 85 42.33 -20.20 -6.33
N PHE B 86 42.16 -20.42 -5.03
CA PHE B 86 41.80 -19.38 -4.08
C PHE B 86 40.53 -18.65 -4.53
N ASN B 87 39.44 -19.40 -4.56
CA ASN B 87 38.14 -18.83 -4.90
C ASN B 87 37.56 -18.20 -3.64
N ASP B 88 37.40 -16.88 -3.68
CA ASP B 88 36.82 -16.05 -2.62
C ASP B 88 37.23 -16.52 -1.22
N GLY B 89 38.54 -16.74 -1.08
CA GLY B 89 39.11 -17.10 0.19
C GLY B 89 39.08 -18.60 0.44
N VAL B 90 39.91 -19.04 1.37
CA VAL B 90 40.02 -20.45 1.71
C VAL B 90 39.91 -20.61 3.21
N TYR B 91 39.39 -21.76 3.65
CA TYR B 91 39.36 -22.13 5.06
C TYR B 91 40.59 -23.00 5.34
N PHE B 92 41.67 -22.34 5.75
CA PHE B 92 42.89 -23.05 6.08
C PHE B 92 42.86 -23.42 7.55
N ALA B 93 43.10 -24.69 7.85
CA ALA B 93 43.24 -25.15 9.23
C ALA B 93 44.24 -26.29 9.23
N SER B 94 45.25 -26.19 10.10
CA SER B 94 46.32 -27.17 10.12
C SER B 94 46.79 -27.41 11.53
N THR B 95 47.17 -28.65 11.81
CA THR B 95 47.80 -29.02 13.07
C THR B 95 49.31 -29.12 12.87
N GLU B 96 50.06 -28.73 13.90
CA GLU B 96 51.51 -28.74 13.86
C GLU B 96 52.00 -29.01 15.28
N LYS B 97 53.32 -29.05 15.46
CA LYS B 97 53.84 -29.23 16.81
C LYS B 97 54.59 -28.00 17.29
N SER B 98 55.65 -27.58 16.59
CA SER B 98 56.30 -26.35 16.97
C SER B 98 56.08 -25.23 15.96
N ASN B 99 56.62 -25.42 14.74
CA ASN B 99 56.39 -24.47 13.67
C ASN B 99 56.31 -25.14 12.30
N ILE B 100 55.56 -26.24 12.20
CA ILE B 100 55.47 -26.93 10.92
C ILE B 100 54.89 -26.01 9.86
N ILE B 101 53.89 -25.22 10.22
CA ILE B 101 53.30 -24.24 9.31
C ILE B 101 53.99 -22.91 9.49
N ARG B 102 54.44 -22.30 8.40
CA ARG B 102 55.20 -21.06 8.47
C ARG B 102 54.47 -19.88 7.86
N GLY B 103 54.09 -19.95 6.59
CA GLY B 103 53.57 -18.79 5.90
C GLY B 103 52.65 -19.17 4.76
N TRP B 104 52.09 -18.13 4.13
CA TRP B 104 51.16 -18.30 3.01
C TRP B 104 51.47 -17.24 1.97
N ILE B 105 51.50 -17.65 0.70
CA ILE B 105 51.87 -16.76 -0.40
C ILE B 105 50.65 -16.57 -1.30
N PHE B 106 50.37 -15.33 -1.66
CA PHE B 106 49.24 -14.99 -2.50
C PHE B 106 49.73 -14.23 -3.73
N GLY B 107 48.79 -13.98 -4.64
CA GLY B 107 49.19 -13.35 -5.92
C GLY B 107 49.07 -14.39 -7.00
N THR B 108 49.16 -13.99 -8.27
CA THR B 108 48.97 -14.96 -9.37
C THR B 108 50.31 -15.26 -10.04
N THR B 109 50.92 -14.25 -10.65
CA THR B 109 52.16 -14.40 -11.39
C THR B 109 53.26 -14.97 -10.49
N LEU B 110 53.38 -14.42 -9.28
CA LEU B 110 54.33 -14.87 -8.27
C LEU B 110 55.78 -14.71 -8.68
N ASP B 111 56.02 -14.01 -9.78
CA ASP B 111 57.41 -13.67 -10.16
C ASP B 111 57.59 -12.20 -9.80
N SER B 112 58.72 -11.60 -10.16
CA SER B 112 58.85 -10.14 -9.91
C SER B 112 57.80 -9.42 -10.76
N LYS B 113 56.51 -9.60 -10.42
CA LYS B 113 55.41 -8.97 -11.20
C LYS B 113 54.28 -8.49 -10.28
N THR B 114 53.80 -9.33 -9.35
CA THR B 114 52.64 -8.92 -8.53
C THR B 114 52.99 -8.78 -7.05
N GLN B 115 52.56 -7.69 -6.41
CA GLN B 115 52.78 -7.51 -4.95
C GLN B 115 52.24 -8.75 -4.24
N SER B 116 53.11 -9.69 -3.90
CA SER B 116 52.64 -10.96 -3.29
C SER B 116 52.44 -10.78 -1.79
N LEU B 117 51.45 -11.46 -1.21
CA LEU B 117 51.14 -11.23 0.20
C LEU B 117 51.75 -12.35 1.03
N LEU B 118 53.06 -12.25 1.25
CA LEU B 118 53.75 -13.22 2.10
C LEU B 118 53.33 -12.96 3.54
N ILE B 119 52.51 -13.85 4.09
CA ILE B 119 52.12 -13.78 5.49
C ILE B 119 53.19 -14.55 6.26
N VAL B 120 54.29 -13.88 6.52
CA VAL B 120 55.47 -14.52 7.10
C VAL B 120 55.37 -14.45 8.61
N ASN B 121 55.21 -15.59 9.25
CA ASN B 121 55.18 -15.68 10.70
C ASN B 121 56.58 -15.92 11.23
N ASN B 122 56.92 -15.24 12.31
CA ASN B 122 58.20 -15.42 13.00
C ASN B 122 57.95 -15.79 14.45
N ALA B 123 59.04 -16.09 15.16
CA ALA B 123 58.92 -16.44 16.57
C ALA B 123 58.46 -15.26 17.43
N THR B 124 58.58 -14.03 16.92
CA THR B 124 58.18 -12.87 17.68
C THR B 124 57.44 -11.82 16.86
N ASN B 125 57.18 -12.05 15.58
CA ASN B 125 56.54 -11.06 14.73
C ASN B 125 55.92 -11.75 13.53
N VAL B 126 55.15 -10.97 12.77
CA VAL B 126 54.61 -11.40 11.48
C VAL B 126 55.03 -10.40 10.42
N VAL B 127 55.57 -10.89 9.33
CA VAL B 127 55.90 -10.06 8.18
C VAL B 127 54.76 -10.21 7.18
N ILE B 128 53.98 -9.15 7.02
CA ILE B 128 52.85 -9.12 6.10
C ILE B 128 53.20 -8.12 4.99
N LYS B 129 54.48 -8.05 4.69
CA LYS B 129 54.89 -7.15 3.59
C LYS B 129 54.26 -7.66 2.29
N VAL B 130 53.39 -6.86 1.68
CA VAL B 130 52.86 -7.27 0.35
C VAL B 130 53.97 -6.98 -0.66
N CYS B 131 55.01 -7.82 -0.67
CA CYS B 131 56.19 -7.57 -1.55
C CYS B 131 56.27 -8.66 -2.61
N GLU B 132 57.06 -8.44 -3.67
CA GLU B 132 57.10 -9.43 -4.77
C GLU B 132 58.08 -10.55 -4.42
N PHE B 133 58.22 -11.53 -5.31
CA PHE B 133 59.23 -12.61 -5.11
C PHE B 133 59.54 -13.17 -6.49
N GLN B 134 60.78 -13.56 -6.73
CA GLN B 134 61.20 -13.93 -8.08
C GLN B 134 60.76 -15.34 -8.50
N PHE B 135 61.26 -16.37 -7.82
CA PHE B 135 60.96 -17.74 -8.23
C PHE B 135 60.32 -18.57 -7.12
N CYS B 136 60.97 -18.69 -5.97
CA CYS B 136 60.45 -19.53 -4.89
C CYS B 136 61.05 -19.04 -3.58
N ASN B 137 60.23 -18.38 -2.76
CA ASN B 137 60.64 -18.06 -1.39
C ASN B 137 60.47 -19.33 -0.57
N ASP B 138 61.52 -20.15 -0.60
CA ASP B 138 61.56 -21.48 -0.04
C ASP B 138 62.70 -21.60 0.97
N PRO B 139 62.57 -22.45 1.99
CA PRO B 139 63.71 -22.66 2.90
C PRO B 139 64.93 -23.15 2.14
N PHE B 140 66.10 -22.68 2.58
CA PHE B 140 67.36 -23.13 2.01
C PHE B 140 67.42 -24.65 2.10
N LEU B 141 67.45 -25.30 0.93
CA LEU B 141 67.16 -26.73 0.84
C LEU B 141 68.25 -27.53 1.53
N ASP B 142 67.94 -28.03 2.73
CA ASP B 142 68.82 -28.97 3.41
C ASP B 142 68.52 -30.38 2.91
N VAL B 143 69.56 -31.09 2.47
CA VAL B 143 69.36 -32.42 1.91
C VAL B 143 68.79 -33.36 2.96
N TYR B 144 69.51 -33.53 4.07
CA TYR B 144 69.01 -34.34 5.18
C TYR B 144 69.32 -33.77 6.55
N TYR B 145 69.87 -32.56 6.64
CA TYR B 145 70.10 -31.90 7.92
C TYR B 145 69.03 -30.86 8.24
N HIS B 146 67.88 -30.97 7.56
CA HIS B 146 66.73 -30.05 7.82
C HIS B 146 66.11 -30.43 9.17
N LYS B 147 65.82 -31.72 9.34
CA LYS B 147 65.24 -32.25 10.58
C LYS B 147 66.37 -32.48 11.58
N ASN B 148 66.67 -31.45 12.35
CA ASN B 148 67.78 -31.46 13.28
C ASN B 148 67.53 -30.41 14.35
N ASN B 149 68.58 -30.07 15.12
CA ASN B 149 68.49 -29.03 16.13
C ASN B 149 68.49 -27.67 15.44
N LYS B 150 67.27 -27.22 15.11
CA LYS B 150 67.06 -25.98 14.37
C LYS B 150 67.05 -24.79 15.32
N SER B 151 67.68 -24.94 16.49
CA SER B 151 67.64 -23.89 17.51
C SER B 151 68.18 -22.56 16.99
N TRP B 152 69.14 -22.62 16.07
CA TRP B 152 69.70 -21.40 15.49
C TRP B 152 68.89 -21.04 14.25
N MET B 153 68.08 -19.98 14.36
CA MET B 153 67.21 -19.56 13.26
C MET B 153 68.07 -18.81 12.24
N GLU B 154 68.63 -19.59 11.32
CA GLU B 154 69.37 -19.06 10.20
C GLU B 154 69.16 -19.98 9.01
N SER B 155 69.45 -19.46 7.82
CA SER B 155 69.18 -20.17 6.56
C SER B 155 67.70 -20.52 6.46
N GLU B 156 66.86 -19.51 6.68
CA GLU B 156 65.41 -19.69 6.64
C GLU B 156 64.89 -19.62 5.21
N PHE B 157 63.57 -19.45 5.07
CA PHE B 157 62.92 -19.42 3.76
C PHE B 157 63.11 -18.05 3.11
N ARG B 158 64.08 -17.29 3.61
CA ARG B 158 64.35 -15.93 3.17
C ARG B 158 65.31 -15.90 1.98
N VAL B 159 65.21 -16.91 1.11
CA VAL B 159 65.85 -16.85 -0.19
C VAL B 159 65.60 -15.48 -0.80
N TYR B 160 66.65 -14.89 -1.37
CA TYR B 160 66.63 -13.49 -1.76
C TYR B 160 65.71 -13.19 -2.94
N SER B 161 64.79 -14.14 -3.20
CA SER B 161 63.76 -13.95 -4.26
C SER B 161 62.74 -12.92 -3.76
N SER B 162 62.80 -11.69 -4.29
CA SER B 162 61.86 -10.61 -3.89
C SER B 162 62.07 -9.37 -4.75
N ALA B 163 61.07 -8.48 -4.84
CA ALA B 163 61.17 -7.22 -5.63
C ALA B 163 59.96 -6.33 -5.34
N ASN B 164 59.68 -5.34 -6.22
CA ASN B 164 58.47 -4.46 -6.09
C ASN B 164 58.59 -3.45 -4.95
N ASN B 165 57.68 -2.46 -4.92
CA ASN B 165 57.64 -1.52 -3.78
C ASN B 165 56.90 -2.21 -2.64
N CYS B 166 57.40 -3.36 -2.19
CA CYS B 166 56.76 -4.15 -1.10
C CYS B 166 55.77 -3.29 -0.29
N THR B 167 54.46 -3.53 -0.45
CA THR B 167 53.44 -2.71 0.24
C THR B 167 53.64 -2.75 1.75
N PHE B 168 53.11 -1.76 2.46
CA PHE B 168 53.36 -1.61 3.89
C PHE B 168 53.19 -2.94 4.63
N GLU B 169 54.10 -3.19 5.57
CA GLU B 169 54.05 -4.39 6.39
C GLU B 169 53.35 -4.10 7.71
N TYR B 170 52.53 -5.05 8.15
CA TYR B 170 51.69 -4.88 9.34
C TYR B 170 52.25 -5.61 10.54
N VAL B 171 53.57 -5.58 10.72
CA VAL B 171 54.26 -6.35 11.75
C VAL B 171 53.57 -6.20 13.10
N SER B 172 53.38 -7.32 13.78
CA SER B 172 52.65 -7.36 15.04
C SER B 172 53.08 -8.60 15.80
N GLN B 173 52.34 -8.95 16.84
CA GLN B 173 52.61 -10.18 17.56
C GLN B 173 52.31 -11.39 16.66
N PRO B 174 53.10 -12.46 16.76
CA PRO B 174 52.88 -13.62 15.89
C PRO B 174 51.58 -14.32 16.25
N PHE B 175 50.69 -14.49 15.26
CA PHE B 175 49.46 -15.23 15.52
C PHE B 175 49.72 -16.71 15.72
N LEU B 176 50.77 -17.24 15.10
CA LEU B 176 51.12 -18.65 15.23
C LEU B 176 51.97 -18.87 16.47
N MET B 177 51.47 -18.42 17.63
CA MET B 177 52.18 -18.62 18.88
C MET B 177 52.35 -20.12 19.15
N ASP B 178 53.56 -20.53 19.51
CA ASP B 178 53.83 -21.93 19.85
C ASP B 178 53.25 -22.21 21.24
N LEU B 179 51.92 -22.30 21.28
CA LEU B 179 51.21 -22.44 22.53
C LEU B 179 51.43 -23.84 23.10
N GLU B 180 51.01 -24.03 24.35
CA GLU B 180 51.30 -25.25 25.09
C GLU B 180 50.09 -26.18 25.12
N GLY B 181 50.28 -27.40 24.65
CA GLY B 181 49.29 -28.45 24.77
C GLY B 181 49.88 -29.64 25.49
N LYS B 182 49.39 -29.90 26.69
CA LYS B 182 49.99 -30.86 27.61
C LYS B 182 49.18 -32.14 27.65
N GLN B 183 49.87 -33.26 27.90
CA GLN B 183 49.26 -34.59 27.89
C GLN B 183 48.53 -34.84 26.59
N GLY B 184 49.16 -34.42 25.48
CA GLY B 184 48.46 -34.37 24.21
C GLY B 184 47.32 -33.38 24.31
N ASN B 185 46.09 -33.87 24.18
CA ASN B 185 44.88 -33.06 24.41
C ASN B 185 44.87 -31.80 23.55
N PHE B 186 45.62 -31.80 22.45
CA PHE B 186 45.70 -30.64 21.58
C PHE B 186 46.18 -31.07 20.20
N LYS B 187 45.53 -30.53 19.18
CA LYS B 187 46.04 -30.55 17.81
C LYS B 187 45.62 -29.21 17.24
N ASN B 188 46.49 -28.21 17.36
CA ASN B 188 46.10 -26.82 17.19
C ASN B 188 45.76 -26.55 15.73
N LEU B 189 44.52 -26.87 15.36
CA LEU B 189 44.05 -26.58 14.02
C LEU B 189 43.91 -25.07 13.89
N ARG B 190 44.94 -24.41 13.37
CA ARG B 190 44.87 -22.96 13.25
C ARG B 190 43.91 -22.59 12.14
N GLU B 191 42.63 -22.49 12.48
CA GLU B 191 41.58 -22.24 11.51
C GLU B 191 41.73 -20.83 10.94
N PHE B 192 42.20 -20.72 9.71
CA PHE B 192 42.44 -19.43 9.08
C PHE B 192 41.52 -19.25 7.89
N VAL B 193 40.80 -18.13 7.86
CA VAL B 193 39.94 -17.76 6.74
C VAL B 193 40.58 -16.56 6.06
N PHE B 194 40.79 -16.67 4.75
CA PHE B 194 41.49 -15.67 3.96
C PHE B 194 40.53 -14.95 3.00
N LYS B 195 39.33 -14.66 3.49
CA LYS B 195 38.32 -14.02 2.67
C LYS B 195 38.81 -12.67 2.16
N ASN B 196 38.60 -12.41 0.88
CA ASN B 196 38.99 -11.16 0.23
C ASN B 196 37.75 -10.52 -0.39
N ILE B 197 37.20 -9.51 0.29
CA ILE B 197 36.11 -8.71 -0.23
C ILE B 197 36.51 -7.25 -0.11
N ASP B 198 36.03 -6.43 -1.04
CA ASP B 198 36.33 -4.99 -1.09
C ASP B 198 37.84 -4.74 -1.09
N GLY B 199 38.61 -5.77 -1.47
CA GLY B 199 40.09 -5.66 -1.41
C GLY B 199 40.57 -6.02 -0.02
N TYR B 200 39.67 -5.96 0.97
CA TYR B 200 40.05 -6.23 2.35
C TYR B 200 40.42 -7.69 2.51
N PHE B 201 41.71 -7.97 2.71
CA PHE B 201 42.16 -9.33 3.01
C PHE B 201 42.01 -9.55 4.50
N LYS B 202 40.89 -10.14 4.90
CA LYS B 202 40.58 -10.38 6.30
C LYS B 202 41.05 -11.77 6.68
N ILE B 203 41.84 -11.85 7.74
CA ILE B 203 42.35 -13.12 8.25
C ILE B 203 41.56 -13.46 9.51
N TYR B 204 40.76 -14.52 9.44
CA TYR B 204 39.97 -14.98 10.57
C TYR B 204 40.70 -16.16 11.21
N SER B 205 41.22 -15.95 12.42
CA SER B 205 42.08 -16.93 13.06
C SER B 205 41.51 -17.34 14.41
N LYS B 206 41.67 -18.62 14.74
CA LYS B 206 41.31 -19.13 16.06
C LYS B 206 42.09 -20.42 16.29
N HIS B 207 43.00 -20.40 17.26
CA HIS B 207 43.70 -21.60 17.65
C HIS B 207 42.83 -22.41 18.60
N THR B 208 42.93 -23.74 18.51
CA THR B 208 42.12 -24.60 19.37
C THR B 208 42.91 -25.81 19.86
N PRO B 209 43.37 -25.79 21.11
CA PRO B 209 44.11 -26.93 21.68
C PRO B 209 43.20 -27.91 22.42
N ILE B 210 42.37 -28.62 21.66
CA ILE B 210 41.35 -29.50 22.25
C ILE B 210 41.77 -30.95 22.04
N ASN B 211 41.30 -31.81 22.96
CA ASN B 211 41.56 -33.22 22.88
C ASN B 211 40.72 -33.86 21.78
N LEU B 212 41.32 -34.80 21.06
CA LEU B 212 40.69 -35.40 19.89
C LEU B 212 41.49 -36.61 19.44
N GLY B 213 40.78 -37.64 18.95
CA GLY B 213 41.45 -38.76 18.33
C GLY B 213 41.63 -38.62 16.83
N ARG B 214 40.90 -37.71 16.20
CA ARG B 214 41.02 -37.46 14.78
C ARG B 214 40.77 -35.98 14.54
N ASP B 215 41.34 -35.47 13.45
CA ASP B 215 41.28 -34.05 13.15
C ASP B 215 39.85 -33.63 12.78
N LEU B 216 39.57 -32.34 12.99
CA LEU B 216 38.26 -31.73 12.78
C LEU B 216 37.20 -32.48 13.59
N PRO B 217 37.27 -32.44 14.91
CA PRO B 217 36.33 -33.21 15.73
C PRO B 217 35.03 -32.44 15.93
N GLN B 218 34.16 -33.02 16.74
CA GLN B 218 32.91 -32.35 17.10
C GLN B 218 33.18 -31.19 18.04
N GLY B 219 32.23 -30.25 18.06
CA GLY B 219 32.36 -29.09 18.91
C GLY B 219 32.31 -27.79 18.13
N PHE B 220 31.76 -26.74 18.74
CA PHE B 220 31.61 -25.45 18.09
C PHE B 220 32.71 -24.51 18.59
N SER B 221 33.38 -23.85 17.65
CA SER B 221 34.41 -22.87 17.98
C SER B 221 34.33 -21.77 16.93
N ALA B 222 33.71 -20.65 17.29
CA ALA B 222 33.55 -19.54 16.37
C ALA B 222 34.91 -18.98 15.98
N LEU B 223 35.04 -18.61 14.71
CA LEU B 223 36.27 -18.03 14.18
C LEU B 223 36.21 -16.52 14.36
N GLU B 224 37.07 -15.99 15.22
CA GLU B 224 37.08 -14.56 15.49
C GLU B 224 38.06 -13.84 14.56
N PRO B 225 37.76 -12.60 14.21
CA PRO B 225 38.69 -11.84 13.37
C PRO B 225 39.93 -11.45 14.15
N LEU B 226 41.08 -11.56 13.52
CA LEU B 226 42.36 -11.25 14.17
C LEU B 226 43.08 -10.09 13.53
N VAL B 227 43.29 -10.12 12.22
CA VAL B 227 44.05 -9.08 11.53
C VAL B 227 43.32 -8.73 10.23
N ASP B 228 43.17 -7.44 9.97
CA ASP B 228 42.58 -6.94 8.73
C ASP B 228 43.64 -6.20 7.92
N LEU B 229 43.56 -6.31 6.60
CA LEU B 229 44.52 -5.70 5.70
C LEU B 229 43.77 -4.84 4.69
N PRO B 230 43.89 -3.51 4.77
CA PRO B 230 43.23 -2.61 3.81
C PRO B 230 44.08 -2.34 2.57
N ILE B 231 44.43 -3.41 1.87
CA ILE B 231 45.27 -3.27 0.64
C ILE B 231 44.65 -4.17 -0.43
N GLY B 232 44.25 -3.60 -1.58
CA GLY B 232 43.59 -4.39 -2.63
C GLY B 232 44.56 -5.06 -3.57
N ILE B 233 44.66 -6.40 -3.51
CA ILE B 233 45.54 -7.15 -4.44
C ILE B 233 44.73 -8.28 -5.08
N ASN B 234 45.06 -8.67 -6.32
CA ASN B 234 44.27 -9.69 -7.04
C ASN B 234 44.84 -11.08 -6.74
N ILE B 235 44.29 -11.75 -5.74
CA ILE B 235 44.82 -13.08 -5.32
C ILE B 235 44.04 -14.16 -6.09
N THR B 236 44.55 -14.56 -7.25
CA THR B 236 43.81 -15.54 -8.09
C THR B 236 44.51 -16.90 -7.96
N ARG B 237 45.49 -17.01 -7.07
CA ARG B 237 46.30 -18.25 -6.94
C ARG B 237 46.77 -18.33 -5.50
N PHE B 238 47.14 -19.53 -5.01
CA PHE B 238 47.50 -19.56 -3.60
C PHE B 238 48.38 -20.77 -3.32
N GLN B 239 49.42 -20.55 -2.52
CA GLN B 239 50.26 -21.62 -2.02
C GLN B 239 50.62 -21.33 -0.57
N THR B 240 51.01 -22.38 0.15
CA THR B 240 51.37 -22.28 1.56
C THR B 240 52.88 -22.35 1.69
N LEU B 241 53.49 -21.27 2.20
CA LEU B 241 54.91 -21.30 2.52
C LEU B 241 55.15 -22.24 3.69
N LEU B 242 55.69 -23.41 3.42
CA LEU B 242 55.85 -24.45 4.43
C LEU B 242 57.35 -24.70 4.61
N ALA B 243 57.97 -23.87 5.45
CA ALA B 243 59.40 -24.03 5.77
C ALA B 243 59.52 -24.90 7.03
N LEU B 244 59.11 -26.16 6.87
CA LEU B 244 59.13 -27.10 8.03
C LEU B 244 60.56 -27.32 8.54
N HIS B 245 61.55 -27.46 7.63
CA HIS B 245 62.91 -27.79 8.04
C HIS B 245 62.90 -29.03 8.93
N ARG B 246 62.59 -28.82 10.21
CA ARG B 246 62.43 -29.94 11.13
C ARG B 246 61.10 -30.65 10.84
N SER B 247 61.16 -31.58 9.88
CA SER B 247 59.93 -32.26 9.43
C SER B 247 60.04 -33.78 9.58
N TYR B 248 58.92 -34.45 9.87
CA TYR B 248 58.86 -35.89 10.01
C TYR B 248 57.43 -36.34 9.75
N LEU B 249 57.19 -37.65 9.84
CA LEU B 249 55.81 -38.20 9.66
C LEU B 249 55.02 -37.38 8.63
N THR B 250 55.44 -37.38 7.37
CA THR B 250 54.65 -36.68 6.32
C THR B 250 54.32 -37.70 5.22
N PRO B 251 53.05 -38.12 5.06
CA PRO B 251 52.68 -39.20 4.12
C PRO B 251 52.51 -38.86 2.62
N GLY B 252 53.48 -39.29 1.78
CA GLY B 252 53.36 -39.09 0.33
C GLY B 252 52.02 -39.58 -0.20
N ASP B 253 51.44 -38.89 -1.19
CA ASP B 253 50.13 -39.24 -1.71
C ASP B 253 49.98 -38.63 -3.10
N SER B 254 48.97 -39.09 -3.83
CA SER B 254 48.71 -38.62 -5.18
C SER B 254 47.35 -37.96 -5.35
N SER B 255 46.30 -38.53 -4.76
CA SER B 255 44.95 -37.98 -4.87
C SER B 255 44.38 -37.78 -3.47
N SER B 256 43.82 -36.59 -3.23
CA SER B 256 43.20 -36.28 -1.96
C SER B 256 42.12 -35.23 -2.19
N GLY B 257 41.18 -35.13 -1.25
CA GLY B 257 40.17 -34.07 -1.37
C GLY B 257 38.78 -34.62 -1.26
N TRP B 258 37.82 -33.75 -0.92
CA TRP B 258 36.41 -34.21 -0.83
C TRP B 258 36.43 -35.59 -0.19
N THR B 259 37.39 -35.81 0.70
CA THR B 259 37.44 -37.10 1.44
C THR B 259 37.60 -36.76 2.93
N ALA B 260 36.97 -37.52 3.80
CA ALA B 260 37.04 -37.22 5.25
C ALA B 260 38.28 -37.89 5.84
N GLY B 261 38.50 -37.76 7.15
CA GLY B 261 39.69 -38.29 7.77
C GLY B 261 40.52 -37.27 8.52
N ALA B 262 41.82 -37.53 8.64
CA ALA B 262 42.76 -36.63 9.29
C ALA B 262 43.92 -36.34 8.35
N ALA B 263 44.46 -35.14 8.45
CA ALA B 263 45.53 -34.70 7.56
C ALA B 263 46.27 -33.55 8.23
N ALA B 264 47.35 -33.10 7.57
CA ALA B 264 48.14 -32.00 8.12
C ALA B 264 47.41 -30.67 7.96
N TYR B 265 47.15 -30.26 6.72
CA TYR B 265 46.47 -28.99 6.46
C TYR B 265 45.41 -29.21 5.40
N TYR B 266 44.36 -28.39 5.46
CA TYR B 266 43.18 -28.55 4.64
C TYR B 266 42.87 -27.25 3.93
N VAL B 267 42.14 -27.36 2.81
CA VAL B 267 41.80 -26.21 1.96
C VAL B 267 40.28 -26.23 1.80
N GLY B 268 39.58 -25.48 2.64
CA GLY B 268 38.14 -25.35 2.54
C GLY B 268 37.76 -24.09 1.81
N TYR B 269 37.00 -24.24 0.73
CA TYR B 269 36.58 -23.10 -0.09
C TYR B 269 35.22 -22.63 0.38
N LEU B 270 35.16 -21.41 0.92
CA LEU B 270 33.90 -20.85 1.37
C LEU B 270 33.00 -20.55 0.17
N GLN B 271 31.70 -20.55 0.42
CA GLN B 271 30.70 -20.26 -0.59
C GLN B 271 29.70 -19.27 -0.02
N PRO B 272 29.03 -18.50 -0.88
CA PRO B 272 28.01 -17.57 -0.39
C PRO B 272 26.81 -18.30 0.19
N ARG B 273 26.62 -18.17 1.50
CA ARG B 273 25.57 -18.89 2.21
C ARG B 273 24.67 -17.89 2.93
N THR B 274 23.77 -18.43 3.75
CA THR B 274 22.82 -17.62 4.52
C THR B 274 22.79 -18.11 5.97
N PHE B 275 23.97 -18.30 6.56
CA PHE B 275 24.08 -18.92 7.87
C PHE B 275 23.26 -18.18 8.91
N LEU B 276 22.60 -18.95 9.78
CA LEU B 276 21.96 -18.42 10.97
C LEU B 276 22.84 -18.74 12.17
N LEU B 277 23.19 -17.72 12.94
CA LEU B 277 24.13 -17.85 14.05
C LEU B 277 23.41 -17.61 15.36
N LYS B 278 23.64 -18.51 16.32
CA LYS B 278 23.11 -18.37 17.66
C LYS B 278 24.18 -17.77 18.57
N TYR B 279 23.91 -16.60 19.11
CA TYR B 279 24.86 -15.87 19.93
C TYR B 279 24.63 -16.18 21.40
N ASN B 280 25.69 -16.59 22.10
CA ASN B 280 25.58 -16.85 23.54
C ASN B 280 25.47 -15.51 24.27
N GLU B 281 24.96 -15.52 25.50
CA GLU B 281 24.78 -14.26 26.27
C GLU B 281 26.10 -13.50 26.32
N ASN B 282 27.22 -14.19 26.40
CA ASN B 282 28.50 -13.46 26.53
C ASN B 282 28.91 -13.01 25.13
N GLY B 283 27.98 -13.04 24.18
CA GLY B 283 28.36 -12.52 22.88
C GLY B 283 29.01 -13.54 21.95
N THR B 284 29.45 -14.68 22.47
CA THR B 284 30.08 -15.68 21.64
C THR B 284 29.04 -16.41 20.80
N ILE B 285 29.50 -17.00 19.70
CA ILE B 285 28.62 -17.76 18.81
C ILE B 285 28.61 -19.20 19.30
N THR B 286 27.54 -19.58 19.99
CA THR B 286 27.48 -20.92 20.58
C THR B 286 27.19 -21.99 19.54
N ASP B 287 26.41 -21.68 18.53
CA ASP B 287 26.01 -22.68 17.53
C ASP B 287 25.49 -21.96 16.30
N ALA B 288 25.36 -22.72 15.21
CA ALA B 288 24.86 -22.17 13.96
C ALA B 288 24.20 -23.29 13.17
N VAL B 289 23.38 -22.90 12.21
CA VAL B 289 22.68 -23.84 11.34
C VAL B 289 22.69 -23.28 9.92
N ASP B 290 22.97 -24.16 8.96
CA ASP B 290 23.00 -23.76 7.56
C ASP B 290 21.58 -23.52 7.05
N CYS B 291 21.48 -23.01 5.82
CA CYS B 291 20.19 -22.78 5.20
C CYS B 291 20.07 -23.45 3.83
N ALA B 292 21.05 -24.27 3.43
CA ALA B 292 20.97 -24.92 2.13
C ALA B 292 21.44 -26.37 2.15
N LEU B 293 21.44 -27.01 3.32
CA LEU B 293 21.96 -28.37 3.44
C LEU B 293 20.87 -29.38 3.77
N ASP B 294 20.04 -29.09 4.76
CA ASP B 294 19.02 -29.99 5.26
C ASP B 294 17.68 -29.29 5.26
N PRO B 295 16.60 -29.98 4.86
CA PRO B 295 15.28 -29.32 4.90
C PRO B 295 14.93 -28.83 6.29
N LEU B 296 15.28 -29.61 7.32
CA LEU B 296 15.07 -29.14 8.68
C LEU B 296 15.89 -27.89 8.95
N SER B 297 17.08 -27.78 8.35
CA SER B 297 17.85 -26.54 8.47
C SER B 297 17.09 -25.37 7.85
N GLU B 298 16.46 -25.60 6.70
CA GLU B 298 15.68 -24.53 6.08
C GLU B 298 14.49 -24.14 6.94
N THR B 299 13.83 -25.11 7.57
CA THR B 299 12.76 -24.78 8.49
C THR B 299 13.28 -23.99 9.68
N LYS B 300 14.47 -24.32 10.16
CA LYS B 300 15.08 -23.54 11.23
C LYS B 300 15.33 -22.11 10.79
N CYS B 301 15.80 -21.94 9.55
CA CYS B 301 16.04 -20.60 9.03
C CYS B 301 14.74 -19.81 8.93
N THR B 302 13.71 -20.39 8.30
CA THR B 302 12.46 -19.67 8.10
C THR B 302 11.76 -19.39 9.42
N LEU B 303 11.67 -20.40 10.29
CA LEU B 303 11.07 -20.22 11.60
C LEU B 303 11.95 -19.36 12.50
N LYS B 304 13.17 -19.04 12.09
CA LYS B 304 14.04 -18.13 12.82
C LYS B 304 14.40 -18.68 14.20
N SER B 305 14.37 -19.99 14.35
CA SER B 305 14.59 -20.64 15.62
C SER B 305 15.52 -21.83 15.44
N PHE B 306 16.19 -22.21 16.54
CA PHE B 306 17.09 -23.35 16.53
C PHE B 306 16.38 -24.66 16.83
N THR B 307 15.12 -24.62 17.28
CA THR B 307 14.35 -25.82 17.54
C THR B 307 12.93 -25.61 17.02
N VAL B 308 12.60 -26.35 15.96
CA VAL B 308 11.24 -26.23 15.35
C VAL B 308 10.33 -27.25 16.04
N GLU B 309 9.03 -27.09 15.87
CA GLU B 309 8.12 -28.02 16.59
C GLU B 309 7.31 -28.81 15.56
N LYS B 310 6.58 -29.81 16.03
CA LYS B 310 5.86 -30.66 15.10
C LYS B 310 4.83 -29.84 14.33
N GLY B 311 4.82 -30.00 13.02
CA GLY B 311 3.90 -29.27 12.16
C GLY B 311 4.50 -29.06 10.80
N ILE B 312 3.63 -28.75 9.84
CA ILE B 312 4.06 -28.48 8.48
C ILE B 312 4.49 -27.03 8.36
N TYR B 313 5.70 -26.81 7.85
CA TYR B 313 6.24 -25.46 7.68
C TYR B 313 6.56 -25.23 6.22
N GLN B 314 6.07 -24.12 5.69
CA GLN B 314 6.42 -23.71 4.33
C GLN B 314 7.73 -22.93 4.39
N THR B 315 8.70 -23.35 3.57
CA THR B 315 10.04 -22.77 3.63
C THR B 315 10.41 -22.00 2.37
N SER B 316 10.39 -22.65 1.21
CA SER B 316 10.85 -22.03 -0.02
C SER B 316 9.92 -22.45 -1.15
N ASN B 317 10.34 -22.16 -2.38
CA ASN B 317 9.56 -22.49 -3.55
C ASN B 317 10.41 -23.30 -4.52
N PHE B 318 9.86 -24.41 -4.99
CA PHE B 318 10.51 -25.24 -5.99
C PHE B 318 10.20 -24.70 -7.37
N ARG B 319 11.23 -24.53 -8.20
CA ARG B 319 11.09 -23.95 -9.53
C ARG B 319 11.90 -24.78 -10.50
N VAL B 320 11.22 -25.59 -11.31
CA VAL B 320 11.91 -26.43 -12.29
C VAL B 320 12.44 -25.53 -13.41
N GLN B 321 13.75 -25.47 -13.53
CA GLN B 321 14.37 -24.56 -14.49
C GLN B 321 14.21 -25.10 -15.92
N PRO B 322 14.13 -24.22 -16.90
CA PRO B 322 14.11 -24.67 -18.29
C PRO B 322 15.41 -25.37 -18.65
N THR B 323 15.30 -26.38 -19.53
CA THR B 323 16.44 -27.24 -19.82
C THR B 323 17.24 -26.76 -21.04
N GLU B 324 16.60 -26.70 -22.21
CA GLU B 324 17.25 -26.25 -23.43
C GLU B 324 16.53 -25.02 -23.98
N SER B 325 16.99 -24.56 -25.14
CA SER B 325 16.48 -23.36 -25.77
C SER B 325 15.99 -23.68 -27.17
N ILE B 326 14.83 -23.14 -27.53
CA ILE B 326 14.24 -23.33 -28.85
C ILE B 326 14.00 -21.95 -29.46
N VAL B 327 14.45 -21.78 -30.71
CA VAL B 327 14.39 -20.50 -31.41
C VAL B 327 13.54 -20.65 -32.66
N ARG B 328 12.48 -21.45 -32.56
CA ARG B 328 11.67 -21.83 -33.71
C ARG B 328 10.82 -20.70 -34.24
N PHE B 329 11.29 -20.00 -35.29
CA PHE B 329 10.44 -19.07 -36.05
C PHE B 329 10.60 -19.24 -37.56
N PRO B 330 10.68 -20.47 -38.14
CA PRO B 330 10.59 -20.61 -39.58
C PRO B 330 9.15 -21.12 -39.77
N ASN B 331 8.64 -21.06 -40.99
CA ASN B 331 7.30 -21.66 -41.22
C ASN B 331 7.59 -22.98 -41.94
N ILE B 332 6.85 -23.30 -43.00
CA ILE B 332 7.18 -24.53 -43.78
C ILE B 332 8.58 -24.32 -44.37
N THR B 333 9.63 -24.37 -43.55
CA THR B 333 11.03 -24.16 -44.01
C THR B 333 11.16 -22.79 -44.68
N ASN B 334 10.56 -22.59 -45.86
CA ASN B 334 10.63 -21.31 -46.63
C ASN B 334 11.99 -21.24 -47.35
N LEU B 335 12.03 -21.35 -48.69
CA LEU B 335 13.34 -21.18 -49.38
C LEU B 335 13.33 -19.98 -50.34
N CYS B 336 14.49 -19.34 -50.57
CA CYS B 336 14.60 -18.23 -51.57
C CYS B 336 16.07 -17.84 -51.80
N PRO B 337 16.55 -17.75 -53.06
CA PRO B 337 17.93 -17.39 -53.37
C PRO B 337 18.14 -16.06 -54.12
N PHE B 338 19.16 -15.99 -55.00
CA PHE B 338 19.45 -14.76 -55.79
C PHE B 338 20.53 -15.06 -56.85
N ASP B 339 20.14 -15.19 -58.12
CA ASP B 339 21.09 -15.51 -59.22
C ASP B 339 20.95 -14.45 -60.32
N GLU B 340 19.72 -14.11 -60.70
CA GLU B 340 19.42 -13.10 -61.70
C GLU B 340 20.28 -11.85 -61.53
N VAL B 341 20.97 -11.71 -60.40
CA VAL B 341 21.81 -10.54 -60.15
C VAL B 341 23.28 -10.94 -60.19
N PHE B 342 23.60 -12.12 -59.66
CA PHE B 342 24.98 -12.55 -59.50
C PHE B 342 25.39 -13.63 -60.50
N ASN B 343 24.58 -14.66 -60.68
CA ASN B 343 24.92 -15.77 -61.55
C ASN B 343 24.59 -15.49 -63.02
N ALA B 344 24.07 -14.31 -63.32
CA ALA B 344 23.72 -13.98 -64.71
C ALA B 344 24.95 -14.03 -65.60
N THR B 345 24.80 -14.67 -66.75
CA THR B 345 25.91 -14.75 -67.70
C THR B 345 26.28 -13.38 -68.24
N ARG B 346 25.28 -12.55 -68.54
CA ARG B 346 25.50 -11.23 -69.12
C ARG B 346 25.28 -10.17 -68.05
N PHE B 347 26.29 -9.32 -67.85
CA PHE B 347 26.24 -8.24 -66.87
C PHE B 347 26.18 -6.91 -67.59
N ALA B 348 25.26 -6.05 -67.16
CA ALA B 348 25.12 -4.74 -67.77
C ALA B 348 26.37 -3.90 -67.53
N SER B 349 26.68 -3.02 -68.47
CA SER B 349 27.89 -2.24 -68.41
C SER B 349 27.81 -1.20 -67.30
N VAL B 350 28.96 -0.58 -67.02
CA VAL B 350 29.03 0.41 -65.95
C VAL B 350 28.17 1.62 -66.28
N TYR B 351 28.19 2.05 -67.55
CA TYR B 351 27.36 3.18 -67.97
C TYR B 351 25.88 2.85 -67.97
N ALA B 352 25.50 1.58 -67.88
CA ALA B 352 24.10 1.15 -67.89
C ALA B 352 23.84 0.19 -66.74
N TRP B 353 24.29 0.57 -65.54
CA TRP B 353 24.12 -0.28 -64.37
C TRP B 353 22.65 -0.43 -64.01
N ASN B 354 22.26 -1.65 -63.65
CA ASN B 354 20.88 -1.95 -63.32
C ASN B 354 20.56 -1.54 -61.89
N ARG B 355 19.26 -1.43 -61.61
CA ARG B 355 18.77 -1.15 -60.27
C ARG B 355 17.59 -2.08 -60.01
N LYS B 356 17.86 -3.18 -59.30
CA LYS B 356 16.86 -4.20 -59.00
C LYS B 356 16.79 -4.38 -57.49
N ARG B 357 15.83 -3.71 -56.85
CA ARG B 357 15.66 -3.82 -55.41
C ARG B 357 15.10 -5.20 -55.07
N ILE B 358 15.67 -5.83 -54.06
CA ILE B 358 15.25 -7.15 -53.61
C ILE B 358 14.40 -7.00 -52.37
N SER B 359 13.19 -7.56 -52.41
CA SER B 359 12.26 -7.47 -51.28
C SER B 359 11.24 -8.59 -51.41
N ASN B 360 10.51 -8.85 -50.33
CA ASN B 360 9.51 -9.94 -50.34
C ASN B 360 10.19 -11.30 -50.61
N CYS B 361 11.53 -11.37 -50.55
CA CYS B 361 12.22 -12.67 -50.71
C CYS B 361 13.49 -12.71 -49.84
N VAL B 362 14.17 -13.86 -49.80
CA VAL B 362 15.37 -14.02 -48.91
C VAL B 362 16.65 -13.93 -49.75
N ALA B 363 17.56 -13.02 -49.37
CA ALA B 363 18.87 -12.94 -50.07
C ALA B 363 19.90 -13.68 -49.22
N ASP B 364 19.65 -14.96 -48.93
CA ASP B 364 20.55 -15.72 -48.06
C ASP B 364 22.01 -15.37 -48.36
N TYR B 365 22.68 -14.71 -47.42
CA TYR B 365 24.06 -14.30 -47.63
C TYR B 365 25.03 -15.48 -47.58
N SER B 366 24.62 -16.60 -46.97
CA SER B 366 25.49 -17.77 -46.92
C SER B 366 25.77 -18.33 -48.31
N VAL B 367 24.76 -18.32 -49.19
CA VAL B 367 24.95 -18.77 -50.56
C VAL B 367 25.93 -17.85 -51.29
N LEU B 368 25.78 -16.53 -51.09
CA LEU B 368 26.61 -15.55 -51.78
C LEU B 368 28.00 -15.42 -51.17
N TYR B 369 28.24 -15.95 -49.97
CA TYR B 369 29.55 -15.85 -49.36
C TYR B 369 30.60 -16.62 -50.14
N ASN B 370 30.23 -17.79 -50.67
CA ASN B 370 31.11 -18.61 -51.51
C ASN B 370 30.51 -18.63 -52.92
N PHE B 371 30.92 -17.66 -53.74
CA PHE B 371 30.45 -17.54 -55.11
C PHE B 371 31.56 -17.53 -56.15
N ALA B 372 32.73 -16.99 -55.83
CA ALA B 372 33.84 -16.89 -56.76
C ALA B 372 35.13 -17.23 -56.02
N PRO B 373 36.19 -17.59 -56.74
CA PRO B 373 37.46 -17.84 -56.06
C PRO B 373 37.96 -16.66 -55.23
N PHE B 374 37.74 -15.44 -55.69
CA PHE B 374 38.15 -14.26 -54.94
C PHE B 374 37.24 -13.09 -55.31
N PHE B 375 36.98 -12.24 -54.32
CA PHE B 375 36.14 -11.06 -54.53
C PHE B 375 36.46 -10.04 -53.43
N ALA B 376 35.99 -8.82 -53.65
CA ALA B 376 36.18 -7.73 -52.70
C ALA B 376 34.83 -7.44 -52.06
N PHE B 377 34.60 -8.01 -50.87
CA PHE B 377 33.37 -7.78 -50.12
C PHE B 377 33.47 -6.49 -49.32
N LYS B 378 33.59 -5.38 -50.06
CA LYS B 378 33.81 -4.06 -49.47
C LYS B 378 32.47 -3.48 -49.00
N CYS B 379 31.85 -4.19 -48.07
CA CYS B 379 30.65 -3.69 -47.42
C CYS B 379 30.98 -2.46 -46.58
N TYR B 380 30.02 -1.53 -46.50
CA TYR B 380 30.20 -0.29 -45.78
C TYR B 380 29.23 -0.23 -44.61
N GLY B 381 29.70 0.27 -43.48
CA GLY B 381 28.87 0.39 -42.28
C GLY B 381 28.95 -0.77 -41.32
N VAL B 382 28.58 -1.96 -41.78
CA VAL B 382 28.58 -3.16 -40.96
C VAL B 382 29.30 -4.29 -41.70
N SER B 383 29.91 -5.19 -40.93
CA SER B 383 30.65 -6.29 -41.52
C SER B 383 29.70 -7.32 -42.13
N PRO B 384 30.11 -7.98 -43.22
CA PRO B 384 29.23 -8.99 -43.84
C PRO B 384 28.83 -10.11 -42.89
N THR B 385 29.74 -10.55 -42.03
CA THR B 385 29.39 -11.56 -41.04
C THR B 385 28.31 -11.06 -40.10
N LYS B 386 28.44 -9.80 -39.64
CA LYS B 386 27.38 -9.19 -38.85
C LYS B 386 26.20 -8.80 -39.71
N LEU B 387 26.42 -8.57 -41.01
CA LEU B 387 25.34 -8.21 -41.91
C LEU B 387 24.39 -9.37 -42.14
N ASN B 388 24.91 -10.60 -42.07
CA ASN B 388 24.02 -11.76 -42.19
C ASN B 388 22.98 -11.77 -41.07
N ASP B 389 23.40 -11.47 -39.85
CA ASP B 389 22.47 -11.27 -38.74
C ASP B 389 22.08 -9.80 -38.62
N LEU B 390 21.66 -9.22 -39.75
CA LEU B 390 21.24 -7.82 -39.78
C LEU B 390 20.19 -7.69 -40.90
N CYS B 391 18.93 -7.68 -40.51
CA CYS B 391 17.84 -7.56 -41.46
C CYS B 391 17.60 -6.11 -41.82
N PHE B 392 17.31 -5.86 -43.09
CA PHE B 392 17.16 -4.51 -43.61
C PHE B 392 15.83 -4.35 -44.34
N THR B 393 15.41 -3.09 -44.46
CA THR B 393 14.09 -2.79 -45.01
C THR B 393 14.03 -3.12 -46.50
N ASN B 394 14.83 -2.42 -47.32
CA ASN B 394 14.84 -2.65 -48.75
C ASN B 394 16.24 -2.42 -49.27
N VAL B 395 16.79 -3.41 -49.95
CA VAL B 395 18.17 -3.36 -50.44
C VAL B 395 18.12 -3.08 -51.95
N TYR B 396 18.66 -1.94 -52.34
CA TYR B 396 18.79 -1.58 -53.76
C TYR B 396 20.02 -2.28 -54.31
N ALA B 397 19.81 -3.35 -55.07
CA ALA B 397 20.90 -4.15 -55.62
C ALA B 397 21.27 -3.61 -57.01
N ASP B 398 22.42 -2.97 -57.11
CA ASP B 398 22.93 -2.44 -58.37
C ASP B 398 24.14 -3.27 -58.79
N SER B 399 24.29 -3.49 -60.10
CA SER B 399 25.36 -4.31 -60.63
C SER B 399 25.96 -3.67 -61.87
N PHE B 400 27.28 -3.75 -61.98
CA PHE B 400 28.00 -3.29 -63.16
C PHE B 400 29.39 -3.90 -63.14
N VAL B 401 30.20 -3.58 -64.16
CA VAL B 401 31.53 -4.15 -64.33
C VAL B 401 32.54 -3.02 -64.45
N ILE B 402 33.67 -3.16 -63.76
CA ILE B 402 34.74 -2.18 -63.76
C ILE B 402 36.05 -2.88 -64.09
N ARG B 403 37.10 -2.09 -64.25
CA ARG B 403 38.42 -2.60 -64.61
C ARG B 403 39.17 -3.05 -63.36
N GLY B 404 40.43 -3.45 -63.53
CA GLY B 404 41.28 -3.80 -62.41
C GLY B 404 41.99 -2.60 -61.86
N ASN B 405 42.53 -1.77 -62.76
CA ASN B 405 43.15 -0.51 -62.35
C ASN B 405 42.12 0.49 -61.84
N GLU B 406 40.85 0.30 -62.16
CA GLU B 406 39.79 1.19 -61.73
C GLU B 406 39.13 0.74 -60.43
N VAL B 407 39.65 -0.30 -59.78
CA VAL B 407 39.10 -0.75 -58.51
C VAL B 407 39.21 0.36 -57.47
N SER B 408 40.38 0.99 -57.39
CA SER B 408 40.54 2.13 -56.50
C SER B 408 39.73 3.33 -56.99
N GLN B 409 39.44 3.39 -58.29
CA GLN B 409 38.66 4.48 -58.85
C GLN B 409 37.16 4.35 -58.56
N ILE B 410 36.69 3.17 -58.15
CA ILE B 410 35.29 2.98 -57.83
C ILE B 410 35.12 2.93 -56.32
N ALA B 411 34.81 4.09 -55.74
CA ALA B 411 34.62 4.22 -54.29
C ALA B 411 33.92 5.55 -54.04
N PRO B 412 33.26 5.69 -52.89
CA PRO B 412 32.70 7.00 -52.55
C PRO B 412 33.78 8.06 -52.46
N GLY B 413 33.48 9.25 -52.96
CA GLY B 413 34.43 10.35 -52.97
C GLY B 413 35.53 10.24 -54.00
N GLN B 414 35.44 9.29 -54.93
CA GLN B 414 36.48 9.10 -55.93
C GLN B 414 36.24 10.02 -57.12
N THR B 415 37.29 10.19 -57.93
CA THR B 415 37.25 11.00 -59.14
C THR B 415 37.87 10.24 -60.30
N GLY B 416 37.42 10.58 -61.50
CA GLY B 416 37.92 9.95 -62.71
C GLY B 416 36.87 9.80 -63.78
N ASN B 417 37.25 9.22 -64.92
CA ASN B 417 36.31 9.02 -66.02
C ASN B 417 35.30 7.91 -65.73
N ILE B 418 35.50 7.12 -64.68
CA ILE B 418 34.53 6.12 -64.26
C ILE B 418 33.94 6.41 -62.89
N ALA B 419 34.53 7.31 -62.10
CA ALA B 419 33.98 7.67 -60.80
C ALA B 419 33.03 8.86 -60.92
N ASP B 420 33.53 9.99 -61.43
CA ASP B 420 32.69 11.17 -61.60
C ASP B 420 31.82 11.10 -62.86
N TYR B 421 32.14 10.20 -63.79
CA TYR B 421 31.46 10.16 -65.08
C TYR B 421 30.68 8.88 -65.34
N ASN B 422 30.74 7.89 -64.46
CA ASN B 422 29.99 6.67 -64.72
C ASN B 422 29.07 6.27 -63.58
N TYR B 423 29.52 6.40 -62.33
CA TYR B 423 28.72 5.98 -61.19
C TYR B 423 29.29 6.63 -59.95
N LYS B 424 28.44 7.36 -59.20
CA LYS B 424 28.87 8.09 -58.03
C LYS B 424 28.19 7.52 -56.78
N LEU B 425 28.97 7.27 -55.73
CA LEU B 425 28.46 6.80 -54.46
C LEU B 425 28.49 7.93 -53.44
N PRO B 426 27.42 8.13 -52.68
CA PRO B 426 27.41 9.23 -51.69
C PRO B 426 28.40 8.99 -50.58
N ASP B 427 28.79 10.09 -49.93
CA ASP B 427 29.74 10.00 -48.82
C ASP B 427 29.18 9.19 -47.66
N ASP B 428 27.90 9.35 -47.37
CA ASP B 428 27.22 8.60 -46.30
C ASP B 428 26.48 7.40 -46.86
N PHE B 429 27.04 6.77 -47.89
CA PHE B 429 26.41 5.61 -48.51
C PHE B 429 26.31 4.46 -47.52
N THR B 430 25.16 3.79 -47.52
CA THR B 430 24.90 2.63 -46.68
C THR B 430 24.52 1.45 -47.56
N GLY B 431 25.29 0.39 -47.48
CA GLY B 431 25.08 -0.78 -48.30
C GLY B 431 26.37 -1.59 -48.44
N CYS B 432 26.59 -2.14 -49.63
CA CYS B 432 27.73 -2.99 -49.88
C CYS B 432 28.17 -2.86 -51.34
N VAL B 433 29.38 -3.34 -51.61
CA VAL B 433 29.92 -3.44 -52.96
C VAL B 433 30.54 -4.82 -53.11
N ILE B 434 30.05 -5.59 -54.08
CA ILE B 434 30.54 -6.94 -54.36
C ILE B 434 31.32 -6.88 -55.66
N ALA B 435 32.64 -7.05 -55.56
CA ALA B 435 33.54 -6.90 -56.70
C ALA B 435 34.32 -8.19 -56.92
N TRP B 436 34.00 -8.91 -58.01
CA TRP B 436 34.70 -10.13 -58.37
C TRP B 436 35.04 -10.11 -59.85
N ASN B 437 36.08 -10.85 -60.22
CA ASN B 437 36.58 -10.90 -61.58
C ASN B 437 35.81 -11.93 -62.39
N SER B 438 35.56 -11.60 -63.66
CA SER B 438 34.80 -12.45 -64.58
C SER B 438 35.52 -12.53 -65.92
N ASN B 439 36.83 -12.79 -65.89
CA ASN B 439 37.61 -12.81 -67.13
C ASN B 439 37.10 -13.86 -68.11
N LYS B 440 36.61 -14.99 -67.59
CA LYS B 440 36.16 -16.07 -68.46
C LYS B 440 34.78 -15.82 -69.05
N LEU B 441 34.07 -14.78 -68.61
CA LEU B 441 32.72 -14.51 -69.08
C LEU B 441 32.60 -13.17 -69.81
N ASP B 442 33.06 -12.08 -69.20
CA ASP B 442 32.89 -10.75 -69.77
C ASP B 442 33.97 -10.38 -70.77
N SER B 443 35.01 -11.20 -70.90
CA SER B 443 36.12 -10.92 -71.80
C SER B 443 36.15 -11.94 -72.92
N LYS B 444 36.41 -11.48 -74.15
CA LYS B 444 36.48 -12.34 -75.32
C LYS B 444 37.93 -12.51 -75.73
N VAL B 445 38.32 -13.76 -76.04
CA VAL B 445 39.68 -14.03 -76.47
C VAL B 445 39.99 -13.36 -77.80
N GLY B 446 38.97 -13.16 -78.64
CA GLY B 446 39.15 -12.48 -79.91
C GLY B 446 39.11 -10.97 -79.85
N GLY B 447 38.98 -10.40 -78.66
CA GLY B 447 38.90 -8.96 -78.51
C GLY B 447 37.48 -8.49 -78.28
N ASN B 448 37.14 -8.21 -77.02
CA ASN B 448 35.79 -7.82 -76.65
C ASN B 448 35.66 -6.31 -76.76
N TYR B 449 35.49 -5.84 -77.99
CA TYR B 449 35.19 -4.44 -78.25
C TYR B 449 33.70 -4.12 -78.15
N ASN B 450 32.85 -5.14 -78.05
CA ASN B 450 31.42 -4.91 -77.89
C ASN B 450 31.08 -4.28 -76.56
N TYR B 451 31.93 -4.46 -75.55
CA TYR B 451 31.74 -3.81 -74.26
C TYR B 451 32.31 -2.40 -74.32
N ARG B 452 31.72 -1.49 -73.54
CA ARG B 452 32.14 -0.11 -73.52
C ARG B 452 32.10 0.44 -72.11
N TYR B 453 32.99 1.39 -71.83
CA TYR B 453 32.98 2.15 -70.59
C TYR B 453 33.07 3.63 -70.93
N ARG B 454 32.23 4.44 -70.30
CA ARG B 454 32.17 5.86 -70.62
C ARG B 454 33.43 6.57 -70.15
N LEU B 455 33.95 7.45 -70.99
CA LEU B 455 35.16 8.20 -70.70
C LEU B 455 34.95 9.70 -70.51
N PHE B 456 33.78 10.21 -70.90
CA PHE B 456 33.50 11.64 -70.80
C PHE B 456 32.07 11.86 -70.34
N ARG B 457 31.87 12.86 -69.49
CA ARG B 457 30.54 13.26 -69.05
C ARG B 457 30.63 14.67 -68.50
N LYS B 458 29.45 15.27 -68.27
CA LYS B 458 29.40 16.67 -67.87
C LYS B 458 29.68 16.86 -66.39
N SER B 459 28.84 16.28 -65.53
CA SER B 459 28.92 16.50 -64.09
C SER B 459 28.84 15.18 -63.34
N ASN B 460 29.28 15.22 -62.09
CA ASN B 460 29.21 14.03 -61.24
C ASN B 460 27.76 13.66 -60.96
N LEU B 461 27.52 12.35 -60.85
CA LEU B 461 26.18 11.86 -60.58
C LEU B 461 25.78 12.19 -59.14
N LYS B 462 24.47 12.42 -58.96
CA LYS B 462 23.93 12.59 -57.63
C LYS B 462 23.92 11.24 -56.90
N PRO B 463 23.83 11.26 -55.57
CA PRO B 463 23.76 9.99 -54.82
C PRO B 463 22.70 9.04 -55.37
N PHE B 464 23.15 7.87 -55.84
CA PHE B 464 22.28 6.83 -56.40
C PHE B 464 21.50 7.33 -57.62
N GLU B 465 22.11 8.23 -58.39
CA GLU B 465 21.48 8.76 -59.59
C GLU B 465 22.00 8.02 -60.82
N ARG B 466 21.15 7.94 -61.84
CA ARG B 466 21.46 7.25 -63.08
C ARG B 466 21.51 8.23 -64.24
N ASP B 467 22.43 7.99 -65.17
CA ASP B 467 22.55 8.82 -66.37
C ASP B 467 23.19 7.99 -67.46
N ILE B 468 22.48 7.83 -68.58
CA ILE B 468 22.98 7.05 -69.70
C ILE B 468 23.13 7.97 -70.92
N SER B 469 23.42 9.24 -70.66
CA SER B 469 23.53 10.22 -71.74
C SER B 469 24.66 9.84 -72.69
N THR B 470 24.33 9.77 -73.98
CA THR B 470 25.29 9.45 -75.03
C THR B 470 25.45 10.58 -76.03
N GLU B 471 25.11 11.81 -75.62
CA GLU B 471 25.23 12.96 -76.51
C GLU B 471 26.69 13.22 -76.86
N ILE B 472 26.92 13.71 -78.07
CA ILE B 472 28.28 14.02 -78.52
C ILE B 472 28.77 15.22 -77.73
N TYR B 473 29.72 14.99 -76.83
CA TYR B 473 30.22 16.07 -75.99
C TYR B 473 31.03 17.07 -76.80
N GLN B 474 30.77 18.35 -76.58
CA GLN B 474 31.48 19.43 -77.26
C GLN B 474 32.40 20.12 -76.26
N ALA B 475 33.70 20.10 -76.54
CA ALA B 475 34.70 20.68 -75.66
C ALA B 475 35.17 22.06 -76.12
N GLY B 476 34.69 22.55 -77.25
CA GLY B 476 35.12 23.82 -77.79
C GLY B 476 33.94 24.73 -78.07
N ASN B 477 34.11 25.60 -79.06
CA ASN B 477 33.09 26.56 -79.43
C ASN B 477 32.32 26.17 -80.68
N LYS B 478 32.89 25.34 -81.54
CA LYS B 478 32.21 24.95 -82.77
C LYS B 478 31.11 23.94 -82.45
N PRO B 479 29.87 24.19 -82.87
CA PRO B 479 28.79 23.24 -82.60
C PRO B 479 28.99 21.93 -83.35
N CYS B 480 28.46 20.85 -82.77
CA CYS B 480 28.55 19.55 -83.42
C CYS B 480 27.68 19.49 -84.67
N ASN B 481 26.52 20.15 -84.65
CA ASN B 481 25.56 20.17 -85.76
C ASN B 481 25.07 18.78 -86.14
N GLY B 482 25.15 17.83 -85.20
CA GLY B 482 24.67 16.49 -85.44
C GLY B 482 25.62 15.58 -86.20
N VAL B 483 26.78 16.09 -86.61
CA VAL B 483 27.76 15.31 -87.35
C VAL B 483 29.05 15.27 -86.55
N ALA B 484 29.55 14.06 -86.31
CA ALA B 484 30.77 13.90 -85.53
C ALA B 484 31.96 14.51 -86.25
N GLY B 485 32.80 15.21 -85.50
CA GLY B 485 33.95 15.88 -86.08
C GLY B 485 34.69 16.75 -85.08
N VAL B 486 35.01 17.98 -85.49
CA VAL B 486 35.75 18.90 -84.62
C VAL B 486 34.89 19.24 -83.40
N ASN B 487 35.51 19.21 -82.23
CA ASN B 487 34.83 19.47 -80.96
C ASN B 487 33.61 18.56 -80.79
N CYS B 488 33.79 17.28 -81.11
CA CYS B 488 32.71 16.31 -81.02
C CYS B 488 33.30 14.97 -80.59
N TYR B 489 33.05 14.59 -79.34
CA TYR B 489 33.58 13.35 -78.78
C TYR B 489 32.43 12.50 -78.25
N PHE B 490 32.47 11.19 -78.52
CA PHE B 490 31.48 10.28 -77.97
C PHE B 490 31.86 9.91 -76.53
N PRO B 491 30.89 9.89 -75.62
CA PRO B 491 31.22 9.58 -74.22
C PRO B 491 31.60 8.13 -74.00
N LEU B 492 30.98 7.20 -74.71
CA LEU B 492 31.27 5.78 -74.53
C LEU B 492 32.55 5.41 -75.27
N GLN B 493 33.56 4.99 -74.52
CA GLN B 493 34.84 4.57 -75.08
C GLN B 493 34.90 3.04 -75.08
N SER B 494 35.39 2.46 -76.17
CA SER B 494 35.43 1.01 -76.30
C SER B 494 36.27 0.40 -75.18
N TYR B 495 35.74 -0.68 -74.60
CA TYR B 495 36.38 -1.30 -73.44
C TYR B 495 37.46 -2.27 -73.89
N GLY B 496 38.65 -2.12 -73.33
CA GLY B 496 39.78 -2.94 -73.72
C GLY B 496 39.82 -4.30 -73.07
N PHE B 497 39.44 -5.33 -73.82
CA PHE B 497 39.46 -6.72 -73.34
C PHE B 497 40.28 -7.56 -74.31
N ARG B 498 41.49 -7.92 -73.90
CA ARG B 498 42.33 -8.83 -74.67
C ARG B 498 42.90 -9.89 -73.75
N PRO B 499 43.11 -11.10 -74.25
CA PRO B 499 43.76 -12.13 -73.42
C PRO B 499 45.16 -11.74 -72.98
N THR B 500 45.88 -10.98 -73.80
CA THR B 500 47.21 -10.51 -73.47
C THR B 500 47.21 -9.21 -72.69
N TYR B 501 46.04 -8.63 -72.44
CA TYR B 501 45.96 -7.41 -71.64
C TYR B 501 46.32 -7.71 -70.18
N GLY B 502 46.90 -6.71 -69.53
CA GLY B 502 47.39 -6.90 -68.17
C GLY B 502 46.28 -6.99 -67.14
N VAL B 503 46.71 -7.22 -65.90
CA VAL B 503 45.75 -7.35 -64.80
C VAL B 503 45.00 -6.04 -64.57
N GLY B 504 45.65 -4.91 -64.82
CA GLY B 504 44.97 -3.63 -64.70
C GLY B 504 43.85 -3.43 -65.68
N HIS B 505 43.88 -4.13 -66.81
CA HIS B 505 42.82 -4.08 -67.80
C HIS B 505 41.82 -5.22 -67.66
N GLN B 506 41.99 -6.08 -66.66
CA GLN B 506 41.14 -7.25 -66.49
C GLN B 506 39.78 -6.85 -65.90
N PRO B 507 38.72 -7.58 -66.24
CA PRO B 507 37.38 -7.23 -65.76
C PRO B 507 37.20 -7.47 -64.27
N TYR B 508 36.29 -6.70 -63.67
CA TYR B 508 35.93 -6.87 -62.27
C TYR B 508 34.46 -6.47 -62.14
N ARG B 509 33.56 -7.46 -62.13
CA ARG B 509 32.14 -7.19 -61.93
C ARG B 509 31.92 -6.62 -60.54
N VAL B 510 31.15 -5.53 -60.47
CA VAL B 510 30.88 -4.84 -59.21
C VAL B 510 29.38 -4.83 -58.98
N VAL B 511 28.94 -5.44 -57.90
CA VAL B 511 27.53 -5.45 -57.51
C VAL B 511 27.40 -4.62 -56.24
N VAL B 512 26.61 -3.56 -56.31
CA VAL B 512 26.42 -2.63 -55.20
C VAL B 512 25.02 -2.84 -54.65
N LEU B 513 24.93 -3.63 -53.58
CA LEU B 513 23.67 -3.80 -52.86
C LEU B 513 23.62 -2.80 -51.72
N SER B 514 22.58 -1.97 -51.71
CA SER B 514 22.47 -0.88 -50.74
C SER B 514 21.09 -0.90 -50.11
N PHE B 515 21.05 -0.88 -48.78
CA PHE B 515 19.81 -0.93 -48.02
C PHE B 515 19.57 0.41 -47.34
N GLU B 516 18.36 0.93 -47.47
CA GLU B 516 17.95 2.18 -46.85
C GLU B 516 17.01 1.88 -45.70
N LEU B 517 17.30 2.42 -44.52
CA LEU B 517 16.51 2.18 -43.32
C LEU B 517 15.29 3.08 -43.33
N LEU B 518 14.27 2.63 -44.05
CA LEU B 518 13.01 3.36 -44.19
C LEU B 518 11.87 2.49 -43.63
N HIS B 519 10.64 2.95 -43.85
CA HIS B 519 9.45 2.26 -43.34
C HIS B 519 9.05 1.11 -44.27
N ALA B 520 9.94 0.14 -44.39
CA ALA B 520 9.73 -1.08 -45.13
C ALA B 520 10.11 -2.27 -44.28
N PRO B 521 9.46 -3.42 -44.48
CA PRO B 521 9.73 -4.56 -43.59
C PRO B 521 11.12 -5.14 -43.81
N ALA B 522 11.68 -5.81 -42.80
CA ALA B 522 13.04 -6.42 -42.90
C ALA B 522 13.17 -7.39 -44.08
N THR B 523 14.40 -7.77 -44.46
CA THR B 523 14.58 -8.61 -45.67
C THR B 523 15.26 -9.96 -45.38
N VAL B 524 16.52 -9.96 -44.91
CA VAL B 524 17.24 -11.27 -44.77
C VAL B 524 17.45 -11.64 -43.29
N CYS B 525 16.84 -12.75 -42.85
CA CYS B 525 17.06 -13.24 -41.46
C CYS B 525 16.88 -14.76 -41.46
N GLY B 526 16.72 -15.35 -40.26
CA GLY B 526 16.53 -16.82 -40.15
C GLY B 526 15.82 -17.39 -41.36
N SER B 530 17.60 -20.28 -38.48
CA SER B 530 17.82 -19.95 -37.05
C SER B 530 16.68 -20.54 -36.22
N THR B 531 16.71 -21.85 -35.97
CA THR B 531 15.64 -22.52 -35.19
C THR B 531 16.17 -23.87 -34.67
N ASN B 532 15.51 -24.43 -33.66
CA ASN B 532 15.89 -25.79 -33.20
C ASN B 532 14.64 -26.67 -33.25
N LEU B 533 14.56 -27.68 -32.39
CA LEU B 533 13.33 -28.52 -32.31
C LEU B 533 13.04 -28.70 -30.81
N VAL B 534 12.00 -29.48 -30.44
CA VAL B 534 11.69 -29.56 -29.02
C VAL B 534 10.63 -30.63 -28.80
N LYS B 535 10.36 -30.90 -27.53
CA LYS B 535 9.40 -31.91 -27.12
C LYS B 535 8.76 -31.44 -25.83
N ASN B 536 8.15 -32.38 -25.09
CA ASN B 536 7.43 -32.05 -23.87
C ASN B 536 8.35 -31.54 -22.76
N LYS B 537 9.67 -31.65 -22.91
CA LYS B 537 10.58 -31.10 -21.92
C LYS B 537 10.43 -29.59 -21.83
N CYS B 538 10.48 -29.06 -20.61
CA CYS B 538 10.30 -27.64 -20.38
C CYS B 538 11.50 -26.86 -20.88
N VAL B 539 11.24 -25.80 -21.65
CA VAL B 539 12.27 -24.98 -22.27
C VAL B 539 11.84 -23.52 -22.21
N ASN B 540 12.67 -22.64 -22.78
CA ASN B 540 12.31 -21.26 -23.03
C ASN B 540 12.03 -21.09 -24.51
N PHE B 541 10.80 -20.70 -24.85
CA PHE B 541 10.35 -20.69 -26.23
C PHE B 541 10.46 -19.29 -26.84
N ASN B 542 10.69 -19.28 -28.15
CA ASN B 542 10.76 -18.05 -28.93
C ASN B 542 10.00 -18.21 -30.24
N PHE B 543 8.81 -18.82 -30.17
CA PHE B 543 8.03 -19.12 -31.36
C PHE B 543 7.60 -17.82 -32.04
N ASN B 544 8.11 -17.60 -33.26
CA ASN B 544 7.78 -16.41 -34.04
C ASN B 544 8.08 -15.13 -33.27
N GLY B 545 9.21 -15.13 -32.56
CA GLY B 545 9.55 -14.00 -31.71
C GLY B 545 8.64 -13.82 -30.52
N LEU B 546 8.22 -14.91 -29.88
CA LEU B 546 7.41 -14.87 -28.67
C LEU B 546 8.25 -15.46 -27.54
N THR B 547 9.01 -14.60 -26.86
CA THR B 547 9.87 -15.06 -25.78
C THR B 547 9.05 -15.55 -24.60
N GLY B 548 9.62 -16.49 -23.87
CA GLY B 548 9.00 -17.03 -22.68
C GLY B 548 9.46 -18.44 -22.41
N THR B 549 9.29 -18.86 -21.15
CA THR B 549 9.66 -20.19 -20.69
C THR B 549 8.41 -20.98 -20.37
N GLY B 550 8.33 -22.21 -20.86
CA GLY B 550 7.16 -23.02 -20.62
C GLY B 550 7.35 -24.42 -21.14
N VAL B 551 6.26 -25.18 -21.07
CA VAL B 551 6.24 -26.57 -21.50
C VAL B 551 5.42 -26.64 -22.78
N LEU B 552 6.05 -27.07 -23.87
CA LEU B 552 5.42 -27.11 -25.18
C LEU B 552 4.75 -28.46 -25.38
N THR B 553 3.70 -28.68 -24.60
CA THR B 553 2.94 -29.92 -24.71
C THR B 553 2.16 -29.95 -26.02
N GLU B 554 1.79 -31.16 -26.42
CA GLU B 554 0.95 -31.31 -27.61
C GLU B 554 -0.42 -30.73 -27.37
N SER B 555 -0.90 -29.94 -28.33
CA SER B 555 -2.20 -29.28 -28.22
C SER B 555 -3.25 -30.03 -29.02
N ASN B 556 -4.50 -29.84 -28.61
CA ASN B 556 -5.63 -30.48 -29.27
C ASN B 556 -6.66 -29.50 -29.81
N LYS B 557 -6.58 -28.22 -29.46
CA LYS B 557 -7.54 -27.25 -29.96
C LYS B 557 -7.31 -27.00 -31.45
N LYS B 558 -8.39 -26.51 -32.07
CA LYS B 558 -8.32 -26.14 -33.49
C LYS B 558 -8.00 -24.65 -33.57
N PHE B 559 -7.15 -24.26 -34.50
CA PHE B 559 -6.75 -22.88 -34.67
C PHE B 559 -7.45 -22.29 -35.89
N LEU B 560 -7.07 -21.08 -36.27
CA LEU B 560 -7.58 -20.43 -37.47
C LEU B 560 -6.43 -20.18 -38.44
N PRO B 561 -6.71 -20.21 -39.74
CA PRO B 561 -5.62 -20.10 -40.74
C PRO B 561 -4.81 -18.83 -40.60
N PHE B 562 -5.42 -17.74 -40.18
CA PHE B 562 -4.70 -16.49 -39.98
C PHE B 562 -4.21 -16.30 -38.55
N GLN B 563 -4.92 -16.88 -37.57
CA GLN B 563 -4.57 -16.69 -36.18
C GLN B 563 -3.21 -17.30 -35.89
N GLN B 564 -2.39 -16.60 -35.11
CA GLN B 564 -1.06 -17.08 -34.77
C GLN B 564 -0.86 -17.26 -33.28
N PHE B 565 -1.10 -16.23 -32.47
CA PHE B 565 -0.71 -16.23 -31.06
C PHE B 565 -1.96 -16.43 -30.22
N GLY B 566 -2.28 -17.70 -29.94
CA GLY B 566 -3.42 -17.99 -29.08
C GLY B 566 -3.18 -17.52 -27.66
N ARG B 567 -4.28 -17.28 -26.95
CA ARG B 567 -4.22 -16.79 -25.58
C ARG B 567 -5.38 -17.40 -24.80
N ASP B 568 -5.62 -16.85 -23.62
CA ASP B 568 -6.66 -17.34 -22.72
C ASP B 568 -7.33 -16.13 -22.08
N ILE B 569 -8.09 -16.37 -21.01
CA ILE B 569 -8.68 -15.27 -20.27
C ILE B 569 -7.59 -14.35 -19.74
N ALA B 570 -6.54 -14.93 -19.19
CA ALA B 570 -5.38 -14.15 -18.79
C ALA B 570 -4.56 -13.77 -20.02
N ASP B 571 -3.64 -12.81 -19.82
CA ASP B 571 -2.82 -12.32 -20.91
C ASP B 571 -1.77 -13.33 -21.36
N THR B 572 -1.59 -14.43 -20.64
CA THR B 572 -0.59 -15.41 -20.99
C THR B 572 -0.94 -16.11 -22.30
N THR B 573 0.09 -16.46 -23.07
CA THR B 573 -0.07 -17.14 -24.34
C THR B 573 -0.23 -18.63 -24.06
N ASP B 574 -1.46 -19.06 -23.83
CA ASP B 574 -1.72 -20.46 -23.53
C ASP B 574 -1.33 -21.36 -24.69
N ALA B 575 -1.59 -20.92 -25.92
CA ALA B 575 -1.31 -21.73 -27.10
C ALA B 575 -0.59 -20.89 -28.14
N VAL B 576 0.29 -21.54 -28.89
CA VAL B 576 1.00 -20.91 -29.99
C VAL B 576 1.09 -21.92 -31.14
N ARG B 577 0.61 -21.52 -32.31
CA ARG B 577 0.75 -22.36 -33.49
C ARG B 577 2.22 -22.46 -33.89
N ASP B 578 2.67 -23.68 -34.14
CA ASP B 578 4.06 -23.87 -34.56
C ASP B 578 4.23 -23.40 -35.99
N PRO B 579 4.91 -22.27 -36.28
CA PRO B 579 4.96 -21.76 -37.64
C PRO B 579 5.57 -22.87 -38.51
N GLN B 580 6.69 -23.43 -38.06
CA GLN B 580 7.40 -24.45 -38.87
C GLN B 580 6.45 -25.52 -39.40
N THR B 581 5.58 -26.09 -38.56
CA THR B 581 4.73 -27.20 -38.97
C THR B 581 3.28 -26.81 -39.13
N LEU B 582 2.94 -25.53 -38.88
CA LEU B 582 1.55 -25.02 -38.97
C LEU B 582 0.64 -25.84 -38.04
N GLU B 583 1.18 -26.30 -36.93
CA GLU B 583 0.45 -27.10 -35.94
C GLU B 583 0.39 -26.34 -34.62
N ILE B 584 -0.72 -26.52 -33.92
CA ILE B 584 -0.92 -25.84 -32.65
C ILE B 584 -0.06 -26.49 -31.58
N LEU B 585 0.69 -25.68 -30.85
CA LEU B 585 1.52 -26.13 -29.74
C LEU B 585 1.03 -25.48 -28.46
N ASP B 586 0.69 -26.29 -27.47
CA ASP B 586 0.18 -25.79 -26.21
C ASP B 586 1.33 -25.31 -25.33
N ILE B 587 1.18 -24.13 -24.76
CA ILE B 587 2.20 -23.53 -23.91
C ILE B 587 1.71 -23.58 -22.47
N THR B 588 2.41 -24.34 -21.63
CA THR B 588 2.11 -24.40 -20.21
C THR B 588 3.35 -24.05 -19.41
N PRO B 589 3.21 -23.40 -18.27
CA PRO B 589 4.38 -22.96 -17.51
C PRO B 589 5.12 -24.13 -16.89
N CYS B 590 6.37 -23.88 -16.54
CA CYS B 590 7.16 -24.88 -15.83
C CYS B 590 6.51 -25.20 -14.50
N SER B 591 6.41 -26.50 -14.20
CA SER B 591 5.65 -26.97 -13.04
C SER B 591 6.43 -26.65 -11.78
N PHE B 592 6.31 -25.40 -11.33
CA PHE B 592 6.90 -24.97 -10.08
C PHE B 592 5.91 -25.23 -8.94
N GLY B 593 6.32 -24.86 -7.73
CA GLY B 593 5.45 -24.99 -6.58
C GLY B 593 6.17 -24.79 -5.27
N GLY B 594 5.52 -24.12 -4.32
CA GLY B 594 6.13 -23.93 -3.02
C GLY B 594 6.30 -25.24 -2.29
N VAL B 595 7.37 -25.33 -1.51
CA VAL B 595 7.68 -26.54 -0.77
C VAL B 595 7.29 -26.33 0.67
N SER B 596 6.97 -27.44 1.35
CA SER B 596 6.72 -27.43 2.77
C SER B 596 7.34 -28.68 3.37
N VAL B 597 7.83 -28.55 4.59
CA VAL B 597 8.57 -29.63 5.25
C VAL B 597 7.72 -30.18 6.38
N ILE B 598 7.45 -31.47 6.31
CA ILE B 598 6.74 -32.17 7.37
C ILE B 598 7.76 -32.59 8.42
N THR B 599 7.59 -32.11 9.65
CA THR B 599 8.53 -32.47 10.69
C THR B 599 7.82 -32.80 11.99
N PRO B 600 8.33 -33.75 12.76
CA PRO B 600 7.81 -34.00 14.11
C PRO B 600 8.40 -33.09 15.17
N GLY B 601 9.12 -32.05 14.74
CA GLY B 601 9.65 -31.08 15.72
C GLY B 601 10.95 -31.53 16.35
N THR B 602 12.07 -31.08 15.80
CA THR B 602 13.42 -31.42 16.33
C THR B 602 13.28 -32.35 17.54
N ASN B 603 13.00 -31.79 18.71
CA ASN B 603 12.78 -32.59 19.94
C ASN B 603 12.71 -34.08 19.62
N THR B 604 11.60 -34.51 18.99
CA THR B 604 11.41 -35.95 18.70
C THR B 604 12.55 -36.46 17.82
N SER B 605 12.59 -36.07 16.56
CA SER B 605 13.61 -36.61 15.64
C SER B 605 13.95 -35.59 14.55
N ASN B 606 15.19 -35.59 14.10
CA ASN B 606 15.53 -34.71 13.00
C ASN B 606 15.08 -35.25 11.64
N GLN B 607 14.54 -36.46 11.59
CA GLN B 607 14.04 -37.00 10.33
C GLN B 607 12.78 -36.24 9.92
N VAL B 608 12.76 -35.77 8.66
CA VAL B 608 11.65 -34.98 8.15
C VAL B 608 11.28 -35.48 6.76
N ALA B 609 10.11 -35.06 6.30
CA ALA B 609 9.66 -35.33 4.94
C ALA B 609 9.15 -34.04 4.33
N VAL B 610 9.34 -33.90 3.02
CA VAL B 610 9.03 -32.67 2.33
C VAL B 610 7.83 -32.89 1.42
N LEU B 611 7.17 -31.78 1.07
CA LEU B 611 6.00 -31.83 0.20
C LEU B 611 6.10 -30.67 -0.78
N TYR B 612 6.29 -31.00 -2.06
CA TYR B 612 6.24 -29.99 -3.11
C TYR B 612 4.78 -29.76 -3.46
N GLN B 613 4.22 -28.67 -2.94
CA GLN B 613 2.78 -28.46 -3.08
C GLN B 613 2.40 -28.17 -4.53
N GLY B 614 1.25 -28.71 -4.95
CA GLY B 614 0.64 -28.31 -6.20
C GLY B 614 1.33 -28.78 -7.45
N VAL B 615 2.13 -29.84 -7.40
CA VAL B 615 2.81 -30.37 -8.57
C VAL B 615 2.47 -31.84 -8.71
N ASN B 616 2.11 -32.25 -9.93
CA ASN B 616 1.94 -33.66 -10.26
C ASN B 616 3.33 -34.27 -10.30
N CYS B 617 3.87 -34.53 -9.11
CA CYS B 617 5.30 -34.81 -9.00
C CYS B 617 5.68 -36.16 -9.57
N THR B 618 4.71 -36.97 -9.98
CA THR B 618 5.02 -38.24 -10.61
C THR B 618 5.89 -38.10 -11.84
N GLU B 619 6.16 -36.88 -12.32
CA GLU B 619 7.04 -36.71 -13.47
C GLU B 619 8.32 -35.94 -13.15
N VAL B 620 8.25 -34.66 -12.82
CA VAL B 620 9.51 -33.90 -12.76
C VAL B 620 10.21 -34.02 -11.41
N PRO B 621 9.55 -33.90 -10.25
CA PRO B 621 10.32 -34.00 -8.99
C PRO B 621 10.68 -35.42 -8.63
N VAL B 622 9.88 -36.40 -9.04
CA VAL B 622 10.28 -37.78 -8.80
C VAL B 622 11.49 -38.12 -9.65
N ALA B 623 11.70 -37.38 -10.75
CA ALA B 623 12.86 -37.54 -11.61
C ALA B 623 13.87 -36.42 -11.41
N ILE B 624 14.02 -35.91 -10.19
CA ILE B 624 15.07 -34.94 -9.89
C ILE B 624 16.44 -35.58 -10.12
N HIS B 625 17.22 -34.97 -10.99
CA HIS B 625 18.59 -35.38 -11.25
C HIS B 625 19.50 -34.77 -10.18
N ALA B 626 20.80 -34.78 -10.42
CA ALA B 626 21.77 -34.24 -9.47
C ALA B 626 21.45 -32.80 -9.12
N ASP B 627 21.08 -32.55 -7.87
CA ASP B 627 20.76 -31.22 -7.36
C ASP B 627 19.68 -30.54 -8.19
N GLN B 628 18.66 -31.30 -8.60
CA GLN B 628 17.52 -30.74 -9.31
C GLN B 628 16.45 -30.24 -8.35
N LEU B 629 16.23 -30.97 -7.25
CA LEU B 629 15.28 -30.53 -6.24
C LEU B 629 15.84 -29.34 -5.47
N THR B 630 14.95 -28.44 -5.04
CA THR B 630 15.38 -27.20 -4.40
C THR B 630 16.14 -27.40 -3.10
N PRO B 631 15.66 -28.17 -2.12
CA PRO B 631 16.34 -28.22 -0.82
C PRO B 631 17.61 -29.07 -0.79
N THR B 632 18.15 -29.45 -1.96
CA THR B 632 19.35 -30.28 -2.11
C THR B 632 19.11 -31.70 -1.61
N TRP B 633 20.13 -32.33 -1.05
CA TRP B 633 20.14 -33.76 -0.68
C TRP B 633 19.56 -34.62 -1.81
N ARG B 634 20.28 -34.63 -2.93
CA ARG B 634 19.87 -35.38 -4.11
C ARG B 634 19.87 -36.89 -3.85
N VAL B 635 20.30 -37.30 -2.65
CA VAL B 635 20.28 -38.70 -2.26
C VAL B 635 18.87 -39.26 -2.26
N TYR B 636 17.86 -38.41 -2.07
CA TYR B 636 16.47 -38.83 -2.08
C TYR B 636 15.82 -38.71 -3.44
N SER B 637 16.58 -38.92 -4.52
CA SER B 637 16.01 -38.88 -5.86
C SER B 637 14.80 -39.80 -5.94
N THR B 638 14.91 -41.01 -5.39
CA THR B 638 13.79 -41.88 -5.11
C THR B 638 13.30 -41.73 -3.67
N GLY B 639 14.22 -41.51 -2.74
CA GLY B 639 13.85 -41.30 -1.35
C GLY B 639 13.39 -42.58 -0.68
N SER B 640 12.95 -42.43 0.57
CA SER B 640 12.34 -43.55 1.27
C SER B 640 11.10 -44.03 0.53
N ASN B 641 10.23 -43.10 0.15
CA ASN B 641 9.05 -43.39 -0.64
C ASN B 641 8.52 -42.08 -1.22
N VAL B 642 8.13 -42.12 -2.48
CA VAL B 642 7.47 -40.99 -3.13
C VAL B 642 6.00 -41.33 -3.26
N PHE B 643 5.16 -40.58 -2.58
CA PHE B 643 3.72 -40.85 -2.52
C PHE B 643 2.98 -39.68 -3.16
N GLN B 644 2.46 -39.89 -4.36
CA GLN B 644 1.66 -38.86 -5.01
C GLN B 644 0.40 -38.58 -4.19
N THR B 645 0.05 -37.31 -4.10
CA THR B 645 -1.05 -36.85 -3.28
C THR B 645 -1.82 -35.78 -4.08
N ARG B 646 -3.11 -35.64 -3.78
CA ARG B 646 -3.88 -34.59 -4.45
C ARG B 646 -3.41 -33.19 -4.09
N ALA B 647 -2.35 -33.05 -3.31
CA ALA B 647 -1.78 -31.77 -2.90
C ALA B 647 -0.28 -31.76 -3.11
N GLY B 648 0.16 -32.21 -4.28
CA GLY B 648 1.59 -32.36 -4.54
C GLY B 648 2.03 -33.77 -4.25
N CYS B 649 3.14 -33.95 -3.55
CA CYS B 649 3.49 -35.29 -3.08
C CYS B 649 4.55 -35.20 -2.00
N LEU B 650 4.65 -36.28 -1.23
CA LEU B 650 5.61 -36.41 -0.15
C LEU B 650 6.89 -37.06 -0.64
N ILE B 651 7.99 -36.73 0.00
CA ILE B 651 9.25 -37.41 -0.19
C ILE B 651 9.83 -37.71 1.19
N GLY B 652 10.18 -38.96 1.43
CA GLY B 652 10.66 -39.36 2.73
C GLY B 652 9.59 -39.81 3.70
N ALA B 653 8.34 -39.88 3.27
CA ALA B 653 7.24 -40.39 4.07
C ALA B 653 6.57 -41.53 3.33
N GLU B 654 6.26 -42.60 4.05
CA GLU B 654 5.70 -43.81 3.47
C GLU B 654 4.22 -43.91 3.80
N TYR B 655 3.40 -44.18 2.79
CA TYR B 655 1.93 -44.20 2.99
C TYR B 655 1.48 -45.47 3.69
N VAL B 656 1.09 -45.35 4.95
CA VAL B 656 0.53 -46.53 5.65
C VAL B 656 -0.92 -46.66 5.18
N ASN B 657 -1.38 -47.89 4.97
CA ASN B 657 -2.75 -48.07 4.42
C ASN B 657 -3.74 -48.10 5.58
N SER B 658 -3.29 -47.72 6.78
CA SER B 658 -4.21 -47.67 7.94
C SER B 658 -4.99 -46.36 7.92
N SER B 659 -5.34 -45.85 9.09
CA SER B 659 -6.10 -44.58 9.18
C SER B 659 -6.17 -44.17 10.64
N TYR B 660 -5.27 -43.29 11.05
CA TYR B 660 -5.23 -42.83 12.42
C TYR B 660 -5.83 -41.43 12.51
N GLU B 661 -5.76 -40.85 13.71
CA GLU B 661 -6.17 -39.47 13.88
C GLU B 661 -5.11 -38.54 13.30
N CYS B 662 -5.58 -37.42 12.75
CA CYS B 662 -4.67 -36.49 12.09
C CYS B 662 -3.73 -35.86 13.12
N ASP B 663 -2.44 -35.83 12.78
CA ASP B 663 -1.42 -35.22 13.61
C ASP B 663 -0.77 -34.02 12.96
N ILE B 664 -0.22 -34.19 11.76
CA ILE B 664 0.32 -33.08 10.98
C ILE B 664 -0.51 -32.96 9.71
N PRO B 665 -1.40 -31.99 9.60
CA PRO B 665 -2.22 -31.88 8.39
C PRO B 665 -1.36 -31.61 7.17
N ILE B 666 -1.80 -32.15 6.04
CA ILE B 666 -1.08 -31.95 4.78
C ILE B 666 -2.04 -31.37 3.75
N GLY B 667 -3.19 -32.01 3.58
CA GLY B 667 -4.18 -31.56 2.62
C GLY B 667 -4.76 -32.75 1.88
N ALA B 668 -5.96 -32.56 1.37
CA ALA B 668 -6.71 -33.62 0.69
C ALA B 668 -6.86 -34.84 1.60
N GLY B 669 -7.01 -34.59 2.90
CA GLY B 669 -7.29 -35.66 3.83
C GLY B 669 -6.11 -36.53 4.19
N ILE B 670 -4.90 -36.14 3.82
CA ILE B 670 -3.70 -36.89 4.17
C ILE B 670 -3.04 -36.19 5.34
N CYS B 671 -2.64 -36.97 6.34
CA CYS B 671 -1.93 -36.44 7.49
C CYS B 671 -0.68 -37.27 7.70
N ALA B 672 0.26 -36.74 8.47
CA ALA B 672 1.52 -37.41 8.73
C ALA B 672 1.79 -37.40 10.22
N SER B 673 2.56 -38.39 10.67
CA SER B 673 2.92 -38.47 12.07
C SER B 673 4.17 -39.32 12.22
N TYR B 674 4.83 -39.18 13.37
CA TYR B 674 6.05 -39.91 13.66
C TYR B 674 5.69 -41.11 14.54
N GLN B 675 5.24 -42.17 13.90
CA GLN B 675 4.78 -43.37 14.59
C GLN B 675 5.63 -44.56 14.19
N THR B 676 6.11 -45.30 15.19
CA THR B 676 6.93 -46.48 14.93
C THR B 676 6.08 -47.63 14.42
N GLN B 677 6.74 -48.55 13.70
CA GLN B 677 6.05 -49.71 13.16
C GLN B 677 6.68 -51.00 13.66
N SER B 689 11.94 -48.42 15.62
CA SER B 689 11.44 -48.41 14.26
C SER B 689 10.62 -47.16 13.97
N GLN B 690 11.04 -46.04 14.57
CA GLN B 690 10.35 -44.77 14.37
C GLN B 690 10.58 -44.25 12.96
N SER B 691 9.51 -43.80 12.31
CA SER B 691 9.59 -43.23 10.97
C SER B 691 8.38 -42.34 10.76
N ILE B 692 8.32 -41.72 9.58
CA ILE B 692 7.24 -40.80 9.22
C ILE B 692 6.26 -41.54 8.32
N ILE B 693 4.98 -41.53 8.71
CA ILE B 693 3.93 -42.17 7.94
C ILE B 693 3.08 -41.09 7.28
N ALA B 694 2.24 -41.52 6.34
CA ALA B 694 1.39 -40.63 5.56
C ALA B 694 -0.03 -41.15 5.51
N TYR B 695 -0.56 -41.55 6.67
CA TYR B 695 -1.88 -42.16 6.73
C TYR B 695 -2.94 -41.16 6.29
N THR B 696 -4.00 -41.69 5.68
CA THR B 696 -5.18 -40.89 5.40
C THR B 696 -5.92 -40.60 6.70
N MET B 697 -6.47 -39.39 6.79
CA MET B 697 -7.17 -38.98 8.00
C MET B 697 -8.35 -39.89 8.28
N SER B 698 -8.50 -40.27 9.55
CA SER B 698 -9.63 -41.06 10.00
C SER B 698 -10.51 -40.19 10.88
N LEU B 699 -11.78 -40.07 10.51
CA LEU B 699 -12.68 -39.15 11.21
C LEU B 699 -12.91 -39.57 12.65
N GLY B 700 -13.11 -40.86 12.89
CA GLY B 700 -13.34 -41.32 14.24
C GLY B 700 -13.77 -42.77 14.24
N ALA B 701 -14.11 -43.25 15.44
CA ALA B 701 -14.56 -44.62 15.60
C ALA B 701 -15.97 -44.77 15.03
N GLU B 702 -16.12 -45.68 14.06
CA GLU B 702 -17.42 -45.92 13.47
C GLU B 702 -18.28 -46.71 14.44
N ASN B 703 -19.32 -46.09 14.96
CA ASN B 703 -20.19 -46.69 15.95
C ASN B 703 -21.61 -46.76 15.40
N SER B 704 -22.27 -47.88 15.64
CA SER B 704 -23.64 -48.09 15.19
C SER B 704 -24.55 -48.22 16.40
N VAL B 705 -25.63 -47.46 16.41
CA VAL B 705 -26.58 -47.46 17.51
C VAL B 705 -27.72 -48.41 17.16
N ALA B 706 -28.07 -49.26 18.12
CA ALA B 706 -29.11 -50.28 17.91
C ALA B 706 -30.50 -49.65 17.93
N TYR B 707 -30.79 -48.81 16.95
CA TYR B 707 -32.09 -48.21 16.86
C TYR B 707 -33.14 -49.27 16.56
N SER B 708 -34.26 -49.18 17.26
CA SER B 708 -35.35 -50.15 17.00
C SER B 708 -36.66 -49.38 17.08
N ASN B 709 -37.78 -50.08 17.03
CA ASN B 709 -39.07 -49.36 17.03
C ASN B 709 -39.66 -49.47 18.43
N ASN B 710 -38.89 -49.98 19.38
CA ASN B 710 -39.40 -50.15 20.75
C ASN B 710 -38.21 -50.18 21.70
N SER B 711 -37.07 -49.63 21.29
CA SER B 711 -35.88 -49.74 22.13
C SER B 711 -35.45 -48.33 22.55
N ILE B 712 -35.25 -48.17 23.86
CA ILE B 712 -34.83 -46.90 24.45
C ILE B 712 -33.66 -47.17 25.37
N ALA B 713 -32.70 -46.26 25.39
CA ALA B 713 -31.56 -46.34 26.29
C ALA B 713 -31.63 -45.20 27.29
N ILE B 714 -31.52 -45.52 28.58
CA ILE B 714 -31.65 -44.52 29.62
C ILE B 714 -30.43 -44.61 30.55
N PRO B 715 -29.76 -43.51 30.84
CA PRO B 715 -28.60 -43.57 31.72
C PRO B 715 -29.00 -43.86 33.16
N THR B 716 -28.34 -44.84 33.75
CA THR B 716 -28.53 -45.17 35.15
C THR B 716 -27.60 -44.38 36.07
N ASN B 717 -26.66 -43.64 35.50
CA ASN B 717 -25.66 -42.91 36.27
C ASN B 717 -25.36 -41.62 35.51
N PHE B 718 -24.30 -40.94 35.92
CA PHE B 718 -23.89 -39.73 35.23
C PHE B 718 -22.42 -39.47 35.54
N THR B 719 -21.95 -38.29 35.15
CA THR B 719 -20.58 -37.89 35.41
C THR B 719 -20.51 -36.38 35.32
N ILE B 720 -20.06 -35.72 36.39
CA ILE B 720 -19.94 -34.27 36.42
C ILE B 720 -18.64 -33.91 35.72
N SER B 721 -18.73 -33.44 34.48
CA SER B 721 -17.55 -33.11 33.69
C SER B 721 -17.30 -31.62 33.74
N VAL B 722 -16.07 -31.24 34.09
CA VAL B 722 -15.65 -29.85 34.15
C VAL B 722 -14.69 -29.61 33.00
N THR B 723 -15.09 -28.76 32.05
CA THR B 723 -14.30 -28.47 30.88
C THR B 723 -13.88 -27.01 30.88
N THR B 724 -12.63 -26.76 30.50
CA THR B 724 -12.08 -25.42 30.44
C THR B 724 -12.27 -24.82 29.06
N GLU B 725 -12.49 -23.52 29.00
CA GLU B 725 -12.67 -22.80 27.75
C GLU B 725 -11.92 -21.49 27.82
N ILE B 726 -11.00 -21.27 26.88
CA ILE B 726 -10.15 -20.10 26.87
C ILE B 726 -10.61 -19.16 25.77
N LEU B 727 -10.75 -17.88 26.10
CA LEU B 727 -11.14 -16.89 25.12
C LEU B 727 -10.35 -15.60 25.33
N PRO B 728 -9.59 -15.14 24.33
CA PRO B 728 -8.93 -13.85 24.47
C PRO B 728 -9.96 -12.74 24.50
N VAL B 729 -9.64 -11.69 25.24
CA VAL B 729 -10.54 -10.56 25.46
C VAL B 729 -9.94 -9.26 24.96
N SER B 730 -8.69 -8.98 25.31
CA SER B 730 -8.04 -7.74 24.94
C SER B 730 -6.65 -8.01 24.42
N MET B 731 -6.20 -7.17 23.50
CA MET B 731 -4.85 -7.24 22.97
C MET B 731 -3.98 -6.15 23.60
N THR B 732 -2.69 -6.22 23.30
CA THR B 732 -1.76 -5.22 23.82
C THR B 732 -2.11 -3.85 23.27
N LYS B 733 -2.16 -2.86 24.15
CA LYS B 733 -2.52 -1.50 23.77
C LYS B 733 -1.26 -0.76 23.35
N THR B 734 -1.23 -0.31 22.10
CA THR B 734 -0.05 0.36 21.55
C THR B 734 -0.45 1.69 20.95
N SER B 735 0.54 2.57 20.84
CA SER B 735 0.36 3.86 20.18
C SER B 735 1.71 4.30 19.65
N VAL B 736 1.70 4.89 18.46
CA VAL B 736 2.94 5.25 17.78
C VAL B 736 2.98 6.76 17.54
N ASP B 737 4.07 7.22 16.95
CA ASP B 737 4.23 8.62 16.59
C ASP B 737 5.13 8.67 15.37
N CYS B 738 4.58 9.13 14.24
CA CYS B 738 5.35 9.07 13.00
C CYS B 738 6.64 9.85 13.13
N THR B 739 6.54 11.11 13.54
CA THR B 739 7.65 12.05 13.40
C THR B 739 8.89 11.55 14.11
N MET B 740 8.73 10.69 15.11
CA MET B 740 9.88 10.06 15.73
C MET B 740 10.16 8.67 15.18
N TYR B 741 9.12 7.94 14.77
CA TYR B 741 9.33 6.66 14.10
C TYR B 741 9.79 6.89 12.67
N ILE B 742 9.01 7.64 11.90
CA ILE B 742 9.35 7.88 10.50
C ILE B 742 10.63 8.70 10.39
N CYS B 743 10.74 9.76 11.16
CA CYS B 743 11.92 10.63 11.12
C CYS B 743 12.77 10.44 12.38
N GLY B 744 14.07 10.25 12.20
CA GLY B 744 14.98 10.16 13.32
C GLY B 744 15.31 11.53 13.88
N ASP B 745 14.27 12.27 14.26
CA ASP B 745 14.41 13.63 14.79
C ASP B 745 15.18 14.53 13.82
N SER B 746 14.87 14.40 12.54
CA SER B 746 15.45 15.25 11.50
C SER B 746 14.42 16.28 11.09
N THR B 747 14.79 17.56 11.18
CA THR B 747 13.84 18.63 10.87
C THR B 747 13.48 18.65 9.39
N GLU B 748 14.43 18.36 8.51
CA GLU B 748 14.11 18.28 7.08
C GLU B 748 13.13 17.16 6.81
N CYS B 749 13.33 16.00 7.45
CA CYS B 749 12.39 14.90 7.33
C CYS B 749 11.01 15.31 7.82
N SER B 750 10.97 16.02 8.96
CA SER B 750 9.69 16.50 9.48
C SER B 750 9.03 17.42 8.49
N ASN B 751 9.81 18.29 7.85
CA ASN B 751 9.23 19.24 6.90
C ASN B 751 8.63 18.51 5.70
N LEU B 752 9.36 17.54 5.14
CA LEU B 752 8.80 16.81 4.01
C LEU B 752 7.61 15.96 4.43
N LEU B 753 7.59 15.52 5.69
CA LEU B 753 6.42 14.79 6.18
C LEU B 753 5.21 15.72 6.28
N LEU B 754 5.45 16.98 6.66
CA LEU B 754 4.34 17.92 6.83
C LEU B 754 3.58 18.13 5.52
N GLN B 755 4.32 18.27 4.41
CA GLN B 755 3.65 18.39 3.12
C GLN B 755 3.07 17.08 2.64
N TYR B 756 3.44 15.96 3.26
CA TYR B 756 2.93 14.67 2.82
C TYR B 756 1.46 14.48 3.19
N GLY B 757 0.94 15.23 4.15
CA GLY B 757 -0.46 15.19 4.46
C GLY B 757 -0.69 14.92 5.92
N SER B 758 -1.95 14.63 6.25
CA SER B 758 -2.39 14.38 7.61
C SER B 758 -2.56 12.89 7.88
N PHE B 759 -1.68 12.06 7.34
CA PHE B 759 -1.77 10.63 7.57
C PHE B 759 -1.57 10.29 9.03
N CYS B 760 -0.72 11.04 9.73
CA CYS B 760 -0.42 10.71 11.12
C CYS B 760 -1.63 10.91 12.01
N THR B 761 -2.47 11.91 11.71
CA THR B 761 -3.71 12.03 12.45
C THR B 761 -4.56 10.79 12.25
N GLN B 762 -4.64 10.28 11.02
CA GLN B 762 -5.38 9.06 10.76
C GLN B 762 -4.82 7.89 11.58
N LEU B 763 -3.51 7.72 11.55
CA LEU B 763 -2.91 6.57 12.24
C LEU B 763 -3.12 6.67 13.75
N LYS B 764 -2.84 7.84 14.32
CA LYS B 764 -3.01 8.00 15.76
C LYS B 764 -4.48 7.84 16.16
N ARG B 765 -5.40 8.36 15.36
CA ARG B 765 -6.81 8.21 15.68
C ARG B 765 -7.24 6.75 15.63
N ALA B 766 -6.76 6.00 14.63
CA ALA B 766 -7.07 4.58 14.56
C ALA B 766 -6.53 3.83 15.77
N LEU B 767 -5.29 4.15 16.16
CA LEU B 767 -4.70 3.44 17.28
C LEU B 767 -5.39 3.80 18.60
N THR B 768 -5.79 5.06 18.78
CA THR B 768 -6.55 5.40 19.97
C THR B 768 -7.91 4.72 19.97
N GLY B 769 -8.54 4.59 18.81
CA GLY B 769 -9.76 3.81 18.74
C GLY B 769 -9.53 2.37 19.17
N ILE B 770 -8.41 1.79 18.76
CA ILE B 770 -8.07 0.42 19.18
C ILE B 770 -7.88 0.36 20.69
N ALA B 771 -7.19 1.34 21.25
CA ALA B 771 -6.95 1.34 22.69
C ALA B 771 -8.25 1.42 23.47
N VAL B 772 -9.12 2.35 23.09
CA VAL B 772 -10.42 2.48 23.74
C VAL B 772 -11.21 1.19 23.58
N GLU B 773 -11.11 0.56 22.41
CA GLU B 773 -11.85 -0.67 22.18
C GLU B 773 -11.36 -1.79 23.10
N GLN B 774 -10.04 -1.87 23.31
CA GLN B 774 -9.50 -2.89 24.21
C GLN B 774 -10.02 -2.67 25.63
N ASP B 775 -9.97 -1.43 26.11
CA ASP B 775 -10.47 -1.16 27.45
C ASP B 775 -11.95 -1.50 27.56
N LYS B 776 -12.73 -1.13 26.53
CA LYS B 776 -14.15 -1.43 26.53
C LYS B 776 -14.41 -2.92 26.52
N ASN B 777 -13.60 -3.68 25.78
CA ASN B 777 -13.78 -5.12 25.72
C ASN B 777 -13.57 -5.74 27.10
N THR B 778 -12.49 -5.36 27.77
CA THR B 778 -12.26 -5.91 29.10
C THR B 778 -13.38 -5.52 30.07
N GLN B 779 -13.82 -4.26 30.01
CA GLN B 779 -14.88 -3.82 30.90
C GLN B 779 -16.18 -4.56 30.63
N GLU B 780 -16.52 -4.75 29.35
CA GLU B 780 -17.73 -5.49 29.02
C GLU B 780 -17.66 -6.93 29.50
N VAL B 781 -16.52 -7.59 29.30
CA VAL B 781 -16.42 -8.99 29.67
C VAL B 781 -16.52 -9.16 31.18
N PHE B 782 -15.81 -8.33 31.94
CA PHE B 782 -15.67 -8.60 33.36
C PHE B 782 -16.61 -7.77 34.24
N ALA B 783 -16.76 -6.48 33.97
CA ALA B 783 -17.58 -5.62 34.82
C ALA B 783 -19.06 -5.88 34.52
N GLN B 784 -19.52 -7.05 34.97
CA GLN B 784 -20.90 -7.47 34.80
C GLN B 784 -21.72 -7.37 36.08
N VAL B 785 -21.11 -6.99 37.19
CA VAL B 785 -21.81 -6.91 38.46
C VAL B 785 -21.61 -5.52 39.05
N LYS B 786 -22.71 -4.95 39.55
CA LYS B 786 -22.65 -3.63 40.16
C LYS B 786 -21.96 -3.66 41.52
N GLN B 787 -21.88 -4.81 42.17
CA GLN B 787 -21.33 -4.92 43.50
C GLN B 787 -20.22 -5.97 43.53
N ILE B 788 -19.39 -5.87 44.55
CA ILE B 788 -18.31 -6.82 44.77
C ILE B 788 -18.75 -7.75 45.90
N TYR B 789 -19.19 -8.95 45.54
CA TYR B 789 -19.67 -9.90 46.54
C TYR B 789 -18.50 -10.56 47.24
N LYS B 790 -18.68 -10.84 48.53
CA LYS B 790 -17.64 -11.41 49.36
C LYS B 790 -18.01 -12.83 49.76
N THR B 791 -17.06 -13.74 49.59
CA THR B 791 -17.27 -15.11 50.04
C THR B 791 -17.35 -15.14 51.57
N PRO B 792 -18.25 -15.93 52.14
CA PRO B 792 -18.26 -16.09 53.58
C PRO B 792 -16.97 -16.71 54.06
N PRO B 793 -16.55 -16.42 55.29
CA PRO B 793 -15.27 -16.95 55.78
C PRO B 793 -15.20 -18.47 55.79
N ILE B 794 -16.32 -19.14 56.08
CA ILE B 794 -16.36 -20.59 56.09
C ILE B 794 -16.69 -21.09 54.69
N LYS B 795 -15.86 -21.98 54.18
CA LYS B 795 -16.12 -22.50 52.83
C LYS B 795 -16.82 -23.85 52.93
N TYR B 796 -17.91 -23.95 53.71
CA TYR B 796 -18.67 -25.21 53.70
C TYR B 796 -19.84 -25.08 52.73
N PHE B 797 -19.54 -25.30 51.45
CA PHE B 797 -20.61 -25.22 50.42
C PHE B 797 -21.11 -26.63 50.18
N GLY B 798 -21.56 -27.31 51.22
CA GLY B 798 -22.16 -28.63 51.03
C GLY B 798 -21.20 -29.65 50.49
N GLY B 799 -19.95 -29.62 50.92
CA GLY B 799 -18.98 -30.61 50.52
C GLY B 799 -18.26 -30.33 49.22
N PHE B 800 -18.55 -29.22 48.56
CA PHE B 800 -17.90 -28.90 47.29
C PHE B 800 -16.60 -28.15 47.56
N ASN B 801 -15.54 -28.55 46.85
CA ASN B 801 -14.22 -27.91 47.12
C ASN B 801 -13.96 -26.82 46.10
N PHE B 802 -14.12 -25.58 46.52
CA PHE B 802 -13.94 -24.41 45.68
C PHE B 802 -12.60 -23.73 45.90
N SER B 803 -11.72 -24.35 46.69
CA SER B 803 -10.43 -23.71 47.00
C SER B 803 -9.60 -23.50 45.74
N GLN B 804 -9.74 -24.38 44.76
CA GLN B 804 -8.93 -24.28 43.56
C GLN B 804 -9.25 -23.02 42.76
N ILE B 805 -10.50 -22.57 42.79
CA ILE B 805 -10.91 -21.39 42.04
C ILE B 805 -11.15 -20.18 42.92
N LEU B 806 -11.28 -20.35 44.22
CA LEU B 806 -11.43 -19.21 45.10
C LEU B 806 -10.10 -18.49 45.27
N PRO B 807 -10.13 -17.20 45.60
CA PRO B 807 -8.87 -16.48 45.83
C PRO B 807 -8.11 -17.07 47.00
N ASP B 808 -6.79 -17.01 46.90
CA ASP B 808 -5.94 -17.55 47.94
C ASP B 808 -5.41 -16.41 48.81
N PRO B 809 -5.88 -16.27 50.04
CA PRO B 809 -5.35 -15.19 50.90
C PRO B 809 -3.87 -15.32 51.18
N SER B 810 -3.35 -16.55 51.29
CA SER B 810 -1.93 -16.73 51.57
C SER B 810 -1.05 -16.21 50.43
N LYS B 811 -1.53 -16.31 49.20
CA LYS B 811 -0.78 -15.77 48.07
C LYS B 811 -0.69 -14.26 48.21
N PRO B 812 0.48 -13.66 47.90
CA PRO B 812 0.59 -12.20 47.94
C PRO B 812 -0.43 -11.54 47.02
N SER B 813 -0.41 -11.92 45.74
CA SER B 813 -1.46 -11.48 44.82
C SER B 813 -2.72 -12.28 45.07
N LYS B 814 -3.83 -11.58 45.24
CA LYS B 814 -5.08 -12.25 45.57
C LYS B 814 -5.66 -12.95 44.36
N ARG B 815 -5.04 -14.06 43.96
CA ARG B 815 -5.45 -14.81 42.79
C ARG B 815 -5.62 -16.27 43.16
N SER B 816 -6.56 -16.93 42.48
CA SER B 816 -6.81 -18.33 42.71
C SER B 816 -5.60 -19.15 42.27
N PRO B 817 -5.45 -20.36 42.80
CA PRO B 817 -4.36 -21.22 42.29
C PRO B 817 -4.44 -21.45 40.80
N ILE B 818 -5.66 -21.58 40.25
CA ILE B 818 -5.82 -21.72 38.82
C ILE B 818 -5.36 -20.45 38.10
N GLU B 819 -5.73 -19.28 38.63
CA GLU B 819 -5.31 -18.03 38.00
C GLU B 819 -3.80 -17.88 38.03
N ASP B 820 -3.16 -18.24 39.14
CA ASP B 820 -1.72 -18.17 39.22
C ASP B 820 -1.06 -19.14 38.25
N LEU B 821 -1.62 -20.34 38.12
CA LEU B 821 -1.09 -21.29 37.15
C LEU B 821 -1.22 -20.75 35.73
N LEU B 822 -2.34 -20.11 35.43
CA LEU B 822 -2.51 -19.50 34.11
C LEU B 822 -1.48 -18.40 33.88
N PHE B 823 -1.25 -17.55 34.88
CA PHE B 823 -0.29 -16.48 34.72
C PHE B 823 1.11 -17.03 34.50
N ASN B 824 1.49 -18.06 35.24
CA ASN B 824 2.80 -18.66 35.05
C ASN B 824 2.92 -19.32 33.68
N LYS B 825 1.85 -19.99 33.23
CA LYS B 825 1.92 -20.70 31.96
C LYS B 825 1.86 -19.79 30.76
N VAL B 826 1.49 -18.53 30.93
CA VAL B 826 1.46 -17.56 29.85
C VAL B 826 2.58 -16.57 30.09
N THR B 827 3.56 -16.55 29.21
CA THR B 827 4.74 -15.70 29.34
C THR B 827 4.79 -14.71 28.17
N LEU B 828 5.20 -13.48 28.47
CA LEU B 828 5.30 -12.45 27.44
C LEU B 828 6.46 -12.73 26.49
N LEU B 849 12.91 -6.51 22.11
CA LEU B 849 12.65 -7.25 23.33
C LEU B 849 11.55 -6.58 24.15
N ILE B 850 10.81 -7.41 24.91
CA ILE B 850 9.70 -6.88 25.70
C ILE B 850 10.18 -6.08 26.90
N CYS B 851 11.41 -6.28 27.35
CA CYS B 851 11.90 -5.56 28.52
C CYS B 851 11.99 -4.06 28.26
N ALA B 852 12.49 -3.68 27.09
CA ALA B 852 12.56 -2.27 26.67
C ALA B 852 11.56 -2.09 25.53
N GLN B 853 10.34 -1.72 25.89
CA GLN B 853 9.26 -1.59 24.91
C GLN B 853 9.21 -0.23 24.24
N LYS B 854 10.00 0.74 24.70
CA LYS B 854 9.95 2.08 24.13
C LYS B 854 10.37 2.05 22.66
N PHE B 855 11.44 1.32 22.34
CA PHE B 855 11.93 1.20 20.98
C PHE B 855 12.16 2.56 20.34
N ASN B 856 11.43 2.86 19.26
CA ASN B 856 11.54 4.13 18.55
C ASN B 856 10.13 4.67 18.33
N GLY B 857 9.66 5.48 19.28
CA GLY B 857 8.32 6.02 19.19
C GLY B 857 7.25 4.95 19.23
N LEU B 858 7.48 3.86 19.94
CA LEU B 858 6.58 2.72 20.00
C LEU B 858 6.12 2.57 21.44
N THR B 859 5.06 3.28 21.80
CA THR B 859 4.54 3.25 23.15
C THR B 859 3.55 2.10 23.31
N VAL B 860 3.65 1.41 24.44
CA VAL B 860 2.73 0.33 24.80
C VAL B 860 1.92 0.81 25.99
N LEU B 861 0.67 1.19 25.75
CA LEU B 861 -0.15 1.74 26.82
C LEU B 861 -0.56 0.64 27.78
N PRO B 862 -0.63 0.91 29.07
CA PRO B 862 -1.05 -0.10 30.03
C PRO B 862 -2.56 -0.24 30.05
N PRO B 863 -3.08 -1.43 30.32
CA PRO B 863 -4.53 -1.60 30.38
C PRO B 863 -5.13 -0.79 31.51
N LEU B 864 -6.35 -0.30 31.29
CA LEU B 864 -7.00 0.49 32.32
C LEU B 864 -7.29 -0.34 33.56
N LEU B 865 -7.75 -1.57 33.39
CA LEU B 865 -7.99 -2.48 34.49
C LEU B 865 -6.78 -3.38 34.66
N THR B 866 -6.01 -3.16 35.72
CA THR B 866 -4.87 -4.02 35.96
C THR B 866 -5.34 -5.41 36.41
N ASP B 867 -4.40 -6.34 36.43
CA ASP B 867 -4.74 -7.72 36.76
C ASP B 867 -5.38 -7.83 38.14
N GLU B 868 -5.04 -6.94 39.05
CA GLU B 868 -5.57 -7.05 40.42
C GLU B 868 -7.07 -6.78 40.46
N MET B 869 -7.52 -5.69 39.81
CA MET B 869 -8.95 -5.44 39.84
C MET B 869 -9.73 -6.38 38.93
N ILE B 870 -9.09 -6.90 37.88
CA ILE B 870 -9.75 -7.95 37.10
C ILE B 870 -9.96 -9.18 37.96
N ALA B 871 -8.94 -9.57 38.73
CA ALA B 871 -9.09 -10.71 39.62
C ALA B 871 -10.12 -10.44 40.70
N GLN B 872 -10.21 -9.19 41.15
CA GLN B 872 -11.25 -8.84 42.11
C GLN B 872 -12.64 -8.99 41.51
N TYR B 873 -12.80 -8.58 40.25
CA TYR B 873 -14.06 -8.78 39.56
C TYR B 873 -14.39 -10.26 39.43
N THR B 874 -13.41 -11.07 39.06
CA THR B 874 -13.63 -12.50 38.93
C THR B 874 -13.99 -13.13 40.26
N SER B 875 -13.33 -12.72 41.34
CA SER B 875 -13.66 -13.24 42.66
C SER B 875 -15.06 -12.83 43.09
N ALA B 876 -15.44 -11.59 42.81
CA ALA B 876 -16.80 -11.16 43.14
C ALA B 876 -17.83 -11.97 42.36
N LEU B 877 -17.55 -12.23 41.08
CA LEU B 877 -18.45 -13.04 40.28
C LEU B 877 -18.53 -14.47 40.82
N LEU B 878 -17.39 -15.02 41.23
CA LEU B 878 -17.38 -16.35 41.82
C LEU B 878 -18.23 -16.40 43.09
N ALA B 879 -18.06 -15.41 43.96
CA ALA B 879 -18.82 -15.40 45.20
C ALA B 879 -20.31 -15.24 44.91
N GLY B 880 -20.65 -14.39 43.94
CA GLY B 880 -22.04 -14.24 43.57
C GLY B 880 -22.65 -15.54 43.07
N THR B 881 -21.92 -16.24 42.19
CA THR B 881 -22.43 -17.51 41.67
C THR B 881 -22.58 -18.54 42.79
N ILE B 882 -21.60 -18.61 43.69
CA ILE B 882 -21.61 -19.64 44.71
C ILE B 882 -22.72 -19.40 45.73
N THR B 883 -22.83 -18.17 46.23
CA THR B 883 -23.75 -17.89 47.32
C THR B 883 -25.10 -17.39 46.87
N SER B 884 -25.31 -17.18 45.57
CA SER B 884 -26.60 -16.68 45.11
C SER B 884 -27.08 -17.29 43.80
N GLY B 885 -26.34 -18.24 43.24
CA GLY B 885 -26.77 -18.88 42.00
C GLY B 885 -26.90 -17.88 40.87
N TRP B 886 -28.06 -17.89 40.21
CA TRP B 886 -28.35 -16.97 39.13
C TRP B 886 -29.05 -15.70 39.61
N THR B 887 -29.44 -15.63 40.88
CA THR B 887 -30.25 -14.51 41.35
C THR B 887 -29.50 -13.19 41.26
N PHE B 888 -28.20 -13.20 41.59
CA PHE B 888 -27.45 -11.95 41.58
C PHE B 888 -27.27 -11.40 40.17
N GLY B 889 -27.41 -12.23 39.15
CA GLY B 889 -27.27 -11.74 37.79
C GLY B 889 -28.50 -11.07 37.23
N ALA B 890 -29.61 -11.08 37.97
CA ALA B 890 -30.86 -10.52 37.48
C ALA B 890 -31.54 -9.72 38.57
N GLY B 891 -30.76 -8.99 39.36
CA GLY B 891 -31.30 -8.20 40.44
C GLY B 891 -30.50 -8.38 41.70
N PRO B 892 -31.15 -8.22 42.84
CA PRO B 892 -30.45 -8.41 44.11
C PRO B 892 -30.04 -9.86 44.31
N ALA B 893 -28.93 -10.04 45.01
CA ALA B 893 -28.44 -11.37 45.30
C ALA B 893 -29.21 -11.96 46.46
N LEU B 894 -29.88 -13.08 46.24
CA LEU B 894 -30.61 -13.79 47.27
C LEU B 894 -29.83 -15.04 47.64
N GLN B 895 -29.42 -15.13 48.90
CA GLN B 895 -28.63 -16.26 49.33
C GLN B 895 -29.45 -17.53 49.25
N ILE B 896 -28.81 -18.62 48.81
CA ILE B 896 -29.50 -19.94 48.65
C ILE B 896 -28.49 -21.03 48.95
N PRO B 897 -28.76 -21.97 49.88
CA PRO B 897 -27.76 -22.95 50.24
C PRO B 897 -27.23 -23.62 48.98
N PHE B 898 -25.91 -23.79 48.86
CA PHE B 898 -25.36 -24.35 47.59
C PHE B 898 -26.09 -25.62 47.19
N PRO B 899 -26.05 -26.73 47.93
CA PRO B 899 -26.71 -27.94 47.43
C PRO B 899 -28.08 -27.67 46.87
N MET B 900 -28.83 -26.75 47.47
CA MET B 900 -30.16 -26.44 46.97
C MET B 900 -30.07 -25.78 45.59
N GLN B 901 -29.12 -24.87 45.41
CA GLN B 901 -28.93 -24.28 44.09
C GLN B 901 -28.53 -25.33 43.07
N MET B 902 -27.68 -26.27 43.48
CA MET B 902 -27.31 -27.35 42.57
C MET B 902 -28.54 -28.18 42.18
N ALA B 903 -29.43 -28.44 43.13
CA ALA B 903 -30.66 -29.15 42.81
C ALA B 903 -31.51 -28.35 41.84
N TYR B 904 -31.53 -27.03 42.02
CA TYR B 904 -32.27 -26.18 41.09
C TYR B 904 -31.71 -26.29 39.68
N ARG B 905 -30.40 -26.28 39.56
CA ARG B 905 -29.78 -26.40 38.25
C ARG B 905 -30.00 -27.79 37.66
N PHE B 906 -30.03 -28.81 38.51
CA PHE B 906 -30.40 -30.15 38.05
C PHE B 906 -31.81 -30.16 37.50
N ASN B 907 -32.73 -29.46 38.17
CA ASN B 907 -34.10 -29.36 37.69
C ASN B 907 -34.16 -28.72 36.32
N GLY B 908 -33.19 -27.87 35.99
CA GLY B 908 -33.19 -27.19 34.71
C GLY B 908 -32.77 -28.04 33.54
N ILE B 909 -32.09 -29.16 33.77
CA ILE B 909 -31.61 -30.02 32.70
C ILE B 909 -32.45 -31.27 32.54
N GLY B 910 -33.43 -31.49 33.41
CA GLY B 910 -34.31 -32.64 33.24
C GLY B 910 -34.36 -33.54 34.44
N VAL B 911 -33.21 -33.77 35.09
CA VAL B 911 -33.19 -34.64 36.26
C VAL B 911 -33.94 -33.97 37.39
N THR B 912 -34.72 -34.77 38.12
CA THR B 912 -35.54 -34.23 39.19
C THR B 912 -34.68 -33.78 40.36
N GLN B 913 -35.35 -33.14 41.32
CA GLN B 913 -34.64 -32.55 42.46
C GLN B 913 -33.92 -33.63 43.27
N ASN B 914 -34.59 -34.75 43.53
CA ASN B 914 -34.07 -35.74 44.46
C ASN B 914 -32.87 -36.50 43.91
N VAL B 915 -32.56 -36.37 42.62
CA VAL B 915 -31.40 -37.07 42.08
C VAL B 915 -30.13 -36.57 42.75
N LEU B 916 -30.01 -35.27 42.93
CA LEU B 916 -28.81 -34.71 43.57
C LEU B 916 -28.76 -35.07 45.04
N TYR B 917 -29.86 -34.86 45.76
CA TYR B 917 -29.84 -35.00 47.21
C TYR B 917 -29.46 -36.41 47.63
N GLU B 918 -30.02 -37.41 46.94
CA GLU B 918 -29.66 -38.78 47.24
C GLU B 918 -28.26 -39.13 46.76
N ASN B 919 -27.63 -38.27 45.97
CA ASN B 919 -26.28 -38.52 45.47
C ASN B 919 -25.34 -37.37 45.80
N GLN B 920 -25.63 -36.62 46.87
CA GLN B 920 -24.88 -35.40 47.13
C GLN B 920 -23.41 -35.68 47.36
N LYS B 921 -23.09 -36.71 48.16
CA LYS B 921 -21.68 -37.02 48.41
C LYS B 921 -20.99 -37.46 47.13
N LEU B 922 -21.65 -38.29 46.32
CA LEU B 922 -21.06 -38.74 45.07
C LEU B 922 -20.80 -37.57 44.13
N ILE B 923 -21.78 -36.69 43.98
CA ILE B 923 -21.62 -35.55 43.08
C ILE B 923 -20.54 -34.62 43.59
N ALA B 924 -20.48 -34.40 44.89
CA ALA B 924 -19.44 -33.55 45.45
C ALA B 924 -18.06 -34.13 45.19
N ASN B 925 -17.91 -35.44 45.38
CA ASN B 925 -16.64 -36.07 45.10
C ASN B 925 -16.28 -35.96 43.62
N GLN B 926 -17.26 -36.16 42.74
CA GLN B 926 -17.00 -36.06 41.31
C GLN B 926 -16.56 -34.65 40.94
N PHE B 927 -17.25 -33.64 41.47
CA PHE B 927 -16.91 -32.25 41.18
C PHE B 927 -15.52 -31.91 41.69
N ASN B 928 -15.21 -32.33 42.90
CA ASN B 928 -13.90 -31.97 43.49
C ASN B 928 -12.79 -32.71 42.73
N SER B 929 -13.02 -33.94 42.31
CA SER B 929 -12.02 -34.65 41.53
C SER B 929 -11.81 -33.98 40.17
N ALA B 930 -12.89 -33.57 39.51
CA ALA B 930 -12.75 -32.93 38.21
C ALA B 930 -12.01 -31.60 38.32
N ILE B 931 -12.35 -30.80 39.33
CA ILE B 931 -11.69 -29.51 39.47
C ILE B 931 -10.24 -29.71 39.89
N GLY B 932 -9.93 -30.82 40.55
CA GLY B 932 -8.53 -31.15 40.79
C GLY B 932 -7.81 -31.52 39.51
N LYS B 933 -8.48 -32.28 38.65
CA LYS B 933 -7.83 -32.74 37.41
C LYS B 933 -7.63 -31.62 36.42
N ILE B 934 -8.44 -30.56 36.47
CA ILE B 934 -8.31 -29.51 35.46
C ILE B 934 -6.97 -28.80 35.56
N GLN B 935 -6.45 -28.62 36.77
CA GLN B 935 -5.16 -27.96 36.93
C GLN B 935 -4.05 -28.79 36.28
N ASP B 936 -4.04 -30.09 36.54
CA ASP B 936 -3.04 -30.96 35.91
C ASP B 936 -3.26 -31.04 34.41
N SER B 937 -4.51 -30.91 33.96
CA SER B 937 -4.76 -30.87 32.52
C SER B 937 -4.13 -29.66 31.88
N LEU B 938 -4.26 -28.50 32.53
CA LEU B 938 -3.62 -27.30 31.99
C LEU B 938 -2.10 -27.41 32.05
N SER B 939 -1.55 -27.94 33.15
CA SER B 939 -0.11 -28.03 33.28
C SER B 939 0.49 -29.01 32.28
N SER B 940 -0.12 -30.18 32.14
CA SER B 940 0.47 -31.25 31.33
C SER B 940 0.60 -30.83 29.87
N THR B 941 -0.41 -30.15 29.34
CA THR B 941 -0.36 -29.72 27.95
C THR B 941 -0.04 -28.24 27.91
N PRO B 942 1.20 -27.86 27.53
CA PRO B 942 1.51 -26.43 27.42
C PRO B 942 0.76 -25.73 26.31
N SER B 943 0.23 -26.46 25.34
CA SER B 943 -0.48 -25.88 24.21
C SER B 943 -1.95 -25.65 24.49
N ALA B 944 -2.41 -25.97 25.71
CA ALA B 944 -3.81 -25.73 26.03
C ALA B 944 -4.16 -24.25 25.96
N LEU B 945 -3.30 -23.40 26.51
CA LEU B 945 -3.49 -21.96 26.43
C LEU B 945 -2.96 -21.43 25.11
N GLY B 946 -3.41 -22.01 24.01
CA GLY B 946 -2.91 -21.61 22.71
C GLY B 946 -3.31 -20.20 22.33
N LYS B 947 -4.57 -19.85 22.54
CA LYS B 947 -5.11 -18.63 21.96
C LYS B 947 -4.46 -17.38 22.55
N LEU B 948 -4.33 -17.33 23.88
CA LEU B 948 -3.72 -16.17 24.51
C LEU B 948 -2.26 -16.03 24.11
N GLN B 949 -1.54 -17.14 24.06
CA GLN B 949 -0.14 -17.10 23.66
C GLN B 949 0.00 -16.62 22.22
N ASP B 950 -0.88 -17.08 21.34
CA ASP B 950 -0.86 -16.60 19.96
C ASP B 950 -1.17 -15.12 19.89
N VAL B 951 -2.10 -14.63 20.70
CA VAL B 951 -2.42 -13.21 20.67
C VAL B 951 -1.20 -12.38 21.05
N VAL B 952 -0.57 -12.73 22.18
CA VAL B 952 0.56 -11.92 22.64
C VAL B 952 1.73 -12.06 21.69
N ASN B 953 1.97 -13.26 21.16
CA ASN B 953 3.07 -13.46 20.23
C ASN B 953 2.83 -12.71 18.93
N HIS B 954 1.59 -12.70 18.44
CA HIS B 954 1.29 -11.96 17.23
C HIS B 954 1.54 -10.47 17.43
N ASN B 955 1.10 -9.92 18.57
CA ASN B 955 1.35 -8.52 18.83
C ASN B 955 2.84 -8.23 18.90
N ALA B 956 3.58 -9.05 19.65
CA ALA B 956 5.01 -8.81 19.81
C ALA B 956 5.75 -8.93 18.49
N GLN B 957 5.41 -9.92 17.68
CA GLN B 957 6.09 -10.09 16.40
C GLN B 957 5.72 -8.99 15.42
N ALA B 958 4.48 -8.49 15.46
CA ALA B 958 4.14 -7.36 14.61
C ALA B 958 4.94 -6.13 15.01
N LEU B 959 5.06 -5.89 16.32
CA LEU B 959 5.87 -4.76 16.77
C LEU B 959 7.33 -4.92 16.36
N ASN B 960 7.86 -6.14 16.48
CA ASN B 960 9.25 -6.36 16.08
C ASN B 960 9.44 -6.19 14.59
N THR B 961 8.48 -6.64 13.78
CA THR B 961 8.57 -6.44 12.34
C THR B 961 8.57 -4.96 12.01
N LEU B 962 7.70 -4.19 12.67
CA LEU B 962 7.61 -2.76 12.36
C LEU B 962 8.92 -2.06 12.65
N VAL B 963 9.52 -2.30 13.81
CA VAL B 963 10.79 -1.65 14.11
C VAL B 963 11.90 -2.19 13.22
N LYS B 964 11.84 -3.47 12.85
CA LYS B 964 12.83 -4.02 11.94
C LYS B 964 12.75 -3.40 10.55
N GLN B 965 11.66 -2.72 10.23
CA GLN B 965 11.55 -2.06 8.94
C GLN B 965 12.49 -0.88 8.81
N LEU B 966 13.08 -0.41 9.90
CA LEU B 966 13.97 0.74 9.85
C LEU B 966 15.27 0.44 9.10
N SER B 967 15.67 -0.82 9.03
CA SER B 967 16.86 -1.17 8.25
C SER B 967 16.59 -1.28 6.76
N SER B 968 15.32 -1.31 6.35
CA SER B 968 15.02 -1.41 4.94
C SER B 968 15.41 -0.12 4.23
N LYS B 969 16.19 -0.25 3.15
CA LYS B 969 16.62 0.93 2.41
C LYS B 969 15.50 1.52 1.56
N PHE B 970 14.52 0.72 1.17
CA PHE B 970 13.41 1.18 0.33
C PHE B 970 13.94 1.84 -0.95
N GLY B 971 15.00 1.26 -1.50
CA GLY B 971 15.62 1.83 -2.68
C GLY B 971 16.33 3.14 -2.43
N ALA B 972 16.99 3.29 -1.29
CA ALA B 972 17.78 4.46 -0.99
C ALA B 972 19.23 4.03 -0.73
N ILE B 973 20.11 5.04 -0.65
CA ILE B 973 21.52 4.75 -0.46
C ILE B 973 21.77 4.09 0.89
N SER B 974 21.15 4.62 1.95
CA SER B 974 21.33 4.09 3.28
C SER B 974 20.00 4.11 4.01
N SER B 975 19.89 3.26 5.02
CA SER B 975 18.68 3.16 5.83
C SER B 975 18.66 4.15 6.99
N VAL B 976 19.76 4.86 7.23
CA VAL B 976 19.86 5.83 8.31
C VAL B 976 19.80 7.23 7.70
N LEU B 977 19.00 8.10 8.31
CA LEU B 977 18.74 9.41 7.72
C LEU B 977 20.00 10.27 7.71
N ASN B 978 20.81 10.17 8.76
CA ASN B 978 21.99 11.03 8.88
C ASN B 978 22.98 10.78 7.74
N ASP B 979 23.16 9.51 7.36
CA ASP B 979 24.09 9.21 6.28
C ASP B 979 23.62 9.81 4.96
N ILE B 980 22.32 9.73 4.67
CA ILE B 980 21.80 10.35 3.47
C ILE B 980 21.98 11.86 3.53
N LEU B 981 21.73 12.45 4.70
CA LEU B 981 21.85 13.90 4.85
C LEU B 981 23.29 14.35 4.63
N SER B 982 24.25 13.58 5.13
CA SER B 982 25.64 13.99 5.05
C SER B 982 26.24 13.70 3.68
N ARG B 983 26.09 12.47 3.20
CA ARG B 983 26.74 12.07 1.95
C ARG B 983 26.21 12.84 0.76
N LEU B 984 24.95 13.27 0.80
CA LEU B 984 24.32 13.93 -0.32
C LEU B 984 23.96 15.37 0.05
N ASP B 985 23.98 16.23 -0.96
CA ASP B 985 23.61 17.62 -0.75
C ASP B 985 22.10 17.74 -0.55
N PRO B 986 21.65 18.70 0.26
CA PRO B 986 20.22 18.82 0.56
C PRO B 986 19.34 18.99 -0.67
N PRO B 987 19.77 19.73 -1.73
CA PRO B 987 18.89 19.83 -2.90
C PRO B 987 18.92 18.62 -3.80
N GLU B 988 19.56 17.54 -3.36
CA GLU B 988 19.52 16.27 -4.08
C GLU B 988 19.07 15.10 -3.23
N ALA B 989 19.39 15.10 -1.93
CA ALA B 989 19.04 13.99 -1.06
C ALA B 989 17.54 13.88 -0.78
N GLU B 990 16.75 14.88 -1.18
CA GLU B 990 15.32 14.85 -0.86
C GLU B 990 14.63 13.65 -1.50
N VAL B 991 15.01 13.32 -2.74
CA VAL B 991 14.37 12.20 -3.41
C VAL B 991 14.69 10.89 -2.71
N GLN B 992 15.93 10.73 -2.22
CA GLN B 992 16.24 9.58 -1.39
C GLN B 992 15.45 9.62 -0.09
N ILE B 993 15.42 10.78 0.56
CA ILE B 993 14.66 10.91 1.79
C ILE B 993 13.18 10.68 1.53
N ASP B 994 12.67 11.20 0.42
CA ASP B 994 11.25 11.01 0.12
C ASP B 994 10.93 9.55 -0.15
N ARG B 995 11.81 8.84 -0.84
CA ARG B 995 11.56 7.42 -1.09
C ARG B 995 11.56 6.63 0.22
N LEU B 996 12.55 6.89 1.07
CA LEU B 996 12.59 6.24 2.37
C LEU B 996 11.35 6.60 3.20
N ILE B 997 10.89 7.84 3.07
CA ILE B 997 9.70 8.28 3.79
C ILE B 997 8.49 7.51 3.32
N THR B 998 8.34 7.35 2.00
CA THR B 998 7.23 6.59 1.46
C THR B 998 7.25 5.17 2.01
N GLY B 999 8.42 4.53 1.99
CA GLY B 999 8.51 3.17 2.48
C GLY B 999 8.15 3.07 3.95
N ARG B 1000 8.72 3.94 4.78
CA ARG B 1000 8.48 3.87 6.21
C ARG B 1000 7.01 4.15 6.53
N LEU B 1001 6.44 5.18 5.91
CA LEU B 1001 5.06 5.53 6.17
C LEU B 1001 4.12 4.43 5.72
N GLN B 1002 4.38 3.82 4.57
CA GLN B 1002 3.50 2.77 4.10
C GLN B 1002 3.61 1.56 5.01
N SER B 1003 4.82 1.26 5.51
CA SER B 1003 4.96 0.17 6.45
C SER B 1003 4.16 0.42 7.72
N LEU B 1004 4.22 1.64 8.23
CA LEU B 1004 3.44 2.00 9.40
C LEU B 1004 1.95 1.84 9.12
N GLN B 1005 1.50 2.27 7.94
CA GLN B 1005 0.09 2.15 7.58
C GLN B 1005 -0.33 0.69 7.49
N THR B 1006 0.52 -0.15 6.91
CA THR B 1006 0.21 -1.57 6.83
C THR B 1006 0.07 -2.18 8.22
N TYR B 1007 0.99 -1.82 9.12
CA TYR B 1007 0.89 -2.32 10.48
C TYR B 1007 -0.41 -1.87 11.13
N VAL B 1008 -0.79 -0.62 10.90
CA VAL B 1008 -2.03 -0.11 11.50
C VAL B 1008 -3.23 -0.87 10.98
N THR B 1009 -3.28 -1.12 9.68
CA THR B 1009 -4.41 -1.86 9.12
C THR B 1009 -4.48 -3.28 9.65
N GLN B 1010 -3.32 -3.95 9.73
CA GLN B 1010 -3.31 -5.30 10.29
C GLN B 1010 -3.77 -5.28 11.74
N GLN B 1011 -3.34 -4.28 12.51
CA GLN B 1011 -3.79 -4.15 13.89
C GLN B 1011 -5.29 -3.93 13.95
N LEU B 1012 -5.83 -3.14 13.02
CA LEU B 1012 -7.27 -2.92 12.99
C LEU B 1012 -8.02 -4.22 12.77
N ILE B 1013 -7.55 -5.03 11.82
CA ILE B 1013 -8.22 -6.30 11.54
C ILE B 1013 -8.12 -7.24 12.74
N ARG B 1014 -6.92 -7.34 13.33
CA ARG B 1014 -6.75 -8.22 14.48
C ARG B 1014 -7.58 -7.76 15.65
N ALA B 1015 -7.70 -6.44 15.84
CA ALA B 1015 -8.53 -5.92 16.91
C ALA B 1015 -10.00 -6.18 16.65
N ALA B 1016 -10.43 -6.15 15.39
CA ALA B 1016 -11.80 -6.54 15.08
C ALA B 1016 -12.06 -8.00 15.45
N GLU B 1017 -11.11 -8.87 15.11
CA GLU B 1017 -11.25 -10.28 15.50
C GLU B 1017 -11.29 -10.42 17.02
N ILE B 1018 -10.43 -9.70 17.72
CA ILE B 1018 -10.41 -9.78 19.17
C ILE B 1018 -11.69 -9.24 19.76
N ARG B 1019 -12.27 -8.20 19.14
CA ARG B 1019 -13.54 -7.69 19.61
C ARG B 1019 -14.65 -8.71 19.44
N ALA B 1020 -14.64 -9.44 18.32
CA ALA B 1020 -15.61 -10.52 18.15
C ALA B 1020 -15.44 -11.57 19.24
N SER B 1021 -14.19 -11.93 19.52
CA SER B 1021 -13.92 -12.92 20.58
C SER B 1021 -14.38 -12.41 21.93
N ALA B 1022 -14.17 -11.12 22.20
CA ALA B 1022 -14.54 -10.56 23.50
C ALA B 1022 -16.05 -10.45 23.64
N ASN B 1023 -16.75 -10.15 22.55
CA ASN B 1023 -18.20 -10.18 22.58
C ASN B 1023 -18.70 -11.59 22.85
N LEU B 1024 -18.07 -12.59 22.22
CA LEU B 1024 -18.44 -13.96 22.51
C LEU B 1024 -18.20 -14.30 23.98
N ALA B 1025 -17.05 -13.87 24.53
CA ALA B 1025 -16.76 -14.16 25.93
C ALA B 1025 -17.73 -13.45 26.86
N ALA B 1026 -18.12 -12.22 26.52
CA ALA B 1026 -19.09 -11.51 27.35
C ALA B 1026 -20.43 -12.21 27.33
N THR B 1027 -20.87 -12.67 26.17
CA THR B 1027 -22.11 -13.44 26.11
C THR B 1027 -22.01 -14.72 26.90
N LYS B 1028 -20.87 -15.41 26.77
CA LYS B 1028 -20.67 -16.63 27.55
C LYS B 1028 -20.74 -16.35 29.03
N MET B 1029 -20.15 -15.25 29.47
CA MET B 1029 -20.21 -14.89 30.88
C MET B 1029 -21.66 -14.64 31.30
N SER B 1030 -22.34 -13.78 30.56
CA SER B 1030 -23.69 -13.38 30.95
C SER B 1030 -24.67 -14.56 30.95
N GLU B 1031 -24.41 -15.59 30.13
CA GLU B 1031 -25.33 -16.72 30.08
C GLU B 1031 -24.86 -17.89 30.95
N CYS B 1032 -23.67 -18.41 30.69
CA CYS B 1032 -23.20 -19.58 31.43
C CYS B 1032 -22.88 -19.25 32.88
N VAL B 1033 -22.36 -18.05 33.15
CA VAL B 1033 -21.93 -17.75 34.52
C VAL B 1033 -23.08 -17.14 35.30
N LEU B 1034 -23.63 -16.04 34.81
CA LEU B 1034 -24.71 -15.37 35.52
C LEU B 1034 -25.97 -16.21 35.59
N GLY B 1035 -26.08 -17.26 34.80
CA GLY B 1035 -27.25 -18.11 34.83
C GLY B 1035 -26.93 -19.50 34.33
N GLN B 1036 -27.97 -20.17 33.86
CA GLN B 1036 -27.84 -21.47 33.24
C GLN B 1036 -28.30 -21.40 31.80
N SER B 1037 -27.56 -22.04 30.90
CA SER B 1037 -27.80 -21.94 29.47
C SER B 1037 -28.40 -23.23 28.96
N LYS B 1038 -29.53 -23.13 28.26
CA LYS B 1038 -30.15 -24.25 27.59
C LYS B 1038 -29.63 -24.44 26.17
N ARG B 1039 -28.68 -23.61 25.74
CA ARG B 1039 -28.10 -23.76 24.41
C ARG B 1039 -27.12 -24.92 24.42
N VAL B 1040 -27.39 -25.92 23.57
CA VAL B 1040 -26.62 -27.15 23.58
C VAL B 1040 -25.20 -26.86 23.12
N ASP B 1041 -24.23 -27.45 23.81
CA ASP B 1041 -22.82 -27.35 23.48
C ASP B 1041 -22.31 -25.92 23.47
N PHE B 1042 -23.06 -24.98 24.01
CA PHE B 1042 -22.56 -23.61 24.12
C PHE B 1042 -21.55 -23.49 25.25
N CYS B 1043 -21.99 -23.77 26.48
CA CYS B 1043 -21.10 -23.74 27.63
C CYS B 1043 -20.60 -25.14 27.93
N GLY B 1044 -19.73 -25.62 27.06
CA GLY B 1044 -19.07 -26.90 27.25
C GLY B 1044 -19.94 -28.07 26.84
N LYS B 1045 -19.28 -29.20 26.58
CA LYS B 1045 -19.97 -30.40 26.15
C LYS B 1045 -20.84 -30.95 27.27
N GLY B 1046 -21.97 -31.53 26.88
CA GLY B 1046 -22.91 -32.07 27.85
C GLY B 1046 -23.84 -31.01 28.38
N TYR B 1047 -24.80 -31.45 29.19
CA TYR B 1047 -25.74 -30.53 29.80
C TYR B 1047 -25.01 -29.59 30.74
N HIS B 1048 -25.29 -28.30 30.62
CA HIS B 1048 -24.55 -27.29 31.37
C HIS B 1048 -25.21 -27.05 32.72
N LEU B 1049 -24.41 -27.09 33.78
CA LEU B 1049 -24.89 -26.75 35.12
C LEU B 1049 -24.45 -25.36 35.55
N MET B 1050 -23.14 -25.13 35.67
CA MET B 1050 -22.61 -23.85 36.10
C MET B 1050 -21.28 -23.60 35.40
N SER B 1051 -20.87 -22.34 35.38
CA SER B 1051 -19.61 -21.95 34.78
C SER B 1051 -18.87 -21.03 35.73
N PHE B 1052 -17.57 -21.26 35.87
CA PHE B 1052 -16.74 -20.42 36.73
C PHE B 1052 -15.70 -19.69 35.89
N PRO B 1053 -15.76 -18.37 35.80
CA PRO B 1053 -14.72 -17.65 35.09
C PRO B 1053 -13.42 -17.66 35.86
N GLN B 1054 -12.33 -17.54 35.14
CA GLN B 1054 -11.01 -17.37 35.73
C GLN B 1054 -10.25 -16.38 34.88
N SER B 1055 -9.64 -15.38 35.53
CA SER B 1055 -8.90 -14.39 34.77
C SER B 1055 -7.63 -15.00 34.20
N ALA B 1056 -7.10 -14.34 33.17
CA ALA B 1056 -5.91 -14.81 32.48
C ALA B 1056 -5.27 -13.62 31.78
N PRO B 1057 -4.00 -13.69 31.44
CA PRO B 1057 -3.36 -12.59 30.71
C PRO B 1057 -4.04 -12.36 29.37
N HIS B 1058 -4.63 -11.17 29.21
CA HIS B 1058 -5.26 -10.77 27.96
C HIS B 1058 -6.38 -11.71 27.55
N GLY B 1059 -7.13 -12.20 28.53
CA GLY B 1059 -8.22 -13.09 28.22
C GLY B 1059 -8.88 -13.62 29.48
N VAL B 1060 -9.85 -14.49 29.25
CA VAL B 1060 -10.61 -15.11 30.33
C VAL B 1060 -10.63 -16.61 30.10
N VAL B 1061 -10.72 -17.36 31.19
CA VAL B 1061 -10.77 -18.81 31.14
C VAL B 1061 -12.00 -19.26 31.90
N PHE B 1062 -12.86 -20.03 31.24
CA PHE B 1062 -14.09 -20.49 31.85
C PHE B 1062 -13.92 -21.90 32.40
N LEU B 1063 -14.79 -22.24 33.35
CA LEU B 1063 -14.84 -23.57 33.95
C LEU B 1063 -16.28 -24.05 33.87
N HIS B 1064 -16.63 -24.69 32.76
CA HIS B 1064 -17.99 -25.18 32.57
C HIS B 1064 -18.19 -26.46 33.34
N VAL B 1065 -19.09 -26.43 34.33
CA VAL B 1065 -19.45 -27.62 35.07
C VAL B 1065 -20.64 -28.26 34.36
N THR B 1066 -20.43 -29.46 33.82
CA THR B 1066 -21.40 -30.08 32.94
C THR B 1066 -21.82 -31.45 33.45
N TYR B 1067 -23.10 -31.76 33.30
CA TYR B 1067 -23.65 -33.04 33.67
C TYR B 1067 -23.62 -33.95 32.45
N VAL B 1068 -22.84 -35.02 32.52
CA VAL B 1068 -22.67 -35.97 31.42
C VAL B 1068 -23.27 -37.30 31.85
N PRO B 1069 -24.31 -37.79 31.18
CA PRO B 1069 -24.87 -39.10 31.53
C PRO B 1069 -23.91 -40.21 31.17
N ALA B 1070 -24.06 -41.33 31.86
CA ALA B 1070 -23.23 -42.51 31.62
C ALA B 1070 -23.97 -43.74 32.12
N GLN B 1071 -23.47 -44.91 31.69
CA GLN B 1071 -24.03 -46.20 32.08
C GLN B 1071 -25.50 -46.31 31.67
N GLU B 1072 -25.71 -46.34 30.36
CA GLU B 1072 -27.08 -46.48 29.84
C GLU B 1072 -27.53 -47.94 29.97
N LYS B 1073 -28.82 -48.19 29.80
CA LYS B 1073 -29.35 -49.58 29.85
C LYS B 1073 -30.43 -49.69 28.77
N ASN B 1074 -30.38 -50.74 27.94
CA ASN B 1074 -31.34 -50.84 26.82
C ASN B 1074 -32.70 -51.28 27.36
N PHE B 1075 -33.67 -50.37 27.41
CA PHE B 1075 -34.99 -50.78 27.82
C PHE B 1075 -35.91 -50.88 26.61
N THR B 1076 -37.07 -51.48 26.83
CA THR B 1076 -38.11 -51.58 25.81
C THR B 1076 -39.24 -50.64 26.19
N THR B 1077 -39.53 -49.69 25.33
CA THR B 1077 -40.47 -48.62 25.62
C THR B 1077 -41.77 -48.83 24.85
N ALA B 1078 -42.65 -47.84 24.97
CA ALA B 1078 -43.93 -47.82 24.28
C ALA B 1078 -44.45 -46.41 24.31
N PRO B 1079 -45.10 -45.93 23.24
CA PRO B 1079 -45.58 -44.54 23.25
C PRO B 1079 -46.59 -44.27 24.34
N ALA B 1080 -47.46 -45.22 24.65
CA ALA B 1080 -48.54 -44.98 25.60
C ALA B 1080 -48.96 -46.30 26.23
N ILE B 1081 -49.98 -46.22 27.08
CA ILE B 1081 -50.52 -47.38 27.78
C ILE B 1081 -52.03 -47.35 27.67
N CYS B 1082 -52.62 -48.47 27.25
CA CYS B 1082 -54.06 -48.61 27.15
C CYS B 1082 -54.53 -49.46 28.31
N HIS B 1083 -55.18 -48.83 29.29
CA HIS B 1083 -55.63 -49.53 30.49
C HIS B 1083 -57.12 -49.88 30.43
N ASP B 1084 -57.97 -48.87 30.25
CA ASP B 1084 -59.42 -49.05 30.20
C ASP B 1084 -59.96 -48.60 28.85
N GLY B 1085 -59.29 -48.98 27.77
CA GLY B 1085 -59.68 -48.52 26.47
C GLY B 1085 -59.33 -47.08 26.19
N LYS B 1086 -58.52 -46.45 27.04
CA LYS B 1086 -58.10 -45.08 26.85
C LYS B 1086 -56.59 -44.98 27.01
N ALA B 1087 -55.95 -44.28 26.08
CA ALA B 1087 -54.50 -44.18 26.10
C ALA B 1087 -54.03 -43.30 27.24
N HIS B 1088 -52.90 -43.69 27.84
CA HIS B 1088 -52.28 -42.93 28.92
C HIS B 1088 -50.87 -42.55 28.51
N PHE B 1089 -50.57 -41.27 28.56
CA PHE B 1089 -49.24 -40.81 28.23
C PHE B 1089 -48.54 -40.25 29.46
N PRO B 1090 -47.21 -40.40 29.56
CA PRO B 1090 -46.52 -39.89 30.73
C PRO B 1090 -46.60 -38.37 30.78
N ARG B 1091 -46.93 -37.84 31.95
CA ARG B 1091 -46.95 -36.39 32.09
C ARG B 1091 -45.56 -35.81 31.89
N GLU B 1092 -44.54 -36.47 32.44
CA GLU B 1092 -43.17 -36.15 32.13
C GLU B 1092 -42.37 -37.44 32.22
N GLY B 1093 -41.46 -37.64 31.27
CA GLY B 1093 -40.67 -38.84 31.25
C GLY B 1093 -41.12 -39.79 30.16
N VAL B 1094 -40.84 -41.08 30.39
CA VAL B 1094 -41.00 -42.10 29.38
C VAL B 1094 -41.48 -43.39 30.03
N PHE B 1095 -42.23 -44.18 29.26
CA PHE B 1095 -42.63 -45.52 29.67
C PHE B 1095 -41.53 -46.50 29.30
N VAL B 1096 -41.08 -47.29 30.26
CA VAL B 1096 -40.07 -48.31 30.01
C VAL B 1096 -40.53 -49.62 30.64
N SER B 1097 -39.88 -50.70 30.23
CA SER B 1097 -40.14 -52.00 30.81
C SER B 1097 -38.92 -52.88 30.58
N ASN B 1098 -38.50 -53.53 31.65
CA ASN B 1098 -37.33 -54.41 31.61
C ASN B 1098 -37.71 -55.77 31.03
N GLY B 1099 -38.98 -55.98 30.70
CA GLY B 1099 -39.44 -57.25 30.20
C GLY B 1099 -40.71 -57.75 30.86
N THR B 1100 -40.84 -57.51 32.16
CA THR B 1100 -41.98 -58.00 32.92
C THR B 1100 -43.00 -56.92 33.23
N HIS B 1101 -42.58 -55.83 33.86
CA HIS B 1101 -43.48 -54.79 34.31
C HIS B 1101 -43.16 -53.48 33.60
N TRP B 1102 -44.18 -52.68 33.39
CA TRP B 1102 -44.04 -51.40 32.72
C TRP B 1102 -43.84 -50.29 33.76
N PHE B 1103 -42.81 -49.51 33.56
CA PHE B 1103 -42.54 -48.45 34.52
C PHE B 1103 -42.46 -47.13 33.77
N VAL B 1104 -42.44 -46.04 34.49
CA VAL B 1104 -42.32 -44.70 33.95
C VAL B 1104 -41.20 -44.00 34.69
N THR B 1105 -40.30 -43.35 33.95
CA THR B 1105 -39.12 -42.74 34.53
C THR B 1105 -38.77 -41.49 33.75
N GLN B 1106 -37.99 -40.62 34.39
CA GLN B 1106 -37.49 -39.44 33.73
C GLN B 1106 -36.51 -39.83 32.64
N ARG B 1107 -36.33 -38.94 31.67
CA ARG B 1107 -35.54 -39.27 30.49
C ARG B 1107 -34.07 -39.44 30.84
N ASN B 1108 -33.51 -38.51 31.61
CA ASN B 1108 -32.07 -38.43 31.80
C ASN B 1108 -31.57 -39.24 32.99
N PHE B 1109 -32.45 -39.95 33.70
CA PHE B 1109 -32.01 -40.79 34.80
C PHE B 1109 -32.99 -41.94 34.96
N TYR B 1110 -32.47 -43.11 35.29
CA TYR B 1110 -33.30 -44.29 35.43
C TYR B 1110 -33.90 -44.30 36.82
N GLU B 1111 -35.15 -43.86 36.92
CA GLU B 1111 -35.88 -43.79 38.18
C GLU B 1111 -37.23 -44.44 37.97
N PRO B 1112 -37.29 -45.77 37.87
CA PRO B 1112 -38.55 -46.43 37.56
C PRO B 1112 -39.58 -46.19 38.65
N GLN B 1113 -40.83 -46.02 38.22
CA GLN B 1113 -41.92 -45.73 39.12
C GLN B 1113 -43.18 -46.45 38.65
N ILE B 1114 -44.09 -46.71 39.59
CA ILE B 1114 -45.36 -47.33 39.25
C ILE B 1114 -46.21 -46.36 38.45
N ILE B 1115 -46.83 -46.87 37.39
CA ILE B 1115 -47.65 -46.04 36.53
C ILE B 1115 -48.96 -45.76 37.25
N THR B 1116 -49.16 -44.51 37.68
CA THR B 1116 -50.35 -44.12 38.41
C THR B 1116 -51.12 -43.08 37.60
N THR B 1117 -52.42 -42.97 37.90
CA THR B 1117 -53.25 -42.03 37.18
C THR B 1117 -52.89 -40.59 37.49
N ASP B 1118 -52.20 -40.33 38.61
CA ASP B 1118 -51.70 -38.98 38.88
C ASP B 1118 -50.39 -38.70 38.18
N ASN B 1119 -49.75 -39.72 37.61
CA ASN B 1119 -48.46 -39.58 36.97
C ASN B 1119 -48.56 -39.53 35.46
N THR B 1120 -49.64 -40.08 34.89
CA THR B 1120 -49.88 -40.05 33.46
C THR B 1120 -51.27 -39.48 33.20
N PHE B 1121 -51.41 -38.82 32.06
CA PHE B 1121 -52.68 -38.21 31.67
C PHE B 1121 -53.33 -39.00 30.56
N VAL B 1122 -54.63 -38.80 30.41
CA VAL B 1122 -55.45 -39.56 29.48
C VAL B 1122 -55.80 -38.68 28.29
N SER B 1123 -55.90 -39.29 27.12
CA SER B 1123 -56.28 -38.55 25.91
C SER B 1123 -56.94 -39.52 24.94
N GLY B 1124 -58.26 -39.56 24.93
CA GLY B 1124 -59.00 -40.34 23.96
C GLY B 1124 -58.81 -41.84 24.14
N ASN B 1125 -59.39 -42.58 23.20
CA ASN B 1125 -59.30 -44.03 23.24
C ASN B 1125 -57.90 -44.47 22.80
N CYS B 1126 -57.63 -45.75 22.98
CA CYS B 1126 -56.29 -46.30 22.77
C CYS B 1126 -56.14 -47.02 21.44
N ASP B 1127 -57.09 -46.86 20.54
CA ASP B 1127 -57.01 -47.49 19.23
C ASP B 1127 -56.29 -46.63 18.19
N VAL B 1128 -55.99 -45.38 18.51
CA VAL B 1128 -55.40 -44.46 17.53
C VAL B 1128 -53.88 -44.51 17.58
N VAL B 1129 -53.32 -44.51 18.79
CA VAL B 1129 -51.86 -44.49 18.93
C VAL B 1129 -51.27 -45.77 18.37
N ILE B 1130 -50.20 -45.62 17.59
CA ILE B 1130 -49.50 -46.76 17.01
C ILE B 1130 -48.39 -47.18 17.97
N GLY B 1131 -48.41 -48.44 18.36
CA GLY B 1131 -47.43 -48.97 19.29
C GLY B 1131 -47.88 -49.03 20.73
N ILE B 1132 -49.14 -48.71 21.02
CA ILE B 1132 -49.62 -48.76 22.39
C ILE B 1132 -49.55 -50.18 22.91
N VAL B 1133 -49.35 -50.32 24.22
CA VAL B 1133 -49.26 -51.62 24.87
C VAL B 1133 -50.25 -51.68 26.02
N ASN B 1134 -50.62 -52.88 26.38
CA ASN B 1134 -51.57 -53.10 27.46
C ASN B 1134 -50.84 -53.15 28.80
N ASN B 1135 -51.41 -52.50 29.80
CA ASN B 1135 -50.90 -52.55 31.16
C ASN B 1135 -51.96 -51.96 32.08
N THR B 1136 -51.65 -51.91 33.37
CA THR B 1136 -52.57 -51.41 34.38
C THR B 1136 -51.97 -50.17 35.03
N VAL B 1137 -52.70 -49.07 35.00
CA VAL B 1137 -52.28 -47.84 35.67
C VAL B 1137 -52.84 -47.89 37.08
N TYR B 1138 -51.99 -48.24 38.04
CA TYR B 1138 -52.43 -48.38 39.42
C TYR B 1138 -52.87 -47.01 39.95
N ASP B 1139 -54.18 -46.85 40.11
CA ASP B 1139 -54.69 -45.60 40.65
C ASP B 1139 -54.34 -45.50 42.14
N PRO B 1140 -53.96 -44.31 42.62
CA PRO B 1140 -53.57 -44.19 44.03
C PRO B 1140 -54.75 -44.04 44.97
N LEU B 1141 -55.92 -43.65 44.47
CA LEU B 1141 -57.04 -43.34 45.35
C LEU B 1141 -57.87 -44.57 45.71
N GLN B 1142 -58.30 -45.32 44.70
CA GLN B 1142 -59.26 -46.40 44.93
C GLN B 1142 -58.78 -47.45 45.91
N PRO B 1143 -57.54 -47.95 45.83
CA PRO B 1143 -57.11 -48.95 46.84
C PRO B 1143 -57.13 -48.41 48.25
N GLU B 1144 -56.53 -47.23 48.48
CA GLU B 1144 -56.54 -46.64 49.81
C GLU B 1144 -57.95 -46.30 50.26
N LEU B 1145 -58.78 -45.78 49.35
CA LEU B 1145 -60.14 -45.44 49.70
C LEU B 1145 -60.93 -46.66 50.14
N ASP B 1146 -60.79 -47.76 49.40
CA ASP B 1146 -61.48 -49.00 49.78
C ASP B 1146 -60.91 -49.57 51.07
N SER B 1147 -59.60 -49.46 51.27
CA SER B 1147 -58.99 -49.96 52.49
C SER B 1147 -59.53 -49.22 53.71
N PHE B 1148 -59.63 -47.89 53.62
CA PHE B 1148 -60.20 -47.13 54.73
C PHE B 1148 -61.68 -47.45 54.91
N LYS B 1149 -62.45 -47.39 53.82
CA LYS B 1149 -63.89 -47.54 53.92
C LYS B 1149 -64.31 -48.98 54.18
N GLU B 1150 -63.56 -49.95 53.66
CA GLU B 1150 -63.89 -51.36 53.85
C GLU B 1150 -62.77 -52.08 54.57
N THR C 29 2.44 44.98 29.92
CA THR C 29 1.00 44.68 30.09
C THR C 29 0.70 43.29 29.50
N ASN C 30 -0.55 42.85 29.54
CA ASN C 30 -0.90 41.48 29.07
C ASN C 30 -1.87 41.55 27.90
N SER C 31 -1.42 41.11 26.72
CA SER C 31 -2.23 41.15 25.51
C SER C 31 -3.25 40.03 25.57
N PHE C 32 -4.45 40.33 26.04
CA PHE C 32 -5.47 39.31 26.22
C PHE C 32 -5.80 38.63 24.89
N THR C 33 -6.15 39.42 23.89
CA THR C 33 -6.44 38.89 22.57
C THR C 33 -5.85 39.70 21.44
N ARG C 34 -5.20 40.82 21.74
CA ARG C 34 -4.67 41.70 20.70
C ARG C 34 -3.46 41.06 20.03
N GLY C 35 -3.19 41.49 18.81
CA GLY C 35 -2.06 40.99 18.05
C GLY C 35 -2.39 39.98 16.97
N VAL C 36 -3.67 39.77 16.67
CA VAL C 36 -4.10 38.78 15.68
C VAL C 36 -4.68 39.52 14.48
N TYR C 37 -4.32 39.08 13.28
CA TYR C 37 -4.67 39.77 12.06
C TYR C 37 -5.13 38.76 11.02
N TYR C 38 -5.36 39.24 9.80
CA TYR C 38 -5.70 38.38 8.68
C TYR C 38 -4.41 38.02 7.96
N PRO C 39 -3.96 36.76 8.03
CA PRO C 39 -2.66 36.43 7.43
C PRO C 39 -2.70 36.28 5.93
N ASP C 40 -3.88 36.18 5.32
CA ASP C 40 -3.99 35.95 3.89
C ASP C 40 -5.18 36.72 3.34
N LYS C 41 -5.14 36.97 2.03
CA LYS C 41 -6.20 37.71 1.36
C LYS C 41 -7.38 36.82 0.96
N VAL C 42 -7.30 35.52 1.21
CA VAL C 42 -8.41 34.64 0.88
C VAL C 42 -9.57 34.89 1.82
N PHE C 43 -10.74 34.42 1.43
CA PHE C 43 -11.96 34.61 2.20
C PHE C 43 -12.48 33.26 2.67
N ARG C 44 -12.96 33.23 3.91
CA ARG C 44 -13.49 32.00 4.50
C ARG C 44 -14.60 32.36 5.46
N SER C 45 -15.62 31.51 5.52
CA SER C 45 -16.76 31.73 6.41
C SER C 45 -17.03 30.47 7.21
N SER C 46 -17.10 30.62 8.54
CA SER C 46 -17.37 29.51 9.45
C SER C 46 -16.35 28.39 9.29
N VAL C 47 -15.09 28.77 9.08
CA VAL C 47 -14.01 27.83 8.87
C VAL C 47 -13.03 27.94 10.03
N LEU C 48 -12.69 26.80 10.63
CA LEU C 48 -11.75 26.75 11.74
C LEU C 48 -10.32 26.60 11.22
N HIS C 49 -9.92 27.56 10.40
CA HIS C 49 -8.63 27.48 9.74
C HIS C 49 -7.50 27.62 10.74
N SER C 50 -6.45 26.83 10.53
CA SER C 50 -5.24 26.87 11.34
C SER C 50 -4.05 27.20 10.44
N THR C 51 -3.25 28.17 10.86
CA THR C 51 -2.14 28.65 10.04
C THR C 51 -0.91 28.86 10.91
N GLN C 52 0.24 28.86 10.25
CA GLN C 52 1.53 29.06 10.91
C GLN C 52 2.15 30.35 10.37
N ASP C 53 2.42 31.29 11.27
CA ASP C 53 2.95 32.61 10.90
C ASP C 53 3.37 33.31 12.19
N LEU C 54 3.79 34.56 12.05
CA LEU C 54 4.21 35.36 13.19
C LEU C 54 3.00 36.02 13.84
N PHE C 55 2.91 35.90 15.16
CA PHE C 55 1.82 36.53 15.90
C PHE C 55 2.30 36.90 17.29
N LEU C 56 1.54 37.78 17.93
CA LEU C 56 1.68 38.02 19.36
C LEU C 56 0.94 36.94 20.13
N PRO C 57 1.61 36.15 20.97
CA PRO C 57 0.88 35.19 21.80
C PRO C 57 -0.08 35.93 22.72
N PHE C 58 -1.27 35.35 22.90
CA PHE C 58 -2.20 35.95 23.85
C PHE C 58 -1.63 35.85 25.27
N PHE C 59 -1.93 36.85 26.09
CA PHE C 59 -1.31 36.87 27.43
C PHE C 59 0.21 36.90 27.26
N SER C 60 0.75 37.99 26.72
CA SER C 60 2.22 38.15 26.60
C SER C 60 2.65 39.43 27.33
N ASN C 61 3.95 39.75 27.31
CA ASN C 61 4.46 40.93 28.07
C ASN C 61 4.72 42.10 27.11
N VAL C 62 3.93 43.17 27.20
CA VAL C 62 4.08 44.34 26.27
C VAL C 62 4.61 45.53 27.07
N THR C 63 5.51 46.33 26.47
CA THR C 63 6.11 47.51 27.16
C THR C 63 5.36 48.82 26.84
N TRP C 64 4.84 49.53 27.83
CA TRP C 64 4.02 50.74 27.63
C TRP C 64 5.00 51.82 27.17
N PHE C 65 6.28 51.45 27.00
CA PHE C 65 7.35 52.42 26.63
C PHE C 65 6.81 53.85 26.64
N HIS C 66 6.48 54.36 27.82
CA HIS C 66 5.86 55.69 27.92
C HIS C 66 6.79 56.73 27.29
N ALA C 67 6.22 57.83 26.79
CA ALA C 67 7.04 58.84 26.08
C ALA C 67 7.10 60.12 26.92
N SER C 71 6.28 63.15 26.43
CA SER C 71 6.98 63.76 25.26
C SER C 71 8.16 64.61 25.73
N GLY C 72 7.91 65.54 26.66
CA GLY C 72 8.98 66.43 27.15
C GLY C 72 8.99 67.76 26.44
N THR C 73 9.77 67.89 25.37
CA THR C 73 9.90 69.17 24.60
C THR C 73 10.37 70.27 25.56
N ASN C 74 9.45 70.90 26.31
CA ASN C 74 9.79 72.00 27.28
C ASN C 74 11.25 72.45 27.11
N GLY C 75 12.14 72.00 28.01
CA GLY C 75 13.54 72.33 27.88
C GLY C 75 14.36 71.10 27.55
N THR C 76 15.63 71.31 27.20
CA THR C 76 16.48 70.17 26.76
C THR C 76 15.69 69.30 25.78
N LYS C 77 15.46 68.03 26.12
CA LYS C 77 14.71 67.09 25.25
C LYS C 77 14.02 66.07 26.14
N ARG C 78 14.34 66.10 27.44
CA ARG C 78 13.74 65.14 28.42
C ARG C 78 13.98 63.71 27.94
N PHE C 79 14.86 63.51 26.96
CA PHE C 79 15.20 62.16 26.42
C PHE C 79 14.01 61.23 26.56
N ASP C 80 12.88 61.55 25.91
CA ASP C 80 11.64 60.74 26.05
C ASP C 80 11.47 59.82 24.83
N ASN C 81 10.24 59.68 24.32
CA ASN C 81 9.98 58.86 23.10
C ASN C 81 11.15 57.91 22.86
N PRO C 82 11.35 56.89 23.70
CA PRO C 82 12.52 56.04 23.61
C PRO C 82 12.55 55.23 22.31
N VAL C 83 13.65 54.51 22.13
CA VAL C 83 13.81 53.74 20.91
C VAL C 83 13.75 52.25 21.24
N LEU C 84 13.53 51.44 20.21
CA LEU C 84 13.20 50.02 20.34
C LEU C 84 14.04 49.17 19.39
N PRO C 85 14.30 47.90 19.74
CA PRO C 85 15.17 47.06 18.90
C PRO C 85 14.50 46.37 17.72
N PHE C 86 13.16 46.32 17.65
CA PHE C 86 12.44 45.74 16.52
C PHE C 86 12.94 44.32 16.23
N ASN C 87 12.56 43.36 17.05
CA ASN C 87 12.83 41.95 16.77
C ASN C 87 11.62 41.36 16.04
N ASP C 88 11.73 41.21 14.72
CA ASP C 88 10.71 40.57 13.89
C ASP C 88 9.35 41.25 14.08
N GLY C 89 9.31 42.51 13.69
CA GLY C 89 8.07 43.27 13.72
C GLY C 89 7.67 43.68 15.12
N VAL C 90 6.76 44.63 15.18
CA VAL C 90 6.24 45.14 16.45
C VAL C 90 4.73 45.21 16.37
N TYR C 91 4.07 44.94 17.47
CA TYR C 91 2.70 45.36 17.65
C TYR C 91 2.71 46.78 18.20
N PHE C 92 1.62 47.50 18.00
CA PHE C 92 1.59 48.90 18.42
C PHE C 92 0.15 49.35 18.53
N ALA C 93 -0.25 49.78 19.72
CA ALA C 93 -1.54 50.42 19.95
C ALA C 93 -1.31 51.75 20.63
N SER C 94 -2.27 52.66 20.51
CA SER C 94 -2.14 53.96 21.22
C SER C 94 -3.51 54.60 21.32
N THR C 95 -3.81 55.21 22.47
CA THR C 95 -5.11 55.90 22.62
C THR C 95 -4.85 57.41 22.53
N GLU C 96 -3.94 57.82 21.64
CA GLU C 96 -3.69 59.27 21.43
C GLU C 96 -5.02 59.97 21.19
N LYS C 97 -5.16 61.21 21.66
CA LYS C 97 -6.45 61.93 21.53
C LYS C 97 -6.84 61.99 20.06
N SER C 98 -6.03 62.67 19.24
CA SER C 98 -6.41 62.85 17.81
C SER C 98 -5.15 62.80 16.94
N ASN C 99 -4.16 63.64 17.25
CA ASN C 99 -2.89 63.58 16.50
C ASN C 99 -1.74 63.66 17.51
N ILE C 100 -2.05 63.48 18.79
CA ILE C 100 -0.96 63.43 19.81
C ILE C 100 0.10 62.52 19.21
N ILE C 101 -0.27 61.27 18.98
CA ILE C 101 0.67 60.36 18.27
C ILE C 101 0.62 60.81 16.81
N ARG C 102 1.77 60.85 16.17
CA ARG C 102 1.86 61.37 14.80
C ARG C 102 2.29 60.30 13.81
N GLY C 103 3.47 59.72 13.99
CA GLY C 103 3.97 58.78 13.02
C GLY C 103 5.08 57.94 13.59
N TRP C 104 5.69 57.13 12.72
CA TRP C 104 6.72 56.19 13.09
C TRP C 104 7.93 56.34 12.17
N ILE C 105 9.11 56.12 12.74
CA ILE C 105 10.35 56.09 11.98
C ILE C 105 10.98 54.73 12.19
N PHE C 106 11.22 54.01 11.12
CA PHE C 106 11.91 52.73 11.18
C PHE C 106 13.34 52.90 10.71
N GLY C 107 14.02 51.79 10.51
CA GLY C 107 15.37 51.80 9.97
C GLY C 107 16.33 51.03 10.85
N THR C 108 17.62 51.25 10.60
CA THR C 108 18.68 50.55 11.40
C THR C 108 19.52 51.60 12.17
N THR C 109 20.07 52.63 11.52
CA THR C 109 20.92 53.59 12.18
C THR C 109 20.23 54.92 12.47
N LEU C 110 19.00 55.12 12.00
CA LEU C 110 18.26 56.36 12.21
C LEU C 110 19.05 57.56 11.65
N ASP C 111 19.84 57.30 10.62
CA ASP C 111 20.65 58.39 10.01
C ASP C 111 20.63 58.25 8.49
N SER C 112 21.63 58.77 7.80
CA SER C 112 21.63 58.74 6.32
C SER C 112 22.26 57.43 5.84
N LYS C 113 22.84 56.67 6.77
CA LYS C 113 23.58 55.44 6.34
C LYS C 113 22.60 54.35 5.91
N THR C 114 21.72 53.88 6.80
CA THR C 114 20.84 52.76 6.44
C THR C 114 19.49 53.32 6.01
N GLN C 115 18.61 52.49 5.47
CA GLN C 115 17.35 53.04 4.93
C GLN C 115 16.38 53.36 6.08
N SER C 116 15.15 53.74 5.73
CA SER C 116 14.21 54.19 6.78
C SER C 116 12.77 53.83 6.41
N LEU C 117 11.83 54.71 6.73
CA LEU C 117 10.39 54.53 6.41
C LEU C 117 9.66 55.64 7.16
N LEU C 118 9.85 56.88 6.72
CA LEU C 118 9.26 58.03 7.44
C LEU C 118 7.73 57.98 7.33
N ILE C 119 7.12 56.92 7.86
CA ILE C 119 5.68 56.75 7.79
C ILE C 119 5.03 57.80 8.67
N VAL C 120 4.52 58.87 8.05
CA VAL C 120 3.95 59.99 8.78
C VAL C 120 2.46 60.06 8.51
N ASN C 121 1.73 60.67 9.45
CA ASN C 121 0.30 60.84 9.35
C ASN C 121 -0.01 62.33 9.41
N ASN C 122 -0.62 62.85 8.35
CA ASN C 122 -1.06 64.23 8.31
C ASN C 122 -2.56 64.29 8.53
N ALA C 123 -3.10 65.52 8.57
CA ALA C 123 -4.52 65.69 8.83
C ALA C 123 -5.36 65.08 7.72
N THR C 124 -4.92 65.22 6.47
CA THR C 124 -5.70 64.78 5.32
C THR C 124 -5.14 63.54 4.63
N ASN C 125 -3.91 63.15 4.94
CA ASN C 125 -3.27 62.06 4.20
C ASN C 125 -2.08 61.53 4.99
N VAL C 126 -1.53 60.43 4.49
CA VAL C 126 -0.32 59.83 5.04
C VAL C 126 0.74 59.79 3.94
N VAL C 127 1.90 60.37 4.22
CA VAL C 127 3.03 60.38 3.29
C VAL C 127 3.99 59.30 3.77
N ILE C 128 3.84 58.10 3.22
CA ILE C 128 4.67 56.96 3.70
C ILE C 128 5.93 56.85 2.86
N LYS C 129 6.97 57.61 3.17
CA LYS C 129 8.20 57.61 2.32
C LYS C 129 9.20 56.57 2.80
N VAL C 130 10.31 56.37 2.08
CA VAL C 130 11.37 55.39 2.49
C VAL C 130 12.73 55.79 1.89
N CYS C 131 13.81 55.03 2.15
CA CYS C 131 15.17 55.20 1.53
C CYS C 131 16.05 56.33 2.09
N GLU C 132 16.81 56.10 3.18
CA GLU C 132 17.81 57.05 3.77
C GLU C 132 17.28 58.45 4.15
N PHE C 133 18.09 59.23 4.90
CA PHE C 133 17.73 60.62 5.32
C PHE C 133 18.80 61.10 6.32
N GLN C 134 19.46 62.24 6.07
CA GLN C 134 20.58 62.63 6.97
C GLN C 134 20.41 62.02 8.37
N PHE C 135 19.35 62.38 9.11
CA PHE C 135 19.29 61.81 10.48
C PHE C 135 17.86 61.95 10.99
N CYS C 136 17.57 61.45 12.19
CA CYS C 136 16.22 61.42 12.75
C CYS C 136 16.01 62.71 13.54
N ASN C 137 15.66 63.78 12.82
CA ASN C 137 15.38 65.04 13.51
C ASN C 137 14.19 64.84 14.44
N ASP C 138 14.47 64.80 15.74
CA ASP C 138 13.42 64.57 16.70
C ASP C 138 12.42 65.71 16.61
N PRO C 139 11.16 65.47 17.02
CA PRO C 139 10.15 66.53 17.01
C PRO C 139 10.71 67.87 17.47
N PHE C 140 10.65 68.89 16.62
CA PHE C 140 11.31 70.15 16.92
C PHE C 140 10.77 70.84 18.16
N LEU C 141 11.66 71.61 18.79
CA LEU C 141 11.40 72.33 20.02
C LEU C 141 10.45 73.48 19.75
N ASP C 142 9.16 73.24 19.93
CA ASP C 142 8.10 74.17 19.59
C ASP C 142 7.50 74.74 20.87
N VAL C 143 6.40 75.47 20.73
CA VAL C 143 5.78 76.07 21.90
C VAL C 143 5.34 74.98 22.88
N TYR C 144 5.25 75.37 24.16
CA TYR C 144 4.90 74.43 25.22
C TYR C 144 3.38 74.29 25.34
N TYR C 145 2.66 75.40 25.32
CA TYR C 145 1.20 75.35 25.43
C TYR C 145 0.63 74.61 24.23
N HIS C 146 -0.25 73.64 24.49
CA HIS C 146 -0.71 72.76 23.42
C HIS C 146 -2.01 73.23 22.78
N LYS C 147 -3.07 73.38 23.57
CA LYS C 147 -4.41 73.66 23.04
C LYS C 147 -4.78 75.14 23.22
N ASN C 148 -3.93 76.02 22.68
CA ASN C 148 -4.18 77.45 22.76
C ASN C 148 -4.75 78.03 21.47
N ASN C 149 -3.98 77.97 20.38
CA ASN C 149 -4.47 78.50 19.11
C ASN C 149 -4.00 77.76 17.87
N LYS C 150 -3.24 76.67 18.00
CA LYS C 150 -2.56 76.06 16.86
C LYS C 150 -3.26 74.77 16.45
N SER C 151 -3.61 74.70 15.16
CA SER C 151 -4.12 73.47 14.58
C SER C 151 -3.54 73.16 13.20
N TRP C 152 -2.70 74.04 12.66
CA TRP C 152 -2.09 73.81 11.37
C TRP C 152 -0.87 72.90 11.49
N MET C 153 -0.44 72.37 10.36
CA MET C 153 0.81 71.62 10.28
C MET C 153 1.86 72.51 9.64
N GLU C 154 2.92 72.81 10.40
CA GLU C 154 4.03 73.64 9.93
C GLU C 154 5.14 73.60 10.97
N SER C 155 6.39 73.65 10.52
CA SER C 155 7.55 73.62 11.41
C SER C 155 7.46 72.45 12.39
N GLU C 156 7.07 71.29 11.89
CA GLU C 156 6.91 70.09 12.71
C GLU C 156 8.26 69.46 13.00
N PHE C 157 8.27 68.17 13.37
CA PHE C 157 9.50 67.44 13.61
C PHE C 157 10.57 67.74 12.55
N ARG C 158 10.14 67.87 11.29
CA ARG C 158 10.98 68.39 10.21
C ARG C 158 12.31 67.66 10.13
N VAL C 159 12.22 66.33 10.14
CA VAL C 159 13.46 65.55 9.88
C VAL C 159 13.96 66.17 8.59
N TYR C 160 13.12 66.16 7.56
CA TYR C 160 13.45 66.84 6.28
C TYR C 160 14.97 66.96 6.14
N SER C 161 15.67 65.84 6.37
CA SER C 161 17.15 65.84 6.29
C SER C 161 17.55 65.20 4.97
N SER C 162 17.15 63.94 4.74
CA SER C 162 17.35 63.26 3.43
C SER C 162 18.81 62.91 3.12
N ALA C 163 18.99 61.96 2.18
CA ALA C 163 20.34 61.56 1.72
C ALA C 163 20.12 60.94 0.34
N ASN C 164 20.71 59.77 0.07
CA ASN C 164 20.40 59.10 -1.22
C ASN C 164 18.97 58.52 -1.08
N ASN C 165 18.28 58.26 -2.17
CA ASN C 165 16.86 57.81 -2.05
C ASN C 165 16.56 56.71 -3.08
N CYS C 166 15.33 56.18 -3.05
CA CYS C 166 14.91 55.16 -4.05
C CYS C 166 13.38 55.08 -4.12
N THR C 167 12.75 54.34 -3.20
CA THR C 167 11.28 54.14 -3.32
C THR C 167 10.53 55.44 -3.05
N PHE C 168 9.27 55.50 -3.48
CA PHE C 168 8.50 56.76 -3.37
C PHE C 168 7.45 56.62 -2.28
N GLU C 169 6.45 57.50 -2.28
CA GLU C 169 5.52 57.33 -1.18
C GLU C 169 4.13 56.97 -1.69
N TYR C 170 3.24 56.67 -0.75
CA TYR C 170 1.96 56.07 -1.10
C TYR C 170 0.80 56.85 -0.50
N VAL C 171 0.77 58.16 -0.72
CA VAL C 171 -0.30 59.03 -0.23
C VAL C 171 -1.66 58.43 -0.57
N SER C 172 -2.46 58.19 0.47
CA SER C 172 -3.78 57.61 0.31
C SER C 172 -4.66 58.18 1.42
N GLN C 173 -5.81 57.56 1.65
CA GLN C 173 -6.63 57.93 2.78
C GLN C 173 -5.86 57.65 4.07
N PRO C 174 -5.70 58.64 4.95
CA PRO C 174 -4.83 58.44 6.12
C PRO C 174 -5.39 57.42 7.09
N PHE C 175 -4.49 56.69 7.75
CA PHE C 175 -4.90 55.83 8.85
C PHE C 175 -4.93 56.60 10.17
N LEU C 176 -5.62 57.73 10.13
CA LEU C 176 -5.89 58.58 11.28
C LEU C 176 -7.33 59.08 11.23
N MET C 177 -8.24 58.23 10.76
CA MET C 177 -9.64 58.63 10.62
C MET C 177 -10.19 58.90 12.02
N ASP C 178 -10.49 60.17 12.29
CA ASP C 178 -10.93 60.59 13.61
C ASP C 178 -12.43 60.85 13.56
N LEU C 179 -13.19 59.76 13.70
CA LEU C 179 -14.62 59.91 13.87
C LEU C 179 -14.90 60.66 15.17
N GLU C 180 -15.78 61.64 15.10
CA GLU C 180 -16.04 62.51 16.24
C GLU C 180 -16.53 61.69 17.42
N GLY C 181 -15.80 61.76 18.53
CA GLY C 181 -16.16 61.01 19.71
C GLY C 181 -17.51 61.40 20.26
N LYS C 182 -18.49 60.51 20.08
CA LYS C 182 -19.87 60.78 20.51
C LYS C 182 -19.99 60.39 21.98
N GLN C 183 -19.69 61.35 22.85
CA GLN C 183 -19.73 61.15 24.31
C GLN C 183 -18.90 59.93 24.70
N GLY C 184 -17.62 59.98 24.36
CA GLY C 184 -16.77 58.81 24.52
C GLY C 184 -17.21 57.72 23.57
N ASN C 185 -17.13 56.48 24.04
CA ASN C 185 -17.56 55.30 23.29
C ASN C 185 -16.73 55.10 22.02
N PHE C 186 -15.70 55.93 21.82
CA PHE C 186 -14.80 55.81 20.68
C PHE C 186 -13.37 56.01 21.20
N LYS C 187 -12.74 54.92 21.62
CA LYS C 187 -11.33 54.91 21.99
C LYS C 187 -10.59 54.24 20.85
N ASN C 188 -10.02 55.10 19.99
CA ASN C 188 -9.34 54.60 18.77
C ASN C 188 -8.06 53.86 19.11
N LEU C 189 -8.19 52.62 19.53
CA LEU C 189 -7.01 51.80 19.77
C LEU C 189 -6.43 51.36 18.44
N ARG C 190 -5.48 52.17 17.97
CA ARG C 190 -4.83 51.92 16.66
C ARG C 190 -3.83 50.77 16.83
N GLU C 191 -4.25 49.54 16.56
CA GLU C 191 -3.43 48.37 16.83
C GLU C 191 -2.61 47.98 15.59
N PHE C 192 -1.62 48.80 15.29
CA PHE C 192 -0.79 48.54 14.12
C PHE C 192 0.12 47.34 14.36
N VAL C 193 0.54 46.69 13.28
CA VAL C 193 1.44 45.54 13.32
C VAL C 193 2.41 45.68 12.16
N PHE C 194 3.68 45.97 12.46
CA PHE C 194 4.67 46.27 11.42
C PHE C 194 5.57 45.07 11.16
N LYS C 195 4.97 44.00 10.64
CA LYS C 195 5.76 42.85 10.22
C LYS C 195 6.42 43.16 8.89
N ASN C 196 7.72 42.91 8.79
CA ASN C 196 8.47 43.14 7.55
C ASN C 196 9.26 41.89 7.19
N ILE C 197 8.60 40.97 6.50
CA ILE C 197 9.24 39.78 5.94
C ILE C 197 9.02 39.82 4.43
N ASP C 198 10.00 39.33 3.67
CA ASP C 198 9.99 39.26 2.22
C ASP C 198 10.15 40.64 1.58
N GLY C 199 10.09 41.71 2.36
CA GLY C 199 10.12 43.04 1.83
C GLY C 199 8.77 43.72 1.79
N TYR C 200 7.74 43.12 2.37
CA TYR C 200 6.43 43.75 2.45
C TYR C 200 6.22 44.27 3.87
N PHE C 201 5.92 45.56 3.98
CA PHE C 201 5.68 46.20 5.26
C PHE C 201 4.20 46.18 5.57
N LYS C 202 3.70 44.99 5.87
CA LYS C 202 2.27 44.84 6.10
C LYS C 202 1.85 45.57 7.36
N ILE C 203 0.80 46.37 7.27
CA ILE C 203 0.34 47.23 8.35
C ILE C 203 -1.09 46.82 8.68
N TYR C 204 -1.24 45.91 9.64
CA TYR C 204 -2.57 45.42 10.00
C TYR C 204 -3.13 46.31 11.11
N SER C 205 -3.92 47.29 10.71
CA SER C 205 -4.51 48.22 11.66
C SER C 205 -6.00 47.96 11.84
N LYS C 206 -6.55 48.51 12.92
CA LYS C 206 -7.99 48.50 13.14
C LYS C 206 -8.35 49.64 14.07
N HIS C 207 -9.22 50.53 13.61
CA HIS C 207 -9.64 51.70 14.37
C HIS C 207 -10.87 51.30 15.16
N THR C 208 -10.69 51.03 16.45
CA THR C 208 -11.77 50.50 17.25
C THR C 208 -12.82 51.58 17.53
N PRO C 209 -14.06 51.39 17.09
CA PRO C 209 -15.12 52.35 17.43
C PRO C 209 -15.76 52.04 18.77
N ILE C 210 -14.92 51.72 19.77
CA ILE C 210 -15.38 51.37 21.11
C ILE C 210 -14.54 52.14 22.12
N ASN C 211 -15.11 52.34 23.29
CA ASN C 211 -14.40 53.01 24.37
C ASN C 211 -13.43 52.04 25.02
N LEU C 212 -12.84 52.47 26.14
CA LEU C 212 -12.01 51.59 26.97
C LEU C 212 -12.25 51.95 28.43
N GLY C 213 -12.91 51.04 29.14
CA GLY C 213 -12.88 51.12 30.59
C GLY C 213 -11.48 50.87 31.12
N ARG C 214 -10.73 49.99 30.46
CA ARG C 214 -9.32 49.76 30.72
C ARG C 214 -8.61 49.63 29.37
N ASP C 215 -7.32 49.92 29.38
CA ASP C 215 -6.53 49.73 28.16
C ASP C 215 -6.46 48.25 27.82
N LEU C 216 -6.50 47.96 26.51
CA LEU C 216 -6.69 46.59 26.02
C LEU C 216 -7.95 45.98 26.61
N PRO C 217 -9.13 46.48 26.24
CA PRO C 217 -10.36 45.88 26.76
C PRO C 217 -10.50 44.45 26.31
N GLN C 218 -11.16 43.65 27.14
CA GLN C 218 -11.35 42.24 26.82
C GLN C 218 -12.24 42.11 25.58
N GLY C 219 -12.27 40.91 25.03
CA GLY C 219 -12.91 40.69 23.75
C GLY C 219 -11.90 40.61 22.62
N PHE C 220 -12.41 40.29 21.44
CA PHE C 220 -11.57 39.98 20.29
C PHE C 220 -11.64 41.10 19.25
N SER C 221 -10.51 41.35 18.60
CA SER C 221 -10.41 42.38 17.58
C SER C 221 -9.36 41.95 16.56
N ALA C 222 -9.79 41.33 15.48
CA ALA C 222 -8.87 40.96 14.41
C ALA C 222 -8.37 42.21 13.71
N LEU C 223 -7.25 42.07 13.01
CA LEU C 223 -6.59 43.19 12.36
C LEU C 223 -6.66 43.03 10.86
N GLU C 224 -7.51 43.81 10.21
CA GLU C 224 -7.47 43.74 8.76
C GLU C 224 -6.33 44.61 8.24
N PRO C 225 -5.55 44.12 7.28
CA PRO C 225 -4.48 44.94 6.71
C PRO C 225 -5.05 46.22 6.10
N LEU C 226 -4.35 47.32 6.32
CA LEU C 226 -4.69 48.60 5.72
C LEU C 226 -3.72 49.01 4.63
N VAL C 227 -2.42 48.81 4.86
CA VAL C 227 -1.39 49.03 3.83
C VAL C 227 -0.38 47.90 3.95
N ASP C 228 0.03 47.35 2.81
CA ASP C 228 1.06 46.33 2.77
C ASP C 228 2.12 46.79 1.79
N LEU C 229 3.02 47.62 2.27
CA LEU C 229 3.98 48.35 1.44
C LEU C 229 5.14 47.45 1.04
N PRO C 230 5.44 47.32 -0.25
CA PRO C 230 6.58 46.50 -0.67
C PRO C 230 7.88 47.29 -0.77
N ILE C 231 8.90 46.89 -0.01
CA ILE C 231 10.24 47.45 -0.19
C ILE C 231 11.23 46.53 0.52
N GLY C 232 12.40 46.34 -0.11
CA GLY C 232 13.44 45.52 0.48
C GLY C 232 14.35 46.30 1.41
N ILE C 233 14.37 45.91 2.70
CA ILE C 233 15.29 46.56 3.67
C ILE C 233 15.66 45.57 4.79
N ASN C 234 16.07 46.04 5.98
CA ASN C 234 16.43 45.16 7.14
C ASN C 234 16.34 45.98 8.43
N ILE C 235 15.13 46.29 8.92
CA ILE C 235 14.96 47.21 10.09
C ILE C 235 15.57 46.64 11.37
N THR C 236 15.95 47.50 12.33
CA THR C 236 16.46 47.06 13.67
C THR C 236 16.13 48.12 14.73
N ARG C 237 15.47 49.22 14.37
CA ARG C 237 15.04 50.22 15.33
C ARG C 237 13.72 50.82 14.87
N PHE C 238 12.99 51.41 15.81
CA PHE C 238 11.64 51.88 15.53
C PHE C 238 11.29 52.95 16.55
N GLN C 239 10.80 54.10 16.08
CA GLN C 239 10.51 55.23 16.93
C GLN C 239 9.09 55.72 16.66
N THR C 240 8.70 56.80 17.33
CA THR C 240 7.36 57.35 17.21
C THR C 240 7.43 58.86 17.30
N LEU C 241 6.44 59.52 16.70
CA LEU C 241 6.39 60.97 16.63
C LEU C 241 5.20 61.51 17.40
N LEU C 242 5.40 62.60 18.15
CA LEU C 242 4.24 63.26 18.78
C LEU C 242 4.33 64.74 18.38
N ALA C 243 5.08 65.03 17.32
CA ALA C 243 5.31 66.41 16.87
C ALA C 243 4.01 66.99 16.32
N LEU C 244 3.39 67.88 17.09
CA LEU C 244 2.22 68.62 16.64
C LEU C 244 2.42 70.13 16.77
N HIS C 245 3.68 70.58 16.86
CA HIS C 245 4.05 71.96 17.16
C HIS C 245 3.63 72.31 18.59
N ARG C 246 3.04 71.34 19.29
CA ARG C 246 2.53 71.57 20.64
C ARG C 246 2.36 70.20 21.30
N SER C 247 3.18 69.95 22.34
CA SER C 247 3.09 68.69 23.12
C SER C 247 1.72 68.67 23.80
N TYR C 248 0.85 67.73 23.43
CA TYR C 248 -0.54 67.73 23.90
C TYR C 248 -0.70 66.73 25.04
N LEU C 249 -0.57 67.22 26.27
CA LEU C 249 -0.98 66.51 27.48
C LEU C 249 -0.45 65.08 27.52
N THR C 250 0.89 64.96 27.47
CA THR C 250 1.52 63.62 27.47
C THR C 250 2.21 63.34 28.81
N PRO C 251 1.63 62.50 29.71
CA PRO C 251 2.34 62.12 30.94
C PRO C 251 3.37 61.04 30.66
N GLY C 252 4.15 60.64 31.67
CA GLY C 252 5.16 59.64 31.43
C GLY C 252 5.71 59.06 32.71
N ASP C 253 6.57 58.05 32.52
CA ASP C 253 7.29 57.41 33.65
C ASP C 253 8.76 57.33 33.21
N SER C 254 9.44 56.19 33.42
CA SER C 254 10.84 56.02 32.94
C SER C 254 11.31 54.56 33.13
N SER C 255 10.40 53.58 33.06
CA SER C 255 10.83 52.17 33.16
C SER C 255 10.14 51.33 32.06
N SER C 256 10.40 50.01 32.05
CA SER C 256 9.85 49.19 30.95
C SER C 256 9.66 47.72 31.35
N GLY C 257 10.66 46.85 31.16
CA GLY C 257 10.40 45.40 31.36
C GLY C 257 9.14 44.91 30.71
N TRP C 258 8.01 45.06 31.39
CA TRP C 258 6.70 44.70 30.81
C TRP C 258 5.74 45.73 31.37
N THR C 259 6.27 46.91 31.67
CA THR C 259 5.45 47.98 32.30
C THR C 259 4.00 47.86 31.86
N ALA C 260 3.10 47.64 32.82
CA ALA C 260 1.66 47.63 32.52
C ALA C 260 1.05 48.95 33.03
N GLY C 261 -0.27 49.04 33.11
CA GLY C 261 -0.91 50.25 33.60
C GLY C 261 -1.55 51.07 32.50
N ALA C 262 -1.11 52.32 32.35
CA ALA C 262 -1.61 53.19 31.30
C ALA C 262 -0.48 54.09 30.83
N ALA C 263 -0.31 54.20 29.53
CA ALA C 263 0.79 54.96 28.94
C ALA C 263 0.43 55.27 27.49
N ALA C 264 1.43 55.69 26.72
CA ALA C 264 1.21 56.12 25.34
C ALA C 264 0.98 54.98 24.37
N TYR C 265 1.84 53.96 24.34
CA TYR C 265 1.76 52.96 23.30
C TYR C 265 2.35 51.63 23.78
N TYR C 266 2.51 50.69 22.86
CA TYR C 266 2.97 49.34 23.16
C TYR C 266 4.13 48.99 22.25
N VAL C 267 4.80 47.88 22.57
CA VAL C 267 5.76 47.26 21.67
C VAL C 267 5.59 45.75 21.75
N GLY C 268 4.86 45.16 20.80
CA GLY C 268 4.62 43.73 20.85
C GLY C 268 5.47 42.94 19.88
N TYR C 269 6.38 42.14 20.40
CA TYR C 269 7.28 41.37 19.55
C TYR C 269 6.64 40.07 19.10
N LEU C 270 6.24 40.02 17.84
CA LEU C 270 5.61 38.81 17.31
C LEU C 270 6.60 37.66 17.27
N GLN C 271 6.07 36.46 17.43
CA GLN C 271 6.86 35.23 17.46
C GLN C 271 6.25 34.23 16.50
N PRO C 272 7.05 33.28 16.00
CA PRO C 272 6.49 32.27 15.10
C PRO C 272 5.60 31.28 15.82
N ARG C 273 4.30 31.39 15.61
CA ARG C 273 3.32 30.56 16.30
C ARG C 273 2.49 29.79 15.28
N THR C 274 1.45 29.11 15.77
CA THR C 274 0.60 28.25 14.97
C THR C 274 -0.86 28.53 15.25
N PHE C 275 -1.23 29.81 15.20
CA PHE C 275 -2.56 30.23 15.60
C PHE C 275 -3.64 29.51 14.81
N LEU C 276 -4.73 29.15 15.50
CA LEU C 276 -5.90 28.58 14.88
C LEU C 276 -7.02 29.62 14.95
N LEU C 277 -7.61 29.95 13.81
CA LEU C 277 -8.50 31.08 13.68
C LEU C 277 -9.90 30.63 13.29
N LYS C 278 -10.90 31.23 13.92
CA LYS C 278 -12.29 30.97 13.58
C LYS C 278 -12.84 32.16 12.81
N TYR C 279 -13.48 31.88 11.67
CA TYR C 279 -14.04 32.93 10.83
C TYR C 279 -15.55 32.98 11.03
N ASN C 280 -16.08 34.20 11.10
CA ASN C 280 -17.51 34.38 11.30
C ASN C 280 -18.26 33.96 10.04
N GLU C 281 -19.56 33.69 10.20
CA GLU C 281 -20.38 33.38 9.03
C GLU C 281 -20.36 34.51 8.01
N ASN C 282 -20.11 35.74 8.46
CA ASN C 282 -19.93 36.87 7.56
C ASN C 282 -18.52 36.94 7.00
N GLY C 283 -17.62 36.08 7.46
CA GLY C 283 -16.29 36.00 6.90
C GLY C 283 -15.20 36.72 7.66
N THR C 284 -15.49 37.24 8.85
CA THR C 284 -14.49 37.92 9.65
C THR C 284 -14.02 37.01 10.79
N ILE C 285 -12.85 37.33 11.33
CA ILE C 285 -12.27 36.55 12.41
C ILE C 285 -12.93 36.90 13.73
N THR C 286 -13.99 36.18 14.09
CA THR C 286 -14.66 36.44 15.35
C THR C 286 -13.74 36.18 16.53
N ASP C 287 -12.99 35.08 16.48
CA ASP C 287 -12.18 34.68 17.62
C ASP C 287 -11.16 33.66 17.13
N ALA C 288 -10.02 33.61 17.82
CA ALA C 288 -8.94 32.71 17.47
C ALA C 288 -8.25 32.25 18.74
N VAL C 289 -7.58 31.11 18.64
CA VAL C 289 -6.91 30.50 19.78
C VAL C 289 -5.53 30.03 19.36
N ASP C 290 -4.56 30.19 20.26
CA ASP C 290 -3.21 29.72 20.01
C ASP C 290 -3.16 28.20 20.11
N CYS C 291 -2.20 27.62 19.38
CA CYS C 291 -1.80 26.24 19.60
C CYS C 291 -0.57 26.14 20.47
N ALA C 292 -0.04 27.27 20.91
CA ALA C 292 1.16 27.33 21.74
C ALA C 292 0.95 28.32 22.87
N LEU C 293 -0.14 28.18 23.61
CA LEU C 293 -0.37 28.96 24.82
C LEU C 293 -0.50 28.08 26.06
N ASP C 294 -1.39 27.10 26.02
CA ASP C 294 -1.82 26.31 27.16
C ASP C 294 -1.94 24.87 26.70
N PRO C 295 -1.75 23.90 27.60
CA PRO C 295 -2.14 22.53 27.25
C PRO C 295 -3.58 22.43 26.78
N LEU C 296 -4.50 23.15 27.42
CA LEU C 296 -5.88 23.18 26.95
C LEU C 296 -5.95 23.78 25.56
N SER C 297 -5.15 24.82 25.31
CA SER C 297 -5.07 25.37 23.96
C SER C 297 -4.57 24.32 22.98
N GLU C 298 -3.62 23.51 23.40
CA GLU C 298 -3.14 22.44 22.52
C GLU C 298 -4.25 21.43 22.22
N THR C 299 -5.03 21.04 23.23
CA THR C 299 -6.12 20.11 22.99
C THR C 299 -7.11 20.69 21.99
N LYS C 300 -7.57 21.91 22.24
CA LYS C 300 -8.54 22.50 21.33
C LYS C 300 -7.91 22.85 19.99
N CYS C 301 -6.58 22.79 19.89
CA CYS C 301 -5.93 22.95 18.60
C CYS C 301 -5.96 21.65 17.80
N THR C 302 -5.46 20.56 18.39
CA THR C 302 -5.44 19.30 17.67
C THR C 302 -6.85 18.83 17.34
N LEU C 303 -7.79 19.01 18.27
CA LEU C 303 -9.17 18.71 17.98
C LEU C 303 -9.76 19.67 16.95
N LYS C 304 -9.08 20.79 16.69
CA LYS C 304 -9.53 21.77 15.70
C LYS C 304 -10.95 22.26 16.02
N SER C 305 -11.20 22.55 17.29
CA SER C 305 -12.47 23.11 17.72
C SER C 305 -12.23 23.97 18.95
N PHE C 306 -13.15 24.89 19.20
CA PHE C 306 -13.04 25.78 20.35
C PHE C 306 -13.71 25.23 21.59
N THR C 307 -14.34 24.07 21.49
CA THR C 307 -14.91 23.49 22.73
C THR C 307 -14.48 22.03 22.84
N VAL C 308 -13.59 21.72 23.78
CA VAL C 308 -13.22 20.29 24.02
C VAL C 308 -14.14 19.78 25.12
N GLU C 309 -14.62 18.55 25.01
CA GLU C 309 -15.59 18.04 26.00
C GLU C 309 -14.83 17.22 27.05
N LYS C 310 -15.51 16.70 28.05
CA LYS C 310 -14.78 15.99 29.09
C LYS C 310 -14.11 14.76 28.51
N GLY C 311 -12.83 14.58 28.85
CA GLY C 311 -12.09 13.43 28.37
C GLY C 311 -10.60 13.73 28.34
N ILE C 312 -9.83 12.71 28.02
CA ILE C 312 -8.39 12.80 27.92
C ILE C 312 -8.00 12.70 26.46
N TYR C 313 -7.22 13.66 25.99
CA TYR C 313 -6.80 13.73 24.60
C TYR C 313 -5.29 13.74 24.52
N GLN C 314 -4.75 13.01 23.54
CA GLN C 314 -3.32 13.00 23.28
C GLN C 314 -2.99 14.19 22.39
N THR C 315 -2.55 15.29 22.99
CA THR C 315 -2.29 16.50 22.23
C THR C 315 -1.08 16.32 21.32
N SER C 316 0.08 16.09 21.92
CA SER C 316 1.32 16.05 21.15
C SER C 316 2.20 14.92 21.64
N ASN C 317 3.47 14.94 21.23
CA ASN C 317 4.45 13.96 21.68
C ASN C 317 5.51 14.72 22.47
N PHE C 318 5.58 14.44 23.77
CA PHE C 318 6.64 15.02 24.58
C PHE C 318 7.96 14.35 24.22
N ARG C 319 8.96 15.17 23.92
CA ARG C 319 10.24 14.68 23.41
C ARG C 319 11.35 15.36 24.20
N VAL C 320 12.29 14.56 24.71
CA VAL C 320 13.41 15.12 25.45
C VAL C 320 14.47 15.57 24.45
N GLN C 321 14.70 16.87 24.39
CA GLN C 321 15.73 17.39 23.49
C GLN C 321 17.10 16.86 23.92
N PRO C 322 17.98 16.59 22.97
CA PRO C 322 19.30 16.00 23.28
C PRO C 322 20.30 17.03 23.81
N THR C 323 19.84 17.89 24.71
CA THR C 323 20.60 19.03 25.21
C THR C 323 21.22 19.76 24.02
N GLU C 324 22.41 20.34 24.19
CA GLU C 324 23.15 20.98 23.12
C GLU C 324 24.59 20.50 23.08
N SER C 325 24.83 19.28 23.56
CA SER C 325 26.17 18.74 23.70
C SER C 325 26.41 17.63 22.69
N ILE C 326 27.59 17.64 22.07
CA ILE C 326 28.02 16.62 21.13
C ILE C 326 29.21 15.89 21.73
N VAL C 327 29.10 14.56 21.83
CA VAL C 327 30.20 13.76 22.42
C VAL C 327 30.83 12.94 21.30
N ARG C 328 32.15 12.71 21.37
CA ARG C 328 32.86 11.91 20.34
C ARG C 328 34.24 11.57 20.88
N PHE C 329 34.52 10.29 21.09
CA PHE C 329 35.90 9.92 21.51
C PHE C 329 36.54 8.94 20.50
N PRO C 330 36.59 9.24 19.18
CA PRO C 330 37.23 8.37 18.20
C PRO C 330 38.72 8.72 18.17
N ASN C 331 39.33 8.82 19.35
CA ASN C 331 40.73 9.30 19.40
C ASN C 331 41.71 8.17 19.06
N ILE C 332 42.92 8.52 18.61
CA ILE C 332 44.00 7.56 18.23
C ILE C 332 45.00 8.36 17.40
N THR C 333 44.95 9.69 17.52
CA THR C 333 45.79 10.56 16.66
C THR C 333 47.26 10.10 16.67
N ASN C 334 47.89 10.08 15.49
CA ASN C 334 49.33 9.72 15.36
C ASN C 334 50.02 10.80 14.53
N LEU C 335 50.55 10.45 13.35
CA LEU C 335 51.13 11.46 12.45
C LEU C 335 51.11 10.90 11.02
N CYS C 336 52.15 11.20 10.23
CA CYS C 336 52.23 10.75 8.82
C CYS C 336 53.63 11.06 8.34
N PRO C 337 54.25 10.30 7.40
CA PRO C 337 55.55 10.68 6.87
C PRO C 337 55.57 12.20 6.64
N PHE C 338 56.07 12.95 7.62
CA PHE C 338 56.06 14.43 7.53
C PHE C 338 57.47 14.97 7.63
N ASP C 339 58.07 14.95 8.82
CA ASP C 339 59.39 15.58 8.90
C ASP C 339 60.45 14.81 8.15
N GLU C 340 60.24 13.52 7.85
CA GLU C 340 61.24 12.75 7.14
C GLU C 340 61.40 13.23 5.71
N VAL C 341 60.30 13.58 5.05
CA VAL C 341 60.34 13.99 3.64
C VAL C 341 60.27 15.51 3.51
N PHE C 342 59.33 16.15 4.20
CA PHE C 342 59.14 17.58 4.05
C PHE C 342 60.18 18.36 4.86
N ASN C 343 60.21 18.14 6.18
CA ASN C 343 61.12 18.86 7.07
C ASN C 343 62.47 18.16 7.20
N ALA C 344 63.11 17.90 6.07
CA ALA C 344 64.39 17.20 6.04
C ALA C 344 65.49 18.16 5.62
N THR C 345 66.52 18.29 6.47
CA THR C 345 67.64 19.18 6.14
C THR C 345 68.52 18.57 5.05
N ARG C 346 68.81 17.27 5.15
CA ARG C 346 69.61 16.58 4.16
C ARG C 346 68.69 16.13 3.03
N PHE C 347 68.79 16.80 1.89
CA PHE C 347 67.90 16.57 0.77
C PHE C 347 68.64 15.88 -0.37
N ALA C 348 67.97 15.69 -1.50
CA ALA C 348 68.51 14.96 -2.63
C ALA C 348 68.67 15.87 -3.84
N SER C 349 69.12 15.28 -4.95
CA SER C 349 69.35 16.01 -6.18
C SER C 349 68.12 15.96 -7.09
N VAL C 350 68.18 16.74 -8.17
CA VAL C 350 67.05 16.82 -9.10
C VAL C 350 66.80 15.47 -9.78
N TYR C 351 67.85 14.66 -9.94
CA TYR C 351 67.71 13.37 -10.59
C TYR C 351 67.50 12.22 -9.63
N ALA C 352 67.67 12.44 -8.32
CA ALA C 352 67.72 11.34 -7.36
C ALA C 352 66.65 11.44 -6.29
N TRP C 353 65.40 11.72 -6.69
CA TRP C 353 64.31 11.72 -5.72
C TRP C 353 63.95 10.29 -5.33
N ASN C 354 63.48 10.14 -4.09
CA ASN C 354 63.09 8.84 -3.56
C ASN C 354 61.59 8.67 -3.65
N ARG C 355 61.15 7.49 -4.12
CA ARG C 355 59.73 7.17 -4.24
C ARG C 355 59.22 6.74 -2.87
N LYS C 356 58.95 7.73 -2.03
CA LYS C 356 58.47 7.49 -0.68
C LYS C 356 56.99 7.14 -0.72
N ARG C 357 56.61 6.05 -0.05
CA ARG C 357 55.24 5.58 0.01
C ARG C 357 54.61 6.09 1.31
N ILE C 358 54.01 7.28 1.19
CA ILE C 358 53.37 7.98 2.35
C ILE C 358 51.89 7.62 2.40
N SER C 359 51.46 6.93 3.45
CA SER C 359 50.05 6.62 3.62
C SER C 359 49.84 6.16 5.07
N ASN C 360 48.59 5.83 5.40
CA ASN C 360 48.21 5.38 6.73
C ASN C 360 48.63 6.37 7.80
N CYS C 361 48.38 7.63 7.49
CA CYS C 361 48.70 8.70 8.45
C CYS C 361 47.42 9.20 9.10
N VAL C 362 47.46 10.44 9.58
CA VAL C 362 46.23 11.10 10.10
C VAL C 362 46.10 12.43 9.34
N ALA C 363 45.04 13.22 9.60
CA ALA C 363 44.86 14.52 8.90
C ALA C 363 45.77 15.58 9.53
N ASP C 364 47.03 15.23 9.79
CA ASP C 364 47.91 16.16 10.48
C ASP C 364 48.61 17.08 9.48
N TYR C 365 47.82 17.71 8.62
CA TYR C 365 48.34 18.64 7.62
C TYR C 365 48.46 20.06 8.16
N SER C 366 48.06 20.28 9.43
CA SER C 366 48.32 21.56 10.06
C SER C 366 49.80 21.81 10.21
N VAL C 367 50.57 20.76 10.52
CA VAL C 367 52.03 20.87 10.54
C VAL C 367 52.56 21.19 9.16
N LEU C 368 52.02 20.52 8.13
CA LEU C 368 52.41 20.83 6.76
C LEU C 368 52.03 22.26 6.38
N TYR C 369 50.98 22.80 6.99
CA TYR C 369 50.61 24.18 6.75
C TYR C 369 51.68 25.13 7.28
N ASN C 370 52.30 24.81 8.40
CA ASN C 370 53.36 25.62 9.00
C ASN C 370 54.69 24.90 8.75
N PHE C 371 55.27 25.17 7.60
CA PHE C 371 56.51 24.52 7.20
C PHE C 371 57.63 25.50 6.88
N ALA C 372 57.32 26.60 6.21
CA ALA C 372 58.31 27.60 5.84
C ALA C 372 57.68 28.97 6.00
N PRO C 373 58.50 30.01 6.21
CA PRO C 373 57.93 31.37 6.27
C PRO C 373 57.18 31.76 5.01
N PHE C 374 57.64 31.32 3.85
CA PHE C 374 56.95 31.57 2.60
C PHE C 374 56.95 30.30 1.75
N PHE C 375 55.82 30.04 1.09
CA PHE C 375 55.67 28.87 0.25
C PHE C 375 54.58 29.13 -0.78
N ALA C 376 54.55 28.29 -1.82
CA ALA C 376 53.58 28.42 -2.91
C ALA C 376 52.69 27.18 -2.93
N PHE C 377 51.42 27.33 -2.56
CA PHE C 377 50.52 26.20 -2.42
C PHE C 377 49.70 25.94 -3.68
N LYS C 378 49.96 26.71 -4.74
CA LYS C 378 49.10 26.72 -5.92
C LYS C 378 49.15 25.32 -6.55
N CYS C 379 48.04 24.57 -6.48
CA CYS C 379 47.97 23.22 -7.02
C CYS C 379 47.65 23.20 -8.52
N TYR C 380 47.37 22.01 -9.03
CA TYR C 380 46.92 21.79 -10.41
C TYR C 380 45.57 21.05 -10.30
N GLY C 381 44.50 21.82 -10.16
CA GLY C 381 43.16 21.28 -10.20
C GLY C 381 42.51 20.97 -8.87
N VAL C 382 43.06 21.45 -7.74
CA VAL C 382 42.48 21.23 -6.43
C VAL C 382 42.88 22.39 -5.52
N SER C 383 42.13 22.55 -4.39
CA SER C 383 42.26 23.61 -3.41
C SER C 383 43.12 23.19 -2.22
N PRO C 384 43.90 24.12 -1.67
CA PRO C 384 44.74 23.76 -0.50
C PRO C 384 43.95 23.30 0.71
N THR C 385 42.76 23.86 0.93
CA THR C 385 42.01 23.55 2.15
C THR C 385 41.21 22.26 2.03
N LYS C 386 40.70 21.95 0.83
CA LYS C 386 39.85 20.77 0.66
C LYS C 386 40.64 19.47 0.70
N LEU C 387 41.97 19.52 0.65
CA LEU C 387 42.76 18.30 0.68
C LEU C 387 42.79 17.66 2.05
N ASN C 388 42.59 18.43 3.12
CA ASN C 388 42.56 17.85 4.45
C ASN C 388 41.37 16.90 4.62
N ASP C 389 40.22 17.27 4.08
CA ASP C 389 39.01 16.45 4.17
C ASP C 389 38.96 15.41 3.05
N LEU C 390 40.01 14.61 2.93
CA LEU C 390 40.07 13.56 1.91
C LEU C 390 40.97 12.46 2.44
N CYS C 391 40.35 11.42 3.02
CA CYS C 391 41.12 10.22 3.49
C CYS C 391 41.50 9.45 2.23
N PHE C 392 42.66 9.75 1.66
CA PHE C 392 43.10 9.20 0.38
C PHE C 392 43.73 7.82 0.58
N THR C 393 44.38 7.32 -0.47
CA THR C 393 44.99 5.99 -0.47
C THR C 393 46.49 6.05 -0.19
N ASN C 394 47.24 6.80 -1.01
CA ASN C 394 48.69 6.75 -0.95
C ASN C 394 49.27 8.04 -1.53
N VAL C 395 50.52 8.30 -1.20
CA VAL C 395 51.27 9.43 -1.73
C VAL C 395 52.66 8.94 -2.11
N TYR C 396 53.03 9.12 -3.37
CA TYR C 396 54.39 8.87 -3.83
C TYR C 396 55.13 10.20 -3.79
N ALA C 397 55.74 10.49 -2.64
CA ALA C 397 56.35 11.79 -2.40
C ALA C 397 57.79 11.80 -2.93
N ASP C 398 58.01 12.56 -3.99
CA ASP C 398 59.35 12.78 -4.53
C ASP C 398 60.05 13.88 -3.75
N SER C 399 61.33 14.08 -4.06
CA SER C 399 62.13 15.05 -3.31
C SER C 399 63.34 15.46 -4.16
N PHE C 400 63.37 16.71 -4.62
CA PHE C 400 64.51 17.21 -5.35
C PHE C 400 64.64 18.72 -5.16
N VAL C 401 65.83 19.23 -5.40
CA VAL C 401 66.13 20.65 -5.33
C VAL C 401 66.42 21.15 -6.74
N ILE C 402 65.69 22.18 -7.17
CA ILE C 402 65.87 22.75 -8.50
C ILE C 402 66.04 24.25 -8.36
N ARG C 403 66.74 24.85 -9.33
CA ARG C 403 67.04 26.27 -9.31
C ARG C 403 65.91 27.06 -9.97
N GLY C 404 65.93 28.37 -9.74
CA GLY C 404 64.83 29.23 -10.18
C GLY C 404 64.75 29.43 -11.67
N ASN C 405 65.86 29.25 -12.39
CA ASN C 405 65.82 29.40 -13.85
C ASN C 405 64.90 28.38 -14.48
N GLU C 406 64.91 27.15 -13.97
CA GLU C 406 64.07 26.07 -14.48
C GLU C 406 62.73 25.98 -13.74
N VAL C 407 62.42 26.94 -12.88
CA VAL C 407 61.11 26.95 -12.21
C VAL C 407 60.00 27.05 -13.24
N SER C 408 60.17 27.90 -14.25
CA SER C 408 59.22 27.93 -15.36
C SER C 408 59.14 26.58 -16.05
N GLN C 409 60.24 25.83 -16.07
CA GLN C 409 60.24 24.48 -16.61
C GLN C 409 59.68 23.46 -15.64
N ILE C 410 59.50 23.81 -14.36
CA ILE C 410 58.90 22.89 -13.40
C ILE C 410 57.39 22.99 -13.54
N ALA C 411 56.83 22.19 -14.43
CA ALA C 411 55.40 22.12 -14.71
C ALA C 411 55.15 21.00 -15.70
N PRO C 412 53.96 20.39 -15.72
CA PRO C 412 53.68 19.37 -16.73
C PRO C 412 53.71 19.95 -18.14
N GLY C 413 54.22 19.17 -19.08
CA GLY C 413 54.21 19.56 -20.48
C GLY C 413 55.19 20.64 -20.87
N GLN C 414 56.26 20.84 -20.11
CA GLN C 414 57.27 21.82 -20.46
C GLN C 414 58.43 21.15 -21.21
N THR C 415 59.19 21.97 -21.92
CA THR C 415 60.30 21.50 -22.73
C THR C 415 61.56 22.29 -22.41
N GLY C 416 62.70 21.66 -22.65
CA GLY C 416 63.99 22.25 -22.35
C GLY C 416 64.99 21.18 -21.94
N ASN C 417 66.21 21.59 -21.56
CA ASN C 417 67.20 20.61 -21.14
C ASN C 417 66.74 19.88 -19.88
N ILE C 418 66.38 20.63 -18.83
CA ILE C 418 65.91 20.00 -17.60
C ILE C 418 64.53 19.40 -17.80
N ALA C 419 63.66 20.09 -18.54
CA ALA C 419 62.27 19.65 -18.71
C ALA C 419 62.15 18.44 -19.63
N ASP C 420 63.17 18.11 -20.43
CA ASP C 420 63.11 16.95 -21.30
C ASP C 420 64.16 15.91 -20.94
N TYR C 421 65.45 16.26 -20.93
CA TYR C 421 66.49 15.28 -20.67
C TYR C 421 66.56 14.93 -19.18
N ASN C 422 66.59 15.95 -18.32
CA ASN C 422 66.82 15.72 -16.90
C ASN C 422 65.57 15.15 -16.22
N TYR C 423 64.39 15.67 -16.56
CA TYR C 423 63.16 15.23 -15.91
C TYR C 423 61.98 15.54 -16.81
N LYS C 424 61.25 14.51 -17.21
CA LYS C 424 60.03 14.64 -18.00
C LYS C 424 58.84 14.35 -17.08
N LEU C 425 58.34 15.40 -16.44
CA LEU C 425 57.20 15.24 -15.55
C LEU C 425 55.97 14.83 -16.35
N PRO C 426 55.10 13.97 -15.79
CA PRO C 426 53.91 13.54 -16.53
C PRO C 426 53.01 14.72 -16.89
N ASP C 427 52.48 14.67 -18.11
CA ASP C 427 51.54 15.71 -18.55
C ASP C 427 50.19 15.53 -17.87
N ASP C 428 49.68 14.29 -17.83
CA ASP C 428 48.42 13.99 -17.15
C ASP C 428 48.71 13.63 -15.69
N PHE C 429 49.18 14.65 -14.96
CA PHE C 429 49.66 14.48 -13.59
C PHE C 429 48.72 15.19 -12.64
N THR C 430 48.15 14.44 -11.70
CA THR C 430 47.26 14.97 -10.68
C THR C 430 47.99 14.93 -9.35
N GLY C 431 48.69 16.02 -9.02
CA GLY C 431 49.48 16.10 -7.81
C GLY C 431 49.93 17.51 -7.52
N CYS C 432 50.68 17.70 -6.44
CA CYS C 432 51.01 19.05 -5.97
C CYS C 432 52.41 19.05 -5.36
N VAL C 433 53.29 19.96 -5.81
CA VAL C 433 54.72 19.81 -5.56
C VAL C 433 55.31 20.96 -4.73
N ILE C 434 55.60 20.68 -3.46
CA ILE C 434 56.04 21.70 -2.50
C ILE C 434 57.25 22.49 -3.03
N ALA C 435 57.10 23.81 -3.12
CA ALA C 435 58.15 24.68 -3.66
C ALA C 435 58.27 25.95 -2.83
N TRP C 436 59.51 26.31 -2.53
CA TRP C 436 59.82 27.54 -1.81
C TRP C 436 61.32 27.83 -1.95
N ASN C 437 61.72 29.03 -1.54
CA ASN C 437 63.12 29.43 -1.64
C ASN C 437 63.93 28.73 -0.55
N SER C 438 64.90 27.92 -0.96
CA SER C 438 65.75 27.17 -0.04
C SER C 438 67.18 27.66 -0.04
N ASN C 439 67.40 28.94 -0.40
CA ASN C 439 68.74 29.50 -0.38
C ASN C 439 69.31 29.53 1.03
N LYS C 440 68.46 29.66 2.04
CA LYS C 440 68.93 29.70 3.42
C LYS C 440 69.35 28.32 3.93
N LEU C 441 68.92 27.25 3.25
CA LEU C 441 69.23 25.89 3.70
C LEU C 441 70.08 25.12 2.69
N ASP C 442 69.66 25.07 1.43
CA ASP C 442 70.39 24.31 0.42
C ASP C 442 71.62 25.05 -0.12
N SER C 443 71.73 26.36 0.11
CA SER C 443 72.85 27.15 -0.39
C SER C 443 73.68 27.65 0.79
N LYS C 444 74.99 27.39 0.74
CA LYS C 444 75.91 27.78 1.79
C LYS C 444 76.77 28.95 1.33
N VAL C 445 77.31 29.69 2.30
CA VAL C 445 78.11 30.87 1.99
C VAL C 445 79.41 30.49 1.32
N GLY C 446 80.03 29.40 1.77
CA GLY C 446 81.31 28.97 1.23
C GLY C 446 81.24 28.24 -0.09
N GLY C 447 80.05 28.00 -0.63
CA GLY C 447 79.92 27.29 -1.88
C GLY C 447 79.84 25.79 -1.70
N ASN C 448 78.81 25.16 -2.28
CA ASN C 448 78.59 23.73 -2.15
C ASN C 448 78.83 23.07 -3.50
N TYR C 449 79.73 22.09 -3.52
CA TYR C 449 79.99 21.29 -4.72
C TYR C 449 79.73 19.80 -4.50
N ASN C 450 79.36 19.39 -3.28
CA ASN C 450 78.96 18.00 -3.06
C ASN C 450 77.70 17.66 -3.83
N TYR C 451 76.74 18.59 -3.89
CA TYR C 451 75.52 18.38 -4.64
C TYR C 451 75.78 18.54 -6.13
N ARG C 452 75.11 17.70 -6.93
CA ARG C 452 75.26 17.72 -8.38
C ARG C 452 73.88 17.69 -9.04
N TYR C 453 73.80 18.27 -10.23
CA TYR C 453 72.56 18.30 -10.99
C TYR C 453 72.82 17.84 -12.41
N ARG C 454 71.84 17.16 -13.00
CA ARG C 454 71.95 16.60 -14.34
C ARG C 454 71.51 17.65 -15.36
N LEU C 455 72.38 17.92 -16.34
CA LEU C 455 72.07 18.91 -17.37
C LEU C 455 72.08 18.32 -18.78
N PHE C 456 73.11 17.56 -19.15
CA PHE C 456 73.27 17.02 -20.49
C PHE C 456 73.11 15.50 -20.43
N ARG C 457 71.87 15.03 -20.54
CA ARG C 457 71.58 13.61 -20.50
C ARG C 457 71.37 13.05 -21.90
N LYS C 458 71.41 11.72 -22.00
CA LYS C 458 71.30 11.06 -23.29
C LYS C 458 69.86 11.07 -23.81
N SER C 459 68.93 10.50 -23.05
CA SER C 459 67.55 10.35 -23.48
C SER C 459 66.60 10.99 -22.47
N ASN C 460 65.44 11.39 -22.98
CA ASN C 460 64.40 11.96 -22.13
C ASN C 460 63.83 10.89 -21.20
N LEU C 461 63.51 11.30 -19.97
CA LEU C 461 63.03 10.36 -18.97
C LEU C 461 61.58 9.97 -19.23
N LYS C 462 61.03 9.19 -18.30
CA LYS C 462 59.64 8.79 -18.25
C LYS C 462 58.94 9.56 -17.13
N PRO C 463 57.60 9.63 -17.16
CA PRO C 463 56.88 10.23 -16.04
C PRO C 463 57.23 9.57 -14.71
N PHE C 464 57.61 10.37 -13.72
CA PHE C 464 57.99 9.89 -12.39
C PHE C 464 59.14 8.89 -12.48
N GLU C 465 60.30 9.38 -12.93
CA GLU C 465 61.48 8.56 -13.11
C GLU C 465 62.65 9.14 -12.35
N ARG C 466 63.65 8.30 -12.08
CA ARG C 466 64.80 8.66 -11.28
C ARG C 466 66.09 8.25 -11.99
N ASP C 467 67.15 9.01 -11.75
CA ASP C 467 68.47 8.73 -12.30
C ASP C 467 69.52 8.76 -11.21
N ILE C 468 70.52 7.89 -11.34
CA ILE C 468 71.68 7.89 -10.45
C ILE C 468 72.99 7.79 -11.23
N SER C 469 72.96 7.81 -12.55
CA SER C 469 74.15 7.59 -13.35
C SER C 469 75.12 8.76 -13.23
N THR C 470 76.42 8.43 -13.16
CA THR C 470 77.49 9.41 -13.04
C THR C 470 78.50 9.23 -14.17
N GLU C 471 78.01 9.03 -15.39
CA GLU C 471 78.86 8.76 -16.54
C GLU C 471 78.80 9.90 -17.55
N ILE C 472 79.76 9.89 -18.47
CA ILE C 472 79.88 10.93 -19.48
C ILE C 472 78.83 10.71 -20.57
N TYR C 473 78.25 11.79 -21.06
CA TYR C 473 77.19 11.76 -22.05
C TYR C 473 77.74 12.10 -23.43
N GLN C 474 77.26 11.38 -24.45
CA GLN C 474 77.80 11.46 -25.80
C GLN C 474 76.76 12.04 -26.74
N ALA C 475 77.17 13.03 -27.54
CA ALA C 475 76.29 13.61 -28.54
C ALA C 475 76.98 13.93 -29.86
N GLY C 476 78.26 13.61 -30.01
CA GLY C 476 78.97 13.95 -31.23
C GLY C 476 78.95 12.83 -32.26
N ASN C 477 79.47 13.16 -33.45
CA ASN C 477 79.57 12.15 -34.51
C ASN C 477 80.63 11.10 -34.17
N LYS C 478 81.79 11.53 -33.67
CA LYS C 478 82.82 10.59 -33.26
C LYS C 478 82.44 9.96 -31.92
N PRO C 479 82.77 8.68 -31.73
CA PRO C 479 82.37 7.98 -30.49
C PRO C 479 83.17 8.41 -29.26
N CYS C 480 82.48 8.84 -28.21
CA CYS C 480 83.15 9.14 -26.95
C CYS C 480 83.75 7.89 -26.30
N ASN C 481 83.01 6.78 -26.33
CA ASN C 481 83.34 5.58 -25.56
C ASN C 481 83.43 5.92 -24.07
N GLY C 482 82.56 6.82 -23.62
CA GLY C 482 82.53 7.21 -22.22
C GLY C 482 83.55 8.25 -21.80
N VAL C 483 84.26 8.86 -22.75
CA VAL C 483 85.31 9.83 -22.46
C VAL C 483 84.97 11.14 -23.14
N ALA C 484 85.39 12.24 -22.52
CA ALA C 484 85.10 13.57 -23.04
C ALA C 484 85.78 13.78 -24.40
N GLY C 485 85.19 14.66 -25.19
CA GLY C 485 85.69 14.93 -26.53
C GLY C 485 84.87 15.93 -27.32
N VAL C 486 84.58 15.59 -28.58
CA VAL C 486 83.86 16.50 -29.47
C VAL C 486 82.37 16.40 -29.19
N ASN C 487 81.77 17.51 -28.76
CA ASN C 487 80.35 17.56 -28.39
C ASN C 487 79.98 16.44 -27.43
N CYS C 488 80.73 16.35 -26.34
CA CYS C 488 80.63 15.21 -25.42
C CYS C 488 80.83 15.75 -24.01
N TYR C 489 79.72 15.98 -23.30
CA TYR C 489 79.72 16.69 -22.03
C TYR C 489 79.39 15.75 -20.88
N PHE C 490 79.33 16.32 -19.67
CA PHE C 490 79.03 15.56 -18.46
C PHE C 490 77.67 15.99 -17.92
N PRO C 491 76.70 15.07 -17.79
CA PRO C 491 75.39 15.47 -17.25
C PRO C 491 75.44 16.00 -15.83
N LEU C 492 76.06 15.28 -14.91
CA LEU C 492 76.02 15.62 -13.49
C LEU C 492 76.96 16.79 -13.21
N GLN C 493 76.54 17.96 -13.70
CA GLN C 493 77.20 19.20 -13.31
C GLN C 493 76.93 19.48 -11.84
N SER C 494 77.93 20.00 -11.14
CA SER C 494 77.76 20.32 -9.73
C SER C 494 76.71 21.39 -9.54
N TYR C 495 75.88 21.23 -8.51
CA TYR C 495 74.85 22.22 -8.20
C TYR C 495 75.47 23.58 -7.95
N GLY C 496 74.90 24.61 -8.58
CA GLY C 496 75.34 25.97 -8.37
C GLY C 496 74.75 26.57 -7.11
N PHE C 497 75.11 26.04 -5.95
CA PHE C 497 74.56 26.48 -4.67
C PHE C 497 75.45 27.56 -4.08
N ARG C 498 75.47 28.70 -4.77
CA ARG C 498 76.25 29.85 -4.33
C ARG C 498 75.34 30.94 -3.77
N PRO C 499 75.80 31.68 -2.75
CA PRO C 499 74.95 32.74 -2.19
C PRO C 499 74.79 33.94 -3.11
N THR C 500 75.80 34.23 -3.94
CA THR C 500 75.75 35.38 -4.83
C THR C 500 74.83 35.17 -6.03
N TYR C 501 74.39 33.94 -6.26
CA TYR C 501 73.53 33.66 -7.41
C TYR C 501 72.16 34.30 -7.21
N GLY C 502 71.53 34.68 -8.32
CA GLY C 502 70.23 35.31 -8.29
C GLY C 502 69.12 34.31 -8.05
N VAL C 503 67.88 34.83 -8.09
CA VAL C 503 66.71 33.99 -7.85
C VAL C 503 66.63 32.88 -8.89
N GLY C 504 66.98 33.18 -10.13
CA GLY C 504 66.99 32.16 -11.16
C GLY C 504 67.97 31.04 -10.88
N HIS C 505 69.11 31.35 -10.28
CA HIS C 505 70.12 30.35 -9.96
C HIS C 505 70.08 29.90 -8.50
N GLN C 506 69.17 30.47 -7.69
CA GLN C 506 69.05 30.07 -6.31
C GLN C 506 68.29 28.75 -6.19
N PRO C 507 68.60 27.93 -5.18
CA PRO C 507 67.90 26.65 -5.03
C PRO C 507 66.46 26.85 -4.58
N TYR C 508 65.53 26.25 -5.33
CA TYR C 508 64.11 26.27 -5.01
C TYR C 508 63.67 24.82 -4.83
N ARG C 509 63.55 24.39 -3.58
CA ARG C 509 63.25 22.99 -3.27
C ARG C 509 61.90 22.60 -3.88
N VAL C 510 61.83 21.38 -4.41
CA VAL C 510 60.59 20.85 -4.96
C VAL C 510 60.32 19.48 -4.32
N VAL C 511 59.20 19.38 -3.62
CA VAL C 511 58.79 18.15 -2.93
C VAL C 511 57.44 17.77 -3.51
N VAL C 512 57.37 16.66 -4.23
CA VAL C 512 56.13 16.25 -4.89
C VAL C 512 55.19 15.61 -3.88
N LEU C 513 53.92 16.01 -3.93
CA LEU C 513 52.84 15.35 -3.19
C LEU C 513 51.76 14.95 -4.18
N SER C 514 51.47 13.65 -4.26
CA SER C 514 50.49 13.12 -5.20
C SER C 514 49.58 12.16 -4.44
N PHE C 515 48.38 12.63 -4.10
CA PHE C 515 47.40 11.80 -3.41
C PHE C 515 46.76 10.84 -4.42
N GLU C 516 46.93 9.54 -4.19
CA GLU C 516 46.42 8.54 -5.12
C GLU C 516 44.99 8.17 -4.76
N LEU C 517 44.12 8.17 -5.76
CA LEU C 517 42.72 7.75 -5.58
C LEU C 517 42.55 6.29 -6.00
N LEU C 518 43.29 5.42 -5.33
CA LEU C 518 43.23 3.99 -5.62
C LEU C 518 42.08 3.36 -4.85
N HIS C 519 41.97 2.03 -4.92
CA HIS C 519 40.80 1.35 -4.30
C HIS C 519 40.86 1.35 -2.78
N ALA C 520 42.04 1.08 -2.19
CA ALA C 520 42.12 0.92 -0.75
C ALA C 520 42.60 2.20 -0.11
N PRO C 521 41.76 2.92 0.62
CA PRO C 521 42.16 4.23 1.16
C PRO C 521 42.94 4.10 2.47
N ALA C 522 43.47 5.23 2.90
CA ALA C 522 44.17 5.35 4.18
C ALA C 522 43.35 6.21 5.13
N THR C 523 43.70 6.13 6.41
CA THR C 523 42.95 6.89 7.45
C THR C 523 43.55 8.29 7.63
N VAL C 524 44.04 8.90 6.55
CA VAL C 524 44.62 10.28 6.63
C VAL C 524 43.52 11.26 7.05
N CYS C 525 43.00 11.13 8.28
CA CYS C 525 41.92 12.02 8.79
C CYS C 525 41.88 11.93 10.32
N SER C 530 38.00 15.06 17.30
CA SER C 530 37.78 14.19 18.48
C SER C 530 37.42 15.05 19.70
N THR C 531 36.18 14.94 20.19
CA THR C 531 35.74 15.74 21.35
C THR C 531 36.18 15.05 22.65
N ASN C 532 35.43 15.29 23.74
CA ASN C 532 35.75 14.61 25.01
C ASN C 532 34.71 13.54 25.30
N LEU C 533 34.06 13.63 26.45
CA LEU C 533 33.08 12.63 26.85
C LEU C 533 32.14 13.18 27.91
N VAL C 534 30.90 12.69 27.89
CA VAL C 534 29.93 12.96 28.94
C VAL C 534 29.62 11.63 29.63
N LYS C 535 28.97 11.72 30.80
CA LYS C 535 28.72 10.55 31.63
C LYS C 535 27.28 10.07 31.55
N ASN C 536 26.30 10.92 31.89
CA ASN C 536 24.91 10.46 31.92
C ASN C 536 24.01 11.67 31.67
N LYS C 537 23.62 11.85 30.41
CA LYS C 537 22.65 12.84 29.99
C LYS C 537 22.45 12.69 28.49
N CYS C 538 21.34 13.21 28.00
CA CYS C 538 20.98 13.03 26.60
C CYS C 538 21.87 13.90 25.72
N VAL C 539 22.67 13.25 24.86
CA VAL C 539 23.59 13.93 23.97
C VAL C 539 23.55 13.25 22.61
N ASN C 540 24.23 13.87 21.65
CA ASN C 540 24.41 13.29 20.32
C ASN C 540 25.83 12.76 20.20
N PHE C 541 25.95 11.48 19.84
CA PHE C 541 27.30 10.87 19.80
C PHE C 541 27.71 10.60 18.36
N ASN C 542 28.98 10.83 18.04
CA ASN C 542 29.50 10.47 16.70
C ASN C 542 30.56 9.41 16.95
N PHE C 543 30.45 8.74 18.10
CA PHE C 543 31.43 7.68 18.44
C PHE C 543 31.81 6.93 17.17
N ASN C 544 33.11 6.95 16.82
CA ASN C 544 33.61 6.22 15.61
C ASN C 544 32.60 6.32 14.47
N GLY C 545 32.28 7.54 14.01
CA GLY C 545 31.39 7.70 12.86
C GLY C 545 29.96 7.26 13.17
N LEU C 546 29.81 6.31 14.09
CA LEU C 546 28.47 5.85 14.48
C LEU C 546 27.73 7.05 15.07
N THR C 547 26.90 7.68 14.25
CA THR C 547 26.18 8.88 14.66
C THR C 547 24.84 8.52 15.26
N GLY C 548 24.50 9.16 16.38
CA GLY C 548 23.23 8.89 17.02
C GLY C 548 23.09 9.72 18.28
N THR C 549 21.97 9.51 18.96
CA THR C 549 21.62 10.26 20.16
C THR C 549 20.98 9.32 21.18
N GLY C 550 21.39 9.44 22.43
CA GLY C 550 20.80 8.64 23.48
C GLY C 550 21.50 8.88 24.80
N VAL C 551 21.07 8.13 25.80
CA VAL C 551 21.66 8.16 27.13
C VAL C 551 22.86 7.23 27.14
N LEU C 552 24.05 7.78 27.34
CA LEU C 552 25.29 7.01 27.26
C LEU C 552 25.74 6.54 28.63
N THR C 553 24.92 5.68 29.24
CA THR C 553 25.25 5.14 30.54
C THR C 553 26.33 4.07 30.41
N GLU C 554 26.72 3.50 31.54
CA GLU C 554 27.73 2.46 31.55
C GLU C 554 27.18 1.17 30.96
N SER C 555 28.08 0.34 30.44
CA SER C 555 27.72 -0.94 29.85
C SER C 555 28.17 -2.06 30.77
N ASN C 556 27.22 -2.87 31.23
CA ASN C 556 27.52 -4.01 32.08
C ASN C 556 27.69 -5.31 31.30
N LYS C 557 27.40 -5.30 30.00
CA LYS C 557 27.54 -6.50 29.20
C LYS C 557 29.02 -6.83 28.96
N LYS C 558 29.29 -8.14 28.86
CA LYS C 558 30.66 -8.61 28.59
C LYS C 558 30.94 -8.38 27.11
N PHE C 559 31.62 -7.29 26.81
CA PHE C 559 31.90 -6.94 25.42
C PHE C 559 33.15 -7.67 24.95
N LEU C 560 33.03 -8.34 23.82
CA LEU C 560 34.14 -9.14 23.31
C LEU C 560 35.28 -8.23 22.86
N PRO C 561 36.53 -8.71 22.99
CA PRO C 561 37.69 -7.83 22.76
C PRO C 561 37.71 -7.17 21.39
N PHE C 562 37.34 -7.89 20.34
CA PHE C 562 37.39 -7.32 19.00
C PHE C 562 36.16 -6.52 18.64
N GLN C 563 35.02 -6.81 19.26
CA GLN C 563 33.76 -6.19 18.87
C GLN C 563 33.76 -4.70 19.21
N GLN C 564 33.00 -3.93 18.43
CA GLN C 564 32.86 -2.51 18.64
C GLN C 564 31.42 -2.08 18.87
N PHE C 565 30.47 -2.61 18.10
CA PHE C 565 29.10 -2.13 18.09
C PHE C 565 28.21 -3.13 18.82
N GLY C 566 27.57 -2.69 19.89
CA GLY C 566 26.54 -3.49 20.51
C GLY C 566 25.23 -3.39 19.76
N ARG C 567 24.39 -4.40 19.93
CA ARG C 567 23.12 -4.43 19.23
C ARG C 567 22.19 -5.45 19.89
N ASP C 568 20.94 -5.07 20.08
CA ASP C 568 19.91 -5.99 20.52
C ASP C 568 19.28 -6.63 19.28
N ILE C 569 18.14 -7.30 19.44
CA ILE C 569 17.44 -7.91 18.30
C ILE C 569 16.59 -6.79 17.68
N ALA C 570 17.27 -5.95 16.92
CA ALA C 570 16.69 -4.74 16.33
C ALA C 570 17.76 -4.02 15.53
N ASP C 571 17.38 -2.94 14.87
CA ASP C 571 18.38 -2.05 14.27
C ASP C 571 19.10 -1.23 15.32
N THR C 572 18.56 -1.14 16.54
CA THR C 572 19.10 -0.25 17.54
C THR C 572 20.46 -0.73 18.03
N THR C 573 21.42 0.18 18.09
CA THR C 573 22.74 -0.11 18.64
C THR C 573 22.65 0.05 20.16
N ASP C 574 22.28 -1.03 20.84
CA ASP C 574 22.04 -0.96 22.27
C ASP C 574 23.32 -0.60 23.03
N ALA C 575 24.45 -1.16 22.64
CA ALA C 575 25.73 -0.88 23.26
C ALA C 575 26.70 -0.30 22.25
N VAL C 576 27.79 0.26 22.76
CA VAL C 576 28.82 0.83 21.91
C VAL C 576 30.13 0.82 22.68
N ARG C 577 31.24 0.76 21.94
CA ARG C 577 32.58 0.74 22.52
C ARG C 577 33.31 2.02 22.14
N ASP C 578 33.75 2.75 23.18
CA ASP C 578 34.47 4.03 22.96
C ASP C 578 35.55 3.79 21.91
N PRO C 579 35.61 4.62 20.84
CA PRO C 579 36.57 4.41 19.76
C PRO C 579 37.99 4.80 20.17
N GLN C 580 38.23 4.96 21.47
CA GLN C 580 39.61 5.26 21.96
C GLN C 580 39.70 4.77 23.40
N THR C 581 38.93 5.39 24.29
CA THR C 581 39.03 5.03 25.72
C THR C 581 38.30 3.70 25.95
N LEU C 582 38.04 2.92 24.88
CA LEU C 582 37.44 1.59 25.10
C LEU C 582 36.08 1.76 25.78
N GLU C 583 36.07 2.14 27.07
CA GLU C 583 34.82 2.37 27.84
C GLU C 583 33.58 1.95 27.06
N ILE C 584 33.18 0.69 27.19
CA ILE C 584 31.93 0.25 26.58
C ILE C 584 30.78 0.95 27.29
N LEU C 585 29.84 1.48 26.49
CA LEU C 585 28.73 2.25 27.04
C LEU C 585 27.42 1.68 26.54
N ASP C 586 26.48 1.47 27.47
CA ASP C 586 25.13 1.11 27.12
C ASP C 586 24.38 2.35 26.65
N ILE C 587 23.62 2.22 25.58
CA ILE C 587 22.90 3.33 24.99
C ILE C 587 21.41 3.11 25.21
N THR C 588 20.76 4.09 25.82
CA THR C 588 19.34 4.09 26.08
C THR C 588 18.69 5.29 25.39
N PRO C 589 17.54 5.09 24.75
CA PRO C 589 16.93 6.20 23.98
C PRO C 589 16.49 7.36 24.86
N CYS C 590 15.93 8.39 24.22
CA CYS C 590 15.44 9.55 24.92
C CYS C 590 14.33 9.16 25.89
N SER C 591 14.17 9.95 26.94
CA SER C 591 13.08 9.70 27.88
C SER C 591 11.78 10.31 27.33
N PHE C 592 11.45 9.96 26.09
CA PHE C 592 10.30 10.51 25.41
C PHE C 592 9.01 9.89 25.93
N GLY C 593 7.90 10.27 25.31
CA GLY C 593 6.60 9.71 25.63
C GLY C 593 5.48 10.63 25.18
N GLY C 594 4.42 10.06 24.61
CA GLY C 594 3.30 10.88 24.19
C GLY C 594 2.64 11.55 25.38
N VAL C 595 2.39 12.84 25.26
CA VAL C 595 1.80 13.64 26.32
C VAL C 595 0.30 13.74 26.07
N SER C 596 -0.49 13.46 27.10
CA SER C 596 -1.94 13.53 27.02
C SER C 596 -2.45 14.52 28.06
N VAL C 597 -3.54 15.20 27.72
CA VAL C 597 -4.11 16.23 28.58
C VAL C 597 -5.49 15.79 29.03
N ILE C 598 -5.69 15.74 30.34
CA ILE C 598 -6.96 15.35 30.93
C ILE C 598 -7.73 16.62 31.24
N THR C 599 -8.92 16.76 30.65
CA THR C 599 -9.70 17.95 30.90
C THR C 599 -11.13 17.58 31.26
N PRO C 600 -11.78 18.38 32.16
CA PRO C 600 -13.17 18.16 32.49
C PRO C 600 -14.09 18.85 31.49
N GLY C 601 -13.54 19.23 30.34
CA GLY C 601 -14.40 19.81 29.30
C GLY C 601 -14.55 21.31 29.45
N THR C 602 -13.98 22.07 28.52
CA THR C 602 -14.11 23.55 28.55
C THR C 602 -15.47 23.91 29.12
N ASN C 603 -16.53 23.41 28.51
CA ASN C 603 -17.91 23.79 28.93
C ASN C 603 -18.00 23.86 30.44
N THR C 604 -17.42 22.89 31.15
CA THR C 604 -17.55 22.87 32.62
C THR C 604 -16.46 23.77 33.23
N SER C 605 -15.21 23.49 32.91
CA SER C 605 -14.10 24.28 33.50
C SER C 605 -12.93 24.35 32.51
N ASN C 606 -12.00 25.26 32.78
CA ASN C 606 -10.88 25.42 31.88
C ASN C 606 -9.59 24.81 32.41
N GLN C 607 -9.61 24.21 33.60
CA GLN C 607 -8.42 23.57 34.13
C GLN C 607 -8.10 22.30 33.34
N VAL C 608 -6.86 21.86 33.45
CA VAL C 608 -6.40 20.64 32.80
C VAL C 608 -5.44 19.92 33.74
N ALA C 609 -5.15 18.67 33.40
CA ALA C 609 -4.19 17.86 34.15
C ALA C 609 -3.35 17.10 33.13
N VAL C 610 -2.22 17.69 32.76
CA VAL C 610 -1.36 17.11 31.74
C VAL C 610 -0.78 15.80 32.25
N LEU C 611 -0.78 14.79 31.40
CA LEU C 611 -0.22 13.47 31.70
C LEU C 611 0.81 13.14 30.64
N TYR C 612 2.04 12.87 31.05
CA TYR C 612 3.08 12.40 30.16
C TYR C 612 3.19 10.89 30.30
N GLN C 613 2.96 10.17 29.21
CA GLN C 613 2.87 8.72 29.26
C GLN C 613 4.26 8.10 29.31
N GLY C 614 4.44 7.16 30.23
CA GLY C 614 5.67 6.37 30.27
C GLY C 614 6.93 7.15 30.53
N VAL C 615 6.92 8.06 31.51
CA VAL C 615 8.11 8.80 31.90
C VAL C 615 8.22 8.80 33.41
N ASN C 616 9.45 8.64 33.91
CA ASN C 616 9.66 8.72 35.38
C ASN C 616 9.32 10.15 35.75
N CYS C 617 8.23 10.32 36.46
CA CYS C 617 7.70 11.66 36.68
C CYS C 617 8.65 12.53 37.49
N THR C 618 9.22 11.98 38.56
CA THR C 618 10.00 12.80 39.46
C THR C 618 11.29 13.32 38.83
N GLU C 619 11.59 12.87 37.61
CA GLU C 619 12.91 13.26 37.06
C GLU C 619 12.78 14.04 35.76
N VAL C 620 12.25 13.41 34.73
CA VAL C 620 12.28 14.06 33.42
C VAL C 620 11.25 15.18 33.30
N PRO C 621 9.96 14.94 33.54
CA PRO C 621 8.95 15.98 33.28
C PRO C 621 8.66 16.91 34.45
N VAL C 622 9.28 16.70 35.61
CA VAL C 622 9.15 17.63 36.73
C VAL C 622 10.36 18.55 36.81
N ALA C 623 11.56 17.97 36.78
CA ALA C 623 12.78 18.75 36.60
C ALA C 623 12.97 19.08 35.12
N ILE C 624 11.92 19.71 34.58
CA ILE C 624 11.93 20.07 33.13
C ILE C 624 12.92 21.19 32.84
N HIS C 625 13.82 20.99 31.87
CA HIS C 625 14.77 22.00 31.42
C HIS C 625 14.02 23.06 30.63
N ALA C 626 14.75 23.90 29.89
CA ALA C 626 14.13 24.95 29.09
C ALA C 626 13.25 24.33 28.01
N ASP C 627 11.93 24.42 28.19
CA ASP C 627 10.95 23.86 27.26
C ASP C 627 11.19 22.37 27.04
N GLN C 628 11.42 21.65 28.14
CA GLN C 628 11.64 20.20 28.06
C GLN C 628 10.41 19.49 27.51
N LEU C 629 9.24 19.75 28.11
CA LEU C 629 8.01 19.14 27.62
C LEU C 629 7.53 19.87 26.38
N THR C 630 6.93 19.11 25.46
CA THR C 630 6.39 19.72 24.24
C THR C 630 5.31 20.76 24.51
N PRO C 631 4.34 20.54 25.40
CA PRO C 631 3.39 21.63 25.71
C PRO C 631 4.05 22.86 26.31
N THR C 632 5.30 22.70 26.77
CA THR C 632 6.07 23.83 27.38
C THR C 632 5.28 24.38 28.57
N TRP C 633 5.39 25.68 28.83
CA TRP C 633 4.76 26.26 30.05
C TRP C 633 5.21 25.39 31.22
N ARG C 634 6.52 25.38 31.48
CA ARG C 634 7.09 24.56 32.58
C ARG C 634 6.51 25.00 33.92
N VAL C 635 5.43 25.78 33.95
CA VAL C 635 4.74 26.10 35.24
C VAL C 635 4.26 24.74 35.77
N TYR C 636 4.18 23.75 34.88
CA TYR C 636 3.80 22.38 35.29
C TYR C 636 4.96 21.74 36.04
N SER C 637 6.10 22.43 36.12
CA SER C 637 7.22 21.91 36.95
C SER C 637 6.58 21.26 38.16
N THR C 638 5.61 21.92 38.78
CA THR C 638 4.94 21.24 39.87
C THR C 638 3.42 21.31 39.78
N GLY C 639 2.90 22.31 39.06
CA GLY C 639 1.46 22.42 38.89
C GLY C 639 0.76 22.52 40.23
N SER C 640 -0.31 21.73 40.37
CA SER C 640 -1.00 21.61 41.66
C SER C 640 -0.36 20.50 42.49
N ASN C 641 -0.32 19.29 41.96
CA ASN C 641 0.23 18.14 42.67
C ASN C 641 0.82 17.20 41.66
N VAL C 642 2.14 17.03 41.69
CA VAL C 642 2.78 16.04 40.85
C VAL C 642 2.58 14.66 41.46
N PHE C 643 2.09 13.72 40.66
CA PHE C 643 1.83 12.37 41.16
C PHE C 643 2.22 11.35 40.09
N GLN C 644 3.22 10.54 40.40
CA GLN C 644 3.64 9.51 39.47
C GLN C 644 2.63 8.37 39.42
N THR C 645 2.34 7.89 38.23
CA THR C 645 1.42 6.79 38.00
C THR C 645 2.15 5.66 37.31
N ARG C 646 1.58 4.45 37.41
CA ARG C 646 2.11 3.34 36.64
C ARG C 646 1.89 3.55 35.15
N ALA C 647 0.96 4.43 34.78
CA ALA C 647 0.68 4.75 33.39
C ALA C 647 1.44 5.96 32.87
N GLY C 648 2.22 6.61 33.71
CA GLY C 648 2.98 7.77 33.29
C GLY C 648 3.14 8.74 34.46
N CYS C 649 3.21 10.02 34.11
CA CYS C 649 3.40 11.08 35.09
C CYS C 649 2.23 12.03 35.02
N LEU C 650 1.54 12.20 36.14
CA LEU C 650 0.38 13.07 36.22
C LEU C 650 0.77 14.38 36.89
N ILE C 651 0.48 15.49 36.21
CA ILE C 651 0.81 16.82 36.71
C ILE C 651 -0.45 17.66 36.70
N GLY C 652 -0.75 18.30 37.82
CA GLY C 652 -1.93 19.12 37.93
C GLY C 652 -3.12 18.44 38.58
N ALA C 653 -3.00 17.17 38.93
CA ALA C 653 -4.07 16.43 39.58
C ALA C 653 -3.57 15.87 40.90
N GLU C 654 -4.40 15.97 41.93
CA GLU C 654 -4.05 15.51 43.27
C GLU C 654 -4.62 14.12 43.51
N TYR C 655 -3.78 13.22 43.99
CA TYR C 655 -4.19 11.84 44.23
C TYR C 655 -5.01 11.78 45.51
N VAL C 656 -6.32 11.90 45.37
CA VAL C 656 -7.21 11.74 46.51
C VAL C 656 -7.30 10.27 46.86
N ASN C 657 -7.41 9.97 48.16
CA ASN C 657 -7.43 8.58 48.60
C ASN C 657 -8.76 7.91 48.29
N SER C 658 -9.86 8.64 48.46
CA SER C 658 -11.18 8.05 48.25
C SER C 658 -11.33 7.57 46.82
N SER C 659 -11.93 6.40 46.65
CA SER C 659 -12.06 5.76 45.35
C SER C 659 -13.49 5.88 44.86
N TYR C 660 -13.65 6.27 43.59
CA TYR C 660 -14.95 6.38 42.96
C TYR C 660 -14.91 5.66 41.62
N GLU C 661 -16.04 5.66 40.93
CA GLU C 661 -16.10 5.07 39.60
C GLU C 661 -15.34 5.94 38.60
N CYS C 662 -14.96 5.33 37.49
CA CYS C 662 -14.15 6.02 36.50
C CYS C 662 -14.93 7.15 35.84
N ASP C 663 -14.28 8.29 35.69
CA ASP C 663 -14.83 9.41 34.94
C ASP C 663 -14.00 9.74 33.70
N ILE C 664 -12.71 9.94 33.87
CA ILE C 664 -11.80 10.11 32.74
C ILE C 664 -10.69 9.07 32.88
N PRO C 665 -10.73 7.99 32.11
CA PRO C 665 -9.76 6.91 32.29
C PRO C 665 -8.34 7.37 32.02
N ILE C 666 -7.41 6.82 32.79
CA ILE C 666 -5.98 7.10 32.64
C ILE C 666 -5.19 5.81 32.42
N GLY C 667 -5.45 4.80 33.22
CA GLY C 667 -4.75 3.55 33.08
C GLY C 667 -4.21 3.05 34.40
N ALA C 668 -3.89 1.76 34.47
CA ALA C 668 -3.39 1.15 35.70
C ALA C 668 -4.33 1.41 36.86
N GLY C 669 -5.62 1.33 36.59
CA GLY C 669 -6.62 1.52 37.62
C GLY C 669 -6.68 2.90 38.21
N ILE C 670 -6.41 3.94 37.41
CA ILE C 670 -6.46 5.32 37.87
C ILE C 670 -7.37 6.09 36.95
N CYS C 671 -8.33 6.83 37.52
CA CYS C 671 -9.23 7.66 36.75
C CYS C 671 -9.31 9.04 37.39
N ALA C 672 -9.27 10.07 36.56
CA ALA C 672 -9.31 11.43 37.01
C ALA C 672 -10.72 12.00 36.85
N SER C 673 -11.05 12.97 37.69
CA SER C 673 -12.36 13.59 37.64
C SER C 673 -12.29 15.00 38.21
N TYR C 674 -13.32 15.78 37.90
CA TYR C 674 -13.44 17.16 38.38
C TYR C 674 -14.49 17.19 39.47
N GLN C 675 -14.04 17.30 40.72
CA GLN C 675 -14.96 17.30 41.85
C GLN C 675 -14.29 17.98 43.02
N THR C 676 -15.06 18.77 43.76
CA THR C 676 -14.52 19.48 44.91
C THR C 676 -14.11 18.50 46.01
N GLN C 677 -13.25 18.98 46.90
CA GLN C 677 -12.80 18.18 48.02
C GLN C 677 -13.73 18.37 49.20
N SER C 689 -12.99 25.69 45.23
CA SER C 689 -12.67 24.46 45.95
C SER C 689 -12.80 23.25 45.04
N GLN C 690 -13.07 23.50 43.77
CA GLN C 690 -13.24 22.44 42.79
C GLN C 690 -11.99 22.31 41.93
N SER C 691 -11.44 21.11 41.88
CA SER C 691 -10.20 20.85 41.14
C SER C 691 -10.29 19.45 40.54
N ILE C 692 -9.17 18.97 40.02
CA ILE C 692 -9.09 17.69 39.33
C ILE C 692 -8.40 16.69 40.25
N ILE C 693 -9.09 15.61 40.57
CA ILE C 693 -8.57 14.58 41.45
C ILE C 693 -8.15 13.39 40.59
N ALA C 694 -7.35 12.51 41.20
CA ALA C 694 -6.79 11.35 40.51
C ALA C 694 -7.04 10.08 41.32
N TYR C 695 -8.29 9.86 41.70
CA TYR C 695 -8.64 8.74 42.55
C TYR C 695 -8.33 7.42 41.87
N THR C 696 -8.13 6.39 42.68
CA THR C 696 -8.00 5.03 42.20
C THR C 696 -9.38 4.49 41.80
N MET C 697 -9.39 3.61 40.81
CA MET C 697 -10.63 3.00 40.34
C MET C 697 -11.33 2.28 41.48
N SER C 698 -12.65 2.44 41.55
CA SER C 698 -13.50 1.70 42.48
C SER C 698 -14.48 0.86 41.68
N LEU C 699 -14.35 -0.46 41.80
CA LEU C 699 -15.16 -1.35 40.99
C LEU C 699 -16.64 -1.23 41.32
N GLY C 700 -16.98 -1.21 42.60
CA GLY C 700 -18.38 -1.08 42.99
C GLY C 700 -18.52 -1.20 44.48
N ALA C 701 -19.77 -1.03 44.94
CA ALA C 701 -20.06 -1.10 46.36
C ALA C 701 -19.88 -2.52 46.86
N GLU C 702 -18.86 -2.74 47.66
CA GLU C 702 -18.60 -4.07 48.20
C GLU C 702 -19.78 -4.52 49.06
N ASN C 703 -20.19 -5.77 48.88
CA ASN C 703 -21.33 -6.32 49.59
C ASN C 703 -21.06 -7.77 49.93
N SER C 704 -21.48 -8.18 51.13
CA SER C 704 -21.30 -9.55 51.60
C SER C 704 -22.65 -10.22 51.73
N VAL C 705 -22.81 -11.36 51.07
CA VAL C 705 -24.07 -12.09 51.09
C VAL C 705 -24.09 -13.02 52.29
N ALA C 706 -25.19 -12.99 53.04
CA ALA C 706 -25.33 -13.83 54.24
C ALA C 706 -25.68 -15.25 53.82
N TYR C 707 -24.67 -15.97 53.32
CA TYR C 707 -24.88 -17.38 52.89
C TYR C 707 -24.92 -18.28 54.11
N SER C 708 -25.94 -19.12 54.24
CA SER C 708 -25.96 -20.06 55.39
C SER C 708 -26.61 -21.36 54.96
N ASN C 709 -26.05 -22.49 55.38
CA ASN C 709 -26.55 -23.79 54.90
C ASN C 709 -27.91 -24.08 55.54
N ASN C 710 -28.87 -23.19 55.39
CA ASN C 710 -30.23 -23.44 55.92
C ASN C 710 -31.04 -22.18 55.66
N SER C 711 -30.45 -21.18 55.01
CA SER C 711 -31.16 -19.88 54.83
C SER C 711 -31.36 -19.56 53.36
N ILE C 712 -32.57 -19.17 52.98
CA ILE C 712 -32.83 -18.77 51.58
C ILE C 712 -33.58 -17.45 51.62
N ALA C 713 -33.28 -16.57 50.70
CA ALA C 713 -33.94 -15.27 50.58
C ALA C 713 -34.90 -15.30 49.41
N ILE C 714 -36.14 -14.88 49.65
CA ILE C 714 -37.17 -14.94 48.63
C ILE C 714 -37.78 -13.55 48.45
N PRO C 715 -37.84 -13.02 47.24
CA PRO C 715 -38.48 -11.73 47.05
C PRO C 715 -39.96 -11.80 47.38
N THR C 716 -40.45 -10.73 48.00
CA THR C 716 -41.88 -10.57 48.27
C THR C 716 -42.51 -9.53 47.37
N ASN C 717 -41.77 -9.02 46.40
CA ASN C 717 -42.24 -7.96 45.53
C ASN C 717 -41.31 -7.91 44.32
N PHE C 718 -41.63 -7.03 43.38
CA PHE C 718 -40.85 -6.96 42.15
C PHE C 718 -40.81 -5.52 41.66
N THR C 719 -40.18 -5.33 40.51
CA THR C 719 -40.13 -4.04 39.86
C THR C 719 -39.96 -4.24 38.37
N ILE C 720 -40.84 -3.65 37.58
CA ILE C 720 -40.85 -3.84 36.13
C ILE C 720 -39.96 -2.76 35.54
N SER C 721 -38.66 -3.02 35.51
CA SER C 721 -37.70 -2.06 35.02
C SER C 721 -37.61 -2.14 33.51
N VAL C 722 -37.76 -1.00 32.84
CA VAL C 722 -37.69 -0.94 31.39
C VAL C 722 -36.39 -0.28 30.96
N THR C 723 -35.36 -1.09 30.74
CA THR C 723 -34.09 -0.58 30.27
C THR C 723 -34.15 -0.32 28.78
N THR C 724 -33.09 0.26 28.24
CA THR C 724 -33.02 0.57 26.82
C THR C 724 -31.65 0.19 26.28
N GLU C 725 -31.62 -0.18 25.00
CA GLU C 725 -30.38 -0.58 24.34
C GLU C 725 -30.25 0.11 23.00
N ILE C 726 -29.04 0.56 22.69
CA ILE C 726 -28.75 1.31 21.48
C ILE C 726 -27.90 0.43 20.58
N LEU C 727 -28.30 0.29 19.32
CA LEU C 727 -27.52 -0.52 18.40
C LEU C 727 -27.42 0.13 17.03
N PRO C 728 -26.22 0.38 16.53
CA PRO C 728 -26.07 0.80 15.15
C PRO C 728 -26.50 -0.31 14.21
N VAL C 729 -27.08 0.09 13.08
CA VAL C 729 -27.59 -0.85 12.09
C VAL C 729 -26.91 -0.67 10.74
N SER C 730 -26.85 0.56 10.26
CA SER C 730 -26.30 0.82 8.94
C SER C 730 -25.56 2.15 8.93
N MET C 731 -24.37 2.16 8.36
CA MET C 731 -23.62 3.40 8.17
C MET C 731 -24.16 4.12 6.94
N THR C 732 -23.48 5.18 6.52
CA THR C 732 -23.93 5.98 5.39
C THR C 732 -23.45 5.35 4.09
N LYS C 733 -24.37 5.06 3.18
CA LYS C 733 -24.00 4.50 1.89
C LYS C 733 -23.24 5.55 1.10
N THR C 734 -21.94 5.35 0.96
CA THR C 734 -21.06 6.32 0.31
C THR C 734 -20.52 5.76 -0.98
N SER C 735 -20.39 6.62 -1.98
CA SER C 735 -19.82 6.24 -3.26
C SER C 735 -18.82 7.30 -3.71
N VAL C 736 -17.83 6.85 -4.48
CA VAL C 736 -16.75 7.72 -4.93
C VAL C 736 -16.51 7.46 -6.41
N ASP C 737 -15.82 8.41 -7.04
CA ASP C 737 -15.41 8.29 -8.44
C ASP C 737 -13.90 8.29 -8.51
N CYS C 738 -13.33 7.39 -9.30
CA CYS C 738 -11.88 7.28 -9.43
C CYS C 738 -11.29 8.60 -9.93
N THR C 739 -11.59 8.92 -11.19
CA THR C 739 -10.90 10.01 -11.85
C THR C 739 -11.25 11.35 -11.23
N MET C 740 -12.53 11.58 -10.95
CA MET C 740 -12.95 12.89 -10.48
C MET C 740 -12.23 13.26 -9.19
N TYR C 741 -12.11 12.31 -8.27
CA TYR C 741 -11.32 12.58 -7.07
C TYR C 741 -9.84 12.69 -7.41
N ILE C 742 -9.34 11.79 -8.26
CA ILE C 742 -7.91 11.72 -8.49
C ILE C 742 -7.46 12.75 -9.52
N CYS C 743 -8.12 12.79 -10.66
CA CYS C 743 -7.76 13.70 -11.76
C CYS C 743 -9.01 14.48 -12.14
N GLY C 744 -9.26 15.58 -11.44
CA GLY C 744 -10.45 16.36 -11.71
C GLY C 744 -10.48 16.95 -13.11
N ASP C 745 -11.34 16.38 -13.96
CA ASP C 745 -11.56 16.83 -15.34
C ASP C 745 -10.26 17.22 -16.04
N SER C 746 -9.32 16.28 -16.07
CA SER C 746 -8.04 16.47 -16.74
C SER C 746 -7.76 15.25 -17.60
N THR C 747 -7.86 15.41 -18.91
CA THR C 747 -7.69 14.28 -19.82
C THR C 747 -6.29 13.69 -19.72
N GLU C 748 -5.27 14.55 -19.64
CA GLU C 748 -3.90 14.06 -19.52
C GLU C 748 -3.72 13.28 -18.23
N CYS C 749 -4.26 13.78 -17.13
CA CYS C 749 -4.15 13.08 -15.86
C CYS C 749 -4.90 11.75 -15.91
N SER C 750 -6.09 11.74 -16.51
CA SER C 750 -6.84 10.50 -16.61
C SER C 750 -6.10 9.47 -17.44
N ASN C 751 -5.51 9.90 -18.56
CA ASN C 751 -4.72 8.98 -19.38
C ASN C 751 -3.53 8.46 -18.61
N LEU C 752 -2.86 9.32 -17.85
CA LEU C 752 -1.77 8.85 -17.01
C LEU C 752 -2.27 7.94 -15.90
N LEU C 753 -3.52 8.15 -15.45
CA LEU C 753 -4.08 7.28 -14.42
C LEU C 753 -4.27 5.87 -14.94
N LEU C 754 -4.56 5.71 -16.23
CA LEU C 754 -4.82 4.39 -16.79
C LEU C 754 -3.61 3.47 -16.71
N GLN C 755 -2.41 4.02 -16.49
CA GLN C 755 -1.23 3.19 -16.37
C GLN C 755 -1.25 2.32 -15.13
N TYR C 756 -2.15 2.57 -14.19
CA TYR C 756 -2.30 1.75 -13.00
C TYR C 756 -3.35 0.68 -13.16
N GLY C 757 -3.97 0.57 -14.34
CA GLY C 757 -4.87 -0.53 -14.61
C GLY C 757 -6.13 -0.47 -13.78
N SER C 758 -6.55 -1.63 -13.29
CA SER C 758 -7.80 -1.82 -12.58
C SER C 758 -7.73 -1.39 -11.14
N PHE C 759 -6.75 -0.57 -10.78
CA PHE C 759 -6.51 -0.26 -9.38
C PHE C 759 -7.64 0.55 -8.76
N CYS C 760 -8.51 1.16 -9.55
CA CYS C 760 -9.56 1.96 -8.93
C CYS C 760 -10.94 1.36 -9.09
N THR C 761 -11.22 0.66 -10.18
CA THR C 761 -12.54 0.07 -10.36
C THR C 761 -12.87 -0.90 -9.24
N GLN C 762 -11.86 -1.56 -8.68
CA GLN C 762 -12.12 -2.40 -7.52
C GLN C 762 -12.52 -1.56 -6.31
N LEU C 763 -12.04 -0.32 -6.22
CA LEU C 763 -12.51 0.56 -5.15
C LEU C 763 -13.99 0.84 -5.31
N LYS C 764 -14.43 1.14 -6.54
CA LYS C 764 -15.85 1.35 -6.77
C LYS C 764 -16.65 0.10 -6.47
N ARG C 765 -16.12 -1.06 -6.85
CA ARG C 765 -16.82 -2.31 -6.58
C ARG C 765 -16.95 -2.56 -5.08
N ALA C 766 -15.88 -2.30 -4.32
CA ALA C 766 -15.93 -2.49 -2.88
C ALA C 766 -16.94 -1.54 -2.24
N LEU C 767 -16.95 -0.28 -2.68
CA LEU C 767 -17.90 0.67 -2.11
C LEU C 767 -19.34 0.30 -2.44
N THR C 768 -19.58 -0.17 -3.67
CA THR C 768 -20.92 -0.64 -4.01
C THR C 768 -21.31 -1.84 -3.15
N GLY C 769 -20.38 -2.75 -2.92
CA GLY C 769 -20.65 -3.86 -2.03
C GLY C 769 -21.01 -3.39 -0.63
N ILE C 770 -20.30 -2.37 -0.15
CA ILE C 770 -20.59 -1.84 1.18
C ILE C 770 -22.00 -1.24 1.21
N ALA C 771 -22.37 -0.50 0.17
CA ALA C 771 -23.69 0.12 0.16
C ALA C 771 -24.80 -0.93 0.16
N VAL C 772 -24.67 -1.94 -0.71
CA VAL C 772 -25.71 -2.96 -0.73
C VAL C 772 -25.70 -3.77 0.55
N GLU C 773 -24.53 -3.93 1.18
CA GLU C 773 -24.47 -4.59 2.48
C GLU C 773 -25.24 -3.81 3.52
N GLN C 774 -25.13 -2.48 3.51
CA GLN C 774 -25.88 -1.67 4.46
C GLN C 774 -27.38 -1.81 4.20
N ASP C 775 -27.79 -1.83 2.93
CA ASP C 775 -29.19 -2.04 2.62
C ASP C 775 -29.67 -3.38 3.15
N LYS C 776 -28.88 -4.43 2.93
CA LYS C 776 -29.27 -5.75 3.41
C LYS C 776 -29.29 -5.79 4.93
N ASN C 777 -28.40 -5.02 5.58
CA ASN C 777 -28.38 -4.97 7.03
C ASN C 777 -29.67 -4.40 7.58
N THR C 778 -30.10 -3.26 7.06
CA THR C 778 -31.34 -2.69 7.57
C THR C 778 -32.53 -3.59 7.23
N GLN C 779 -32.50 -4.24 6.08
CA GLN C 779 -33.56 -5.18 5.75
C GLN C 779 -33.62 -6.32 6.75
N GLU C 780 -32.45 -6.89 7.08
CA GLU C 780 -32.42 -7.99 8.04
C GLU C 780 -32.92 -7.55 9.40
N VAL C 781 -32.50 -6.36 9.85
CA VAL C 781 -32.88 -5.92 11.19
C VAL C 781 -34.38 -5.67 11.27
N PHE C 782 -34.95 -5.00 10.26
CA PHE C 782 -36.33 -4.55 10.41
C PHE C 782 -37.35 -5.36 9.63
N ALA C 783 -36.99 -5.94 8.49
CA ALA C 783 -37.95 -6.69 7.68
C ALA C 783 -38.09 -8.11 8.19
N GLN C 784 -38.63 -8.23 9.40
CA GLN C 784 -38.89 -9.52 10.03
C GLN C 784 -40.35 -9.94 9.94
N VAL C 785 -41.23 -9.05 9.50
CA VAL C 785 -42.66 -9.31 9.46
C VAL C 785 -43.15 -9.18 8.03
N LYS C 786 -43.89 -10.18 7.57
CA LYS C 786 -44.43 -10.16 6.23
C LYS C 786 -45.69 -9.31 6.10
N GLN C 787 -46.33 -8.96 7.21
CA GLN C 787 -47.54 -8.15 7.19
C GLN C 787 -47.27 -6.84 7.92
N ILE C 788 -48.28 -5.98 7.92
CA ILE C 788 -48.24 -4.71 8.63
C ILE C 788 -49.43 -4.70 9.56
N TYR C 789 -49.21 -5.06 10.82
CA TYR C 789 -50.28 -5.13 11.80
C TYR C 789 -50.64 -3.73 12.29
N LYS C 790 -51.94 -3.51 12.51
CA LYS C 790 -52.45 -2.21 12.90
C LYS C 790 -53.09 -2.32 14.27
N THR C 791 -52.75 -1.37 15.15
CA THR C 791 -53.33 -1.34 16.48
C THR C 791 -54.83 -1.08 16.39
N PRO C 792 -55.63 -1.69 17.27
CA PRO C 792 -57.06 -1.43 17.24
C PRO C 792 -57.35 0.02 17.55
N PRO C 793 -58.49 0.54 17.07
CA PRO C 793 -58.80 1.96 17.32
C PRO C 793 -58.81 2.33 18.79
N ILE C 794 -59.35 1.46 19.63
CA ILE C 794 -59.26 1.66 21.07
C ILE C 794 -57.91 1.11 21.55
N LYS C 795 -57.35 1.76 22.56
CA LYS C 795 -56.01 1.42 23.03
C LYS C 795 -56.00 1.22 24.54
N TYR C 796 -56.97 0.41 24.99
CA TYR C 796 -57.02 0.04 26.43
C TYR C 796 -56.52 -1.39 26.53
N PHE C 797 -55.24 -1.55 26.84
CA PHE C 797 -54.66 -2.87 26.96
C PHE C 797 -54.57 -3.27 28.43
N GLY C 798 -55.73 -3.45 29.04
CA GLY C 798 -55.80 -3.92 30.40
C GLY C 798 -55.07 -3.03 31.39
N GLY C 799 -55.28 -1.73 31.28
CA GLY C 799 -54.64 -0.79 32.16
C GLY C 799 -53.26 -0.36 31.73
N PHE C 800 -52.64 -1.06 30.78
CA PHE C 800 -51.34 -0.63 30.29
C PHE C 800 -51.50 0.57 29.38
N ASN C 801 -50.42 1.35 29.27
CA ASN C 801 -50.42 2.55 28.45
C ASN C 801 -49.22 2.51 27.52
N PHE C 802 -49.50 2.57 26.21
CA PHE C 802 -48.46 2.45 25.21
C PHE C 802 -48.32 3.68 24.33
N SER C 803 -49.03 4.76 24.65
CA SER C 803 -49.01 5.93 23.77
C SER C 803 -47.61 6.49 23.59
N GLN C 804 -46.70 6.22 24.53
CA GLN C 804 -45.34 6.70 24.39
C GLN C 804 -44.62 6.02 23.23
N ILE C 805 -44.93 4.75 22.96
CA ILE C 805 -44.25 4.01 21.91
C ILE C 805 -45.10 3.78 20.68
N LEU C 806 -46.43 3.85 20.80
CA LEU C 806 -47.26 3.72 19.62
C LEU C 806 -47.12 4.97 18.74
N PRO C 807 -47.15 4.81 17.43
CA PRO C 807 -47.03 5.97 16.54
C PRO C 807 -48.13 6.99 16.79
N ASP C 808 -47.75 8.26 16.76
CA ASP C 808 -48.70 9.33 17.02
C ASP C 808 -49.45 9.70 15.75
N PRO C 809 -50.77 9.65 15.73
CA PRO C 809 -51.50 10.01 14.51
C PRO C 809 -51.47 11.49 14.21
N SER C 810 -51.31 12.34 15.23
CA SER C 810 -51.35 13.79 15.00
C SER C 810 -50.18 14.25 14.15
N LYS C 811 -48.99 13.72 14.40
CA LYS C 811 -47.79 14.22 13.74
C LYS C 811 -47.80 13.90 12.25
N PRO C 812 -47.28 14.81 11.42
CA PRO C 812 -47.20 14.52 9.99
C PRO C 812 -46.33 13.31 9.68
N SER C 813 -45.25 13.12 10.42
CA SER C 813 -44.46 11.91 10.33
C SER C 813 -44.99 10.90 11.34
N LYS C 814 -45.25 9.68 10.88
CA LYS C 814 -45.87 8.66 11.72
C LYS C 814 -44.80 8.03 12.59
N ARG C 815 -44.43 8.75 13.65
CA ARG C 815 -43.39 8.31 14.56
C ARG C 815 -43.85 8.44 16.00
N SER C 816 -43.34 7.54 16.84
CA SER C 816 -43.66 7.57 18.25
C SER C 816 -42.94 8.72 18.94
N PRO C 817 -43.43 9.16 20.09
CA PRO C 817 -42.70 10.18 20.84
C PRO C 817 -41.28 9.78 21.16
N ILE C 818 -41.04 8.50 21.47
CA ILE C 818 -39.68 8.04 21.66
C ILE C 818 -38.88 8.18 20.37
N GLU C 819 -39.49 7.81 19.23
CA GLU C 819 -38.80 7.93 17.96
C GLU C 819 -38.52 9.39 17.61
N ASP C 820 -39.46 10.29 17.92
CA ASP C 820 -39.21 11.71 17.72
C ASP C 820 -38.05 12.19 18.57
N LEU C 821 -38.00 11.75 19.83
CA LEU C 821 -36.91 12.12 20.70
C LEU C 821 -35.58 11.61 20.16
N LEU C 822 -35.57 10.39 19.64
CA LEU C 822 -34.35 9.85 19.05
C LEU C 822 -33.92 10.65 17.83
N PHE C 823 -34.88 11.01 16.97
CA PHE C 823 -34.55 11.77 15.77
C PHE C 823 -33.96 13.13 16.13
N ASN C 824 -34.59 13.81 17.10
CA ASN C 824 -34.09 15.12 17.50
C ASN C 824 -32.74 15.02 18.19
N LYS C 825 -32.53 13.96 18.97
CA LYS C 825 -31.29 13.83 19.74
C LYS C 825 -30.10 13.42 18.88
N VAL C 826 -30.34 12.96 17.65
CA VAL C 826 -29.26 12.58 16.74
C VAL C 826 -29.10 13.68 15.71
N THR C 827 -27.93 14.28 15.66
CA THR C 827 -27.65 15.38 14.75
C THR C 827 -26.53 14.98 13.79
N LEU C 828 -26.76 15.22 12.50
CA LEU C 828 -25.76 14.94 11.47
C LEU C 828 -24.49 15.76 11.69
N LEU C 849 -18.26 21.55 4.10
CA LEU C 849 -19.47 21.18 4.82
C LEU C 849 -20.11 19.96 4.18
N ILE C 850 -21.38 19.71 4.52
CA ILE C 850 -22.08 18.55 3.99
C ILE C 850 -22.18 18.64 2.47
N CYS C 851 -22.48 19.82 1.94
CA CYS C 851 -22.65 20.00 0.51
C CYS C 851 -21.31 20.04 -0.24
N ALA C 852 -20.20 20.26 0.46
CA ALA C 852 -18.91 20.34 -0.20
C ALA C 852 -18.40 18.96 -0.63
N GLN C 853 -18.78 17.90 0.09
CA GLN C 853 -18.34 16.57 -0.27
C GLN C 853 -18.86 16.18 -1.65
N LYS C 854 -20.11 16.53 -1.96
CA LYS C 854 -20.69 16.24 -3.25
C LYS C 854 -20.02 17.00 -4.38
N PHE C 855 -19.04 17.86 -4.08
CA PHE C 855 -18.36 18.66 -5.09
C PHE C 855 -17.00 18.09 -5.46
N ASN C 856 -16.69 16.86 -5.01
CA ASN C 856 -15.43 16.22 -5.36
C ASN C 856 -15.61 14.74 -5.65
N GLY C 857 -16.81 14.35 -6.10
CA GLY C 857 -17.09 12.96 -6.41
C GLY C 857 -17.42 12.10 -5.23
N LEU C 858 -17.50 12.68 -4.02
CA LEU C 858 -17.85 11.92 -2.82
C LEU C 858 -19.36 11.93 -2.60
N THR C 859 -20.06 11.36 -3.57
CA THR C 859 -21.52 11.28 -3.48
C THR C 859 -21.93 10.34 -2.35
N VAL C 860 -23.09 10.63 -1.76
CA VAL C 860 -23.67 9.80 -0.71
C VAL C 860 -24.97 9.23 -1.24
N LEU C 861 -25.07 7.91 -1.28
CA LEU C 861 -26.29 7.28 -1.76
C LEU C 861 -27.33 7.24 -0.65
N PRO C 862 -28.53 7.75 -0.87
CA PRO C 862 -29.54 7.72 0.17
C PRO C 862 -29.98 6.30 0.46
N PRO C 863 -30.40 6.00 1.69
CA PRO C 863 -30.80 4.63 2.01
C PRO C 863 -32.05 4.24 1.24
N LEU C 864 -32.15 2.94 0.95
CA LEU C 864 -33.31 2.46 0.22
C LEU C 864 -34.58 2.55 1.06
N LEU C 865 -34.48 2.19 2.34
CA LEU C 865 -35.63 2.24 3.25
C LEU C 865 -35.67 3.63 3.89
N THR C 866 -36.63 4.44 3.50
CA THR C 866 -36.77 5.75 4.10
C THR C 866 -37.20 5.63 5.56
N ASP C 867 -36.85 6.66 6.35
CA ASP C 867 -37.15 6.61 7.77
C ASP C 867 -38.64 6.49 8.04
N GLU C 868 -39.47 7.02 7.14
CA GLU C 868 -40.90 6.81 7.30
C GLU C 868 -41.26 5.33 7.20
N MET C 869 -40.69 4.63 6.22
CA MET C 869 -41.00 3.20 6.08
C MET C 869 -40.38 2.38 7.20
N ILE C 870 -39.20 2.78 7.68
CA ILE C 870 -38.62 2.10 8.84
C ILE C 870 -39.52 2.28 10.05
N ALA C 871 -40.04 3.49 10.25
CA ALA C 871 -40.97 3.73 11.35
C ALA C 871 -42.22 2.90 11.19
N GLN C 872 -42.71 2.75 9.95
CA GLN C 872 -43.88 1.91 9.72
C GLN C 872 -43.58 0.46 10.06
N TYR C 873 -42.39 -0.03 9.70
CA TYR C 873 -41.98 -1.38 10.06
C TYR C 873 -41.99 -1.57 11.56
N THR C 874 -41.40 -0.61 12.28
CA THR C 874 -41.33 -0.73 13.73
C THR C 874 -42.72 -0.67 14.35
N SER C 875 -43.60 0.17 13.81
CA SER C 875 -44.97 0.23 14.30
C SER C 875 -45.70 -1.08 14.06
N ALA C 876 -45.47 -1.71 12.90
CA ALA C 876 -46.07 -3.00 12.63
C ALA C 876 -45.59 -4.05 13.62
N LEU C 877 -44.28 -4.06 13.88
CA LEU C 877 -43.74 -4.99 14.87
C LEU C 877 -44.36 -4.74 16.24
N LEU C 878 -44.50 -3.48 16.62
CA LEU C 878 -45.06 -3.13 17.92
C LEU C 878 -46.51 -3.58 18.03
N ALA C 879 -47.30 -3.31 17.00
CA ALA C 879 -48.70 -3.71 17.02
C ALA C 879 -48.84 -5.23 17.06
N GLY C 880 -47.99 -5.92 16.31
CA GLY C 880 -48.01 -7.37 16.38
C GLY C 880 -47.69 -7.89 17.76
N THR C 881 -46.68 -7.30 18.41
CA THR C 881 -46.33 -7.73 19.76
C THR C 881 -47.46 -7.44 20.76
N ILE C 882 -48.10 -6.28 20.64
CA ILE C 882 -49.17 -5.94 21.57
C ILE C 882 -50.36 -6.86 21.37
N THR C 883 -50.82 -7.02 20.13
CA THR C 883 -52.08 -7.69 19.88
C THR C 883 -51.94 -9.20 19.69
N SER C 884 -50.72 -9.72 19.58
CA SER C 884 -50.56 -11.14 19.28
C SER C 884 -49.45 -11.79 20.09
N GLY C 885 -48.85 -11.08 21.04
CA GLY C 885 -47.76 -11.68 21.79
C GLY C 885 -46.61 -12.07 20.88
N TRP C 886 -46.07 -13.26 21.13
CA TRP C 886 -45.00 -13.80 20.31
C TRP C 886 -45.51 -14.80 19.28
N THR C 887 -46.83 -14.99 19.19
CA THR C 887 -47.36 -15.95 18.23
C THR C 887 -47.10 -15.51 16.80
N PHE C 888 -47.26 -14.22 16.51
CA PHE C 888 -47.12 -13.74 15.14
C PHE C 888 -45.70 -13.91 14.62
N GLY C 889 -44.73 -14.07 15.50
CA GLY C 889 -43.36 -14.29 15.04
C GLY C 889 -43.09 -15.69 14.56
N ALA C 890 -44.01 -16.62 14.78
CA ALA C 890 -43.83 -18.01 14.42
C ALA C 890 -45.08 -18.55 13.73
N GLY C 891 -45.60 -17.79 12.77
CA GLY C 891 -46.79 -18.20 12.06
C GLY C 891 -47.78 -17.07 11.95
N PRO C 892 -49.07 -17.40 11.95
CA PRO C 892 -50.10 -16.36 11.89
C PRO C 892 -50.17 -15.61 13.21
N ALA C 893 -50.75 -14.41 13.13
CA ALA C 893 -50.94 -13.58 14.31
C ALA C 893 -52.21 -14.03 15.01
N LEU C 894 -52.05 -14.67 16.16
CA LEU C 894 -53.17 -15.17 16.95
C LEU C 894 -53.44 -14.16 18.07
N GLN C 895 -54.54 -13.42 17.95
CA GLN C 895 -54.81 -12.36 18.90
C GLN C 895 -55.04 -12.94 20.29
N ILE C 896 -54.65 -12.18 21.30
CA ILE C 896 -54.71 -12.62 22.68
C ILE C 896 -54.81 -11.38 23.58
N PRO C 897 -55.72 -11.36 24.57
CA PRO C 897 -55.86 -10.20 25.42
C PRO C 897 -54.53 -9.90 26.10
N PHE C 898 -54.21 -8.62 26.28
CA PHE C 898 -52.93 -8.28 26.85
C PHE C 898 -52.70 -8.79 28.27
N PRO C 899 -53.64 -8.70 29.20
CA PRO C 899 -53.36 -9.24 30.54
C PRO C 899 -52.94 -10.70 30.51
N MET C 900 -53.57 -11.53 29.67
CA MET C 900 -53.20 -12.93 29.65
C MET C 900 -51.87 -13.15 28.95
N GLN C 901 -51.58 -12.36 27.93
CA GLN C 901 -50.25 -12.45 27.31
C GLN C 901 -49.17 -12.11 28.31
N MET C 902 -49.37 -11.05 29.08
CA MET C 902 -48.40 -10.70 30.10
C MET C 902 -48.34 -11.76 31.18
N ALA C 903 -49.48 -12.38 31.49
CA ALA C 903 -49.49 -13.46 32.48
C ALA C 903 -48.64 -14.63 32.03
N TYR C 904 -48.79 -15.05 30.77
CA TYR C 904 -47.92 -16.10 30.26
C TYR C 904 -46.47 -15.68 30.27
N ARG C 905 -46.19 -14.43 29.85
CA ARG C 905 -44.82 -13.96 29.88
C ARG C 905 -44.25 -14.03 31.29
N PHE C 906 -45.09 -13.82 32.30
CA PHE C 906 -44.69 -14.08 33.67
C PHE C 906 -44.42 -15.57 33.88
N ASN C 907 -45.31 -16.42 33.36
CA ASN C 907 -45.13 -17.86 33.53
C ASN C 907 -43.83 -18.33 32.92
N GLY C 908 -43.33 -17.64 31.89
CA GLY C 908 -42.08 -18.04 31.27
C GLY C 908 -40.91 -17.91 32.21
N ILE C 909 -40.84 -16.84 32.99
CA ILE C 909 -39.69 -16.60 33.84
C ILE C 909 -39.76 -17.35 35.16
N GLY C 910 -40.94 -17.82 35.57
CA GLY C 910 -41.01 -18.63 36.77
C GLY C 910 -41.88 -18.07 37.88
N VAL C 911 -42.87 -17.26 37.51
CA VAL C 911 -43.86 -16.77 38.46
C VAL C 911 -45.24 -17.16 37.93
N THR C 912 -46.09 -17.66 38.80
CA THR C 912 -47.38 -18.18 38.38
C THR C 912 -48.27 -17.05 37.87
N GLN C 913 -49.35 -17.45 37.20
CA GLN C 913 -50.26 -16.45 36.61
C GLN C 913 -50.87 -15.57 37.68
N ASN C 914 -51.28 -16.15 38.80
CA ASN C 914 -51.99 -15.39 39.81
C ASN C 914 -51.15 -14.26 40.38
N VAL C 915 -49.83 -14.35 40.25
CA VAL C 915 -48.98 -13.25 40.68
C VAL C 915 -49.32 -11.99 39.92
N LEU C 916 -49.55 -12.10 38.61
CA LEU C 916 -49.84 -10.92 37.81
C LEU C 916 -51.30 -10.48 37.96
N TYR C 917 -52.23 -11.42 37.92
CA TYR C 917 -53.64 -11.04 37.95
C TYR C 917 -54.01 -10.33 39.24
N GLU C 918 -53.49 -10.82 40.37
CA GLU C 918 -53.77 -10.14 41.63
C GLU C 918 -52.99 -8.84 41.78
N ASN C 919 -52.05 -8.56 40.89
CA ASN C 919 -51.27 -7.34 40.91
C ASN C 919 -51.29 -6.67 39.55
N GLN C 920 -52.42 -6.75 38.87
CA GLN C 920 -52.51 -6.22 37.51
C GLN C 920 -52.40 -4.69 37.51
N LYS C 921 -53.17 -4.03 38.36
CA LYS C 921 -53.12 -2.56 38.39
C LYS C 921 -51.76 -2.07 38.81
N LEU C 922 -51.16 -2.71 39.82
CA LEU C 922 -49.82 -2.31 40.24
C LEU C 922 -48.81 -2.50 39.12
N ILE C 923 -48.89 -3.63 38.41
CA ILE C 923 -47.93 -3.89 37.34
C ILE C 923 -48.10 -2.87 36.23
N ALA C 924 -49.36 -2.58 35.86
CA ALA C 924 -49.59 -1.60 34.82
C ALA C 924 -49.07 -0.22 35.21
N ASN C 925 -49.30 0.17 36.47
CA ASN C 925 -48.80 1.46 36.93
C ASN C 925 -47.29 1.51 36.92
N GLN C 926 -46.63 0.43 37.36
CA GLN C 926 -45.18 0.39 37.34
C GLN C 926 -44.65 0.48 35.92
N PHE C 927 -45.28 -0.25 34.99
CA PHE C 927 -44.84 -0.22 33.61
C PHE C 927 -45.01 1.17 33.01
N ASN C 928 -46.14 1.83 33.29
CA ASN C 928 -46.36 3.17 32.78
C ASN C 928 -45.33 4.14 33.35
N SER C 929 -45.04 4.03 34.64
CA SER C 929 -44.03 4.90 35.24
C SER C 929 -42.67 4.69 34.60
N ALA C 930 -42.30 3.43 34.36
CA ALA C 930 -41.01 3.15 33.74
C ALA C 930 -40.96 3.71 32.31
N ILE C 931 -42.04 3.55 31.56
CA ILE C 931 -42.03 4.02 30.19
C ILE C 931 -42.00 5.54 30.14
N GLY C 932 -42.63 6.21 31.12
CA GLY C 932 -42.48 7.64 31.21
C GLY C 932 -41.08 8.05 31.60
N LYS C 933 -40.44 7.27 32.48
CA LYS C 933 -39.08 7.57 32.90
C LYS C 933 -38.09 7.43 31.77
N ILE C 934 -38.37 6.55 30.79
CA ILE C 934 -37.39 6.30 29.74
C ILE C 934 -37.18 7.55 28.89
N GLN C 935 -38.23 8.35 28.68
CA GLN C 935 -38.07 9.57 27.89
C GLN C 935 -37.14 10.55 28.60
N ASP C 936 -37.33 10.73 29.91
CA ASP C 936 -36.46 11.61 30.66
C ASP C 936 -35.04 11.06 30.70
N SER C 937 -34.90 9.75 30.77
CA SER C 937 -33.56 9.15 30.75
C SER C 937 -32.85 9.46 29.44
N LEU C 938 -33.57 9.34 28.32
CA LEU C 938 -32.96 9.68 27.04
C LEU C 938 -32.63 11.16 26.94
N SER C 939 -33.55 12.03 27.39
CA SER C 939 -33.36 13.47 27.20
C SER C 939 -32.25 14.00 28.08
N SER C 940 -32.19 13.56 29.34
CA SER C 940 -31.24 14.15 30.28
C SER C 940 -29.80 13.80 29.91
N THR C 941 -29.54 12.52 29.65
CA THR C 941 -28.18 12.09 29.36
C THR C 941 -27.81 12.47 27.93
N PRO C 942 -26.74 13.23 27.71
CA PRO C 942 -26.38 13.58 26.33
C PRO C 942 -25.74 12.42 25.59
N SER C 943 -24.95 11.59 26.27
CA SER C 943 -24.28 10.47 25.64
C SER C 943 -25.14 9.22 25.60
N ALA C 944 -26.46 9.36 25.70
CA ALA C 944 -27.34 8.21 25.62
C ALA C 944 -27.24 7.54 24.26
N LEU C 945 -27.28 8.32 23.19
CA LEU C 945 -27.14 7.80 21.84
C LEU C 945 -25.69 7.85 21.38
N GLY C 946 -24.80 7.28 22.18
CA GLY C 946 -23.39 7.35 21.88
C GLY C 946 -23.01 6.58 20.63
N LYS C 947 -23.60 5.41 20.43
CA LYS C 947 -23.17 4.54 19.34
C LYS C 947 -23.55 5.11 17.98
N LEU C 948 -24.81 5.54 17.82
CA LEU C 948 -25.24 6.06 16.53
C LEU C 948 -24.54 7.37 16.19
N GLN C 949 -24.44 8.27 17.17
CA GLN C 949 -23.72 9.51 16.96
C GLN C 949 -22.26 9.23 16.62
N ASP C 950 -21.67 8.23 17.27
CA ASP C 950 -20.30 7.85 16.99
C ASP C 950 -20.15 7.35 15.55
N VAL C 951 -21.10 6.55 15.09
CA VAL C 951 -21.04 6.04 13.71
C VAL C 951 -21.12 7.18 12.72
N VAL C 952 -22.07 8.10 12.93
CA VAL C 952 -22.22 9.22 12.01
C VAL C 952 -20.97 10.08 12.02
N ASN C 953 -20.44 10.37 13.20
CA ASN C 953 -19.24 11.19 13.30
C ASN C 953 -18.07 10.51 12.62
N HIS C 954 -17.92 9.19 12.81
CA HIS C 954 -16.82 8.47 12.19
C HIS C 954 -16.88 8.57 10.68
N ASN C 955 -18.05 8.27 10.10
CA ASN C 955 -18.12 8.30 8.64
C ASN C 955 -17.93 9.71 8.10
N ALA C 956 -18.57 10.70 8.74
CA ALA C 956 -18.44 12.08 8.26
C ALA C 956 -16.99 12.57 8.35
N GLN C 957 -16.32 12.26 9.45
CA GLN C 957 -14.96 12.76 9.62
C GLN C 957 -13.99 11.98 8.74
N ALA C 958 -14.27 10.71 8.45
CA ALA C 958 -13.45 10.00 7.47
C ALA C 958 -13.59 10.64 6.09
N LEU C 959 -14.81 10.99 5.70
CA LEU C 959 -14.99 11.69 4.44
C LEU C 959 -14.26 13.01 4.44
N ASN C 960 -14.34 13.76 5.54
CA ASN C 960 -13.70 15.06 5.61
C ASN C 960 -12.18 14.94 5.54
N THR C 961 -11.61 13.92 6.19
CA THR C 961 -10.18 13.69 6.04
C THR C 961 -9.83 13.29 4.62
N LEU C 962 -10.72 12.55 3.95
CA LEU C 962 -10.45 12.16 2.57
C LEU C 962 -10.38 13.38 1.67
N VAL C 963 -11.38 14.27 1.76
CA VAL C 963 -11.35 15.45 0.92
C VAL C 963 -10.23 16.39 1.35
N LYS C 964 -9.98 16.49 2.65
CA LYS C 964 -8.89 17.31 3.14
C LYS C 964 -7.54 16.84 2.65
N GLN C 965 -7.43 15.58 2.24
CA GLN C 965 -6.16 15.07 1.77
C GLN C 965 -5.74 15.67 0.44
N LEU C 966 -6.65 16.37 -0.25
CA LEU C 966 -6.30 17.01 -1.50
C LEU C 966 -5.26 18.11 -1.32
N SER C 967 -5.23 18.74 -0.13
CA SER C 967 -4.32 19.86 0.09
C SER C 967 -2.86 19.43 -0.01
N SER C 968 -2.53 18.25 0.51
CA SER C 968 -1.16 17.79 0.50
C SER C 968 -0.63 17.70 -0.92
N LYS C 969 0.54 18.30 -1.15
CA LYS C 969 1.14 18.27 -2.47
C LYS C 969 1.88 16.96 -2.75
N PHE C 970 2.11 16.15 -1.72
CA PHE C 970 2.76 14.84 -1.89
C PHE C 970 4.13 14.96 -2.53
N GLY C 971 4.80 16.09 -2.33
CA GLY C 971 6.08 16.34 -2.95
C GLY C 971 6.01 16.98 -4.32
N ALA C 972 4.83 17.19 -4.86
CA ALA C 972 4.69 17.82 -6.16
C ALA C 972 4.77 19.34 -6.00
N ILE C 973 4.66 20.05 -7.13
CA ILE C 973 4.77 21.50 -7.11
C ILE C 973 3.58 22.13 -6.40
N SER C 974 2.37 21.69 -6.74
CA SER C 974 1.18 22.25 -6.13
C SER C 974 0.08 21.20 -6.11
N SER C 975 -0.85 21.36 -5.16
CA SER C 975 -1.96 20.42 -5.04
C SER C 975 -2.87 20.47 -6.26
N VAL C 976 -3.13 21.66 -6.78
CA VAL C 976 -4.03 21.81 -7.91
C VAL C 976 -3.31 21.35 -9.17
N LEU C 977 -3.83 20.30 -9.80
CA LEU C 977 -3.17 19.76 -10.99
C LEU C 977 -3.39 20.62 -12.22
N ASN C 978 -4.49 21.38 -12.27
CA ASN C 978 -4.67 22.33 -13.36
C ASN C 978 -3.54 23.36 -13.36
N ASP C 979 -3.16 23.83 -12.19
CA ASP C 979 -2.02 24.74 -12.10
C ASP C 979 -0.75 24.05 -12.57
N ILE C 980 -0.59 22.76 -12.24
CA ILE C 980 0.61 22.04 -12.65
C ILE C 980 0.68 21.96 -14.17
N LEU C 981 -0.44 21.65 -14.83
CA LEU C 981 -0.43 21.57 -16.28
C LEU C 981 -0.27 22.95 -16.90
N SER C 982 -0.80 23.99 -16.27
CA SER C 982 -0.65 25.34 -16.83
C SER C 982 0.80 25.80 -16.76
N ARG C 983 1.47 25.58 -15.61
CA ARG C 983 2.84 26.03 -15.46
C ARG C 983 3.78 25.18 -16.32
N LEU C 984 3.85 23.89 -16.04
CA LEU C 984 4.85 23.04 -16.65
C LEU C 984 4.34 22.45 -17.96
N ASP C 985 5.28 22.14 -18.85
CA ASP C 985 4.93 21.54 -20.13
C ASP C 985 4.60 20.06 -19.93
N PRO C 986 3.78 19.50 -20.82
CA PRO C 986 3.35 18.09 -20.67
C PRO C 986 4.51 17.12 -20.57
N PRO C 987 5.58 17.24 -21.35
CA PRO C 987 6.66 16.24 -21.25
C PRO C 987 7.39 16.27 -19.93
N GLU C 988 7.22 17.31 -19.12
CA GLU C 988 7.82 17.36 -17.79
C GLU C 988 6.78 17.27 -16.68
N ALA C 989 5.59 17.83 -16.88
CA ALA C 989 4.61 17.89 -15.80
C ALA C 989 4.12 16.51 -15.36
N GLU C 990 4.37 15.46 -16.14
CA GLU C 990 3.82 14.15 -15.80
C GLU C 990 4.44 13.60 -14.51
N VAL C 991 5.73 13.87 -14.27
CA VAL C 991 6.36 13.34 -13.07
C VAL C 991 5.73 13.97 -11.83
N GLN C 992 5.47 15.27 -11.87
CA GLN C 992 4.71 15.90 -10.80
C GLN C 992 3.30 15.33 -10.72
N ILE C 993 2.67 15.13 -11.87
CA ILE C 993 1.33 14.55 -11.89
C ILE C 993 1.36 13.14 -11.31
N ASP C 994 2.34 12.33 -11.71
CA ASP C 994 2.42 10.97 -11.20
C ASP C 994 2.66 10.96 -9.69
N ARG C 995 3.54 11.84 -9.22
CA ARG C 995 3.79 11.93 -7.79
C ARG C 995 2.53 12.33 -7.04
N LEU C 996 1.73 13.21 -7.61
CA LEU C 996 0.44 13.54 -7.01
C LEU C 996 -0.49 12.34 -7.01
N ILE C 997 -0.55 11.62 -8.13
CA ILE C 997 -1.54 10.55 -8.29
C ILE C 997 -1.25 9.41 -7.32
N THR C 998 0.02 9.08 -7.11
CA THR C 998 0.35 8.03 -6.17
C THR C 998 -0.24 8.32 -4.80
N GLY C 999 0.03 9.52 -4.27
CA GLY C 999 -0.53 9.88 -2.99
C GLY C 999 -2.04 9.92 -3.00
N ARG C 1000 -2.64 10.44 -4.08
CA ARG C 1000 -4.08 10.58 -4.12
C ARG C 1000 -4.79 9.23 -4.07
N LEU C 1001 -4.37 8.29 -4.94
CA LEU C 1001 -5.08 7.02 -4.94
C LEU C 1001 -4.70 6.19 -3.72
N GLN C 1002 -3.51 6.39 -3.16
CA GLN C 1002 -3.19 5.67 -1.94
C GLN C 1002 -4.09 6.14 -0.81
N SER C 1003 -4.34 7.46 -0.73
CA SER C 1003 -5.26 7.97 0.27
C SER C 1003 -6.67 7.46 0.03
N LEU C 1004 -7.09 7.39 -1.23
CA LEU C 1004 -8.40 6.85 -1.53
C LEU C 1004 -8.51 5.39 -1.07
N GLN C 1005 -7.47 4.60 -1.33
CA GLN C 1005 -7.49 3.21 -0.92
C GLN C 1005 -7.50 3.08 0.59
N THR C 1006 -6.76 3.94 1.30
CA THR C 1006 -6.80 3.92 2.75
C THR C 1006 -8.20 4.19 3.26
N TYR C 1007 -8.87 5.19 2.67
CA TYR C 1007 -10.24 5.46 3.06
C TYR C 1007 -11.13 4.25 2.78
N VAL C 1008 -10.96 3.63 1.62
CA VAL C 1008 -11.80 2.49 1.26
C VAL C 1008 -11.59 1.34 2.24
N THR C 1009 -10.34 1.06 2.59
CA THR C 1009 -10.05 -0.03 3.51
C THR C 1009 -10.61 0.25 4.90
N GLN C 1010 -10.46 1.47 5.39
CA GLN C 1010 -11.04 1.80 6.69
C GLN C 1010 -12.55 1.69 6.65
N GLN C 1011 -13.17 2.15 5.56
CA GLN C 1011 -14.61 2.01 5.42
C GLN C 1011 -15.02 0.55 5.38
N LEU C 1012 -14.21 -0.30 4.75
CA LEU C 1012 -14.51 -1.72 4.71
C LEU C 1012 -14.48 -2.33 6.10
N ILE C 1013 -13.45 -1.98 6.89
CA ILE C 1013 -13.37 -2.53 8.24
C ILE C 1013 -14.55 -2.05 9.08
N ARG C 1014 -14.86 -0.77 8.99
CA ARG C 1014 -15.99 -0.25 9.76
C ARG C 1014 -17.30 -0.86 9.29
N ALA C 1015 -17.43 -1.13 7.99
CA ALA C 1015 -18.64 -1.76 7.48
C ALA C 1015 -18.76 -3.18 7.98
N ALA C 1016 -17.64 -3.89 8.11
CA ALA C 1016 -17.69 -5.23 8.69
C ALA C 1016 -18.11 -5.16 10.15
N GLU C 1017 -17.58 -4.18 10.89
CA GLU C 1017 -17.98 -4.02 12.28
C GLU C 1017 -19.47 -3.71 12.40
N ILE C 1018 -19.97 -2.83 11.53
CA ILE C 1018 -21.39 -2.51 11.54
C ILE C 1018 -22.22 -3.72 11.11
N ARG C 1019 -21.68 -4.56 10.22
CA ARG C 1019 -22.38 -5.79 9.86
C ARG C 1019 -22.50 -6.69 11.07
N ALA C 1020 -21.44 -6.84 11.85
CA ALA C 1020 -21.54 -7.63 13.07
C ALA C 1020 -22.55 -7.04 14.04
N SER C 1021 -22.53 -5.73 14.20
CA SER C 1021 -23.48 -5.08 15.11
C SER C 1021 -24.91 -5.25 14.64
N ALA C 1022 -25.14 -5.15 13.33
CA ALA C 1022 -26.49 -5.30 12.80
C ALA C 1022 -26.95 -6.74 12.86
N ASN C 1023 -26.04 -7.70 12.70
CA ASN C 1023 -26.40 -9.10 12.88
C ASN C 1023 -26.83 -9.35 14.31
N LEU C 1024 -26.08 -8.81 15.28
CA LEU C 1024 -26.48 -8.94 16.67
C LEU C 1024 -27.81 -8.25 16.92
N ALA C 1025 -28.01 -7.08 16.34
CA ALA C 1025 -29.26 -6.35 16.54
C ALA C 1025 -30.44 -7.13 15.98
N ALA C 1026 -30.29 -7.70 14.79
CA ALA C 1026 -31.38 -8.48 14.22
C ALA C 1026 -31.65 -9.75 15.02
N THR C 1027 -30.58 -10.41 15.48
CA THR C 1027 -30.75 -11.59 16.31
C THR C 1027 -31.55 -11.26 17.56
N LYS C 1028 -31.15 -10.21 18.27
CA LYS C 1028 -31.86 -9.89 19.50
C LYS C 1028 -33.22 -9.27 19.22
N MET C 1029 -33.42 -8.66 18.06
CA MET C 1029 -34.76 -8.26 17.67
C MET C 1029 -35.66 -9.48 17.56
N SER C 1030 -35.21 -10.49 16.82
CA SER C 1030 -36.03 -11.68 16.64
C SER C 1030 -36.28 -12.39 17.96
N GLU C 1031 -35.28 -12.43 18.83
CA GLU C 1031 -35.45 -13.17 20.08
C GLU C 1031 -36.25 -12.38 21.10
N CYS C 1032 -35.77 -11.20 21.48
CA CYS C 1032 -36.39 -10.44 22.56
C CYS C 1032 -37.74 -9.85 22.14
N VAL C 1033 -37.89 -9.48 20.87
CA VAL C 1033 -39.13 -8.83 20.46
C VAL C 1033 -40.16 -9.88 20.05
N LEU C 1034 -39.81 -10.70 19.05
CA LEU C 1034 -40.74 -11.71 18.56
C LEU C 1034 -40.93 -12.86 19.53
N GLY C 1035 -40.34 -12.79 20.73
CA GLY C 1035 -40.50 -13.86 21.69
C GLY C 1035 -39.99 -13.43 23.04
N GLN C 1036 -39.87 -14.41 23.93
CA GLN C 1036 -39.32 -14.21 25.26
C GLN C 1036 -38.02 -14.99 25.36
N SER C 1037 -36.96 -14.32 25.79
CA SER C 1037 -35.63 -14.92 25.79
C SER C 1037 -35.24 -15.36 27.19
N LYS C 1038 -34.83 -16.62 27.31
CA LYS C 1038 -34.32 -17.14 28.56
C LYS C 1038 -32.83 -16.88 28.74
N ARG C 1039 -32.16 -16.37 27.72
CA ARG C 1039 -30.74 -16.06 27.84
C ARG C 1039 -30.56 -14.90 28.79
N VAL C 1040 -29.79 -15.12 29.86
CA VAL C 1040 -29.64 -14.12 30.91
C VAL C 1040 -28.88 -12.93 30.36
N ASP C 1041 -29.37 -11.73 30.68
CA ASP C 1041 -28.71 -10.47 30.34
C ASP C 1041 -28.56 -10.27 28.84
N PHE C 1042 -29.32 -11.03 28.03
CA PHE C 1042 -29.31 -10.80 26.61
C PHE C 1042 -30.24 -9.66 26.22
N CYS C 1043 -31.42 -9.62 26.83
CA CYS C 1043 -32.41 -8.56 26.58
C CYS C 1043 -32.64 -7.85 27.91
N GLY C 1044 -31.81 -6.87 28.20
CA GLY C 1044 -31.95 -6.09 29.42
C GLY C 1044 -31.58 -6.85 30.67
N LYS C 1045 -31.17 -6.14 31.71
CA LYS C 1045 -30.82 -6.78 32.97
C LYS C 1045 -32.08 -7.22 33.69
N GLY C 1046 -32.07 -8.45 34.18
CA GLY C 1046 -33.21 -9.01 34.88
C GLY C 1046 -33.88 -10.10 34.06
N TYR C 1047 -34.99 -10.58 34.60
CA TYR C 1047 -35.79 -11.59 33.91
C TYR C 1047 -36.60 -10.91 32.81
N HIS C 1048 -36.28 -11.23 31.57
CA HIS C 1048 -36.86 -10.53 30.43
C HIS C 1048 -38.33 -10.89 30.25
N LEU C 1049 -39.14 -9.88 29.92
CA LEU C 1049 -40.54 -10.08 29.62
C LEU C 1049 -40.89 -9.67 28.20
N MET C 1050 -40.53 -8.46 27.79
CA MET C 1050 -40.91 -7.94 26.48
C MET C 1050 -39.76 -7.14 25.91
N SER C 1051 -39.90 -6.73 24.65
CA SER C 1051 -38.92 -5.83 24.06
C SER C 1051 -39.62 -5.10 22.91
N PHE C 1052 -39.83 -3.80 23.08
CA PHE C 1052 -40.44 -3.00 22.06
C PHE C 1052 -39.36 -2.28 21.27
N PRO C 1053 -39.21 -2.55 19.98
CA PRO C 1053 -38.19 -1.85 19.21
C PRO C 1053 -38.59 -0.41 18.97
N GLN C 1054 -37.58 0.43 18.78
CA GLN C 1054 -37.83 1.81 18.39
C GLN C 1054 -36.81 2.21 17.33
N SER C 1055 -37.30 2.75 16.23
CA SER C 1055 -36.43 3.12 15.13
C SER C 1055 -35.62 4.36 15.50
N ALA C 1056 -34.37 4.38 15.07
CA ALA C 1056 -33.49 5.50 15.28
C ALA C 1056 -32.71 5.74 14.00
N PRO C 1057 -32.20 6.94 13.78
CA PRO C 1057 -31.38 7.20 12.59
C PRO C 1057 -30.15 6.31 12.59
N HIS C 1058 -30.04 5.48 11.55
CA HIS C 1058 -28.90 4.58 11.37
C HIS C 1058 -28.74 3.63 12.55
N GLY C 1059 -29.85 3.12 13.06
CA GLY C 1059 -29.79 2.18 14.16
C GLY C 1059 -31.17 1.87 14.68
N VAL C 1060 -31.19 1.09 15.76
CA VAL C 1060 -32.44 0.71 16.41
C VAL C 1060 -32.28 0.87 17.90
N VAL C 1061 -33.40 1.12 18.57
CA VAL C 1061 -33.43 1.30 20.03
C VAL C 1061 -34.43 0.31 20.59
N PHE C 1062 -34.00 -0.49 21.55
CA PHE C 1062 -34.86 -1.48 22.17
C PHE C 1062 -35.30 -1.00 23.54
N LEU C 1063 -36.50 -1.41 23.94
CA LEU C 1063 -37.03 -1.12 25.26
C LEU C 1063 -37.25 -2.47 25.95
N HIS C 1064 -36.20 -3.00 26.56
CA HIS C 1064 -36.30 -4.29 27.23
C HIS C 1064 -37.11 -4.14 28.50
N VAL C 1065 -38.30 -4.73 28.54
CA VAL C 1065 -39.12 -4.72 29.73
C VAL C 1065 -38.76 -5.97 30.52
N THR C 1066 -37.98 -5.80 31.57
CA THR C 1066 -37.55 -6.91 32.40
C THR C 1066 -38.31 -6.94 33.72
N TYR C 1067 -38.18 -8.05 34.42
CA TYR C 1067 -38.83 -8.27 35.71
C TYR C 1067 -37.73 -8.35 36.77
N VAL C 1068 -37.70 -7.36 37.66
CA VAL C 1068 -36.65 -7.31 38.68
C VAL C 1068 -37.27 -7.58 40.05
N PRO C 1069 -36.90 -8.67 40.70
CA PRO C 1069 -37.40 -8.93 42.05
C PRO C 1069 -36.85 -7.91 43.04
N ALA C 1070 -37.62 -7.68 44.10
CA ALA C 1070 -37.22 -6.72 45.12
C ALA C 1070 -37.89 -7.10 46.43
N GLN C 1071 -37.51 -6.39 47.50
CA GLN C 1071 -38.07 -6.61 48.83
C GLN C 1071 -37.87 -8.06 49.28
N GLU C 1072 -36.66 -8.56 49.12
CA GLU C 1072 -36.36 -9.92 49.51
C GLU C 1072 -36.45 -10.07 51.02
N LYS C 1073 -36.77 -11.29 51.46
CA LYS C 1073 -36.85 -11.62 52.87
C LYS C 1073 -36.12 -12.93 53.11
N ASN C 1074 -35.28 -12.97 54.14
CA ASN C 1074 -34.55 -14.18 54.46
C ASN C 1074 -35.50 -15.21 55.05
N PHE C 1075 -35.27 -16.49 54.73
CA PHE C 1075 -36.15 -17.58 55.22
C PHE C 1075 -35.33 -18.84 55.44
N THR C 1076 -35.65 -19.64 56.45
CA THR C 1076 -34.99 -20.89 56.76
C THR C 1076 -35.57 -21.97 55.86
N THR C 1077 -34.72 -22.61 55.07
CA THR C 1077 -35.13 -23.58 54.08
C THR C 1077 -34.84 -24.99 54.57
N ALA C 1078 -35.12 -25.95 53.69
CA ALA C 1078 -34.83 -27.35 53.95
C ALA C 1078 -34.91 -28.09 52.62
N PRO C 1079 -33.97 -28.98 52.32
CA PRO C 1079 -34.06 -29.71 51.05
C PRO C 1079 -35.31 -30.54 50.91
N ALA C 1080 -35.82 -31.05 52.04
CA ALA C 1080 -36.99 -31.96 51.99
C ALA C 1080 -37.70 -32.02 53.33
N ILE C 1081 -38.90 -32.60 53.37
CA ILE C 1081 -39.70 -32.65 54.61
C ILE C 1081 -40.12 -34.10 54.87
N CYS C 1082 -39.45 -34.79 55.79
CA CYS C 1082 -39.85 -36.17 56.17
C CYS C 1082 -41.16 -36.11 56.93
N HIS C 1083 -42.13 -36.94 56.57
CA HIS C 1083 -43.42 -36.98 57.29
C HIS C 1083 -43.63 -38.37 57.88
N ASP C 1084 -43.56 -39.40 57.04
CA ASP C 1084 -43.79 -40.77 57.47
C ASP C 1084 -42.63 -41.66 57.08
N GLY C 1085 -41.41 -41.19 57.34
CA GLY C 1085 -40.23 -41.94 56.97
C GLY C 1085 -39.87 -41.86 55.51
N LYS C 1086 -40.58 -41.06 54.73
CA LYS C 1086 -40.31 -40.90 53.31
C LYS C 1086 -40.12 -39.41 53.00
N ALA C 1087 -39.03 -39.09 52.32
CA ALA C 1087 -38.73 -37.70 52.02
C ALA C 1087 -39.74 -37.13 51.03
N HIS C 1088 -40.06 -35.85 51.20
CA HIS C 1088 -40.94 -35.14 50.29
C HIS C 1088 -40.21 -33.96 49.70
N PHE C 1089 -40.08 -33.95 48.39
CA PHE C 1089 -39.45 -32.83 47.73
C PHE C 1089 -40.52 -32.02 47.00
N PRO C 1090 -40.40 -30.70 46.94
CA PRO C 1090 -41.46 -29.90 46.31
C PRO C 1090 -41.46 -30.11 44.81
N ARG C 1091 -42.65 -30.30 44.25
CA ARG C 1091 -42.76 -30.42 42.79
C ARG C 1091 -42.27 -29.16 42.11
N GLU C 1092 -42.61 -28.01 42.66
CA GLU C 1092 -42.14 -26.72 42.16
C GLU C 1092 -41.79 -25.86 43.36
N GLY C 1093 -40.94 -24.88 43.11
CA GLY C 1093 -40.66 -23.96 44.20
C GLY C 1093 -39.78 -24.59 45.27
N VAL C 1094 -39.98 -24.14 46.50
CA VAL C 1094 -39.04 -24.38 47.59
C VAL C 1094 -39.80 -24.50 48.90
N PHE C 1095 -39.16 -25.15 49.88
CA PHE C 1095 -39.68 -25.22 51.24
C PHE C 1095 -39.12 -24.07 52.06
N VAL C 1096 -40.00 -23.31 52.69
CA VAL C 1096 -39.55 -22.12 53.45
C VAL C 1096 -40.26 -22.14 54.79
N SER C 1097 -39.70 -21.47 55.79
CA SER C 1097 -40.29 -21.54 57.15
C SER C 1097 -40.48 -20.13 57.69
N ASN C 1098 -41.69 -19.79 58.12
CA ASN C 1098 -41.92 -18.48 58.77
C ASN C 1098 -41.34 -18.58 60.17
N GLY C 1099 -40.08 -19.01 60.30
CA GLY C 1099 -39.50 -19.23 61.63
C GLY C 1099 -40.10 -20.47 62.28
N THR C 1100 -41.42 -20.49 62.48
CA THR C 1100 -42.06 -21.62 63.19
C THR C 1100 -42.66 -22.63 62.20
N HIS C 1101 -43.63 -22.19 61.38
CA HIS C 1101 -44.32 -23.14 60.48
C HIS C 1101 -43.51 -23.36 59.21
N TRP C 1102 -43.87 -24.38 58.43
CA TRP C 1102 -43.15 -24.69 57.17
C TRP C 1102 -44.12 -24.54 56.00
N PHE C 1103 -43.65 -24.03 54.87
CA PHE C 1103 -44.55 -23.76 53.74
C PHE C 1103 -43.81 -24.06 52.44
N VAL C 1104 -44.52 -24.06 51.31
CA VAL C 1104 -43.86 -24.28 50.03
C VAL C 1104 -44.30 -23.17 49.09
N THR C 1105 -43.34 -22.52 48.44
CA THR C 1105 -43.63 -21.38 47.59
C THR C 1105 -42.67 -21.37 46.42
N GLN C 1106 -43.06 -20.68 45.35
CA GLN C 1106 -42.18 -20.54 44.21
C GLN C 1106 -40.98 -19.67 44.58
N ARG C 1107 -39.94 -19.77 43.76
CA ARG C 1107 -38.68 -19.14 44.12
C ARG C 1107 -38.72 -17.62 43.93
N ASN C 1108 -39.29 -17.16 42.83
CA ASN C 1108 -39.20 -15.76 42.47
C ASN C 1108 -40.31 -14.91 43.06
N PHE C 1109 -41.19 -15.49 43.86
CA PHE C 1109 -42.21 -14.71 44.56
C PHE C 1109 -42.58 -15.46 45.83
N TYR C 1110 -42.95 -14.69 46.85
CA TYR C 1110 -43.25 -15.33 48.14
C TYR C 1110 -44.75 -15.46 48.35
N GLU C 1111 -45.31 -16.60 47.99
CA GLU C 1111 -46.70 -16.94 48.29
C GLU C 1111 -46.69 -18.21 49.12
N PRO C 1112 -46.67 -18.09 50.47
CA PRO C 1112 -46.59 -19.25 51.30
C PRO C 1112 -47.83 -20.10 51.10
N GLN C 1113 -47.62 -21.39 50.91
CA GLN C 1113 -48.71 -22.33 50.74
C GLN C 1113 -48.51 -23.51 51.67
N ILE C 1114 -49.60 -24.05 52.22
CA ILE C 1114 -49.49 -25.22 53.14
C ILE C 1114 -48.90 -26.38 52.35
N ILE C 1115 -47.97 -27.13 52.95
CA ILE C 1115 -47.27 -28.23 52.23
C ILE C 1115 -48.25 -29.39 52.09
N THR C 1116 -48.89 -29.52 50.93
CA THR C 1116 -49.81 -30.66 50.70
C THR C 1116 -49.12 -31.69 49.83
N THR C 1117 -49.72 -32.87 49.70
CA THR C 1117 -49.07 -33.96 48.93
C THR C 1117 -49.28 -33.72 47.44
N ASP C 1118 -49.91 -32.61 47.07
CA ASP C 1118 -50.01 -32.30 45.62
C ASP C 1118 -48.89 -31.32 45.27
N ASN C 1119 -48.36 -30.61 46.27
CA ASN C 1119 -47.23 -29.67 46.03
C ASN C 1119 -45.92 -30.44 46.14
N THR C 1120 -45.94 -31.64 46.70
CA THR C 1120 -44.66 -32.34 46.93
C THR C 1120 -44.71 -33.76 46.38
N PHE C 1121 -43.56 -34.26 45.91
CA PHE C 1121 -43.48 -35.63 45.44
C PHE C 1121 -42.50 -36.40 46.31
N VAL C 1122 -42.84 -37.63 46.57
CA VAL C 1122 -42.05 -38.50 47.44
C VAL C 1122 -40.96 -39.17 46.64
N SER C 1123 -39.84 -39.45 47.28
CA SER C 1123 -38.78 -40.23 46.64
C SER C 1123 -37.96 -40.91 47.74
N GLY C 1124 -38.25 -42.17 47.98
CA GLY C 1124 -37.46 -42.97 48.91
C GLY C 1124 -37.68 -42.57 50.36
N ASN C 1125 -36.86 -43.17 51.22
CA ASN C 1125 -36.94 -42.89 52.64
C ASN C 1125 -36.25 -41.57 52.96
N CYS C 1126 -36.46 -41.13 54.21
CA CYS C 1126 -35.94 -39.81 54.64
C CYS C 1126 -34.76 -39.99 55.58
N ASP C 1127 -33.87 -40.90 55.24
CA ASP C 1127 -32.64 -41.09 56.02
C ASP C 1127 -31.38 -40.81 55.23
N VAL C 1128 -31.49 -40.55 53.92
CA VAL C 1128 -30.31 -40.35 53.08
C VAL C 1128 -30.16 -38.91 52.62
N VAL C 1129 -31.19 -38.08 52.73
CA VAL C 1129 -31.10 -36.69 52.32
C VAL C 1129 -30.45 -35.90 53.45
N ILE C 1130 -29.37 -35.18 53.14
CA ILE C 1130 -28.67 -34.39 54.14
C ILE C 1130 -29.44 -33.10 54.37
N GLY C 1131 -29.65 -32.76 55.64
CA GLY C 1131 -30.35 -31.53 55.97
C GLY C 1131 -31.84 -31.62 55.96
N ILE C 1132 -32.40 -32.82 55.95
CA ILE C 1132 -33.89 -32.97 55.86
C ILE C 1132 -34.53 -32.45 57.15
N VAL C 1133 -35.70 -31.83 57.06
CA VAL C 1133 -36.42 -31.42 58.31
C VAL C 1133 -37.65 -32.30 58.45
N ASN C 1134 -38.29 -32.27 59.61
CA ASN C 1134 -39.51 -33.06 59.81
C ASN C 1134 -40.69 -32.09 59.82
N ASN C 1135 -41.85 -32.52 59.34
CA ASN C 1135 -43.07 -31.68 59.43
C ASN C 1135 -44.24 -32.56 59.04
N THR C 1136 -45.40 -31.96 58.73
CA THR C 1136 -46.57 -32.82 58.46
C THR C 1136 -47.16 -32.46 57.11
N VAL C 1137 -46.95 -33.31 56.10
CA VAL C 1137 -47.48 -32.89 54.80
C VAL C 1137 -48.97 -33.14 54.81
N TYR C 1138 -49.72 -32.04 54.94
CA TYR C 1138 -51.19 -32.18 55.01
C TYR C 1138 -51.69 -32.76 53.69
N ASP C 1139 -52.15 -34.00 53.70
CA ASP C 1139 -52.76 -34.61 52.53
C ASP C 1139 -54.18 -34.07 52.37
N PRO C 1140 -54.61 -33.56 51.19
CA PRO C 1140 -55.95 -32.98 51.11
C PRO C 1140 -57.01 -34.07 51.18
N LEU C 1141 -56.69 -35.27 50.74
CA LEU C 1141 -57.72 -36.29 50.63
C LEU C 1141 -58.14 -36.86 51.99
N GLN C 1142 -57.19 -37.02 52.91
CA GLN C 1142 -57.49 -37.74 54.15
C GLN C 1142 -58.51 -37.02 55.02
N PRO C 1143 -58.29 -35.76 55.43
CA PRO C 1143 -59.35 -35.08 56.20
C PRO C 1143 -60.63 -34.89 55.43
N GLU C 1144 -60.56 -34.71 54.11
CA GLU C 1144 -61.77 -34.60 53.30
C GLU C 1144 -62.63 -35.85 53.43
N LEU C 1145 -62.02 -37.02 53.20
CA LEU C 1145 -62.76 -38.27 53.29
C LEU C 1145 -63.19 -38.56 54.72
N ASP C 1146 -62.37 -38.19 55.71
CA ASP C 1146 -62.73 -38.44 57.10
C ASP C 1146 -63.95 -37.61 57.50
N SER C 1147 -63.96 -36.33 57.13
CA SER C 1147 -65.13 -35.50 57.39
C SER C 1147 -66.34 -36.00 56.64
N PHE C 1148 -66.14 -36.49 55.40
CA PHE C 1148 -67.24 -37.02 54.62
C PHE C 1148 -67.85 -38.25 55.29
N LYS C 1149 -67.01 -39.15 55.80
CA LYS C 1149 -67.47 -40.43 56.33
C LYS C 1149 -67.61 -40.42 57.84
N GLU C 1150 -66.52 -40.11 58.55
CA GLU C 1150 -66.54 -40.14 60.01
C GLU C 1150 -67.28 -38.94 60.58
N THR D 29 -28.59 3.08 -44.15
CA THR D 29 -29.32 3.55 -42.99
C THR D 29 -28.67 3.09 -41.69
N ASN D 30 -28.81 1.79 -41.42
CA ASN D 30 -28.39 1.22 -40.13
C ASN D 30 -27.49 0.03 -40.42
N SER D 31 -26.19 0.21 -40.24
CA SER D 31 -25.24 -0.91 -40.27
C SER D 31 -25.40 -1.65 -38.96
N PHE D 32 -26.37 -2.57 -38.93
CA PHE D 32 -26.82 -3.17 -37.68
C PHE D 32 -25.67 -3.85 -36.95
N THR D 33 -24.95 -4.74 -37.63
CA THR D 33 -23.89 -5.50 -36.98
C THR D 33 -22.63 -5.62 -37.83
N ARG D 34 -22.60 -5.06 -39.03
CA ARG D 34 -21.42 -5.18 -39.88
C ARG D 34 -20.32 -4.24 -39.40
N GLY D 35 -19.09 -4.52 -39.85
CA GLY D 35 -17.94 -3.75 -39.48
C GLY D 35 -17.06 -4.36 -38.42
N VAL D 36 -17.34 -5.58 -37.99
CA VAL D 36 -16.57 -6.25 -36.95
C VAL D 36 -15.49 -7.10 -37.59
N TYR D 37 -14.27 -6.99 -37.06
CA TYR D 37 -13.13 -7.69 -37.63
C TYR D 37 -12.19 -8.11 -36.51
N TYR D 38 -11.44 -9.17 -36.75
CA TYR D 38 -10.47 -9.66 -35.78
C TYR D 38 -9.32 -8.67 -35.68
N PRO D 39 -9.16 -7.94 -34.58
CA PRO D 39 -8.08 -6.96 -34.50
C PRO D 39 -6.69 -7.56 -34.54
N ASP D 40 -6.53 -8.85 -34.22
CA ASP D 40 -5.21 -9.46 -34.25
C ASP D 40 -5.36 -10.96 -34.45
N LYS D 41 -4.27 -11.58 -34.91
CA LYS D 41 -4.24 -13.03 -35.14
C LYS D 41 -4.00 -13.77 -33.83
N VAL D 42 -4.95 -13.60 -32.91
CA VAL D 42 -4.88 -14.18 -31.57
C VAL D 42 -6.07 -15.11 -31.39
N PHE D 43 -5.81 -16.33 -30.96
CA PHE D 43 -6.87 -17.30 -30.73
C PHE D 43 -7.43 -17.15 -29.33
N ARG D 44 -8.76 -17.21 -29.23
CA ARG D 44 -9.45 -17.13 -27.95
C ARG D 44 -10.70 -17.97 -28.05
N SER D 45 -10.91 -18.86 -27.07
CA SER D 45 -12.00 -19.81 -27.12
C SER D 45 -12.98 -19.53 -26.00
N SER D 46 -14.22 -19.20 -26.37
CA SER D 46 -15.32 -19.04 -25.41
C SER D 46 -14.99 -18.03 -24.33
N VAL D 47 -14.43 -16.88 -24.75
CA VAL D 47 -14.12 -15.80 -23.83
C VAL D 47 -14.76 -14.52 -24.33
N LEU D 48 -14.88 -13.56 -23.43
CA LEU D 48 -15.44 -12.24 -23.72
C LEU D 48 -14.31 -11.23 -23.63
N HIS D 49 -13.80 -10.80 -24.77
CA HIS D 49 -12.65 -9.92 -24.81
C HIS D 49 -13.08 -8.49 -25.13
N SER D 50 -12.43 -7.54 -24.48
CA SER D 50 -12.68 -6.12 -24.71
C SER D 50 -11.55 -5.56 -25.56
N THR D 51 -11.91 -4.75 -26.55
CA THR D 51 -10.96 -4.15 -27.47
C THR D 51 -11.27 -2.67 -27.62
N GLN D 52 -10.27 -1.91 -28.09
CA GLN D 52 -10.43 -0.47 -28.21
C GLN D 52 -9.89 0.07 -29.53
N ASP D 53 -9.85 -0.75 -30.59
CA ASP D 53 -9.29 -0.32 -31.86
C ASP D 53 -10.33 0.50 -32.64
N LEU D 54 -10.01 0.78 -33.90
CA LEU D 54 -10.88 1.58 -34.76
C LEU D 54 -11.99 0.68 -35.31
N PHE D 55 -13.23 0.98 -34.95
CA PHE D 55 -14.37 0.17 -35.35
C PHE D 55 -15.49 1.03 -35.88
N LEU D 56 -16.25 0.48 -36.81
CA LEU D 56 -17.44 1.15 -37.29
C LEU D 56 -18.56 0.96 -36.26
N PRO D 57 -19.18 2.03 -35.77
CA PRO D 57 -20.18 1.89 -34.70
C PRO D 57 -21.37 1.06 -35.15
N PHE D 58 -21.93 0.32 -34.20
CA PHE D 58 -23.13 -0.45 -34.49
C PHE D 58 -24.29 0.49 -34.83
N PHE D 59 -25.12 0.05 -35.77
CA PHE D 59 -26.26 0.83 -36.23
C PHE D 59 -25.83 2.23 -36.67
N SER D 60 -24.70 2.28 -37.37
CA SER D 60 -24.19 3.51 -37.94
C SER D 60 -24.89 3.81 -39.26
N ASN D 61 -24.50 4.92 -39.88
CA ASN D 61 -25.13 5.41 -41.09
C ASN D 61 -24.24 5.07 -42.28
N VAL D 62 -24.80 4.37 -43.25
CA VAL D 62 -24.06 3.90 -44.42
C VAL D 62 -24.52 4.64 -45.65
N THR D 63 -23.57 5.16 -46.42
CA THR D 63 -23.87 5.84 -47.67
C THR D 63 -24.19 4.84 -48.77
N TRP D 64 -25.20 5.15 -49.58
CA TRP D 64 -25.52 4.27 -50.69
C TRP D 64 -24.45 4.36 -51.77
N PHE D 65 -24.11 5.59 -52.14
CA PHE D 65 -23.04 5.83 -53.16
C PHE D 65 -23.16 4.84 -54.30
N HIS D 66 -24.20 4.98 -55.12
CA HIS D 66 -24.30 4.13 -56.33
C HIS D 66 -23.39 4.74 -57.41
N ALA D 67 -22.89 3.91 -58.33
CA ALA D 67 -22.02 4.41 -59.41
C ALA D 67 -22.88 4.79 -60.62
N ILE D 68 -23.50 5.98 -60.59
CA ILE D 68 -24.39 6.44 -61.70
C ILE D 68 -24.58 5.32 -62.73
N GLY D 72 -21.33 4.62 -67.31
CA GLY D 72 -20.42 3.53 -67.72
C GLY D 72 -20.47 3.33 -69.22
N THR D 73 -19.36 3.56 -69.93
CA THR D 73 -19.33 3.48 -71.42
C THR D 73 -20.28 4.53 -71.99
N ASN D 74 -20.80 5.42 -71.14
CA ASN D 74 -21.76 6.47 -71.59
C ASN D 74 -21.04 7.82 -71.58
N GLY D 75 -19.74 7.82 -71.86
CA GLY D 75 -18.99 9.09 -71.92
C GLY D 75 -18.12 9.28 -70.71
N THR D 76 -16.90 9.79 -70.91
CA THR D 76 -15.98 10.02 -69.80
C THR D 76 -16.53 11.06 -68.81
N LYS D 77 -17.55 11.80 -69.21
CA LYS D 77 -18.16 12.80 -68.33
C LYS D 77 -19.12 12.11 -67.37
N ARG D 78 -20.00 12.91 -66.74
CA ARG D 78 -20.99 12.36 -65.77
C ARG D 78 -20.32 11.30 -64.87
N PHE D 79 -19.38 11.72 -64.02
CA PHE D 79 -18.73 10.76 -63.13
C PHE D 79 -19.76 10.04 -62.27
N ASP D 80 -19.51 8.76 -62.01
CA ASP D 80 -20.50 7.94 -61.26
C ASP D 80 -20.04 7.73 -59.82
N ASN D 81 -18.74 7.52 -59.64
CA ASN D 81 -18.23 7.26 -58.29
C ASN D 81 -17.35 8.43 -57.90
N PRO D 82 -17.87 9.35 -57.10
CA PRO D 82 -17.04 10.47 -56.62
C PRO D 82 -16.01 10.01 -55.61
N VAL D 83 -14.92 10.76 -55.52
CA VAL D 83 -13.86 10.44 -54.57
C VAL D 83 -14.38 10.63 -53.14
N LEU D 84 -13.78 9.91 -52.20
CA LEU D 84 -14.18 9.94 -50.81
C LEU D 84 -12.97 10.16 -49.91
N PRO D 85 -13.17 10.79 -48.75
CA PRO D 85 -12.05 11.00 -47.82
C PRO D 85 -11.83 9.77 -46.95
N PHE D 86 -10.62 9.21 -47.02
CA PHE D 86 -10.25 8.06 -46.21
C PHE D 86 -9.78 8.57 -44.85
N ASN D 87 -10.73 8.77 -43.94
CA ASN D 87 -10.43 9.26 -42.59
C ASN D 87 -10.48 8.06 -41.64
N ASP D 88 -9.30 7.58 -41.25
CA ASP D 88 -9.17 6.52 -40.27
C ASP D 88 -9.95 5.26 -40.66
N GLY D 89 -9.97 4.97 -41.96
CA GLY D 89 -10.57 3.72 -42.39
C GLY D 89 -12.02 3.87 -42.80
N VAL D 90 -12.42 3.00 -43.72
CA VAL D 90 -13.79 2.96 -44.23
C VAL D 90 -14.27 1.51 -44.21
N TYR D 91 -15.58 1.34 -44.34
CA TYR D 91 -16.20 0.04 -44.48
C TYR D 91 -16.74 -0.07 -45.90
N PHE D 92 -16.27 -1.06 -46.64
CA PHE D 92 -16.63 -1.23 -48.05
C PHE D 92 -17.36 -2.56 -48.21
N ALA D 93 -18.52 -2.52 -48.86
CA ALA D 93 -19.27 -3.73 -49.17
C ALA D 93 -19.99 -3.52 -50.49
N SER D 94 -19.95 -4.52 -51.35
CA SER D 94 -20.53 -4.43 -52.69
C SER D 94 -21.41 -5.64 -52.96
N THR D 95 -22.19 -5.55 -54.02
CA THR D 95 -23.07 -6.61 -54.48
C THR D 95 -22.91 -6.83 -55.97
N GLU D 96 -21.71 -6.60 -56.50
CA GLU D 96 -21.46 -6.78 -57.92
C GLU D 96 -21.52 -8.26 -58.28
N LYS D 97 -21.84 -8.52 -59.55
CA LYS D 97 -22.05 -9.91 -59.97
C LYS D 97 -20.75 -10.65 -60.16
N SER D 98 -19.94 -10.24 -61.14
CA SER D 98 -18.67 -10.90 -61.37
C SER D 98 -17.51 -9.93 -61.56
N ASN D 99 -17.74 -8.83 -62.29
CA ASN D 99 -16.64 -7.94 -62.64
C ASN D 99 -17.01 -6.46 -62.58
N ILE D 100 -18.20 -6.12 -62.08
CA ILE D 100 -18.60 -4.71 -62.03
C ILE D 100 -17.66 -3.93 -61.14
N ILE D 101 -17.32 -4.48 -59.97
CA ILE D 101 -16.35 -3.91 -59.07
C ILE D 101 -15.06 -4.71 -59.20
N ARG D 102 -13.96 -4.04 -59.51
CA ARG D 102 -12.69 -4.71 -59.72
C ARG D 102 -11.63 -4.30 -58.69
N GLY D 103 -11.43 -3.00 -58.49
CA GLY D 103 -10.40 -2.56 -57.57
C GLY D 103 -10.66 -1.22 -56.92
N TRP D 104 -9.65 -0.71 -56.22
CA TRP D 104 -9.73 0.57 -55.54
C TRP D 104 -8.44 1.34 -55.76
N ILE D 105 -8.51 2.66 -55.67
CA ILE D 105 -7.35 3.53 -55.75
C ILE D 105 -7.28 4.35 -54.47
N PHE D 106 -6.08 4.43 -53.90
CA PHE D 106 -5.90 5.16 -52.65
C PHE D 106 -4.78 6.18 -52.78
N GLY D 107 -4.44 6.84 -51.68
CA GLY D 107 -3.39 7.84 -51.69
C GLY D 107 -3.82 9.13 -51.01
N THR D 108 -3.27 10.25 -51.46
CA THR D 108 -3.65 11.56 -50.87
C THR D 108 -4.19 12.49 -51.96
N THR D 109 -3.50 12.58 -53.11
CA THR D 109 -3.97 13.42 -54.21
C THR D 109 -4.09 12.66 -55.52
N LEU D 110 -3.70 11.38 -55.55
CA LEU D 110 -3.77 10.54 -56.74
C LEU D 110 -3.03 11.17 -57.92
N ASP D 111 -1.87 11.76 -57.65
CA ASP D 111 -1.08 12.39 -58.71
C ASP D 111 0.37 11.94 -58.65
N SER D 112 1.25 12.60 -59.42
CA SER D 112 2.64 12.17 -59.50
C SER D 112 3.35 12.32 -58.17
N LYS D 113 3.12 13.43 -57.47
CA LYS D 113 3.88 13.74 -56.26
C LYS D 113 3.45 12.90 -55.05
N THR D 114 2.39 12.12 -55.16
CA THR D 114 1.93 11.28 -54.06
C THR D 114 1.85 9.83 -54.51
N GLN D 115 2.14 8.93 -53.59
CA GLN D 115 2.03 7.50 -53.89
C GLN D 115 0.57 7.13 -54.12
N SER D 116 0.33 6.34 -55.16
CA SER D 116 -1.00 5.87 -55.50
C SER D 116 -1.06 4.36 -55.35
N LEU D 117 -2.10 3.87 -54.68
CA LEU D 117 -2.26 2.46 -54.41
C LEU D 117 -3.30 1.87 -55.36
N LEU D 118 -2.92 0.85 -56.11
CA LEU D 118 -3.82 0.15 -57.01
C LEU D 118 -4.18 -1.19 -56.39
N ILE D 119 -5.47 -1.41 -56.15
CA ILE D 119 -5.94 -2.61 -55.48
C ILE D 119 -6.84 -3.36 -56.45
N VAL D 120 -6.53 -3.27 -57.74
CA VAL D 120 -7.34 -3.89 -58.77
C VAL D 120 -7.30 -5.41 -58.64
N ASN D 121 -8.46 -6.05 -58.77
CA ASN D 121 -8.56 -7.50 -58.79
C ASN D 121 -8.84 -7.95 -60.22
N ASN D 122 -7.91 -8.69 -60.79
CA ASN D 122 -8.06 -9.20 -62.15
C ASN D 122 -8.92 -10.47 -62.11
N ALA D 123 -8.92 -11.22 -63.21
CA ALA D 123 -9.62 -12.50 -63.21
C ALA D 123 -9.04 -13.44 -62.17
N THR D 124 -7.71 -13.50 -62.07
CA THR D 124 -7.05 -14.30 -61.05
C THR D 124 -5.83 -13.59 -60.47
N ASN D 125 -5.83 -12.26 -60.48
CA ASN D 125 -4.68 -11.49 -60.04
C ASN D 125 -5.14 -10.26 -59.26
N VAL D 126 -4.48 -10.03 -58.11
CA VAL D 126 -4.78 -8.88 -57.27
C VAL D 126 -3.53 -8.06 -57.01
N VAL D 127 -2.66 -7.96 -58.03
CA VAL D 127 -1.41 -7.20 -57.89
C VAL D 127 -1.70 -5.84 -57.27
N ILE D 128 -1.05 -5.56 -56.15
CA ILE D 128 -1.25 -4.30 -55.43
C ILE D 128 -0.15 -3.36 -55.91
N LYS D 129 -0.48 -2.56 -56.91
CA LYS D 129 0.48 -1.62 -57.48
C LYS D 129 0.47 -0.35 -56.64
N VAL D 130 1.57 -0.12 -55.94
CA VAL D 130 1.71 1.07 -55.10
C VAL D 130 2.52 2.15 -55.82
N CYS D 131 2.61 2.09 -57.14
CA CYS D 131 3.38 3.06 -57.90
C CYS D 131 2.68 4.41 -57.92
N GLU D 132 3.46 5.48 -57.81
CA GLU D 132 2.91 6.85 -57.77
C GLU D 132 2.48 7.27 -59.17
N PHE D 133 1.40 6.67 -59.64
CA PHE D 133 0.87 6.99 -60.96
C PHE D 133 0.45 8.45 -61.01
N GLN D 134 0.86 9.13 -62.09
CA GLN D 134 0.76 10.59 -62.14
C GLN D 134 -0.68 11.10 -62.15
N PHE D 135 -1.65 10.26 -62.52
CA PHE D 135 -3.04 10.66 -62.45
C PHE D 135 -3.92 9.42 -62.61
N CYS D 136 -5.12 9.50 -62.05
CA CYS D 136 -6.12 8.46 -62.20
C CYS D 136 -7.07 8.83 -63.35
N ASN D 137 -7.07 8.00 -64.38
CA ASN D 137 -7.93 8.20 -65.54
C ASN D 137 -9.32 7.62 -65.28
N ASP D 138 -10.10 7.45 -66.34
CA ASP D 138 -11.37 6.76 -66.31
C ASP D 138 -11.30 5.57 -67.26
N PRO D 139 -12.17 4.57 -67.10
CA PRO D 139 -12.13 3.41 -67.99
C PRO D 139 -12.18 3.78 -69.47
N PHE D 140 -11.10 3.52 -70.18
CA PHE D 140 -10.97 3.87 -71.59
C PHE D 140 -11.79 2.88 -72.42
N LEU D 141 -13.02 3.27 -72.73
CA LEU D 141 -13.89 2.41 -73.54
C LEU D 141 -13.38 2.35 -74.98
N ASP D 142 -13.30 1.13 -75.51
CA ASP D 142 -12.91 0.96 -76.92
C ASP D 142 -13.99 1.54 -77.83
N VAL D 143 -15.24 1.15 -77.62
CA VAL D 143 -16.39 1.68 -78.31
C VAL D 143 -17.56 1.62 -77.35
N TYR D 144 -18.68 2.24 -77.72
CA TYR D 144 -19.85 2.25 -76.84
C TYR D 144 -20.27 0.83 -76.47
N TYR D 145 -20.27 -0.08 -77.45
CA TYR D 145 -20.46 -1.49 -77.14
C TYR D 145 -19.27 -2.00 -76.35
N HIS D 146 -19.54 -2.65 -75.22
CA HIS D 146 -18.50 -2.87 -74.21
C HIS D 146 -18.14 -4.33 -74.01
N LYS D 147 -19.10 -5.19 -73.69
CA LYS D 147 -18.80 -6.55 -73.23
C LYS D 147 -19.57 -7.58 -74.04
N ASN D 148 -19.51 -7.45 -75.37
CA ASN D 148 -20.14 -8.45 -76.22
C ASN D 148 -19.37 -9.76 -76.17
N ASN D 149 -18.07 -9.72 -76.51
CA ASN D 149 -17.25 -10.92 -76.46
C ASN D 149 -15.85 -10.68 -75.94
N LYS D 150 -15.51 -9.46 -75.50
CA LYS D 150 -14.16 -9.13 -75.07
C LYS D 150 -13.96 -9.51 -73.61
N SER D 151 -13.00 -10.41 -73.36
CA SER D 151 -12.67 -10.83 -72.00
C SER D 151 -11.18 -10.80 -71.71
N TRP D 152 -10.35 -10.38 -72.66
CA TRP D 152 -8.91 -10.39 -72.48
C TRP D 152 -8.44 -9.10 -71.80
N MET D 153 -7.24 -9.16 -71.23
CA MET D 153 -6.63 -8.03 -70.54
C MET D 153 -5.90 -7.18 -71.57
N GLU D 154 -6.60 -6.19 -72.13
CA GLU D 154 -6.03 -5.30 -73.12
C GLU D 154 -6.95 -4.10 -73.31
N SER D 155 -6.35 -2.92 -73.47
CA SER D 155 -7.10 -1.68 -73.66
C SER D 155 -8.13 -1.49 -72.55
N GLU D 156 -7.69 -1.72 -71.32
CA GLU D 156 -8.59 -1.79 -70.17
C GLU D 156 -8.81 -0.38 -69.61
N PHE D 157 -9.33 -0.33 -68.38
CA PHE D 157 -9.67 0.94 -67.74
C PHE D 157 -8.46 1.85 -67.57
N ARG D 158 -7.29 1.27 -67.26
CA ARG D 158 -5.99 1.91 -67.50
C ARG D 158 -5.87 3.30 -66.86
N VAL D 159 -5.89 3.34 -65.53
CA VAL D 159 -5.53 4.60 -64.88
C VAL D 159 -4.04 4.70 -64.61
N TYR D 160 -3.34 3.57 -64.56
CA TYR D 160 -1.94 3.54 -64.12
C TYR D 160 -1.05 4.12 -65.23
N SER D 161 -1.12 5.44 -65.35
CA SER D 161 -0.16 6.14 -66.19
C SER D 161 1.25 5.88 -65.68
N SER D 162 2.15 5.53 -66.60
CA SER D 162 3.44 4.97 -66.22
C SER D 162 4.20 5.89 -65.27
N ALA D 163 4.67 5.33 -64.15
CA ALA D 163 5.33 6.10 -63.11
C ALA D 163 6.71 5.52 -62.80
N ASN D 164 7.34 6.02 -61.74
CA ASN D 164 8.70 5.63 -61.38
C ASN D 164 8.76 4.70 -60.18
N ASN D 165 8.19 5.12 -59.04
CA ASN D 165 8.34 4.40 -57.78
C ASN D 165 7.34 3.25 -57.67
N CYS D 166 7.54 2.24 -58.51
CA CYS D 166 6.70 1.04 -58.50
C CYS D 166 7.28 0.08 -57.46
N THR D 167 6.80 0.21 -56.23
CA THR D 167 7.37 -0.51 -55.09
C THR D 167 6.71 -1.90 -55.03
N PHE D 168 6.90 -2.63 -53.94
CA PHE D 168 6.47 -4.03 -53.81
C PHE D 168 5.04 -4.25 -54.27
N GLU D 169 4.78 -5.47 -54.74
CA GLU D 169 3.53 -5.83 -55.39
C GLU D 169 2.88 -6.97 -54.62
N TYR D 170 1.66 -7.33 -55.02
CA TYR D 170 0.97 -8.51 -54.46
C TYR D 170 0.32 -9.24 -55.64
N VAL D 171 1.14 -9.60 -56.64
CA VAL D 171 0.66 -10.48 -57.69
C VAL D 171 0.57 -11.90 -57.12
N SER D 172 -0.65 -12.35 -56.87
CA SER D 172 -0.90 -13.67 -56.27
C SER D 172 -2.36 -14.03 -56.49
N GLN D 173 -2.83 -15.05 -55.76
CA GLN D 173 -4.22 -15.45 -55.84
C GLN D 173 -5.15 -14.29 -55.48
N PRO D 174 -6.27 -14.14 -56.17
CA PRO D 174 -7.16 -13.02 -55.88
C PRO D 174 -7.74 -13.09 -54.47
N PHE D 175 -7.47 -12.04 -53.69
CA PHE D 175 -8.08 -11.94 -52.37
C PHE D 175 -9.57 -11.69 -52.47
N LEU D 176 -10.01 -10.97 -53.51
CA LEU D 176 -11.43 -10.80 -53.80
C LEU D 176 -11.89 -12.06 -54.53
N MET D 177 -12.48 -12.99 -53.79
CA MET D 177 -12.93 -14.24 -54.38
C MET D 177 -14.13 -13.96 -55.26
N ASP D 178 -13.90 -13.94 -56.57
CA ASP D 178 -14.96 -13.77 -57.56
C ASP D 178 -15.72 -15.08 -57.68
N LEU D 179 -16.44 -15.41 -56.62
CA LEU D 179 -17.14 -16.69 -56.55
C LEU D 179 -18.24 -16.76 -57.60
N GLU D 180 -18.40 -17.93 -58.21
CA GLU D 180 -19.42 -18.14 -59.24
C GLU D 180 -20.78 -18.23 -58.54
N GLY D 181 -21.37 -17.05 -58.32
CA GLY D 181 -22.67 -17.01 -57.68
C GLY D 181 -23.72 -17.74 -58.50
N LYS D 182 -24.51 -18.56 -57.81
CA LYS D 182 -25.45 -19.45 -58.48
C LYS D 182 -26.62 -19.71 -57.54
N GLN D 183 -27.49 -20.63 -57.94
CA GLN D 183 -28.60 -21.17 -57.14
C GLN D 183 -29.51 -20.09 -56.57
N GLY D 184 -29.39 -18.85 -57.07
CA GLY D 184 -30.20 -17.77 -56.57
C GLY D 184 -30.01 -17.56 -55.07
N ASN D 185 -30.94 -16.80 -54.49
CA ASN D 185 -30.98 -16.57 -53.05
C ASN D 185 -29.62 -16.12 -52.53
N PHE D 186 -28.99 -15.18 -53.25
CA PHE D 186 -27.63 -14.81 -52.92
C PHE D 186 -27.35 -13.40 -53.40
N LYS D 187 -26.34 -12.79 -52.77
CA LYS D 187 -25.70 -11.59 -53.28
C LYS D 187 -24.36 -11.52 -52.57
N ASN D 188 -23.27 -11.50 -53.32
CA ASN D 188 -21.95 -11.62 -52.70
C ASN D 188 -21.64 -10.34 -51.94
N LEU D 189 -21.96 -10.33 -50.65
CA LEU D 189 -21.69 -9.18 -49.79
C LEU D 189 -20.20 -9.19 -49.45
N ARG D 190 -19.40 -8.74 -50.41
CA ARG D 190 -17.95 -8.70 -50.26
C ARG D 190 -17.61 -7.52 -49.35
N GLU D 191 -17.68 -7.77 -48.05
CA GLU D 191 -17.38 -6.74 -47.07
C GLU D 191 -15.87 -6.55 -46.97
N PHE D 192 -15.42 -5.33 -47.26
CA PHE D 192 -14.00 -4.98 -47.16
C PHE D 192 -13.84 -3.84 -46.18
N VAL D 193 -12.96 -4.02 -45.20
CA VAL D 193 -12.62 -2.97 -44.25
C VAL D 193 -11.18 -2.55 -44.55
N PHE D 194 -11.02 -1.31 -44.99
CA PHE D 194 -9.71 -0.77 -45.33
C PHE D 194 -9.24 0.12 -44.20
N LYS D 195 -8.05 -0.17 -43.69
CA LYS D 195 -7.48 0.60 -42.59
C LYS D 195 -5.97 0.61 -42.72
N ASN D 196 -5.37 1.74 -42.35
CA ASN D 196 -3.92 1.91 -42.37
C ASN D 196 -3.47 2.21 -40.95
N ILE D 197 -2.85 1.22 -40.30
CA ILE D 197 -2.42 1.33 -38.91
C ILE D 197 -0.94 1.70 -38.91
N ASP D 198 -0.65 2.94 -38.48
CA ASP D 198 0.70 3.52 -38.44
C ASP D 198 1.51 3.16 -39.68
N GLY D 199 0.85 3.12 -40.83
CA GLY D 199 1.51 2.86 -42.10
C GLY D 199 1.08 1.56 -42.74
N TYR D 200 0.98 0.49 -41.96
CA TYR D 200 0.61 -0.80 -42.52
C TYR D 200 -0.86 -0.83 -42.90
N PHE D 201 -1.15 -1.32 -44.10
CA PHE D 201 -2.50 -1.46 -44.60
C PHE D 201 -2.97 -2.90 -44.37
N LYS D 202 -4.15 -3.04 -43.78
CA LYS D 202 -4.69 -4.35 -43.45
C LYS D 202 -6.03 -4.52 -44.15
N ILE D 203 -6.23 -5.70 -44.73
CA ILE D 203 -7.40 -6.00 -45.55
C ILE D 203 -8.28 -7.01 -44.81
N TYR D 204 -9.55 -6.68 -44.65
CA TYR D 204 -10.53 -7.55 -44.01
C TYR D 204 -11.61 -7.87 -45.04
N SER D 205 -11.62 -9.10 -45.53
CA SER D 205 -12.58 -9.51 -46.55
C SER D 205 -13.32 -10.76 -46.09
N LYS D 206 -14.63 -10.79 -46.33
CA LYS D 206 -15.41 -12.00 -46.11
C LYS D 206 -16.65 -11.92 -47.01
N HIS D 207 -16.60 -12.63 -48.13
CA HIS D 207 -17.71 -12.62 -49.07
C HIS D 207 -18.87 -13.41 -48.51
N THR D 208 -20.07 -12.89 -48.64
CA THR D 208 -21.24 -13.53 -48.07
C THR D 208 -22.02 -14.26 -49.16
N PRO D 209 -22.02 -15.59 -49.18
CA PRO D 209 -22.81 -16.31 -50.18
C PRO D 209 -24.23 -16.60 -49.71
N ILE D 210 -24.49 -16.41 -48.41
CA ILE D 210 -25.82 -16.70 -47.89
C ILE D 210 -26.80 -15.65 -48.38
N ASN D 211 -28.09 -15.99 -48.26
CA ASN D 211 -29.15 -15.09 -48.72
C ASN D 211 -29.16 -13.81 -47.90
N LEU D 212 -29.53 -12.72 -48.57
CA LEU D 212 -29.68 -11.42 -47.94
C LEU D 212 -31.15 -11.03 -47.96
N GLY D 213 -31.58 -10.32 -46.92
CA GLY D 213 -32.94 -9.87 -46.87
C GLY D 213 -33.24 -8.84 -47.94
N ARG D 214 -32.71 -7.63 -47.79
CA ARG D 214 -32.78 -6.62 -48.82
C ARG D 214 -31.40 -6.25 -49.36
N ASP D 215 -30.50 -5.78 -48.50
CA ASP D 215 -29.13 -5.51 -48.90
C ASP D 215 -28.14 -6.04 -47.88
N LEU D 216 -28.52 -6.01 -46.61
CA LEU D 216 -27.62 -6.38 -45.51
C LEU D 216 -28.47 -7.01 -44.43
N PRO D 217 -28.43 -8.34 -44.28
CA PRO D 217 -29.29 -9.00 -43.29
C PRO D 217 -28.81 -8.73 -41.87
N GLN D 218 -29.73 -8.90 -40.93
CA GLN D 218 -29.45 -8.70 -39.51
C GLN D 218 -28.71 -9.93 -38.99
N GLY D 219 -27.43 -10.02 -39.36
CA GLY D 219 -26.57 -11.10 -38.91
C GLY D 219 -25.22 -10.57 -38.52
N PHE D 220 -24.37 -11.47 -38.03
CA PHE D 220 -23.03 -11.14 -37.60
C PHE D 220 -22.01 -11.73 -38.57
N SER D 221 -20.99 -10.95 -38.89
CA SER D 221 -19.93 -11.37 -39.81
C SER D 221 -18.64 -10.71 -39.38
N ALA D 222 -17.84 -11.42 -38.59
CA ALA D 222 -16.52 -10.92 -38.24
C ALA D 222 -15.61 -11.00 -39.46
N LEU D 223 -14.92 -9.89 -39.72
CA LEU D 223 -14.13 -9.76 -40.94
C LEU D 223 -12.72 -10.28 -40.69
N GLU D 224 -12.49 -11.53 -41.07
CA GLU D 224 -11.14 -12.09 -40.95
C GLU D 224 -10.19 -11.32 -41.85
N PRO D 225 -9.05 -10.89 -41.32
CA PRO D 225 -8.06 -10.23 -42.18
C PRO D 225 -7.48 -11.20 -43.19
N LEU D 226 -7.07 -10.66 -44.34
CA LEU D 226 -6.49 -11.47 -45.40
C LEU D 226 -5.00 -11.20 -45.57
N VAL D 227 -4.60 -9.96 -45.81
CA VAL D 227 -3.22 -9.63 -46.14
C VAL D 227 -2.81 -8.36 -45.42
N ASP D 228 -1.57 -8.34 -44.94
CA ASP D 228 -0.99 -7.18 -44.28
C ASP D 228 -0.01 -6.53 -45.26
N LEU D 229 -0.27 -5.28 -45.63
CA LEU D 229 0.59 -4.55 -46.55
C LEU D 229 1.29 -3.43 -45.83
N PRO D 230 2.63 -3.42 -45.81
CA PRO D 230 3.35 -2.41 -45.04
C PRO D 230 3.16 -0.98 -45.53
N ILE D 231 3.42 -0.77 -46.83
CA ILE D 231 3.34 0.51 -47.55
C ILE D 231 3.29 1.71 -46.61
N GLY D 232 4.45 2.18 -46.18
CA GLY D 232 4.49 3.28 -45.23
C GLY D 232 4.32 4.64 -45.88
N ILE D 233 3.11 4.93 -46.35
CA ILE D 233 2.79 6.20 -47.01
C ILE D 233 1.42 6.68 -46.51
N ASN D 234 1.16 7.97 -46.78
CA ASN D 234 -0.15 8.57 -46.42
C ASN D 234 -1.26 7.97 -47.27
N ILE D 235 -2.40 7.70 -46.66
CA ILE D 235 -3.54 7.10 -47.34
C ILE D 235 -4.76 8.01 -47.20
N THR D 236 -4.51 9.32 -47.06
CA THR D 236 -5.61 10.29 -46.74
C THR D 236 -6.85 10.18 -47.63
N ARG D 237 -6.69 9.87 -48.91
CA ARG D 237 -7.83 9.86 -49.80
C ARG D 237 -8.00 8.50 -50.46
N PHE D 238 -9.24 8.21 -50.84
CA PHE D 238 -9.61 6.92 -51.42
C PHE D 238 -10.69 7.11 -52.47
N GLN D 239 -10.61 6.32 -53.53
CA GLN D 239 -11.68 6.26 -54.52
C GLN D 239 -11.76 4.84 -55.07
N THR D 240 -12.97 4.35 -55.27
CA THR D 240 -13.13 3.03 -55.86
C THR D 240 -12.81 3.06 -57.35
N LEU D 241 -12.38 1.92 -57.86
CA LEU D 241 -11.98 1.79 -59.26
C LEU D 241 -13.05 0.96 -59.98
N LEU D 242 -13.87 1.66 -60.77
CA LEU D 242 -14.93 0.98 -61.55
C LEU D 242 -14.32 0.47 -62.85
N ALA D 243 -13.49 -0.57 -62.77
CA ALA D 243 -12.82 -1.18 -63.92
C ALA D 243 -13.79 -2.12 -64.61
N LEU D 244 -14.90 -1.54 -65.10
CA LEU D 244 -15.98 -2.38 -65.71
C LEU D 244 -16.14 -2.10 -67.22
N HIS D 245 -15.94 -0.86 -67.68
CA HIS D 245 -15.96 -0.54 -69.11
C HIS D 245 -17.34 -0.80 -69.70
N ARG D 246 -18.26 -1.36 -68.91
CA ARG D 246 -19.51 -1.90 -69.41
C ARG D 246 -20.69 -1.30 -68.67
N SER D 247 -21.77 -1.03 -69.42
CA SER D 247 -23.04 -0.62 -68.84
C SER D 247 -23.79 -1.87 -68.37
N TYR D 248 -23.35 -2.40 -67.23
CA TYR D 248 -23.77 -3.71 -66.74
C TYR D 248 -24.55 -3.54 -65.44
N LEU D 249 -25.86 -3.29 -65.56
CA LEU D 249 -26.80 -3.31 -64.44
C LEU D 249 -26.35 -2.38 -63.31
N THR D 250 -26.26 -1.08 -63.63
CA THR D 250 -25.84 -0.07 -62.62
C THR D 250 -26.97 0.95 -62.44
N PRO D 251 -27.58 1.08 -61.25
CA PRO D 251 -28.62 2.08 -61.01
C PRO D 251 -28.05 3.49 -60.96
N GLY D 252 -28.93 4.45 -61.20
CA GLY D 252 -28.54 5.85 -61.27
C GLY D 252 -28.91 6.61 -60.01
N ASP D 253 -28.01 7.51 -59.60
CA ASP D 253 -28.24 8.38 -58.46
C ASP D 253 -27.41 9.64 -58.64
N SER D 254 -27.82 10.71 -57.95
CA SER D 254 -27.13 11.99 -58.07
C SER D 254 -26.98 12.72 -56.74
N SER D 255 -27.33 12.09 -55.61
CA SER D 255 -27.22 12.72 -54.30
C SER D 255 -26.31 11.88 -53.41
N SER D 256 -25.95 12.45 -52.26
CA SER D 256 -25.11 11.79 -51.28
C SER D 256 -25.75 11.91 -49.90
N GLY D 257 -25.57 10.88 -49.09
CA GLY D 257 -26.14 10.84 -47.76
C GLY D 257 -25.90 9.52 -47.07
N TRP D 258 -26.91 8.99 -46.37
CA TRP D 258 -26.75 7.75 -45.62
C TRP D 258 -28.07 6.97 -45.70
N THR D 259 -28.09 5.96 -46.57
CA THR D 259 -29.24 5.07 -46.69
C THR D 259 -28.74 3.72 -47.20
N ALA D 260 -29.51 2.67 -46.91
CA ALA D 260 -29.13 1.30 -47.25
C ALA D 260 -29.79 0.80 -48.52
N GLY D 261 -29.99 1.68 -49.50
CA GLY D 261 -30.53 1.24 -50.77
C GLY D 261 -29.54 0.39 -51.56
N ALA D 262 -30.07 -0.30 -52.57
CA ALA D 262 -29.25 -1.17 -53.41
C ALA D 262 -28.09 -0.40 -54.01
N ALA D 263 -26.87 -0.75 -53.62
CA ALA D 263 -25.69 0.06 -53.89
C ALA D 263 -24.62 -0.75 -54.60
N ALA D 264 -23.91 -0.09 -55.51
CA ALA D 264 -22.70 -0.69 -56.07
C ALA D 264 -21.64 -0.87 -54.98
N TYR D 265 -21.63 0.01 -53.99
CA TYR D 265 -20.73 -0.13 -52.85
C TYR D 265 -21.18 0.75 -51.69
N TYR D 266 -21.20 0.19 -50.49
CA TYR D 266 -21.52 0.95 -49.30
C TYR D 266 -20.25 1.45 -48.65
N VAL D 267 -20.31 2.67 -48.11
CA VAL D 267 -19.14 3.32 -47.51
C VAL D 267 -19.49 3.71 -46.08
N GLY D 268 -18.70 3.23 -45.13
CA GLY D 268 -18.77 3.67 -43.76
C GLY D 268 -17.48 4.32 -43.31
N TYR D 269 -17.38 4.50 -41.99
CA TYR D 269 -16.19 5.12 -41.42
C TYR D 269 -15.92 4.51 -40.04
N LEU D 270 -14.64 4.33 -39.73
CA LEU D 270 -14.24 3.74 -38.47
C LEU D 270 -13.98 4.83 -37.43
N GLN D 271 -14.35 4.54 -36.19
CA GLN D 271 -14.15 5.46 -35.09
C GLN D 271 -13.53 4.71 -33.92
N PRO D 272 -12.77 5.40 -33.07
CA PRO D 272 -12.12 4.73 -31.95
C PRO D 272 -13.10 4.38 -30.83
N ARG D 273 -13.77 3.24 -30.97
CA ARG D 273 -14.78 2.81 -30.03
C ARG D 273 -14.33 1.55 -29.30
N THR D 274 -14.87 1.36 -28.10
CA THR D 274 -14.58 0.18 -27.31
C THR D 274 -15.61 -0.90 -27.59
N PHE D 275 -15.14 -2.12 -27.88
CA PHE D 275 -15.99 -3.20 -28.31
C PHE D 275 -15.79 -4.42 -27.44
N LEU D 276 -16.86 -5.21 -27.31
CA LEU D 276 -16.85 -6.47 -26.57
C LEU D 276 -17.06 -7.61 -27.56
N LEU D 277 -15.97 -8.20 -28.03
CA LEU D 277 -16.04 -9.29 -28.99
C LEU D 277 -16.07 -10.61 -28.23
N LYS D 278 -17.20 -11.32 -28.31
CA LYS D 278 -17.26 -12.67 -27.79
C LYS D 278 -16.60 -13.63 -28.76
N TYR D 279 -16.07 -14.72 -28.22
CA TYR D 279 -15.37 -15.71 -29.02
C TYR D 279 -16.02 -17.08 -28.84
N ASN D 280 -15.76 -17.97 -29.80
CA ASN D 280 -16.26 -19.35 -29.59
C ASN D 280 -15.06 -20.30 -29.63
N GLU D 281 -15.32 -21.60 -29.53
CA GLU D 281 -14.22 -22.58 -29.48
C GLU D 281 -13.21 -22.32 -30.58
N ASN D 282 -13.64 -22.33 -31.84
CA ASN D 282 -12.67 -22.23 -32.96
C ASN D 282 -11.94 -20.88 -32.95
N GLY D 283 -12.15 -20.07 -31.93
CA GLY D 283 -11.52 -18.75 -31.87
C GLY D 283 -12.32 -17.77 -32.70
N THR D 284 -13.50 -18.19 -33.15
CA THR D 284 -14.25 -17.28 -34.04
C THR D 284 -15.08 -16.33 -33.20
N ILE D 285 -15.38 -15.17 -33.75
CA ILE D 285 -16.15 -14.13 -33.07
C ILE D 285 -17.63 -14.41 -33.34
N THR D 286 -18.32 -14.98 -32.36
CA THR D 286 -19.74 -15.27 -32.54
C THR D 286 -20.57 -13.99 -32.59
N ASP D 287 -20.33 -13.09 -31.65
CA ASP D 287 -21.09 -11.85 -31.59
C ASP D 287 -20.28 -10.81 -30.82
N ALA D 288 -20.66 -9.54 -31.01
CA ALA D 288 -20.02 -8.45 -30.31
C ALA D 288 -21.05 -7.37 -30.04
N VAL D 289 -20.74 -6.53 -29.06
CA VAL D 289 -21.64 -5.44 -28.66
C VAL D 289 -20.81 -4.19 -28.41
N ASP D 290 -21.32 -3.05 -28.88
CA ASP D 290 -20.65 -1.78 -28.65
C ASP D 290 -20.73 -1.39 -27.18
N CYS D 291 -19.80 -0.53 -26.77
CA CYS D 291 -19.74 -0.04 -25.40
C CYS D 291 -20.15 1.42 -25.26
N ALA D 292 -20.64 2.04 -26.32
CA ALA D 292 -21.06 3.42 -26.24
C ALA D 292 -22.40 3.69 -26.93
N LEU D 293 -23.01 2.69 -27.55
CA LEU D 293 -24.24 2.91 -28.29
C LEU D 293 -25.42 3.11 -27.36
N ASP D 294 -25.72 2.12 -26.53
CA ASP D 294 -26.92 2.10 -25.73
C ASP D 294 -26.56 1.93 -24.26
N PRO D 295 -27.36 2.50 -23.35
CA PRO D 295 -27.11 2.28 -21.93
C PRO D 295 -27.07 0.81 -21.56
N LEU D 296 -27.93 -0.01 -22.18
CA LEU D 296 -27.85 -1.45 -21.97
C LEU D 296 -26.52 -2.00 -22.47
N SER D 297 -26.09 -1.53 -23.65
CA SER D 297 -24.79 -1.96 -24.18
C SER D 297 -23.66 -1.56 -23.24
N GLU D 298 -23.71 -0.34 -22.72
CA GLU D 298 -22.69 0.08 -21.77
C GLU D 298 -22.72 -0.79 -20.51
N THR D 299 -23.92 -1.09 -20.02
CA THR D 299 -24.04 -1.92 -18.82
C THR D 299 -23.40 -3.28 -19.04
N LYS D 300 -23.76 -3.95 -20.12
CA LYS D 300 -23.17 -5.26 -20.38
C LYS D 300 -21.70 -5.16 -20.75
N CYS D 301 -21.24 -3.96 -21.15
CA CYS D 301 -19.81 -3.78 -21.37
C CYS D 301 -19.05 -3.73 -20.06
N THR D 302 -19.56 -2.98 -19.08
CA THR D 302 -18.89 -2.94 -17.77
C THR D 302 -18.95 -4.31 -17.09
N LEU D 303 -20.08 -5.01 -17.21
CA LEU D 303 -20.20 -6.33 -16.63
C LEU D 303 -19.36 -7.37 -17.36
N LYS D 304 -18.85 -7.05 -18.54
CA LYS D 304 -18.04 -7.97 -19.35
C LYS D 304 -18.81 -9.25 -19.66
N SER D 305 -20.12 -9.15 -19.82
CA SER D 305 -20.96 -10.29 -20.17
C SER D 305 -21.97 -9.88 -21.22
N PHE D 306 -22.41 -10.85 -22.01
CA PHE D 306 -23.38 -10.57 -23.06
C PHE D 306 -24.81 -10.56 -22.56
N THR D 307 -25.06 -11.04 -21.35
CA THR D 307 -26.38 -10.98 -20.75
C THR D 307 -26.26 -10.43 -19.35
N VAL D 308 -27.29 -9.71 -18.93
CA VAL D 308 -27.37 -9.14 -17.60
C VAL D 308 -28.64 -9.66 -16.94
N GLU D 309 -28.69 -9.48 -15.62
CA GLU D 309 -29.81 -9.97 -14.84
C GLU D 309 -30.62 -8.81 -14.30
N LYS D 310 -31.79 -9.13 -13.77
CA LYS D 310 -32.63 -8.11 -13.15
C LYS D 310 -31.86 -7.41 -12.05
N GLY D 311 -31.89 -6.08 -12.09
CA GLY D 311 -31.16 -5.30 -11.11
C GLY D 311 -30.58 -4.04 -11.69
N ILE D 312 -30.19 -3.11 -10.82
CA ILE D 312 -29.60 -1.84 -11.23
C ILE D 312 -28.09 -1.96 -11.12
N TYR D 313 -27.38 -1.65 -12.20
CA TYR D 313 -25.94 -1.74 -12.24
C TYR D 313 -25.36 -0.36 -12.52
N GLN D 314 -24.40 0.04 -11.70
CA GLN D 314 -23.67 1.28 -11.97
C GLN D 314 -22.77 1.07 -13.18
N THR D 315 -22.75 2.04 -14.09
CA THR D 315 -21.98 1.93 -15.32
C THR D 315 -20.83 2.93 -15.37
N SER D 316 -21.11 4.21 -15.24
CA SER D 316 -20.09 5.24 -15.42
C SER D 316 -20.55 6.49 -14.70
N ASN D 317 -19.89 7.61 -14.98
CA ASN D 317 -20.24 8.89 -14.40
C ASN D 317 -20.68 9.86 -15.48
N PHE D 318 -21.57 10.77 -15.11
CA PHE D 318 -22.13 11.74 -16.02
C PHE D 318 -21.62 13.13 -15.64
N ARG D 319 -21.10 13.85 -16.63
CA ARG D 319 -20.51 15.17 -16.40
C ARG D 319 -20.99 16.13 -17.47
N VAL D 320 -21.38 17.33 -17.07
CA VAL D 320 -21.78 18.35 -18.01
C VAL D 320 -20.52 19.02 -18.53
N GLN D 321 -20.24 18.82 -19.82
CA GLN D 321 -19.03 19.39 -20.39
C GLN D 321 -19.12 20.92 -20.46
N PRO D 322 -18.00 21.61 -20.29
CA PRO D 322 -18.02 23.07 -20.39
C PRO D 322 -18.39 23.50 -21.80
N THR D 323 -19.05 24.66 -21.88
CA THR D 323 -19.52 25.19 -23.16
C THR D 323 -18.52 26.15 -23.80
N GLU D 324 -18.01 27.11 -23.03
CA GLU D 324 -17.19 28.17 -23.60
C GLU D 324 -15.88 28.34 -22.83
N SER D 325 -15.21 29.48 -23.04
CA SER D 325 -13.97 29.76 -22.28
C SER D 325 -13.90 31.24 -21.89
N ILE D 326 -13.78 31.54 -20.60
CA ILE D 326 -13.73 32.95 -20.13
C ILE D 326 -12.32 33.26 -19.62
N VAL D 327 -11.58 34.10 -20.32
CA VAL D 327 -10.25 34.50 -19.79
C VAL D 327 -10.29 35.99 -19.46
N ARG D 328 -10.57 36.38 -18.22
CA ARG D 328 -10.39 37.82 -17.90
C ARG D 328 -9.00 37.85 -17.27
N PHE D 329 -7.98 38.20 -18.05
CA PHE D 329 -6.59 38.06 -17.55
C PHE D 329 -5.99 39.34 -16.99
N PRO D 330 -6.75 40.43 -16.76
CA PRO D 330 -6.09 41.59 -16.17
C PRO D 330 -7.09 42.40 -15.35
N ASN D 331 -7.70 43.41 -15.98
CA ASN D 331 -8.66 44.28 -15.26
C ASN D 331 -9.26 45.26 -16.27
N ILE D 332 -9.62 46.46 -15.81
CA ILE D 332 -10.12 47.50 -16.74
C ILE D 332 -8.95 47.89 -17.66
N THR D 333 -7.74 47.44 -17.33
CA THR D 333 -6.54 47.81 -18.12
C THR D 333 -5.72 46.56 -18.46
N ASN D 334 -4.39 46.72 -18.53
CA ASN D 334 -3.50 45.60 -18.93
C ASN D 334 -2.50 45.30 -17.82
N LEU D 335 -1.29 44.85 -18.17
CA LEU D 335 -0.21 44.50 -17.18
C LEU D 335 1.11 44.29 -17.93
N CYS D 336 2.25 44.42 -17.24
CA CYS D 336 3.54 44.36 -17.96
C CYS D 336 4.75 44.28 -17.03
N PRO D 337 5.95 43.98 -17.54
CA PRO D 337 7.15 44.00 -16.73
C PRO D 337 8.02 45.17 -17.17
N PHE D 338 7.50 46.07 -18.02
CA PHE D 338 8.34 47.17 -18.57
C PHE D 338 9.55 46.53 -19.26
N ASP D 339 9.95 45.31 -18.87
CA ASP D 339 11.06 44.62 -19.55
C ASP D 339 12.10 45.68 -19.88
N GLU D 340 12.38 45.89 -21.15
CA GLU D 340 13.38 46.89 -21.62
C GLU D 340 14.71 46.69 -20.90
N VAL D 341 14.77 46.99 -19.60
CA VAL D 341 16.06 46.91 -18.84
C VAL D 341 16.93 45.80 -19.45
N PHE D 342 16.38 44.59 -19.60
CA PHE D 342 17.13 43.49 -20.25
C PHE D 342 18.26 44.06 -21.10
N ASN D 343 17.92 44.62 -22.26
CA ASN D 343 19.03 45.11 -23.12
C ASN D 343 19.44 46.51 -22.65
N ALA D 344 20.48 46.58 -21.82
CA ALA D 344 21.02 47.89 -21.36
C ALA D 344 22.49 47.66 -20.99
N THR D 345 23.28 48.73 -20.91
CA THR D 345 24.74 48.54 -20.66
C THR D 345 25.05 48.80 -19.19
N ARG D 346 24.86 50.03 -18.73
CA ARG D 346 25.22 50.39 -17.34
C ARG D 346 24.44 49.52 -16.35
N PHE D 347 24.92 48.33 -16.06
CA PHE D 347 24.29 47.50 -15.03
C PHE D 347 24.96 47.79 -13.69
N ALA D 348 24.84 46.85 -12.75
CA ALA D 348 25.43 47.05 -11.41
C ALA D 348 26.38 45.89 -11.05
N SER D 349 27.06 45.99 -9.91
CA SER D 349 28.04 44.96 -9.47
C SER D 349 27.32 43.64 -9.17
N VAL D 350 28.08 42.54 -9.07
CA VAL D 350 27.46 41.25 -8.69
C VAL D 350 26.57 41.48 -7.47
N TYR D 351 27.12 42.02 -6.38
CA TYR D 351 26.32 42.15 -5.14
C TYR D 351 25.30 43.29 -5.29
N ALA D 352 25.11 43.80 -6.50
CA ALA D 352 24.18 44.93 -6.71
C ALA D 352 23.03 44.54 -7.63
N TRP D 353 22.39 43.40 -7.36
CA TRP D 353 21.17 43.02 -8.12
C TRP D 353 20.15 44.16 -8.02
N ASN D 354 19.28 44.35 -9.02
CA ASN D 354 18.35 45.51 -8.99
C ASN D 354 16.97 45.09 -8.47
N ARG D 355 16.02 46.04 -8.32
CA ARG D 355 14.68 45.62 -7.95
C ARG D 355 13.70 46.22 -8.95
N LYS D 356 12.63 45.48 -9.25
CA LYS D 356 11.61 45.97 -10.18
C LYS D 356 10.23 45.51 -9.72
N ARG D 357 9.50 46.34 -8.99
CA ARG D 357 8.10 45.93 -8.67
C ARG D 357 7.23 46.20 -9.89
N ILE D 358 7.58 45.59 -11.04
CA ILE D 358 6.87 45.86 -12.31
C ILE D 358 5.39 45.48 -12.18
N SER D 359 4.51 46.15 -12.93
CA SER D 359 3.06 45.88 -12.74
C SER D 359 2.28 45.99 -14.06
N ASN D 360 1.67 47.14 -14.36
CA ASN D 360 0.80 47.19 -15.57
C ASN D 360 1.25 48.31 -16.50
N CYS D 361 1.40 48.00 -17.80
CA CYS D 361 1.79 49.03 -18.80
C CYS D 361 1.87 48.42 -20.20
N VAL D 362 3.02 47.85 -20.56
CA VAL D 362 3.24 47.34 -21.93
C VAL D 362 2.98 45.84 -21.99
N ALA D 363 3.68 45.10 -22.85
CA ALA D 363 3.57 43.63 -23.05
C ALA D 363 4.49 42.87 -22.08
N ASP D 364 3.92 42.00 -21.25
CA ASP D 364 4.76 41.16 -20.36
C ASP D 364 5.84 40.40 -21.14
N TYR D 365 5.60 40.00 -22.40
CA TYR D 365 6.62 39.17 -23.08
C TYR D 365 6.61 39.28 -24.60
N SER D 366 6.92 38.19 -25.30
CA SER D 366 6.98 38.11 -26.76
C SER D 366 7.95 39.12 -27.35
N VAL D 367 8.82 39.70 -26.53
CA VAL D 367 9.79 40.69 -26.97
C VAL D 367 11.21 40.20 -26.75
N LEU D 368 11.45 39.49 -25.65
CA LEU D 368 12.81 39.29 -25.17
C LEU D 368 13.46 38.02 -25.72
N TYR D 369 12.85 37.35 -26.69
CA TYR D 369 13.66 36.37 -27.41
C TYR D 369 14.75 37.04 -28.22
N ASN D 370 14.48 38.24 -28.72
CA ASN D 370 15.45 38.90 -29.62
C ASN D 370 16.26 39.92 -28.82
N PHE D 371 15.88 40.17 -27.57
CA PHE D 371 16.54 41.24 -26.78
C PHE D 371 18.07 41.18 -26.97
N ALA D 372 18.65 39.98 -27.06
CA ALA D 372 20.11 39.87 -27.33
C ALA D 372 20.35 38.65 -28.21
N PRO D 373 21.47 38.53 -28.96
CA PRO D 373 21.70 37.27 -29.69
C PRO D 373 21.65 36.04 -28.82
N PHE D 374 22.42 35.99 -27.74
CA PHE D 374 22.46 34.83 -26.85
C PHE D 374 22.37 35.29 -25.42
N PHE D 375 21.57 34.58 -24.62
CA PHE D 375 21.48 34.82 -23.19
C PHE D 375 21.07 33.52 -22.50
N ALA D 376 21.23 33.50 -21.18
CA ALA D 376 20.82 32.36 -20.38
C ALA D 376 19.32 32.38 -20.15
N PHE D 377 18.70 31.21 -20.24
CA PHE D 377 17.26 31.06 -20.04
C PHE D 377 16.98 29.90 -19.10
N LYS D 378 17.68 29.86 -17.97
CA LYS D 378 17.46 28.80 -17.00
C LYS D 378 16.22 29.10 -16.17
N CYS D 379 15.21 28.24 -16.28
CA CYS D 379 13.95 28.41 -15.58
C CYS D 379 13.77 27.29 -14.56
N TYR D 380 13.55 27.68 -13.32
CA TYR D 380 13.21 26.74 -12.26
C TYR D 380 11.70 26.77 -12.06
N GLY D 381 11.05 25.62 -12.22
CA GLY D 381 9.62 25.56 -12.10
C GLY D 381 8.92 25.70 -13.44
N VAL D 382 8.47 26.92 -13.74
CA VAL D 382 7.65 27.15 -14.93
C VAL D 382 8.43 26.78 -16.19
N SER D 383 7.72 26.21 -17.15
CA SER D 383 8.35 25.82 -18.41
C SER D 383 8.76 27.05 -19.20
N PRO D 384 9.90 27.02 -19.90
CA PRO D 384 10.31 28.18 -20.70
C PRO D 384 9.34 28.51 -21.83
N THR D 385 8.52 27.56 -22.26
CA THR D 385 7.56 27.84 -23.31
C THR D 385 6.26 28.43 -22.79
N LYS D 386 6.10 28.54 -21.47
CA LYS D 386 4.79 28.90 -20.93
C LYS D 386 4.86 30.13 -20.02
N LEU D 387 5.71 31.08 -20.38
CA LEU D 387 5.86 32.26 -19.50
C LEU D 387 4.76 33.25 -19.88
N ASN D 388 4.47 33.37 -21.17
CA ASN D 388 3.52 34.41 -21.64
C ASN D 388 2.11 34.18 -21.12
N ASP D 389 1.73 32.92 -20.89
CA ASP D 389 0.33 32.63 -20.50
C ASP D 389 0.16 32.64 -18.99
N LEU D 390 1.26 32.55 -18.24
CA LEU D 390 1.18 32.48 -16.75
C LEU D 390 1.24 33.89 -16.16
N CYS D 391 0.21 34.30 -15.43
CA CYS D 391 0.20 35.64 -14.79
C CYS D 391 0.99 35.59 -13.47
N PHE D 392 2.30 35.86 -13.51
CA PHE D 392 3.08 35.91 -12.25
C PHE D 392 2.61 37.11 -11.44
N THR D 393 2.28 36.90 -10.16
CA THR D 393 1.89 38.06 -9.33
C THR D 393 3.18 38.71 -8.82
N ASN D 394 3.82 38.08 -7.85
CA ASN D 394 5.02 38.67 -7.28
C ASN D 394 6.24 38.20 -8.04
N VAL D 395 6.86 39.12 -8.77
CA VAL D 395 8.08 38.84 -9.53
C VAL D 395 9.15 39.81 -9.09
N TYR D 396 10.37 39.31 -8.94
CA TYR D 396 11.51 40.12 -8.54
C TYR D 396 12.56 40.08 -9.63
N ALA D 397 12.98 41.25 -10.09
CA ALA D 397 13.91 41.40 -11.21
C ALA D 397 15.24 41.94 -10.67
N ASP D 398 16.24 41.07 -10.58
CA ASP D 398 17.57 41.44 -10.10
C ASP D 398 18.54 41.45 -11.27
N SER D 399 19.21 42.59 -11.46
CA SER D 399 20.21 42.73 -12.54
C SER D 399 21.56 43.11 -11.92
N PHE D 400 22.63 42.49 -12.40
CA PHE D 400 23.97 42.69 -11.85
C PHE D 400 24.97 42.14 -12.86
N VAL D 401 26.24 42.39 -12.61
CA VAL D 401 27.33 42.01 -13.51
C VAL D 401 28.28 41.08 -12.77
N ILE D 402 28.51 39.91 -13.35
CA ILE D 402 29.50 38.95 -12.88
C ILE D 402 30.30 38.46 -14.08
N ARG D 403 31.43 37.81 -13.79
CA ARG D 403 32.22 37.20 -14.85
C ARG D 403 31.55 35.92 -15.34
N GLY D 404 32.00 35.46 -16.50
CA GLY D 404 31.45 34.23 -17.05
C GLY D 404 31.72 33.02 -16.17
N ASN D 405 32.89 32.99 -15.53
CA ASN D 405 33.26 31.83 -14.70
C ASN D 405 32.25 31.62 -13.57
N GLU D 406 31.76 32.69 -12.98
CA GLU D 406 30.85 32.61 -11.84
C GLU D 406 29.39 32.51 -12.26
N VAL D 407 29.12 32.39 -13.56
CA VAL D 407 27.73 32.25 -14.03
C VAL D 407 27.12 30.96 -13.49
N SER D 408 27.89 29.87 -13.53
CA SER D 408 27.40 28.60 -13.00
C SER D 408 27.13 28.70 -11.50
N GLN D 409 27.83 29.60 -10.80
CA GLN D 409 27.58 29.80 -9.38
C GLN D 409 26.23 30.43 -9.10
N ILE D 410 25.58 31.00 -10.11
CA ILE D 410 24.23 31.56 -9.94
C ILE D 410 23.27 30.40 -10.19
N ALA D 411 23.01 29.65 -9.13
CA ALA D 411 22.11 28.51 -9.12
C ALA D 411 21.91 28.07 -7.67
N PRO D 412 20.76 27.50 -7.32
CA PRO D 412 20.57 26.99 -5.97
C PRO D 412 21.60 25.91 -5.64
N GLY D 413 22.08 25.93 -4.39
CA GLY D 413 23.07 24.97 -3.96
C GLY D 413 24.40 25.10 -4.66
N GLN D 414 24.91 26.33 -4.78
CA GLN D 414 26.20 26.59 -5.40
C GLN D 414 27.14 27.25 -4.40
N THR D 415 28.43 27.09 -4.64
CA THR D 415 29.48 27.59 -3.76
C THR D 415 30.50 28.38 -4.58
N GLY D 416 31.17 29.31 -3.92
CA GLY D 416 32.24 30.06 -4.55
C GLY D 416 32.35 31.44 -3.95
N ASN D 417 33.13 32.29 -4.63
CA ASN D 417 33.33 33.65 -4.17
C ASN D 417 32.02 34.41 -4.09
N ILE D 418 31.17 34.27 -5.10
CA ILE D 418 29.88 34.93 -5.15
C ILE D 418 28.78 34.03 -4.60
N ALA D 419 28.80 32.74 -4.97
CA ALA D 419 27.73 31.84 -4.57
C ALA D 419 27.66 31.69 -3.06
N ASP D 420 28.81 31.57 -2.39
CA ASP D 420 28.79 31.38 -0.95
C ASP D 420 28.48 32.67 -0.21
N TYR D 421 29.07 33.79 -0.61
CA TYR D 421 29.00 35.03 0.15
C TYR D 421 28.13 36.09 -0.50
N ASN D 422 28.36 36.41 -1.78
CA ASN D 422 27.66 37.54 -2.39
C ASN D 422 26.21 37.19 -2.70
N TYR D 423 25.98 36.23 -3.61
CA TYR D 423 24.64 35.89 -4.07
C TYR D 423 24.28 34.48 -3.62
N LYS D 424 23.12 34.35 -2.99
CA LYS D 424 22.58 33.06 -2.57
C LYS D 424 21.25 32.83 -3.26
N LEU D 425 21.11 31.70 -3.94
CA LEU D 425 19.80 31.40 -4.50
C LEU D 425 19.10 30.33 -3.66
N PRO D 426 17.83 30.54 -3.35
CA PRO D 426 17.11 29.57 -2.51
C PRO D 426 17.02 28.21 -3.21
N ASP D 427 17.08 27.15 -2.40
CA ASP D 427 16.98 25.81 -2.96
C ASP D 427 15.60 25.55 -3.56
N ASP D 428 14.57 26.15 -2.97
CA ASP D 428 13.20 26.04 -3.49
C ASP D 428 12.89 27.12 -4.51
N PHE D 429 13.90 27.67 -5.17
CA PHE D 429 13.70 28.75 -6.11
C PHE D 429 12.80 28.33 -7.26
N THR D 430 11.82 29.17 -7.57
CA THR D 430 11.06 29.08 -8.80
C THR D 430 11.22 30.37 -9.57
N GLY D 431 11.48 30.27 -10.86
CA GLY D 431 11.71 31.43 -11.68
C GLY D 431 12.79 31.16 -12.71
N CYS D 432 13.18 32.23 -13.39
CA CYS D 432 14.13 32.15 -14.48
C CYS D 432 15.23 33.17 -14.29
N VAL D 433 16.39 32.90 -14.90
CA VAL D 433 17.55 33.78 -14.82
C VAL D 433 18.02 34.10 -16.23
N ILE D 434 18.30 35.38 -16.47
CA ILE D 434 18.78 35.86 -17.77
C ILE D 434 20.20 36.35 -17.59
N ALA D 435 21.15 35.69 -18.26
CA ALA D 435 22.54 36.07 -18.23
C ALA D 435 23.09 36.00 -19.65
N TRP D 436 23.66 37.10 -20.12
CA TRP D 436 24.21 37.17 -21.46
C TRP D 436 25.59 37.82 -21.42
N ASN D 437 26.43 37.46 -22.39
CA ASN D 437 27.75 38.08 -22.50
C ASN D 437 27.58 39.53 -22.93
N SER D 438 27.97 40.45 -22.05
CA SER D 438 27.88 41.88 -22.30
C SER D 438 29.27 42.49 -22.43
N ASN D 439 30.16 41.77 -23.13
CA ASN D 439 31.51 42.27 -23.34
C ASN D 439 31.51 43.56 -24.15
N LYS D 440 30.60 43.61 -25.12
CA LYS D 440 30.59 44.75 -26.06
C LYS D 440 29.65 45.83 -25.53
N LEU D 441 29.58 46.01 -24.21
CA LEU D 441 28.74 47.08 -23.62
C LEU D 441 29.14 47.30 -22.17
N ASP D 442 29.78 46.30 -21.54
CA ASP D 442 30.26 46.44 -20.14
C ASP D 442 31.76 46.67 -20.14
N SER D 443 32.53 45.68 -20.62
CA SER D 443 33.99 45.74 -20.59
C SER D 443 34.48 47.02 -21.26
N LYS D 444 35.52 47.61 -20.67
CA LYS D 444 36.14 48.81 -21.19
C LYS D 444 37.58 48.49 -21.57
N VAL D 445 38.02 49.05 -22.70
CA VAL D 445 39.36 48.76 -23.21
C VAL D 445 40.41 49.13 -22.17
N GLY D 446 40.24 50.25 -21.49
CA GLY D 446 41.12 50.65 -20.42
C GLY D 446 40.89 49.96 -19.10
N GLY D 447 39.88 49.09 -19.01
CA GLY D 447 39.60 48.37 -17.79
C GLY D 447 38.42 48.93 -17.02
N ASN D 448 37.26 48.26 -17.13
CA ASN D 448 36.05 48.71 -16.44
C ASN D 448 36.10 48.21 -15.01
N TYR D 449 36.64 49.05 -14.13
CA TYR D 449 36.72 48.75 -12.71
C TYR D 449 35.53 49.27 -11.92
N ASN D 450 34.55 49.86 -12.59
CA ASN D 450 33.34 50.30 -11.89
C ASN D 450 32.61 49.12 -11.28
N TYR D 451 32.50 48.02 -12.03
CA TYR D 451 31.94 46.79 -11.49
C TYR D 451 32.89 46.17 -10.48
N ARG D 452 32.34 45.58 -9.43
CA ARG D 452 33.13 45.07 -8.32
C ARG D 452 32.47 43.82 -7.76
N TYR D 453 33.25 43.06 -6.99
CA TYR D 453 32.78 41.85 -6.35
C TYR D 453 33.37 41.75 -4.95
N ARG D 454 32.71 40.98 -4.10
CA ARG D 454 33.14 40.78 -2.73
C ARG D 454 33.59 39.33 -2.54
N LEU D 455 34.80 39.15 -2.03
CA LEU D 455 35.37 37.84 -1.78
C LEU D 455 35.66 37.57 -0.32
N PHE D 456 36.32 38.49 0.38
CA PHE D 456 36.66 38.31 1.78
C PHE D 456 35.49 38.74 2.66
N ARG D 457 34.42 37.96 2.58
CA ARG D 457 33.24 38.15 3.41
C ARG D 457 33.17 37.02 4.43
N LYS D 458 32.97 37.37 5.71
CA LYS D 458 33.04 36.38 6.78
C LYS D 458 31.87 35.41 6.71
N SER D 459 30.65 35.92 6.57
CA SER D 459 29.44 35.13 6.67
C SER D 459 28.76 35.00 5.32
N ASN D 460 27.95 33.96 5.18
CA ASN D 460 27.15 33.78 3.98
C ASN D 460 25.90 34.63 4.03
N LEU D 461 25.41 34.95 2.83
CA LEU D 461 24.15 35.73 2.74
C LEU D 461 23.02 34.73 2.57
N LYS D 462 21.80 35.17 2.85
CA LYS D 462 20.65 34.26 2.64
C LYS D 462 20.09 34.56 1.25
N PRO D 463 19.21 33.70 0.70
CA PRO D 463 18.57 34.01 -0.57
C PRO D 463 17.96 35.41 -0.62
N PHE D 464 18.46 36.20 -1.59
CA PHE D 464 17.96 37.59 -1.77
C PHE D 464 18.40 38.47 -0.60
N GLU D 465 19.44 38.06 0.13
CA GLU D 465 19.98 38.95 1.20
C GLU D 465 21.04 39.85 0.55
N ARG D 466 21.35 41.00 1.15
CA ARG D 466 22.33 41.94 0.56
C ARG D 466 23.30 42.47 1.63
N ASP D 467 24.37 43.15 1.20
CA ASP D 467 25.33 43.76 2.15
C ASP D 467 25.96 44.98 1.47
N ILE D 468 25.45 46.17 1.75
CA ILE D 468 25.96 47.41 1.10
C ILE D 468 27.17 47.94 1.87
N SER D 469 27.44 47.39 3.07
CA SER D 469 28.54 47.91 3.87
C SER D 469 29.89 47.57 3.22
N THR D 470 30.78 48.57 3.15
CA THR D 470 32.13 48.37 2.63
C THR D 470 33.18 48.48 3.73
N GLU D 471 32.81 48.11 4.95
CA GLU D 471 33.73 48.18 6.07
C GLU D 471 34.87 47.16 5.89
N ILE D 472 36.00 47.46 6.50
CA ILE D 472 37.17 46.60 6.38
C ILE D 472 36.91 45.29 7.10
N TYR D 473 37.15 44.17 6.41
CA TYR D 473 36.89 42.85 6.97
C TYR D 473 38.05 42.41 7.85
N GLN D 474 37.72 41.93 9.05
CA GLN D 474 38.72 41.42 9.99
C GLN D 474 38.94 39.94 9.70
N ALA D 475 40.10 39.61 9.13
CA ALA D 475 40.35 38.29 8.59
C ALA D 475 41.03 37.33 9.55
N GLY D 476 41.62 37.82 10.64
CA GLY D 476 42.36 36.94 11.51
C GLY D 476 42.36 37.32 12.98
N ASN D 477 43.25 36.69 13.75
CA ASN D 477 43.29 36.91 15.19
C ASN D 477 43.69 38.34 15.53
N LYS D 478 44.61 38.91 14.77
CA LYS D 478 45.13 40.24 15.09
C LYS D 478 44.03 41.28 14.94
N PRO D 479 43.70 42.04 15.98
CA PRO D 479 42.71 43.11 15.84
C PRO D 479 43.21 44.18 14.88
N CYS D 480 42.27 44.75 14.13
CA CYS D 480 42.59 45.79 13.16
C CYS D 480 42.08 47.16 13.54
N ASN D 481 41.06 47.24 14.38
CA ASN D 481 40.46 48.51 14.80
C ASN D 481 40.00 49.35 13.60
N GLY D 482 39.53 48.68 12.55
CA GLY D 482 39.08 49.36 11.37
C GLY D 482 40.16 49.79 10.40
N VAL D 483 41.38 49.28 10.55
CA VAL D 483 42.50 49.63 9.68
C VAL D 483 42.96 48.37 8.95
N ALA D 484 42.99 48.44 7.62
CA ALA D 484 43.43 47.30 6.83
C ALA D 484 44.92 47.04 7.04
N GLY D 485 45.29 45.76 7.02
CA GLY D 485 46.67 45.37 7.24
C GLY D 485 46.83 43.89 7.51
N VAL D 486 47.56 43.54 8.56
CA VAL D 486 47.74 42.15 8.93
C VAL D 486 46.41 41.56 9.37
N ASN D 487 46.10 40.36 8.87
CA ASN D 487 44.87 39.66 9.22
C ASN D 487 43.64 40.49 8.89
N CYS D 488 43.71 41.24 7.79
CA CYS D 488 42.60 42.08 7.37
C CYS D 488 42.67 42.29 5.87
N TYR D 489 41.58 42.02 5.18
CA TYR D 489 41.47 42.25 3.76
C TYR D 489 40.23 43.10 3.49
N PHE D 490 40.30 43.88 2.42
CA PHE D 490 39.14 44.62 1.97
C PHE D 490 38.15 43.65 1.35
N PRO D 491 36.91 43.55 1.86
CA PRO D 491 35.96 42.60 1.26
C PRO D 491 35.68 42.87 -0.20
N LEU D 492 35.67 44.13 -0.62
CA LEU D 492 35.38 44.47 -2.01
C LEU D 492 36.65 44.36 -2.86
N GLN D 493 36.48 43.82 -4.06
CA GLN D 493 37.57 43.75 -5.03
C GLN D 493 37.06 44.22 -6.39
N SER D 494 37.90 44.98 -7.09
CA SER D 494 37.53 45.47 -8.41
C SER D 494 37.57 44.34 -9.44
N TYR D 495 36.82 44.52 -10.52
CA TYR D 495 36.81 43.56 -11.60
C TYR D 495 37.72 44.04 -12.73
N GLY D 496 38.48 43.12 -13.31
CA GLY D 496 39.22 43.42 -14.51
C GLY D 496 38.35 43.16 -15.73
N PHE D 497 37.74 44.22 -16.25
CA PHE D 497 36.77 44.11 -17.34
C PHE D 497 37.32 44.84 -18.55
N ARG D 498 37.68 44.07 -19.59
CA ARG D 498 38.25 44.61 -20.81
C ARG D 498 37.85 43.67 -21.93
N PRO D 499 37.49 44.21 -23.10
CA PRO D 499 37.01 43.32 -24.18
C PRO D 499 38.02 42.25 -24.57
N THR D 500 39.31 42.56 -24.53
CA THR D 500 40.34 41.57 -24.79
C THR D 500 40.62 40.83 -23.48
N TYR D 501 39.77 39.84 -23.21
CA TYR D 501 39.86 39.05 -21.99
C TYR D 501 39.19 37.71 -22.25
N GLY D 502 39.49 36.73 -21.41
CA GLY D 502 38.82 35.45 -21.52
C GLY D 502 37.33 35.58 -21.26
N VAL D 503 36.55 34.72 -21.91
CA VAL D 503 35.10 34.76 -21.72
C VAL D 503 34.74 34.41 -20.30
N GLY D 504 35.49 33.49 -19.69
CA GLY D 504 35.26 33.16 -18.30
C GLY D 504 35.39 34.37 -17.38
N HIS D 505 36.38 35.22 -17.66
CA HIS D 505 36.53 36.48 -16.94
C HIS D 505 35.78 37.63 -17.60
N GLN D 506 35.18 37.41 -18.76
CA GLN D 506 34.46 38.48 -19.44
C GLN D 506 33.25 38.90 -18.62
N PRO D 507 32.90 40.18 -18.62
CA PRO D 507 31.71 40.61 -17.88
C PRO D 507 30.44 40.00 -18.47
N TYR D 508 29.53 39.59 -17.57
CA TYR D 508 28.23 39.02 -18.01
C TYR D 508 27.13 39.69 -17.20
N ARG D 509 26.31 40.52 -17.84
CA ARG D 509 25.16 41.10 -17.12
C ARG D 509 24.20 39.96 -16.78
N VAL D 510 23.90 39.78 -15.50
CA VAL D 510 23.02 38.64 -15.09
C VAL D 510 21.71 39.19 -14.54
N VAL D 511 20.59 38.82 -15.15
CA VAL D 511 19.27 39.24 -14.71
C VAL D 511 18.53 38.03 -14.16
N VAL D 512 17.91 38.19 -13.00
CA VAL D 512 17.21 37.11 -12.32
C VAL D 512 15.73 37.48 -12.21
N LEU D 513 14.86 36.59 -12.67
CA LEU D 513 13.42 36.72 -12.48
C LEU D 513 12.98 35.71 -11.41
N SER D 514 12.29 36.20 -10.39
CA SER D 514 11.84 35.36 -9.28
C SER D 514 10.34 35.55 -9.13
N PHE D 515 9.57 34.74 -9.85
CA PHE D 515 8.13 34.84 -9.74
C PHE D 515 7.63 34.19 -8.45
N GLU D 516 6.37 34.45 -8.14
CA GLU D 516 5.67 33.79 -7.04
C GLU D 516 4.34 33.32 -7.60
N LEU D 517 4.14 32.01 -7.67
CA LEU D 517 2.97 31.44 -8.32
C LEU D 517 1.94 30.98 -7.28
N LEU D 518 1.26 31.97 -6.71
CA LEU D 518 0.13 31.73 -5.82
C LEU D 518 -0.85 32.89 -5.99
N HIS D 519 -1.74 33.05 -5.02
CA HIS D 519 -2.85 33.99 -5.12
C HIS D 519 -2.33 35.43 -5.04
N ALA D 520 -3.27 36.39 -4.91
CA ALA D 520 -3.11 37.84 -4.96
C ALA D 520 -3.06 38.27 -6.42
N PRO D 521 -3.44 39.51 -6.74
CA PRO D 521 -3.47 39.94 -8.14
C PRO D 521 -2.11 39.87 -8.80
N ALA D 522 -2.08 39.60 -10.10
CA ALA D 522 -0.75 39.39 -10.73
C ALA D 522 -0.18 40.68 -11.29
N THR D 523 0.79 40.54 -12.20
CA THR D 523 1.46 41.72 -12.79
C THR D 523 1.97 41.42 -14.20
N VAL D 524 1.81 40.21 -14.72
CA VAL D 524 2.44 39.93 -16.05
C VAL D 524 1.80 38.76 -16.81
N CYS D 525 1.13 39.02 -17.94
CA CYS D 525 0.58 37.92 -18.79
C CYS D 525 0.30 38.44 -20.20
N GLY D 526 0.96 37.91 -21.22
CA GLY D 526 0.81 38.43 -22.59
C GLY D 526 -0.63 38.67 -23.04
N PRO D 527 -1.50 37.63 -23.14
CA PRO D 527 -2.84 37.80 -23.72
C PRO D 527 -3.85 38.62 -22.90
N SER D 530 -8.70 39.45 -24.05
CA SER D 530 -9.21 38.49 -23.05
C SER D 530 -10.35 39.12 -22.26
N THR D 531 -11.59 38.63 -22.41
CA THR D 531 -12.75 39.28 -21.74
C THR D 531 -14.00 38.41 -21.73
N ASN D 532 -15.18 39.03 -21.66
CA ASN D 532 -16.47 38.31 -21.56
C ASN D 532 -16.67 37.98 -20.08
N LEU D 533 -17.86 37.51 -19.72
CA LEU D 533 -18.15 37.24 -18.29
C LEU D 533 -18.73 35.83 -18.12
N VAL D 534 -19.94 35.58 -18.63
CA VAL D 534 -20.66 34.29 -18.41
C VAL D 534 -21.10 34.26 -16.95
N LYS D 535 -22.39 34.10 -16.70
CA LYS D 535 -22.86 34.22 -15.33
C LYS D 535 -23.72 33.06 -14.84
N ASN D 536 -24.15 32.14 -15.71
CA ASN D 536 -24.98 31.03 -15.27
C ASN D 536 -24.63 29.68 -15.88
N LYS D 537 -23.65 29.61 -16.77
CA LYS D 537 -23.38 28.38 -17.52
C LYS D 537 -22.00 27.82 -17.15
N CYS D 538 -21.91 26.50 -17.16
CA CYS D 538 -20.65 25.83 -16.88
C CYS D 538 -19.65 26.18 -17.97
N VAL D 539 -18.69 27.04 -17.63
CA VAL D 539 -17.74 27.57 -18.59
C VAL D 539 -16.35 27.57 -17.96
N ASN D 540 -15.35 27.20 -18.75
CA ASN D 540 -13.97 27.28 -18.28
C ASN D 540 -13.62 28.73 -17.97
N PHE D 541 -12.81 28.91 -16.91
CA PHE D 541 -12.38 30.27 -16.50
C PHE D 541 -10.86 30.32 -16.37
N ASN D 542 -10.29 31.53 -16.44
CA ASN D 542 -8.82 31.72 -16.30
C ASN D 542 -8.57 32.98 -15.46
N PHE D 543 -9.52 33.30 -14.58
CA PHE D 543 -9.40 34.50 -13.73
C PHE D 543 -7.93 34.80 -13.47
N ASN D 544 -7.38 35.80 -14.16
CA ASN D 544 -5.96 36.23 -13.91
C ASN D 544 -5.10 35.05 -13.47
N GLY D 545 -5.18 33.92 -14.18
CA GLY D 545 -4.30 32.79 -13.84
C GLY D 545 -5.09 31.57 -13.37
N LEU D 546 -6.01 31.77 -12.43
CA LEU D 546 -6.71 30.60 -11.90
C LEU D 546 -7.44 29.88 -13.03
N THR D 547 -6.94 28.71 -13.40
CA THR D 547 -7.46 27.95 -14.52
C THR D 547 -8.31 26.80 -14.01
N GLY D 548 -9.54 26.72 -14.48
CA GLY D 548 -10.42 25.62 -14.08
C GLY D 548 -11.77 25.78 -14.73
N THR D 549 -12.67 24.85 -14.38
CA THR D 549 -14.01 24.81 -14.94
C THR D 549 -15.02 24.86 -13.82
N GLY D 550 -16.04 25.70 -13.97
CA GLY D 550 -17.07 25.77 -12.96
C GLY D 550 -18.24 26.59 -13.45
N VAL D 551 -19.31 26.56 -12.67
CA VAL D 551 -20.51 27.35 -12.97
C VAL D 551 -20.35 28.67 -12.23
N LEU D 552 -20.12 29.74 -12.99
CA LEU D 552 -20.09 31.06 -12.40
C LEU D 552 -21.51 31.49 -12.02
N THR D 553 -21.61 32.30 -10.98
CA THR D 553 -22.89 32.82 -10.53
C THR D 553 -22.63 33.95 -9.54
N GLU D 554 -23.72 34.66 -9.20
CA GLU D 554 -23.63 35.73 -8.22
C GLU D 554 -23.39 35.15 -6.83
N SER D 555 -22.63 35.88 -6.01
CA SER D 555 -22.31 35.47 -4.66
C SER D 555 -22.87 36.49 -3.68
N ASN D 556 -23.79 36.05 -2.82
CA ASN D 556 -24.26 36.91 -1.75
C ASN D 556 -23.24 37.11 -0.66
N LYS D 557 -22.20 36.27 -0.61
CA LYS D 557 -21.13 36.46 0.36
C LYS D 557 -20.40 37.77 0.10
N LYS D 558 -20.16 38.53 1.16
CA LYS D 558 -19.54 39.84 1.06
C LYS D 558 -18.04 39.73 1.33
N PHE D 559 -17.26 40.30 0.43
CA PHE D 559 -15.81 40.31 0.56
C PHE D 559 -15.36 41.62 1.20
N LEU D 560 -14.37 41.53 2.08
CA LEU D 560 -13.71 42.73 2.56
C LEU D 560 -12.88 43.33 1.44
N PRO D 561 -12.62 44.65 1.48
CA PRO D 561 -11.93 45.29 0.34
C PRO D 561 -10.62 44.63 -0.04
N PHE D 562 -9.84 44.18 0.93
CA PHE D 562 -8.59 43.50 0.62
C PHE D 562 -8.78 42.04 0.22
N GLN D 563 -9.94 41.46 0.50
CA GLN D 563 -10.19 40.06 0.20
C GLN D 563 -10.21 39.85 -1.31
N GLN D 564 -9.25 39.09 -1.81
CA GLN D 564 -9.16 38.83 -3.24
C GLN D 564 -9.96 37.61 -3.66
N PHE D 565 -9.67 36.45 -3.07
CA PHE D 565 -10.36 35.22 -3.39
C PHE D 565 -11.08 34.69 -2.16
N GLY D 566 -11.88 33.65 -2.37
CA GLY D 566 -12.61 33.03 -1.29
C GLY D 566 -12.39 31.53 -1.28
N ARG D 567 -12.90 30.88 -0.24
CA ARG D 567 -12.76 29.45 -0.08
C ARG D 567 -13.82 28.95 0.88
N ASP D 568 -13.74 27.66 1.19
CA ASP D 568 -14.60 27.03 2.19
C ASP D 568 -13.71 26.07 2.97
N ILE D 569 -14.32 25.18 3.74
CA ILE D 569 -13.55 24.18 4.48
C ILE D 569 -13.25 23.08 3.47
N ALA D 570 -12.26 23.35 2.62
CA ALA D 570 -11.95 22.54 1.45
C ALA D 570 -10.69 23.07 0.78
N ASP D 571 -10.34 22.49 -0.37
CA ASP D 571 -9.31 23.04 -1.23
C ASP D 571 -9.84 23.99 -2.29
N THR D 572 -11.09 23.82 -2.69
CA THR D 572 -11.62 24.51 -3.86
C THR D 572 -11.78 26.01 -3.59
N THR D 573 -11.58 26.79 -4.64
CA THR D 573 -11.77 28.25 -4.59
C THR D 573 -13.25 28.53 -4.82
N ASP D 574 -14.02 28.37 -3.74
CA ASP D 574 -15.48 28.47 -3.86
C ASP D 574 -15.92 29.83 -4.35
N ALA D 575 -15.15 30.88 -4.07
CA ALA D 575 -15.50 32.23 -4.49
C ALA D 575 -14.27 32.93 -5.02
N VAL D 576 -14.45 33.67 -6.11
CA VAL D 576 -13.41 34.52 -6.67
C VAL D 576 -14.04 35.85 -7.03
N ARG D 577 -13.26 36.91 -6.86
CA ARG D 577 -13.72 38.26 -7.27
C ARG D 577 -13.17 38.56 -8.67
N ASP D 578 -13.99 39.14 -9.54
CA ASP D 578 -13.56 39.33 -10.96
C ASP D 578 -12.32 40.21 -11.05
N PRO D 579 -11.35 39.93 -11.94
CA PRO D 579 -10.19 40.79 -12.14
C PRO D 579 -10.65 42.22 -12.49
N GLN D 580 -11.89 42.37 -12.97
CA GLN D 580 -12.44 43.72 -13.24
C GLN D 580 -13.82 43.78 -12.58
N THR D 581 -14.60 44.84 -12.81
CA THR D 581 -16.00 44.91 -12.30
C THR D 581 -16.12 44.42 -10.86
N LEU D 582 -15.02 44.27 -10.15
CA LEU D 582 -14.96 43.80 -8.77
C LEU D 582 -16.29 43.18 -8.32
N GLU D 583 -16.64 42.08 -8.97
CA GLU D 583 -17.86 41.36 -8.65
C GLU D 583 -17.52 40.11 -7.84
N ILE D 584 -18.39 39.80 -6.87
CA ILE D 584 -18.23 38.62 -6.04
C ILE D 584 -18.94 37.47 -6.73
N LEU D 585 -18.16 36.51 -7.24
CA LEU D 585 -18.71 35.34 -7.90
C LEU D 585 -18.73 34.16 -6.95
N ASP D 586 -19.50 33.15 -7.33
CA ASP D 586 -19.79 31.99 -6.48
C ASP D 586 -19.45 30.71 -7.22
N ILE D 587 -18.23 30.65 -7.76
CA ILE D 587 -17.75 29.55 -8.58
C ILE D 587 -18.11 28.21 -7.94
N THR D 588 -18.81 27.37 -8.69
CA THR D 588 -19.19 26.04 -8.26
C THR D 588 -18.98 25.07 -9.41
N PRO D 589 -18.62 23.82 -9.13
CA PRO D 589 -18.45 22.86 -10.21
C PRO D 589 -19.78 22.56 -10.88
N CYS D 590 -19.69 22.13 -12.14
CA CYS D 590 -20.88 21.79 -12.90
C CYS D 590 -21.62 20.63 -12.24
N SER D 591 -22.86 20.42 -12.67
CA SER D 591 -23.73 19.41 -12.07
C SER D 591 -23.39 18.05 -12.65
N PHE D 592 -22.52 17.31 -11.99
CA PHE D 592 -22.17 15.97 -12.40
C PHE D 592 -23.01 14.97 -11.62
N GLY D 593 -22.69 13.69 -11.75
CA GLY D 593 -23.40 12.66 -11.01
C GLY D 593 -23.25 11.28 -11.61
N GLY D 594 -23.17 10.26 -10.74
CA GLY D 594 -23.08 8.91 -11.25
C GLY D 594 -24.34 8.51 -11.99
N VAL D 595 -24.17 7.73 -13.05
CA VAL D 595 -25.27 7.25 -13.87
C VAL D 595 -25.34 5.73 -13.73
N SER D 596 -26.52 5.22 -13.41
CA SER D 596 -26.75 3.80 -13.26
C SER D 596 -27.91 3.37 -14.14
N VAL D 597 -27.87 2.11 -14.56
CA VAL D 597 -28.84 1.57 -15.51
C VAL D 597 -29.67 0.51 -14.79
N ILE D 598 -30.99 0.64 -14.91
CA ILE D 598 -31.92 -0.31 -14.31
C ILE D 598 -32.47 -1.19 -15.42
N THR D 599 -32.20 -2.48 -15.34
CA THR D 599 -32.66 -3.39 -16.37
C THR D 599 -33.31 -4.62 -15.77
N PRO D 600 -34.40 -5.11 -16.37
CA PRO D 600 -34.99 -6.37 -15.93
C PRO D 600 -34.23 -7.62 -16.37
N GLY D 601 -33.03 -7.45 -16.92
CA GLY D 601 -32.26 -8.58 -17.40
C GLY D 601 -32.40 -8.78 -18.89
N THR D 602 -31.28 -8.91 -19.58
CA THR D 602 -31.37 -9.01 -21.06
C THR D 602 -32.44 -10.06 -21.38
N ASN D 603 -32.29 -11.24 -20.80
CA ASN D 603 -33.22 -12.35 -21.09
C ASN D 603 -34.66 -11.84 -21.10
N THR D 604 -35.10 -11.19 -20.02
CA THR D 604 -36.49 -10.75 -20.08
C THR D 604 -36.70 -9.76 -21.21
N SER D 605 -36.01 -8.62 -21.15
CA SER D 605 -36.18 -7.59 -22.15
C SER D 605 -34.89 -6.80 -22.28
N ASN D 606 -34.73 -6.15 -23.42
CA ASN D 606 -33.57 -5.30 -23.68
C ASN D 606 -33.85 -3.83 -23.41
N GLN D 607 -35.00 -3.50 -22.84
CA GLN D 607 -35.34 -2.12 -22.52
C GLN D 607 -34.82 -1.79 -21.12
N VAL D 608 -34.23 -0.61 -20.99
CA VAL D 608 -33.63 -0.17 -19.74
C VAL D 608 -34.09 1.25 -19.43
N ALA D 609 -33.92 1.63 -18.16
CA ALA D 609 -34.21 2.99 -17.70
C ALA D 609 -33.07 3.42 -16.80
N VAL D 610 -32.49 4.57 -17.08
CA VAL D 610 -31.27 4.99 -16.40
C VAL D 610 -31.62 5.91 -15.25
N LEU D 611 -30.74 5.96 -14.26
CA LEU D 611 -30.90 6.78 -13.06
C LEU D 611 -29.67 7.66 -12.92
N TYR D 612 -29.89 8.97 -12.87
CA TYR D 612 -28.82 9.94 -12.69
C TYR D 612 -28.75 10.28 -11.21
N GLN D 613 -27.90 9.57 -10.48
CA GLN D 613 -27.84 9.72 -9.03
C GLN D 613 -27.41 11.12 -8.64
N GLY D 614 -28.07 11.67 -7.64
CA GLY D 614 -27.70 12.98 -7.12
C GLY D 614 -27.78 14.10 -8.13
N VAL D 615 -28.84 14.12 -8.94
CA VAL D 615 -29.01 15.15 -9.95
C VAL D 615 -30.46 15.60 -9.95
N ASN D 616 -30.68 16.91 -9.91
CA ASN D 616 -32.08 17.39 -10.08
C ASN D 616 -32.22 17.53 -11.59
N CYS D 617 -32.98 16.63 -12.18
CA CYS D 617 -33.12 16.59 -13.63
C CYS D 617 -34.28 17.40 -14.14
N THR D 618 -34.67 18.46 -13.44
CA THR D 618 -35.52 19.45 -14.07
C THR D 618 -34.80 20.13 -15.22
N GLU D 619 -33.47 20.07 -15.22
CA GLU D 619 -32.78 20.86 -16.28
C GLU D 619 -31.41 20.32 -16.67
N VAL D 620 -30.79 19.47 -15.87
CA VAL D 620 -29.41 19.09 -16.19
C VAL D 620 -29.31 18.00 -17.25
N PRO D 621 -29.83 16.78 -17.04
CA PRO D 621 -29.62 15.74 -18.05
C PRO D 621 -30.77 15.61 -19.03
N VAL D 622 -31.87 16.34 -18.79
CA VAL D 622 -32.96 16.38 -19.75
C VAL D 622 -32.63 17.32 -20.91
N ALA D 623 -32.06 18.48 -20.60
CA ALA D 623 -31.61 19.44 -21.62
C ALA D 623 -30.12 19.25 -21.89
N ILE D 624 -29.77 18.06 -22.36
CA ILE D 624 -28.41 17.72 -22.74
C ILE D 624 -28.24 17.97 -24.23
N HIS D 625 -27.18 18.67 -24.59
CA HIS D 625 -26.92 19.00 -25.99
C HIS D 625 -26.30 17.80 -26.69
N ALA D 626 -25.83 18.01 -27.92
CA ALA D 626 -25.24 16.94 -28.73
C ALA D 626 -23.92 16.51 -28.11
N ASP D 627 -23.94 15.37 -27.42
CA ASP D 627 -22.75 14.81 -26.79
C ASP D 627 -22.12 15.80 -25.80
N GLN D 628 -22.98 16.56 -25.12
CA GLN D 628 -22.52 17.44 -24.04
C GLN D 628 -22.24 16.69 -22.76
N LEU D 629 -22.62 15.41 -22.68
CA LEU D 629 -22.40 14.58 -21.50
C LEU D 629 -21.72 13.29 -21.92
N THR D 630 -20.90 12.75 -21.01
CA THR D 630 -20.23 11.49 -21.28
C THR D 630 -21.18 10.34 -21.58
N PRO D 631 -22.36 10.20 -20.96
CA PRO D 631 -23.27 9.14 -21.40
C PRO D 631 -23.67 9.23 -22.86
N THR D 632 -23.76 10.43 -23.42
CA THR D 632 -24.20 10.66 -24.81
C THR D 632 -25.63 10.16 -24.92
N TRP D 633 -26.00 9.39 -25.94
CA TRP D 633 -27.37 8.96 -26.23
C TRP D 633 -28.37 10.08 -25.96
N ARG D 634 -28.21 11.16 -26.73
CA ARG D 634 -29.08 12.32 -26.59
C ARG D 634 -30.53 12.00 -26.93
N VAL D 635 -30.79 10.89 -27.62
CA VAL D 635 -32.16 10.45 -27.85
C VAL D 635 -32.86 10.14 -26.53
N TYR D 636 -32.10 9.85 -25.48
CA TYR D 636 -32.63 9.61 -24.15
C TYR D 636 -32.70 10.89 -23.32
N SER D 637 -32.72 12.06 -23.96
CA SER D 637 -32.89 13.30 -23.22
C SER D 637 -34.23 13.35 -22.51
N THR D 638 -35.29 12.90 -23.18
CA THR D 638 -36.62 12.79 -22.59
C THR D 638 -37.11 11.36 -22.53
N GLY D 639 -36.90 10.57 -23.58
CA GLY D 639 -37.30 9.18 -23.57
C GLY D 639 -38.80 9.04 -23.38
N SER D 640 -39.19 8.02 -22.60
CA SER D 640 -40.60 7.83 -22.29
C SER D 640 -41.08 8.88 -21.28
N ASN D 641 -40.51 8.85 -20.08
CA ASN D 641 -40.91 9.79 -19.05
C ASN D 641 -39.71 10.11 -18.17
N VAL D 642 -39.75 11.30 -17.58
CA VAL D 642 -38.72 11.75 -16.63
C VAL D 642 -39.40 11.93 -15.28
N PHE D 643 -38.84 11.31 -14.25
CA PHE D 643 -39.40 11.36 -12.92
C PHE D 643 -38.30 11.68 -11.92
N GLN D 644 -38.59 12.60 -11.02
CA GLN D 644 -37.61 13.07 -10.04
C GLN D 644 -37.82 12.32 -8.73
N THR D 645 -36.84 11.50 -8.36
CA THR D 645 -36.85 10.80 -7.09
C THR D 645 -36.00 11.58 -6.09
N ARG D 646 -35.75 10.97 -4.93
CA ARG D 646 -34.84 11.55 -3.95
C ARG D 646 -33.44 10.97 -4.03
N ALA D 647 -33.19 10.10 -5.00
CA ALA D 647 -31.86 9.53 -5.24
C ALA D 647 -31.35 9.94 -6.60
N GLY D 648 -31.57 11.21 -6.96
CA GLY D 648 -31.35 11.66 -8.32
C GLY D 648 -32.67 11.76 -9.04
N CYS D 649 -32.75 11.21 -10.24
CA CYS D 649 -34.05 11.11 -10.89
C CYS D 649 -34.01 10.01 -11.94
N LEU D 650 -35.19 9.58 -12.35
CA LEU D 650 -35.35 8.40 -13.17
C LEU D 650 -35.70 8.82 -14.60
N ILE D 651 -35.06 8.17 -15.57
CA ILE D 651 -35.27 8.45 -16.98
C ILE D 651 -35.77 7.18 -17.65
N GLY D 652 -36.87 7.30 -18.38
CA GLY D 652 -37.38 6.19 -19.15
C GLY D 652 -38.21 5.18 -18.37
N ALA D 653 -38.46 5.43 -17.09
CA ALA D 653 -39.33 4.58 -16.29
C ALA D 653 -40.52 5.41 -15.83
N GLU D 654 -41.72 4.91 -16.05
CA GLU D 654 -42.93 5.66 -15.75
C GLU D 654 -43.37 5.39 -14.32
N TYR D 655 -43.58 6.48 -13.58
CA TYR D 655 -43.99 6.35 -12.16
C TYR D 655 -45.44 5.90 -12.08
N VAL D 656 -45.72 4.96 -11.19
CA VAL D 656 -47.06 4.43 -10.99
C VAL D 656 -47.41 4.56 -9.52
N ASN D 657 -48.69 4.36 -9.19
CA ASN D 657 -49.11 4.55 -7.77
C ASN D 657 -49.25 3.20 -7.08
N SER D 658 -49.64 2.15 -7.82
CA SER D 658 -49.90 0.87 -7.17
C SER D 658 -48.60 0.33 -6.59
N SER D 659 -48.43 0.47 -5.29
CA SER D 659 -47.20 0.05 -4.62
C SER D 659 -47.10 -1.46 -4.57
N TYR D 660 -45.94 -1.99 -4.92
CA TYR D 660 -45.65 -3.42 -4.88
C TYR D 660 -44.43 -3.66 -4.00
N GLU D 661 -44.09 -4.92 -3.82
CA GLU D 661 -42.84 -5.25 -3.15
C GLU D 661 -41.66 -4.87 -4.03
N CYS D 662 -40.52 -4.63 -3.39
CA CYS D 662 -39.36 -4.14 -4.13
C CYS D 662 -38.82 -5.22 -5.05
N ASP D 663 -38.61 -4.85 -6.31
CA ASP D 663 -38.05 -5.74 -7.31
C ASP D 663 -36.64 -5.32 -7.71
N ILE D 664 -36.46 -4.09 -8.15
CA ILE D 664 -35.13 -3.53 -8.38
C ILE D 664 -34.97 -2.31 -7.48
N PRO D 665 -34.14 -2.37 -6.45
CA PRO D 665 -34.02 -1.24 -5.53
C PRO D 665 -33.46 -0.01 -6.22
N ILE D 666 -33.91 1.17 -5.78
CA ILE D 666 -33.45 2.45 -6.28
C ILE D 666 -32.90 3.32 -5.16
N GLY D 667 -33.70 3.53 -4.13
CA GLY D 667 -33.30 4.39 -3.03
C GLY D 667 -34.47 5.28 -2.65
N ALA D 668 -34.50 5.70 -1.40
CA ALA D 668 -35.57 6.54 -0.87
C ALA D 668 -36.93 5.90 -1.08
N GLY D 669 -37.00 4.59 -0.86
CA GLY D 669 -38.26 3.88 -0.97
C GLY D 669 -38.84 3.85 -2.37
N ILE D 670 -38.00 3.67 -3.39
CA ILE D 670 -38.44 3.56 -4.77
C ILE D 670 -37.84 2.30 -5.36
N CYS D 671 -38.64 1.57 -6.11
CA CYS D 671 -38.17 0.37 -6.78
C CYS D 671 -38.71 0.36 -8.21
N ALA D 672 -38.04 -0.40 -9.06
CA ALA D 672 -38.44 -0.52 -10.45
C ALA D 672 -38.71 -1.98 -10.79
N SER D 673 -39.60 -2.20 -11.75
CA SER D 673 -39.94 -3.54 -12.17
C SER D 673 -40.47 -3.50 -13.59
N TYR D 674 -40.52 -4.66 -14.23
CA TYR D 674 -40.95 -4.79 -15.61
C TYR D 674 -42.21 -5.64 -15.66
N GLN D 675 -43.35 -4.99 -15.85
CA GLN D 675 -44.62 -5.70 -16.03
C GLN D 675 -45.60 -4.74 -16.71
N THR D 676 -46.86 -5.16 -16.80
CA THR D 676 -47.86 -4.39 -17.50
C THR D 676 -48.14 -3.07 -16.79
N GLN D 677 -48.74 -2.15 -17.54
CA GLN D 677 -49.09 -0.84 -17.02
C GLN D 677 -50.31 -0.92 -16.12
N SER D 689 -47.43 -4.83 -24.11
CA SER D 689 -47.96 -4.00 -23.04
C SER D 689 -47.14 -4.16 -21.76
N GLN D 690 -45.82 -4.22 -21.91
CA GLN D 690 -44.90 -4.35 -20.79
C GLN D 690 -43.88 -3.23 -20.85
N SER D 691 -43.67 -2.55 -19.72
CA SER D 691 -42.72 -1.46 -19.62
C SER D 691 -42.11 -1.48 -18.22
N ILE D 692 -41.27 -0.50 -17.94
CA ILE D 692 -40.58 -0.41 -16.66
C ILE D 692 -41.25 0.67 -15.82
N ILE D 693 -41.66 0.31 -14.62
CA ILE D 693 -42.38 1.21 -13.73
C ILE D 693 -41.46 1.60 -12.57
N ALA D 694 -41.91 2.59 -11.79
CA ALA D 694 -41.16 3.13 -10.68
C ALA D 694 -42.05 3.23 -9.45
N TYR D 695 -42.72 2.14 -9.12
CA TYR D 695 -43.64 2.12 -7.99
C TYR D 695 -42.90 2.40 -6.70
N THR D 696 -43.58 3.11 -5.80
CA THR D 696 -43.09 3.23 -4.43
C THR D 696 -43.19 1.87 -3.74
N MET D 697 -42.23 1.58 -2.88
CA MET D 697 -42.21 0.29 -2.20
C MET D 697 -43.50 0.08 -1.41
N SER D 698 -44.00 -1.15 -1.45
CA SER D 698 -45.06 -1.59 -0.56
C SER D 698 -44.45 -2.46 0.52
N LEU D 699 -44.68 -2.09 1.77
CA LEU D 699 -44.05 -2.79 2.88
C LEU D 699 -44.65 -4.17 3.12
N GLY D 700 -45.85 -4.43 2.63
CA GLY D 700 -46.50 -5.70 2.85
C GLY D 700 -47.99 -5.55 3.02
N ALA D 701 -48.71 -6.67 3.10
CA ALA D 701 -50.15 -6.62 3.23
C ALA D 701 -50.54 -6.05 4.58
N GLU D 702 -51.42 -5.06 4.57
CA GLU D 702 -51.87 -4.42 5.79
C GLU D 702 -52.94 -5.31 6.43
N ASN D 703 -52.59 -5.94 7.54
CA ASN D 703 -53.47 -6.87 8.24
C ASN D 703 -53.79 -6.33 9.62
N SER D 704 -55.08 -6.16 9.91
CA SER D 704 -55.52 -5.61 11.18
C SER D 704 -55.99 -6.75 12.07
N VAL D 705 -55.28 -6.98 13.17
CA VAL D 705 -55.60 -8.06 14.09
C VAL D 705 -56.79 -7.64 14.94
N ALA D 706 -57.79 -8.52 15.03
CA ALA D 706 -59.00 -8.22 15.79
C ALA D 706 -58.76 -8.51 17.27
N TYR D 707 -57.93 -7.64 17.87
CA TYR D 707 -57.69 -7.72 19.31
C TYR D 707 -58.95 -7.33 20.07
N SER D 708 -59.14 -7.98 21.22
CA SER D 708 -60.30 -7.65 22.09
C SER D 708 -59.94 -8.07 23.50
N ASN D 709 -60.64 -7.53 24.48
CA ASN D 709 -60.25 -7.81 25.89
C ASN D 709 -60.61 -9.24 26.25
N ASN D 710 -61.54 -9.87 25.54
CA ASN D 710 -61.99 -11.22 25.97
C ASN D 710 -61.82 -12.25 24.87
N SER D 711 -61.20 -11.90 23.75
CA SER D 711 -61.13 -12.85 22.62
C SER D 711 -59.73 -13.44 22.47
N ILE D 712 -59.65 -14.74 22.24
CA ILE D 712 -58.40 -15.45 22.06
C ILE D 712 -58.49 -16.24 20.77
N ALA D 713 -57.38 -16.30 20.03
CA ALA D 713 -57.29 -17.11 18.84
C ALA D 713 -56.34 -18.26 19.10
N ILE D 714 -56.82 -19.48 18.90
CA ILE D 714 -56.07 -20.69 19.21
C ILE D 714 -56.01 -21.54 17.95
N PRO D 715 -54.84 -21.99 17.53
CA PRO D 715 -54.76 -22.85 16.35
C PRO D 715 -55.44 -24.18 16.59
N THR D 716 -56.01 -24.73 15.53
CA THR D 716 -56.63 -26.05 15.57
C THR D 716 -55.90 -27.06 14.71
N ASN D 717 -54.85 -26.65 14.02
CA ASN D 717 -54.11 -27.51 13.12
C ASN D 717 -52.69 -26.98 12.99
N PHE D 718 -51.93 -27.58 12.09
CA PHE D 718 -50.53 -27.17 11.96
C PHE D 718 -49.99 -27.65 10.62
N THR D 719 -48.86 -27.07 10.24
CA THR D 719 -48.12 -27.51 9.07
C THR D 719 -46.66 -27.63 9.46
N ILE D 720 -46.05 -28.77 9.13
CA ILE D 720 -44.64 -29.02 9.50
C ILE D 720 -43.80 -28.49 8.35
N SER D 721 -43.57 -27.19 8.37
CA SER D 721 -42.75 -26.57 7.34
C SER D 721 -41.30 -26.98 7.50
N VAL D 722 -40.61 -27.14 6.38
CA VAL D 722 -39.19 -27.51 6.36
C VAL D 722 -38.48 -26.45 5.53
N THR D 723 -37.98 -25.41 6.19
CA THR D 723 -37.24 -24.38 5.50
C THR D 723 -35.79 -24.82 5.31
N THR D 724 -35.04 -24.03 4.56
CA THR D 724 -33.63 -24.31 4.30
C THR D 724 -32.82 -23.05 4.59
N GLU D 725 -31.53 -23.26 4.82
CA GLU D 725 -30.63 -22.14 5.04
C GLU D 725 -29.24 -22.51 4.53
N ILE D 726 -28.59 -21.58 3.84
CA ILE D 726 -27.26 -21.79 3.28
C ILE D 726 -26.29 -20.87 4.00
N LEU D 727 -25.18 -21.44 4.48
CA LEU D 727 -24.19 -20.67 5.22
C LEU D 727 -22.79 -20.98 4.72
N PRO D 728 -22.05 -19.99 4.25
CA PRO D 728 -20.65 -20.23 3.87
C PRO D 728 -19.82 -20.58 5.09
N VAL D 729 -18.80 -21.41 4.87
CA VAL D 729 -17.96 -21.92 5.94
C VAL D 729 -16.48 -21.63 5.68
N SER D 730 -16.01 -21.88 4.46
CA SER D 730 -14.61 -21.68 4.15
C SER D 730 -14.45 -21.13 2.75
N MET D 731 -13.31 -20.49 2.52
CA MET D 731 -12.93 -19.99 1.20
C MET D 731 -11.80 -20.83 0.65
N THR D 732 -11.34 -20.47 -0.55
CA THR D 732 -10.22 -21.16 -1.16
C THR D 732 -8.92 -20.80 -0.44
N LYS D 733 -8.08 -21.79 -0.20
CA LYS D 733 -6.83 -21.60 0.54
C LYS D 733 -5.74 -21.23 -0.47
N THR D 734 -5.73 -19.96 -0.86
CA THR D 734 -4.73 -19.50 -1.80
C THR D 734 -3.41 -19.24 -1.11
N SER D 735 -2.35 -19.22 -1.91
CA SER D 735 -1.01 -18.87 -1.44
C SER D 735 -0.30 -18.10 -2.55
N VAL D 736 0.63 -17.24 -2.13
CA VAL D 736 1.35 -16.38 -3.08
C VAL D 736 2.83 -16.68 -3.02
N ASP D 737 3.61 -16.00 -3.84
CA ASP D 737 5.06 -16.16 -3.85
C ASP D 737 5.66 -14.86 -4.36
N CYS D 738 6.34 -14.14 -3.47
CA CYS D 738 6.87 -12.82 -3.82
C CYS D 738 7.85 -12.91 -4.96
N THR D 739 8.88 -13.74 -4.81
CA THR D 739 9.94 -13.83 -5.80
C THR D 739 9.39 -14.24 -7.15
N MET D 740 8.35 -15.06 -7.18
CA MET D 740 7.72 -15.42 -8.44
C MET D 740 6.83 -14.31 -8.96
N TYR D 741 6.02 -13.70 -8.08
CA TYR D 741 5.00 -12.78 -8.55
C TYR D 741 5.56 -11.39 -8.80
N ILE D 742 6.13 -10.78 -7.76
CA ILE D 742 6.59 -9.39 -7.88
C ILE D 742 7.65 -9.29 -8.95
N CYS D 743 8.60 -10.21 -8.93
CA CYS D 743 9.74 -10.20 -9.83
C CYS D 743 9.65 -11.38 -10.79
N GLY D 744 9.82 -11.10 -12.08
CA GLY D 744 9.82 -12.17 -13.06
C GLY D 744 11.13 -12.92 -13.07
N ASP D 745 11.39 -13.65 -11.97
CA ASP D 745 12.58 -14.47 -11.74
C ASP D 745 13.87 -13.84 -12.29
N SER D 746 14.00 -12.53 -12.15
CA SER D 746 15.18 -11.79 -12.59
C SER D 746 16.06 -11.53 -11.38
N THR D 747 17.29 -12.04 -11.43
CA THR D 747 18.16 -11.96 -10.27
C THR D 747 18.46 -10.51 -9.89
N GLU D 748 18.74 -9.67 -10.88
CA GLU D 748 19.00 -8.25 -10.60
C GLU D 748 17.76 -7.59 -9.99
N CYS D 749 16.59 -7.86 -10.57
CA CYS D 749 15.33 -7.41 -9.97
C CYS D 749 15.10 -8.03 -8.61
N SER D 750 15.38 -9.33 -8.46
CA SER D 750 15.18 -9.98 -7.18
C SER D 750 16.01 -9.33 -6.08
N ASN D 751 17.18 -8.80 -6.43
CA ASN D 751 18.02 -8.16 -5.42
C ASN D 751 17.38 -6.91 -4.87
N LEU D 752 16.76 -6.09 -5.72
CA LEU D 752 16.09 -4.89 -5.22
C LEU D 752 14.95 -5.23 -4.29
N LEU D 753 14.32 -6.38 -4.48
CA LEU D 753 13.24 -6.78 -3.57
C LEU D 753 13.75 -7.01 -2.16
N LEU D 754 15.00 -7.49 -2.03
CA LEU D 754 15.57 -7.69 -0.71
C LEU D 754 15.76 -6.39 0.04
N GLN D 755 15.88 -5.27 -0.67
CA GLN D 755 16.06 -3.97 -0.03
C GLN D 755 14.85 -3.54 0.77
N TYR D 756 13.71 -4.20 0.60
CA TYR D 756 12.50 -3.87 1.34
C TYR D 756 12.41 -4.65 2.65
N GLY D 757 13.40 -5.47 2.96
CA GLY D 757 13.44 -6.19 4.22
C GLY D 757 12.46 -7.33 4.29
N SER D 758 11.74 -7.42 5.42
CA SER D 758 10.74 -8.46 5.63
C SER D 758 9.37 -8.03 5.14
N PHE D 759 9.34 -7.23 4.08
CA PHE D 759 8.11 -6.59 3.64
C PHE D 759 7.03 -7.59 3.29
N CYS D 760 7.38 -8.63 2.54
CA CYS D 760 6.35 -9.50 1.97
C CYS D 760 6.27 -10.86 2.65
N THR D 761 7.26 -11.24 3.45
CA THR D 761 7.09 -12.42 4.29
C THR D 761 5.90 -12.25 5.21
N GLN D 762 5.59 -10.99 5.56
CA GLN D 762 4.34 -10.70 6.23
C GLN D 762 3.15 -11.17 5.41
N LEU D 763 3.18 -10.95 4.09
CA LEU D 763 2.07 -11.37 3.25
C LEU D 763 1.95 -12.90 3.21
N LYS D 764 3.07 -13.59 3.05
CA LYS D 764 3.02 -15.05 3.03
C LYS D 764 2.51 -15.58 4.35
N ARG D 765 2.96 -14.99 5.46
CA ARG D 765 2.49 -15.45 6.77
C ARG D 765 1.00 -15.18 6.95
N ALA D 766 0.53 -14.02 6.50
CA ALA D 766 -0.89 -13.71 6.62
C ALA D 766 -1.73 -14.69 5.83
N LEU D 767 -1.30 -15.00 4.59
CA LEU D 767 -2.08 -15.94 3.79
C LEU D 767 -2.02 -17.35 4.35
N THR D 768 -0.88 -17.76 4.90
CA THR D 768 -0.80 -19.05 5.57
C THR D 768 -1.74 -19.11 6.75
N GLY D 769 -1.80 -18.03 7.54
CA GLY D 769 -2.75 -17.98 8.62
C GLY D 769 -4.19 -18.08 8.14
N ILE D 770 -4.49 -17.43 7.02
CA ILE D 770 -5.84 -17.50 6.47
C ILE D 770 -6.18 -18.93 6.07
N ALA D 771 -5.25 -19.62 5.42
CA ALA D 771 -5.52 -20.99 4.99
C ALA D 771 -5.72 -21.92 6.20
N VAL D 772 -4.84 -21.83 7.17
CA VAL D 772 -4.98 -22.66 8.36
C VAL D 772 -6.29 -22.36 9.07
N GLU D 773 -6.67 -21.09 9.08
CA GLU D 773 -7.93 -20.70 9.70
C GLU D 773 -9.12 -21.26 8.93
N GLN D 774 -9.03 -21.34 7.61
CA GLN D 774 -10.10 -21.98 6.83
C GLN D 774 -10.26 -23.43 7.22
N ASP D 775 -9.14 -24.14 7.34
CA ASP D 775 -9.21 -25.54 7.76
C ASP D 775 -9.83 -25.65 9.15
N LYS D 776 -9.43 -24.77 10.07
CA LYS D 776 -10.00 -24.78 11.41
C LYS D 776 -11.49 -24.49 11.38
N ASN D 777 -11.92 -23.56 10.52
CA ASN D 777 -13.34 -23.25 10.42
C ASN D 777 -14.14 -24.47 10.00
N THR D 778 -13.67 -25.15 8.96
CA THR D 778 -14.36 -26.36 8.53
C THR D 778 -14.41 -27.39 9.64
N GLN D 779 -13.29 -27.59 10.33
CA GLN D 779 -13.26 -28.57 11.41
C GLN D 779 -14.24 -28.21 12.52
N GLU D 780 -14.29 -26.94 12.90
CA GLU D 780 -15.16 -26.52 13.98
C GLU D 780 -16.62 -26.66 13.59
N VAL D 781 -16.95 -26.37 12.33
CA VAL D 781 -18.36 -26.40 11.95
C VAL D 781 -18.83 -27.81 11.64
N PHE D 782 -17.93 -28.74 11.32
CA PHE D 782 -18.37 -30.08 10.97
C PHE D 782 -17.94 -31.16 11.96
N ALA D 783 -16.69 -31.14 12.43
CA ALA D 783 -16.20 -32.19 13.31
C ALA D 783 -16.66 -31.95 14.75
N GLN D 784 -17.97 -31.86 14.91
CA GLN D 784 -18.58 -31.67 16.21
C GLN D 784 -18.93 -32.97 16.90
N VAL D 785 -18.72 -34.11 16.25
CA VAL D 785 -19.09 -35.41 16.78
C VAL D 785 -17.85 -36.29 16.81
N LYS D 786 -17.56 -36.85 17.99
CA LYS D 786 -16.39 -37.69 18.15
C LYS D 786 -16.51 -38.97 17.32
N GLN D 787 -17.68 -39.61 17.34
CA GLN D 787 -17.87 -40.88 16.68
C GLN D 787 -18.50 -40.68 15.31
N ILE D 788 -18.74 -41.79 14.62
CA ILE D 788 -19.39 -41.79 13.31
C ILE D 788 -20.55 -42.76 13.41
N TYR D 789 -21.76 -42.24 13.53
CA TYR D 789 -22.94 -43.07 13.72
C TYR D 789 -23.49 -43.50 12.38
N LYS D 790 -23.96 -44.74 12.32
CA LYS D 790 -24.45 -45.34 11.09
C LYS D 790 -25.94 -45.62 11.19
N THR D 791 -26.67 -45.31 10.13
CA THR D 791 -28.08 -45.63 10.08
C THR D 791 -28.27 -47.14 10.07
N PRO D 792 -29.25 -47.67 10.81
CA PRO D 792 -29.49 -49.11 10.81
C PRO D 792 -29.85 -49.61 9.42
N PRO D 793 -29.56 -50.87 9.06
CA PRO D 793 -29.97 -51.36 7.75
C PRO D 793 -31.41 -50.95 7.49
N ILE D 794 -32.31 -51.42 8.35
CA ILE D 794 -33.75 -51.14 8.13
C ILE D 794 -34.00 -49.66 8.47
N LYS D 795 -34.86 -49.01 7.70
CA LYS D 795 -35.07 -47.57 7.92
C LYS D 795 -36.57 -47.29 8.03
N TYR D 796 -37.28 -47.91 8.97
CA TYR D 796 -38.71 -47.56 9.17
C TYR D 796 -38.80 -46.57 10.32
N PHE D 797 -38.52 -45.31 10.04
CA PHE D 797 -38.56 -44.28 11.09
C PHE D 797 -40.02 -43.88 11.28
N GLY D 798 -40.86 -44.80 11.77
CA GLY D 798 -42.23 -44.44 12.08
C GLY D 798 -42.94 -43.73 10.96
N GLY D 799 -42.63 -44.07 9.72
CA GLY D 799 -43.26 -43.45 8.58
C GLY D 799 -42.55 -42.24 8.03
N PHE D 800 -41.50 -41.77 8.68
CA PHE D 800 -40.78 -40.60 8.19
C PHE D 800 -39.76 -41.03 7.15
N ASN D 801 -39.90 -40.51 5.93
CA ASN D 801 -39.02 -40.88 4.83
C ASN D 801 -37.81 -39.93 4.81
N PHE D 802 -36.61 -40.51 4.82
CA PHE D 802 -35.39 -39.73 4.91
C PHE D 802 -34.44 -39.96 3.75
N SER D 803 -34.89 -40.66 2.70
CA SER D 803 -33.98 -40.98 1.60
C SER D 803 -33.45 -39.73 0.93
N GLN D 804 -34.20 -38.64 0.98
CA GLN D 804 -33.76 -37.41 0.34
C GLN D 804 -32.49 -36.87 0.98
N ILE D 805 -32.39 -36.93 2.30
CA ILE D 805 -31.25 -36.35 3.00
C ILE D 805 -30.24 -37.38 3.48
N LEU D 806 -30.65 -38.63 3.66
CA LEU D 806 -29.71 -39.65 4.06
C LEU D 806 -28.76 -39.95 2.91
N PRO D 807 -27.52 -40.34 3.19
CA PRO D 807 -26.59 -40.67 2.12
C PRO D 807 -27.12 -41.82 1.28
N ASP D 808 -26.91 -41.72 -0.03
CA ASP D 808 -27.37 -42.73 -0.98
C ASP D 808 -26.18 -43.53 -1.48
N PRO D 809 -26.06 -44.80 -1.14
CA PRO D 809 -24.89 -45.58 -1.56
C PRO D 809 -24.90 -45.96 -3.03
N SER D 810 -26.04 -45.79 -3.71
CA SER D 810 -26.11 -46.19 -5.12
C SER D 810 -25.14 -45.40 -5.97
N LYS D 811 -25.08 -44.09 -5.78
CA LYS D 811 -24.17 -43.27 -6.55
C LYS D 811 -22.72 -43.52 -6.11
N PRO D 812 -21.77 -43.35 -7.03
CA PRO D 812 -20.36 -43.57 -6.64
C PRO D 812 -19.90 -42.68 -5.50
N SER D 813 -20.36 -41.43 -5.47
CA SER D 813 -20.08 -40.54 -4.35
C SER D 813 -21.11 -40.77 -3.27
N LYS D 814 -20.65 -40.90 -2.03
CA LYS D 814 -21.52 -41.24 -0.91
C LYS D 814 -22.16 -39.96 -0.38
N ARG D 815 -23.06 -39.41 -1.20
CA ARG D 815 -23.73 -38.17 -0.88
C ARG D 815 -25.23 -38.31 -1.08
N SER D 816 -25.99 -37.55 -0.32
CA SER D 816 -27.43 -37.58 -0.40
C SER D 816 -27.91 -36.95 -1.70
N PRO D 817 -29.15 -37.23 -2.10
CA PRO D 817 -29.69 -36.51 -3.27
C PRO D 817 -29.68 -35.01 -3.10
N ILE D 818 -29.98 -34.51 -1.90
CA ILE D 818 -29.92 -33.07 -1.68
C ILE D 818 -28.50 -32.56 -1.81
N GLU D 819 -27.53 -33.28 -1.22
CA GLU D 819 -26.14 -32.87 -1.33
C GLU D 819 -25.67 -32.89 -2.77
N ASP D 820 -26.08 -33.90 -3.54
CA ASP D 820 -25.68 -33.96 -4.93
C ASP D 820 -26.31 -32.83 -5.74
N LEU D 821 -27.56 -32.50 -5.45
CA LEU D 821 -28.18 -31.36 -6.11
C LEU D 821 -27.42 -30.08 -5.79
N LEU D 822 -27.02 -29.89 -4.53
CA LEU D 822 -26.25 -28.70 -4.17
C LEU D 822 -24.91 -28.68 -4.88
N PHE D 823 -24.23 -29.83 -4.95
CA PHE D 823 -22.95 -29.88 -5.62
C PHE D 823 -23.07 -29.53 -7.10
N ASN D 824 -24.08 -30.09 -7.77
CA ASN D 824 -24.23 -29.80 -9.19
C ASN D 824 -24.71 -28.38 -9.44
N LYS D 825 -25.40 -27.78 -8.46
CA LYS D 825 -25.88 -26.42 -8.62
C LYS D 825 -24.78 -25.38 -8.38
N VAL D 826 -23.63 -25.78 -7.88
CA VAL D 826 -22.52 -24.87 -7.61
C VAL D 826 -21.41 -25.17 -8.60
N THR D 827 -21.01 -24.17 -9.37
CA THR D 827 -19.97 -24.31 -10.37
C THR D 827 -18.69 -23.64 -9.86
N LEU D 828 -17.61 -24.42 -9.78
CA LEU D 828 -16.34 -23.91 -9.27
C LEU D 828 -15.47 -23.39 -10.41
N LEU D 849 -8.56 -19.38 -15.47
CA LEU D 849 -8.96 -20.63 -14.82
C LEU D 849 -8.12 -20.88 -13.57
N ILE D 850 -8.35 -22.02 -12.93
CA ILE D 850 -7.58 -22.37 -11.73
C ILE D 850 -6.12 -22.56 -12.09
N CYS D 851 -5.85 -23.09 -13.29
CA CYS D 851 -4.46 -23.27 -13.72
C CYS D 851 -3.80 -21.93 -14.03
N ALA D 852 -4.58 -20.95 -14.48
CA ALA D 852 -4.03 -19.64 -14.79
C ALA D 852 -3.37 -19.01 -13.57
N GLN D 853 -3.94 -19.25 -12.39
CA GLN D 853 -3.31 -18.82 -11.15
C GLN D 853 -2.00 -19.54 -10.90
N LYS D 854 -1.83 -20.74 -11.48
CA LYS D 854 -0.62 -21.51 -11.26
C LYS D 854 0.52 -21.13 -12.19
N PHE D 855 0.46 -19.98 -12.88
CA PHE D 855 1.64 -19.50 -13.58
C PHE D 855 2.51 -18.62 -12.70
N ASN D 856 1.90 -17.73 -11.93
CA ASN D 856 2.66 -16.70 -11.24
C ASN D 856 2.56 -16.83 -9.74
N GLY D 857 2.69 -18.05 -9.23
CA GLY D 857 2.79 -18.26 -7.81
C GLY D 857 1.50 -18.17 -7.04
N LEU D 858 0.37 -17.98 -7.72
CA LEU D 858 -0.92 -17.93 -7.05
C LEU D 858 -1.46 -19.33 -6.83
N THR D 859 -0.68 -20.14 -6.13
CA THR D 859 -1.07 -21.51 -5.87
C THR D 859 -2.31 -21.55 -4.98
N VAL D 860 -3.18 -22.52 -5.22
CA VAL D 860 -4.36 -22.74 -4.41
C VAL D 860 -4.15 -24.04 -3.65
N LEU D 861 -4.15 -23.95 -2.34
CA LEU D 861 -3.97 -25.14 -1.51
C LEU D 861 -5.30 -25.86 -1.35
N PRO D 862 -5.36 -27.16 -1.62
CA PRO D 862 -6.61 -27.87 -1.46
C PRO D 862 -6.98 -27.99 0.02
N PRO D 863 -8.26 -28.00 0.35
CA PRO D 863 -8.65 -28.11 1.75
C PRO D 863 -8.25 -29.45 2.34
N LEU D 864 -7.97 -29.44 3.64
CA LEU D 864 -7.59 -30.68 4.31
C LEU D 864 -8.74 -31.68 4.31
N LEU D 865 -9.95 -31.23 4.61
CA LEU D 865 -11.12 -32.11 4.65
C LEU D 865 -11.74 -32.15 3.27
N THR D 866 -11.56 -33.27 2.58
CA THR D 866 -12.16 -33.43 1.27
C THR D 866 -13.68 -33.48 1.37
N ASP D 867 -14.35 -33.12 0.27
CA ASP D 867 -15.80 -33.09 0.26
C ASP D 867 -16.40 -34.44 0.64
N GLU D 868 -15.72 -35.53 0.31
CA GLU D 868 -16.22 -36.85 0.69
C GLU D 868 -16.27 -36.99 2.21
N MET D 869 -15.21 -36.57 2.90
CA MET D 869 -15.22 -36.69 4.35
C MET D 869 -16.17 -35.68 4.99
N ILE D 870 -16.38 -34.53 4.37
CA ILE D 870 -17.41 -33.63 4.86
C ILE D 870 -18.77 -34.28 4.77
N ALA D 871 -19.04 -34.97 3.66
CA ALA D 871 -20.28 -35.71 3.53
C ALA D 871 -20.37 -36.82 4.56
N GLN D 872 -19.25 -37.47 4.85
CA GLN D 872 -19.23 -38.51 5.87
C GLN D 872 -19.59 -37.94 7.24
N TYR D 873 -19.01 -36.78 7.58
CA TYR D 873 -19.35 -36.13 8.85
C TYR D 873 -20.83 -35.75 8.89
N THR D 874 -21.35 -35.24 7.78
CA THR D 874 -22.76 -34.86 7.74
C THR D 874 -23.66 -36.08 7.90
N SER D 875 -23.29 -37.19 7.26
CA SER D 875 -24.07 -38.42 7.42
C SER D 875 -24.01 -38.92 8.85
N ALA D 876 -22.85 -38.80 9.50
CA ALA D 876 -22.76 -39.19 10.90
C ALA D 876 -23.66 -38.33 11.76
N LEU D 877 -23.67 -37.02 11.51
CA LEU D 877 -24.56 -36.13 12.26
C LEU D 877 -26.01 -36.50 12.03
N LEU D 878 -26.37 -36.80 10.79
CA LEU D 878 -27.76 -37.12 10.47
C LEU D 878 -28.18 -38.42 11.15
N ALA D 879 -27.31 -39.43 11.11
CA ALA D 879 -27.62 -40.70 11.78
C ALA D 879 -27.75 -40.50 13.28
N GLY D 880 -26.84 -39.73 13.87
CA GLY D 880 -26.94 -39.47 15.29
C GLY D 880 -28.24 -38.78 15.66
N THR D 881 -28.61 -37.75 14.90
CA THR D 881 -29.86 -37.05 15.19
C THR D 881 -31.07 -37.97 15.03
N ILE D 882 -31.09 -38.76 13.96
CA ILE D 882 -32.26 -39.58 13.67
C ILE D 882 -32.43 -40.67 14.71
N THR D 883 -31.36 -41.41 15.00
CA THR D 883 -31.45 -42.59 15.82
C THR D 883 -31.07 -42.36 17.28
N SER D 884 -30.78 -41.13 17.67
CA SER D 884 -30.38 -40.86 19.04
C SER D 884 -30.95 -39.58 19.61
N GLY D 885 -31.80 -38.87 18.89
CA GLY D 885 -32.29 -37.61 19.40
C GLY D 885 -31.16 -36.62 19.58
N TRP D 886 -31.25 -35.82 20.64
CA TRP D 886 -30.20 -34.89 20.99
C TRP D 886 -29.27 -35.43 22.06
N THR D 887 -29.46 -36.68 22.48
CA THR D 887 -28.60 -37.23 23.53
C THR D 887 -27.16 -37.34 23.06
N PHE D 888 -26.94 -37.74 21.81
CA PHE D 888 -25.58 -37.95 21.33
C PHE D 888 -24.77 -36.68 21.31
N GLY D 889 -25.42 -35.52 21.28
CA GLY D 889 -24.70 -34.26 21.35
C GLY D 889 -24.31 -33.82 22.73
N ALA D 890 -24.68 -34.58 23.76
CA ALA D 890 -24.39 -34.23 25.14
C ALA D 890 -23.92 -35.45 25.91
N GLY D 891 -23.12 -36.29 25.28
CA GLY D 891 -22.63 -37.48 25.91
C GLY D 891 -22.78 -38.70 25.03
N PRO D 892 -23.10 -39.84 25.62
CA PRO D 892 -23.29 -41.05 24.83
C PRO D 892 -24.55 -40.98 23.99
N ALA D 893 -24.54 -41.72 22.89
CA ALA D 893 -25.71 -41.81 22.02
C ALA D 893 -26.65 -42.87 22.59
N LEU D 894 -27.90 -42.48 22.84
CA LEU D 894 -28.91 -43.39 23.37
C LEU D 894 -29.99 -43.56 22.33
N GLN D 895 -30.21 -44.82 21.93
CA GLN D 895 -31.22 -45.14 20.91
C GLN D 895 -32.58 -44.68 21.40
N ILE D 896 -33.43 -44.27 20.49
CA ILE D 896 -34.78 -43.90 20.89
C ILE D 896 -35.68 -43.96 19.66
N PRO D 897 -36.88 -44.53 19.76
CA PRO D 897 -37.75 -44.59 18.59
C PRO D 897 -38.03 -43.20 18.05
N PHE D 898 -38.01 -43.08 16.73
CA PHE D 898 -38.19 -41.75 16.14
C PHE D 898 -39.51 -41.10 16.46
N PRO D 899 -40.66 -41.78 16.39
CA PRO D 899 -41.91 -41.11 16.80
C PRO D 899 -41.84 -40.59 18.22
N MET D 900 -41.18 -41.33 19.11
CA MET D 900 -41.03 -40.87 20.47
C MET D 900 -40.16 -39.62 20.54
N GLN D 901 -39.09 -39.57 19.74
CA GLN D 901 -38.26 -38.38 19.73
C GLN D 901 -39.03 -37.18 19.22
N MET D 902 -39.85 -37.37 18.19
CA MET D 902 -40.69 -36.27 17.72
C MET D 902 -41.69 -35.85 18.78
N ALA D 903 -42.26 -36.80 19.51
CA ALA D 903 -43.15 -36.44 20.61
C ALA D 903 -42.41 -35.62 21.64
N TYR D 904 -41.14 -35.94 21.87
CA TYR D 904 -40.34 -35.17 22.82
C TYR D 904 -40.11 -33.75 22.31
N ARG D 905 -39.83 -33.60 21.02
CA ARG D 905 -39.70 -32.28 20.45
C ARG D 905 -40.99 -31.49 20.59
N PHE D 906 -42.12 -32.14 20.31
CA PHE D 906 -43.42 -31.49 20.42
C PHE D 906 -43.67 -31.04 21.86
N ASN D 907 -43.33 -31.89 22.82
CA ASN D 907 -43.44 -31.50 24.22
C ASN D 907 -42.55 -30.31 24.52
N GLY D 908 -41.38 -30.27 23.89
CA GLY D 908 -40.49 -29.14 24.09
C GLY D 908 -41.08 -27.84 23.60
N ILE D 909 -41.71 -27.86 22.41
CA ILE D 909 -42.25 -26.62 21.86
C ILE D 909 -43.56 -26.20 22.49
N GLY D 910 -44.13 -27.00 23.38
CA GLY D 910 -45.29 -26.59 24.14
C GLY D 910 -46.54 -27.42 23.91
N VAL D 911 -46.63 -28.21 22.86
CA VAL D 911 -47.81 -29.04 22.65
C VAL D 911 -47.58 -30.39 23.33
N THR D 912 -48.66 -30.98 23.81
CA THR D 912 -48.56 -32.24 24.53
C THR D 912 -48.21 -33.38 23.57
N GLN D 913 -47.80 -34.51 24.16
CA GLN D 913 -47.40 -35.64 23.34
C GLN D 913 -48.55 -36.15 22.50
N ASN D 914 -49.74 -36.24 23.09
CA ASN D 914 -50.86 -36.90 22.43
C ASN D 914 -51.24 -36.22 21.13
N VAL D 915 -50.89 -34.94 20.96
CA VAL D 915 -51.18 -34.27 19.70
C VAL D 915 -50.45 -34.96 18.55
N LEU D 916 -49.18 -35.31 18.76
CA LEU D 916 -48.42 -35.96 17.70
C LEU D 916 -48.91 -37.37 17.45
N TYR D 917 -49.05 -38.16 18.52
CA TYR D 917 -49.34 -39.58 18.34
C TYR D 917 -50.69 -39.79 17.65
N GLU D 918 -51.69 -38.99 18.01
CA GLU D 918 -52.98 -39.08 17.36
C GLU D 918 -52.94 -38.59 15.92
N ASN D 919 -51.89 -37.88 15.51
CA ASN D 919 -51.73 -37.40 14.15
C ASN D 919 -50.36 -37.78 13.61
N GLN D 920 -49.89 -38.97 13.93
CA GLN D 920 -48.55 -39.37 13.50
C GLN D 920 -48.47 -39.52 11.99
N LYS D 921 -49.47 -40.16 11.39
CA LYS D 921 -49.45 -40.35 9.94
C LYS D 921 -49.51 -39.03 9.20
N LEU D 922 -50.36 -38.12 9.67
CA LEU D 922 -50.45 -36.80 9.04
C LEU D 922 -49.12 -36.06 9.14
N ILE D 923 -48.47 -36.11 10.30
CA ILE D 923 -47.19 -35.46 10.46
C ILE D 923 -46.16 -36.07 9.53
N ALA D 924 -46.14 -37.39 9.43
CA ALA D 924 -45.19 -38.05 8.53
C ALA D 924 -45.41 -37.62 7.09
N ASN D 925 -46.67 -37.58 6.66
CA ASN D 925 -46.95 -37.16 5.29
C ASN D 925 -46.54 -35.71 5.06
N GLN D 926 -46.83 -34.84 6.01
CA GLN D 926 -46.49 -33.43 5.86
C GLN D 926 -44.99 -33.24 5.77
N PHE D 927 -44.25 -33.92 6.66
CA PHE D 927 -42.80 -33.80 6.65
C PHE D 927 -42.20 -34.35 5.37
N ASN D 928 -42.70 -35.50 4.90
CA ASN D 928 -42.19 -36.07 3.67
C ASN D 928 -42.47 -35.15 2.48
N SER D 929 -43.67 -34.60 2.41
CA SER D 929 -44.01 -33.71 1.31
C SER D 929 -43.13 -32.47 1.33
N ALA D 930 -42.90 -31.90 2.52
CA ALA D 930 -42.04 -30.73 2.60
C ALA D 930 -40.61 -31.05 2.18
N ILE D 931 -40.08 -32.19 2.63
CA ILE D 931 -38.71 -32.52 2.27
C ILE D 931 -38.61 -32.80 0.76
N GLY D 932 -39.68 -33.31 0.15
CA GLY D 932 -39.70 -33.44 -1.29
C GLY D 932 -39.73 -32.09 -1.99
N LYS D 933 -40.54 -31.17 -1.45
CA LYS D 933 -40.62 -29.83 -2.03
C LYS D 933 -39.30 -29.10 -1.93
N ILE D 934 -38.45 -29.45 -0.96
CA ILE D 934 -37.17 -28.76 -0.81
C ILE D 934 -36.32 -28.93 -2.07
N GLN D 935 -36.27 -30.14 -2.61
CA GLN D 935 -35.45 -30.37 -3.80
C GLN D 935 -35.95 -29.55 -4.97
N ASP D 936 -37.27 -29.51 -5.17
CA ASP D 936 -37.83 -28.72 -6.26
C ASP D 936 -37.57 -27.23 -6.06
N SER D 937 -37.68 -26.76 -4.83
CA SER D 937 -37.42 -25.35 -4.54
C SER D 937 -35.97 -25.00 -4.85
N LEU D 938 -35.04 -25.86 -4.47
CA LEU D 938 -33.64 -25.60 -4.79
C LEU D 938 -33.40 -25.63 -6.29
N SER D 939 -33.99 -26.61 -6.99
CA SER D 939 -33.74 -26.75 -8.42
C SER D 939 -34.31 -25.56 -9.19
N SER D 940 -35.52 -25.12 -8.85
CA SER D 940 -36.18 -24.08 -9.64
C SER D 940 -35.47 -22.74 -9.48
N THR D 941 -35.20 -22.33 -8.25
CA THR D 941 -34.61 -21.03 -8.02
C THR D 941 -33.13 -21.07 -8.35
N PRO D 942 -32.64 -20.25 -9.29
CA PRO D 942 -31.21 -20.22 -9.57
C PRO D 942 -30.39 -19.47 -8.54
N SER D 943 -31.00 -18.57 -7.80
CA SER D 943 -30.32 -17.75 -6.80
C SER D 943 -30.38 -18.36 -5.41
N ALA D 944 -30.88 -19.60 -5.28
CA ALA D 944 -31.00 -20.21 -3.97
C ALA D 944 -29.65 -20.33 -3.28
N LEU D 945 -28.67 -20.90 -3.97
CA LEU D 945 -27.31 -21.00 -3.43
C LEU D 945 -26.52 -19.72 -3.70
N GLY D 946 -27.09 -18.59 -3.29
CA GLY D 946 -26.45 -17.32 -3.58
C GLY D 946 -25.11 -17.18 -2.87
N LYS D 947 -25.08 -17.43 -1.57
CA LYS D 947 -23.93 -17.04 -0.75
C LYS D 947 -22.66 -17.78 -1.17
N LEU D 948 -22.75 -19.10 -1.39
CA LEU D 948 -21.58 -19.85 -1.78
C LEU D 948 -21.06 -19.39 -3.14
N GLN D 949 -21.98 -19.13 -4.07
CA GLN D 949 -21.60 -18.64 -5.38
C GLN D 949 -20.89 -17.29 -5.27
N ASP D 950 -21.43 -16.40 -4.43
CA ASP D 950 -20.79 -15.10 -4.25
C ASP D 950 -19.40 -15.25 -3.66
N VAL D 951 -19.24 -16.15 -2.69
CA VAL D 951 -17.92 -16.34 -2.09
C VAL D 951 -16.92 -16.82 -3.14
N VAL D 952 -17.31 -17.84 -3.91
CA VAL D 952 -16.41 -18.39 -4.92
C VAL D 952 -16.07 -17.33 -5.96
N ASN D 953 -17.08 -16.60 -6.43
CA ASN D 953 -16.84 -15.59 -7.45
C ASN D 953 -15.98 -14.46 -6.93
N HIS D 954 -16.22 -14.00 -5.70
CA HIS D 954 -15.44 -12.91 -5.16
C HIS D 954 -14.00 -13.30 -4.90
N ASN D 955 -13.74 -14.58 -4.62
CA ASN D 955 -12.34 -14.96 -4.55
C ASN D 955 -11.71 -15.12 -5.93
N ALA D 956 -12.42 -15.76 -6.86
CA ALA D 956 -11.84 -16.00 -8.17
C ALA D 956 -11.58 -14.70 -8.92
N GLN D 957 -12.52 -13.77 -8.86
CA GLN D 957 -12.32 -12.50 -9.54
C GLN D 957 -11.25 -11.66 -8.85
N ALA D 958 -11.12 -11.78 -7.53
CA ALA D 958 -10.02 -11.10 -6.87
C ALA D 958 -8.68 -11.63 -7.35
N LEU D 959 -8.56 -12.95 -7.47
CA LEU D 959 -7.33 -13.53 -8.00
C LEU D 959 -7.09 -13.10 -9.44
N ASN D 960 -8.13 -13.06 -10.25
CA ASN D 960 -7.98 -12.63 -11.63
C ASN D 960 -7.55 -11.17 -11.71
N THR D 961 -8.11 -10.32 -10.86
CA THR D 961 -7.68 -8.93 -10.81
C THR D 961 -6.23 -8.81 -10.41
N LEU D 962 -5.80 -9.60 -9.43
CA LEU D 962 -4.39 -9.59 -9.06
C LEU D 962 -3.52 -10.00 -10.24
N VAL D 963 -3.94 -11.01 -10.98
CA VAL D 963 -3.17 -11.42 -12.15
C VAL D 963 -3.10 -10.29 -13.16
N LYS D 964 -4.23 -9.63 -13.41
CA LYS D 964 -4.27 -8.55 -14.38
C LYS D 964 -3.47 -7.34 -13.90
N GLN D 965 -3.27 -7.19 -12.59
CA GLN D 965 -2.57 -6.02 -12.09
C GLN D 965 -1.12 -6.01 -12.56
N LEU D 966 -0.47 -7.17 -12.61
CA LEU D 966 0.94 -7.19 -12.99
C LEU D 966 1.15 -6.80 -14.43
N SER D 967 0.10 -6.78 -15.24
CA SER D 967 0.20 -6.29 -16.62
C SER D 967 0.10 -4.78 -16.71
N SER D 968 -0.19 -4.09 -15.62
CA SER D 968 -0.26 -2.64 -15.64
C SER D 968 1.13 -2.03 -15.73
N LYS D 969 1.20 -0.82 -16.27
CA LYS D 969 2.47 -0.16 -16.47
C LYS D 969 3.08 0.33 -15.16
N PHE D 970 2.23 0.85 -14.26
CA PHE D 970 2.67 1.37 -12.97
C PHE D 970 3.72 2.47 -13.13
N GLY D 971 3.64 3.22 -14.22
CA GLY D 971 4.54 4.34 -14.43
C GLY D 971 5.87 3.99 -15.06
N ALA D 972 6.12 2.72 -15.37
CA ALA D 972 7.37 2.34 -16.01
C ALA D 972 7.22 2.42 -17.53
N ILE D 973 8.32 2.12 -18.23
CA ILE D 973 8.29 2.16 -19.69
C ILE D 973 7.48 1.00 -20.23
N SER D 974 7.62 -0.18 -19.64
CA SER D 974 6.87 -1.34 -20.08
C SER D 974 6.58 -2.22 -18.87
N SER D 975 5.39 -2.83 -18.87
CA SER D 975 5.02 -3.71 -17.77
C SER D 975 5.83 -4.99 -17.75
N VAL D 976 6.60 -5.28 -18.81
CA VAL D 976 7.39 -6.49 -18.88
C VAL D 976 8.76 -6.20 -18.30
N LEU D 977 9.16 -7.00 -17.31
CA LEU D 977 10.38 -6.72 -16.56
C LEU D 977 11.63 -6.97 -17.41
N ASN D 978 11.68 -8.12 -18.09
CA ASN D 978 12.87 -8.44 -18.87
C ASN D 978 13.10 -7.43 -19.99
N ASP D 979 12.03 -6.89 -20.56
CA ASP D 979 12.18 -5.86 -21.57
C ASP D 979 12.96 -4.67 -21.01
N ILE D 980 12.52 -4.14 -19.86
CA ILE D 980 13.16 -2.93 -19.34
C ILE D 980 14.51 -3.22 -18.72
N LEU D 981 14.81 -4.47 -18.36
CA LEU D 981 16.15 -4.73 -17.84
C LEU D 981 17.16 -5.04 -18.94
N SER D 982 16.73 -5.67 -20.02
CA SER D 982 17.62 -5.96 -21.14
C SER D 982 17.59 -4.90 -22.22
N ARG D 983 16.77 -3.86 -22.04
CA ARG D 983 16.63 -2.81 -23.03
C ARG D 983 17.11 -1.46 -22.55
N LEU D 984 17.56 -1.35 -21.30
CA LEU D 984 18.01 -0.08 -20.74
C LEU D 984 19.24 -0.34 -19.89
N ASP D 985 20.05 0.70 -19.73
CA ASP D 985 21.29 0.55 -18.97
C ASP D 985 20.99 0.34 -17.49
N PRO D 986 21.69 -0.58 -16.84
CA PRO D 986 21.40 -0.90 -15.44
C PRO D 986 21.57 0.30 -14.51
N PRO D 987 22.53 1.21 -14.73
CA PRO D 987 22.64 2.36 -13.83
C PRO D 987 21.42 3.28 -13.79
N GLU D 988 20.45 3.11 -14.69
CA GLU D 988 19.20 3.86 -14.59
C GLU D 988 17.96 2.99 -14.49
N ALA D 989 18.03 1.72 -14.89
CA ALA D 989 16.85 0.87 -14.87
C ALA D 989 16.41 0.53 -13.45
N GLU D 990 17.25 0.79 -12.45
CA GLU D 990 16.88 0.47 -11.08
C GLU D 990 15.66 1.26 -10.64
N VAL D 991 15.54 2.53 -11.08
CA VAL D 991 14.41 3.35 -10.67
C VAL D 991 13.12 2.82 -11.29
N GLN D 992 13.16 2.46 -12.57
CA GLN D 992 11.98 1.90 -13.22
C GLN D 992 11.58 0.57 -12.59
N ILE D 993 12.56 -0.29 -12.32
CA ILE D 993 12.28 -1.54 -11.65
C ILE D 993 11.69 -1.29 -10.27
N ASP D 994 12.18 -0.27 -9.57
CA ASP D 994 11.64 0.04 -8.26
C ASP D 994 10.20 0.53 -8.34
N ARG D 995 9.89 1.36 -9.34
CA ARG D 995 8.51 1.79 -9.49
C ARG D 995 7.59 0.62 -9.79
N LEU D 996 8.03 -0.26 -10.69
CA LEU D 996 7.23 -1.45 -11.01
C LEU D 996 7.05 -2.33 -9.79
N ILE D 997 8.11 -2.51 -9.01
CA ILE D 997 8.04 -3.33 -7.81
C ILE D 997 7.10 -2.72 -6.79
N THR D 998 7.17 -1.40 -6.59
CA THR D 998 6.28 -0.75 -5.65
C THR D 998 4.83 -0.91 -6.07
N GLY D 999 4.54 -0.72 -7.36
CA GLY D 999 3.18 -0.91 -7.81
C GLY D 999 2.69 -2.33 -7.61
N ARG D 1000 3.52 -3.30 -7.99
CA ARG D 1000 3.11 -4.70 -7.88
C ARG D 1000 2.91 -5.10 -6.42
N LEU D 1001 3.85 -4.74 -5.55
CA LEU D 1001 3.73 -5.09 -4.15
C LEU D 1001 2.57 -4.37 -3.49
N GLN D 1002 2.29 -3.14 -3.90
CA GLN D 1002 1.13 -2.44 -3.39
C GLN D 1002 -0.16 -3.16 -3.78
N SER D 1003 -0.24 -3.61 -5.03
CA SER D 1003 -1.42 -4.39 -5.43
C SER D 1003 -1.52 -5.68 -4.64
N LEU D 1004 -0.39 -6.35 -4.41
CA LEU D 1004 -0.39 -7.58 -3.64
C LEU D 1004 -0.89 -7.35 -2.23
N GLN D 1005 -0.43 -6.27 -1.59
CA GLN D 1005 -0.86 -5.97 -0.23
C GLN D 1005 -2.32 -5.60 -0.19
N THR D 1006 -2.81 -4.89 -1.21
CA THR D 1006 -4.25 -4.62 -1.28
C THR D 1006 -5.03 -5.93 -1.35
N TYR D 1007 -4.58 -6.86 -2.17
CA TYR D 1007 -5.25 -8.15 -2.27
C TYR D 1007 -5.22 -8.88 -0.94
N VAL D 1008 -4.09 -8.86 -0.25
CA VAL D 1008 -3.98 -9.59 1.01
C VAL D 1008 -4.89 -8.99 2.06
N THR D 1009 -4.95 -7.66 2.15
CA THR D 1009 -5.85 -7.03 3.11
C THR D 1009 -7.30 -7.34 2.77
N GLN D 1010 -7.65 -7.32 1.49
CA GLN D 1010 -9.00 -7.66 1.10
C GLN D 1010 -9.32 -9.10 1.50
N GLN D 1011 -8.38 -10.01 1.27
CA GLN D 1011 -8.57 -11.40 1.67
C GLN D 1011 -8.71 -11.52 3.17
N LEU D 1012 -7.95 -10.75 3.93
CA LEU D 1012 -8.06 -10.80 5.39
C LEU D 1012 -9.44 -10.36 5.85
N ILE D 1013 -9.96 -9.29 5.26
CA ILE D 1013 -11.29 -8.83 5.63
C ILE D 1013 -12.34 -9.87 5.25
N ARG D 1014 -12.22 -10.43 4.04
CA ARG D 1014 -13.18 -11.45 3.62
C ARG D 1014 -13.09 -12.68 4.50
N ALA D 1015 -11.88 -13.03 4.93
CA ALA D 1015 -11.70 -14.18 5.81
C ALA D 1015 -12.28 -13.92 7.19
N ALA D 1016 -12.21 -12.68 7.67
CA ALA D 1016 -12.88 -12.34 8.92
C ALA D 1016 -14.39 -12.50 8.76
N GLU D 1017 -14.92 -12.06 7.63
CA GLU D 1017 -16.35 -12.24 7.38
C GLU D 1017 -16.71 -13.72 7.34
N ILE D 1018 -15.88 -14.52 6.67
CA ILE D 1018 -16.15 -15.96 6.58
C ILE D 1018 -16.03 -16.61 7.95
N ARG D 1019 -15.10 -16.14 8.78
CA ARG D 1019 -14.99 -16.68 10.13
C ARG D 1019 -16.24 -16.37 10.94
N ALA D 1020 -16.77 -15.15 10.80
CA ALA D 1020 -18.03 -14.84 11.48
C ALA D 1020 -19.13 -15.75 11.01
N SER D 1021 -19.23 -15.95 9.69
CA SER D 1021 -20.26 -16.83 9.14
C SER D 1021 -20.08 -18.26 9.62
N ALA D 1022 -18.83 -18.73 9.69
CA ALA D 1022 -18.58 -20.12 10.10
C ALA D 1022 -18.84 -20.31 11.58
N ASN D 1023 -18.55 -19.30 12.40
CA ASN D 1023 -18.90 -19.38 13.81
C ASN D 1023 -20.41 -19.41 13.99
N LEU D 1024 -21.13 -18.59 13.22
CA LEU D 1024 -22.58 -18.66 13.25
C LEU D 1024 -23.07 -20.03 12.82
N ALA D 1025 -22.46 -20.61 11.78
CA ALA D 1025 -22.87 -21.92 11.30
C ALA D 1025 -22.60 -23.00 12.34
N ALA D 1026 -21.46 -22.93 13.02
CA ALA D 1026 -21.16 -23.89 14.07
C ALA D 1026 -22.13 -23.77 15.23
N THR D 1027 -22.46 -22.54 15.63
CA THR D 1027 -23.51 -22.36 16.63
C THR D 1027 -24.84 -22.94 16.15
N LYS D 1028 -25.20 -22.71 14.90
CA LYS D 1028 -26.46 -23.23 14.41
C LYS D 1028 -26.45 -24.75 14.44
N MET D 1029 -25.33 -25.34 14.08
CA MET D 1029 -25.19 -26.79 14.20
C MET D 1029 -25.38 -27.25 15.64
N SER D 1030 -24.64 -26.65 16.58
CA SER D 1030 -24.60 -27.21 17.93
C SER D 1030 -25.93 -27.03 18.67
N GLU D 1031 -26.64 -25.94 18.43
CA GLU D 1031 -27.99 -25.85 18.99
C GLU D 1031 -29.07 -26.50 18.13
N CYS D 1032 -29.27 -26.04 16.90
CA CYS D 1032 -30.40 -26.55 16.13
C CYS D 1032 -30.26 -28.02 15.78
N VAL D 1033 -29.04 -28.50 15.49
CA VAL D 1033 -28.90 -29.90 15.08
C VAL D 1033 -28.70 -30.79 16.30
N LEU D 1034 -27.63 -30.56 17.05
CA LEU D 1034 -27.33 -31.40 18.20
C LEU D 1034 -28.36 -31.28 19.30
N GLY D 1035 -29.25 -30.30 19.23
CA GLY D 1035 -30.32 -30.18 20.20
C GLY D 1035 -31.54 -29.51 19.61
N GLN D 1036 -32.37 -28.94 20.45
CA GLN D 1036 -33.54 -28.18 20.03
C GLN D 1036 -33.43 -26.79 20.62
N SER D 1037 -33.61 -25.77 19.79
CA SER D 1037 -33.40 -24.40 20.21
C SER D 1037 -34.74 -23.69 20.42
N LYS D 1038 -34.89 -23.05 21.56
CA LYS D 1038 -36.05 -22.22 21.83
C LYS D 1038 -35.90 -20.80 21.34
N ARG D 1039 -34.73 -20.43 20.84
CA ARG D 1039 -34.52 -19.08 20.35
C ARG D 1039 -35.38 -18.82 19.14
N VAL D 1040 -36.28 -17.85 19.23
CA VAL D 1040 -37.26 -17.61 18.18
C VAL D 1040 -36.55 -17.18 16.91
N ASP D 1041 -37.01 -17.67 15.77
CA ASP D 1041 -36.55 -17.30 14.45
C ASP D 1041 -35.06 -17.56 14.25
N PHE D 1042 -34.44 -18.35 15.13
CA PHE D 1042 -33.04 -18.70 14.95
C PHE D 1042 -32.88 -19.83 13.95
N CYS D 1043 -33.41 -21.01 14.28
CA CYS D 1043 -33.38 -22.16 13.39
C CYS D 1043 -34.69 -22.19 12.62
N GLY D 1044 -34.80 -21.31 11.64
CA GLY D 1044 -35.97 -21.29 10.77
C GLY D 1044 -37.17 -20.62 11.38
N LYS D 1045 -38.03 -20.07 10.52
CA LYS D 1045 -39.26 -19.44 10.99
C LYS D 1045 -40.19 -20.48 11.58
N GLY D 1046 -40.83 -20.13 12.70
CA GLY D 1046 -41.73 -21.04 13.38
C GLY D 1046 -41.07 -21.68 14.59
N TYR D 1047 -41.85 -22.52 15.26
CA TYR D 1047 -41.33 -23.27 16.40
C TYR D 1047 -40.40 -24.37 15.92
N HIS D 1048 -39.17 -24.35 16.36
CA HIS D 1048 -38.17 -25.28 15.84
C HIS D 1048 -38.41 -26.69 16.37
N LEU D 1049 -38.20 -27.67 15.51
CA LEU D 1049 -38.29 -29.08 15.89
C LEU D 1049 -36.95 -29.78 15.77
N MET D 1050 -36.29 -29.72 14.63
CA MET D 1050 -34.98 -30.32 14.44
C MET D 1050 -34.31 -29.64 13.26
N SER D 1051 -33.11 -30.12 12.92
CA SER D 1051 -32.36 -29.52 11.84
C SER D 1051 -31.43 -30.55 11.23
N PHE D 1052 -31.44 -30.65 9.90
CA PHE D 1052 -30.61 -31.60 9.19
C PHE D 1052 -29.47 -30.87 8.51
N PRO D 1053 -28.22 -31.13 8.87
CA PRO D 1053 -27.12 -30.57 8.11
C PRO D 1053 -27.05 -31.19 6.73
N GLN D 1054 -26.56 -30.40 5.78
CA GLN D 1054 -26.30 -30.91 4.44
C GLN D 1054 -25.04 -30.25 3.91
N SER D 1055 -24.10 -31.06 3.47
CA SER D 1055 -22.85 -30.52 2.96
C SER D 1055 -23.08 -29.73 1.68
N ALA D 1056 -22.14 -28.85 1.38
CA ALA D 1056 -22.20 -28.02 0.18
C ALA D 1056 -20.79 -27.52 -0.10
N PRO D 1057 -20.50 -27.13 -1.34
CA PRO D 1057 -19.16 -26.61 -1.65
C PRO D 1057 -18.87 -25.34 -0.86
N HIS D 1058 -17.84 -25.40 -0.03
CA HIS D 1058 -17.39 -24.26 0.77
C HIS D 1058 -18.52 -23.72 1.65
N GLY D 1059 -19.31 -24.62 2.22
CA GLY D 1059 -20.39 -24.18 3.07
C GLY D 1059 -21.20 -25.36 3.55
N VAL D 1060 -22.23 -25.05 4.32
CA VAL D 1060 -23.16 -26.04 4.85
C VAL D 1060 -24.58 -25.53 4.63
N VAL D 1061 -25.51 -26.47 4.53
CA VAL D 1061 -26.92 -26.15 4.34
C VAL D 1061 -27.72 -26.86 5.40
N PHE D 1062 -28.59 -26.13 6.09
CA PHE D 1062 -29.42 -26.68 7.13
C PHE D 1062 -30.84 -26.87 6.63
N LEU D 1063 -31.52 -27.89 7.14
CA LEU D 1063 -32.93 -28.12 6.85
C LEU D 1063 -33.68 -27.95 8.16
N HIS D 1064 -34.19 -26.75 8.39
CA HIS D 1064 -34.86 -26.43 9.65
C HIS D 1064 -36.28 -26.95 9.58
N VAL D 1065 -36.54 -28.04 10.29
CA VAL D 1065 -37.90 -28.57 10.40
C VAL D 1065 -38.60 -27.82 11.53
N THR D 1066 -39.67 -27.10 11.19
CA THR D 1066 -40.35 -26.26 12.16
C THR D 1066 -41.83 -26.60 12.20
N TYR D 1067 -42.44 -26.39 13.35
CA TYR D 1067 -43.86 -26.58 13.57
C TYR D 1067 -44.55 -25.24 13.43
N VAL D 1068 -45.41 -25.11 12.43
CA VAL D 1068 -46.11 -23.87 12.16
C VAL D 1068 -47.60 -24.07 12.41
N PRO D 1069 -48.21 -23.35 13.34
CA PRO D 1069 -49.65 -23.48 13.56
C PRO D 1069 -50.44 -23.00 12.37
N ALA D 1070 -51.68 -23.48 12.28
CA ALA D 1070 -52.56 -23.10 11.19
C ALA D 1070 -54.00 -23.31 11.61
N GLN D 1071 -54.90 -22.72 10.81
CA GLN D 1071 -56.35 -22.83 11.04
C GLN D 1071 -56.72 -22.30 12.43
N GLU D 1072 -56.54 -21.01 12.61
CA GLU D 1072 -56.87 -20.38 13.91
C GLU D 1072 -58.37 -20.32 14.10
N LYS D 1073 -58.83 -20.35 15.34
CA LYS D 1073 -60.27 -20.20 15.61
C LYS D 1073 -60.40 -19.17 16.73
N ASN D 1074 -61.42 -18.32 16.68
CA ASN D 1074 -61.56 -17.25 17.71
C ASN D 1074 -62.40 -17.79 18.87
N PHE D 1075 -61.91 -17.66 20.10
CA PHE D 1075 -62.68 -18.10 21.25
C PHE D 1075 -62.79 -16.96 22.24
N THR D 1076 -63.84 -17.01 23.05
CA THR D 1076 -64.01 -16.07 24.15
C THR D 1076 -63.36 -16.66 25.38
N THR D 1077 -62.37 -15.96 25.92
CA THR D 1077 -61.56 -16.46 27.03
C THR D 1077 -61.91 -15.73 28.32
N ALA D 1078 -61.16 -16.06 29.38
CA ALA D 1078 -61.31 -15.43 30.67
C ALA D 1078 -60.05 -15.69 31.46
N PRO D 1079 -59.55 -14.73 32.23
CA PRO D 1079 -58.32 -14.97 32.99
C PRO D 1079 -58.44 -16.09 34.01
N ALA D 1080 -59.58 -16.21 34.69
CA ALA D 1080 -59.71 -17.18 35.76
C ALA D 1080 -61.19 -17.51 35.95
N ILE D 1081 -61.45 -18.58 36.68
CA ILE D 1081 -62.80 -19.08 36.93
C ILE D 1081 -63.07 -18.97 38.42
N CYS D 1082 -64.17 -18.33 38.78
CA CYS D 1082 -64.63 -18.29 40.16
C CYS D 1082 -65.77 -19.28 40.31
N HIS D 1083 -65.52 -20.35 41.06
CA HIS D 1083 -66.52 -21.39 41.26
C HIS D 1083 -67.05 -21.44 42.68
N ASP D 1084 -66.18 -21.60 43.67
CA ASP D 1084 -66.55 -21.65 45.07
C ASP D 1084 -66.10 -20.39 45.80
N GLY D 1085 -66.23 -19.25 45.15
CA GLY D 1085 -65.73 -18.02 45.72
C GLY D 1085 -64.23 -17.90 45.69
N LYS D 1086 -63.55 -18.77 44.96
CA LYS D 1086 -62.09 -18.73 44.84
C LYS D 1086 -61.70 -18.89 43.38
N ALA D 1087 -60.80 -18.04 42.92
CA ALA D 1087 -60.40 -18.06 41.52
C ALA D 1087 -59.63 -19.33 41.19
N HIS D 1088 -59.83 -19.84 39.98
CA HIS D 1088 -59.11 -21.00 39.47
C HIS D 1088 -58.33 -20.60 38.24
N PHE D 1089 -57.04 -20.79 38.27
CA PHE D 1089 -56.21 -20.48 37.11
C PHE D 1089 -55.74 -21.77 36.47
N PRO D 1090 -55.69 -21.84 35.14
CA PRO D 1090 -55.26 -23.07 34.48
C PRO D 1090 -53.79 -23.35 34.75
N ARG D 1091 -53.49 -24.60 35.10
CA ARG D 1091 -52.10 -24.94 35.40
C ARG D 1091 -51.22 -24.82 34.17
N GLU D 1092 -51.72 -25.26 33.02
CA GLU D 1092 -50.97 -25.14 31.77
C GLU D 1092 -51.98 -25.07 30.64
N GLY D 1093 -52.21 -23.88 30.13
CA GLY D 1093 -53.17 -23.63 29.09
C GLY D 1093 -54.06 -22.48 29.46
N VAL D 1094 -55.05 -22.23 28.60
CA VAL D 1094 -55.94 -21.10 28.78
C VAL D 1094 -57.37 -21.60 28.89
N PHE D 1095 -58.24 -20.72 29.36
CA PHE D 1095 -59.67 -21.01 29.43
C PHE D 1095 -60.32 -20.50 28.16
N VAL D 1096 -61.15 -21.34 27.55
CA VAL D 1096 -61.83 -20.98 26.31
C VAL D 1096 -63.30 -21.37 26.43
N SER D 1097 -64.16 -20.51 25.92
CA SER D 1097 -65.61 -20.80 25.94
C SER D 1097 -66.07 -20.95 24.50
N ASN D 1098 -66.67 -22.08 24.17
CA ASN D 1098 -67.21 -22.26 22.81
C ASN D 1098 -68.57 -21.55 22.75
N GLY D 1099 -68.75 -20.49 23.53
CA GLY D 1099 -70.05 -19.82 23.57
C GLY D 1099 -70.84 -20.21 24.80
N THR D 1100 -71.08 -21.52 24.99
CA THR D 1100 -71.92 -21.92 26.11
C THR D 1100 -71.13 -22.45 27.29
N HIS D 1101 -70.12 -23.28 27.00
CA HIS D 1101 -69.39 -23.91 28.10
C HIS D 1101 -67.94 -23.47 28.07
N TRP D 1102 -67.24 -23.63 29.20
CA TRP D 1102 -65.83 -23.25 29.28
C TRP D 1102 -64.96 -24.51 29.34
N PHE D 1103 -63.74 -24.41 28.86
CA PHE D 1103 -62.85 -25.59 28.81
C PHE D 1103 -61.41 -25.11 28.92
N VAL D 1104 -60.50 -25.95 29.40
CA VAL D 1104 -59.07 -25.57 29.45
C VAL D 1104 -58.41 -26.28 28.28
N THR D 1105 -57.53 -25.58 27.55
CA THR D 1105 -56.81 -26.18 26.44
C THR D 1105 -55.40 -25.65 26.39
N GLN D 1106 -54.49 -26.44 25.83
CA GLN D 1106 -53.13 -25.99 25.66
C GLN D 1106 -53.10 -24.83 24.67
N ARG D 1107 -52.10 -23.96 24.82
CA ARG D 1107 -52.09 -22.71 24.06
C ARG D 1107 -51.90 -22.96 22.56
N ASN D 1108 -51.01 -23.87 22.18
CA ASN D 1108 -50.62 -24.01 20.79
C ASN D 1108 -51.47 -25.02 20.02
N PHE D 1109 -52.53 -25.56 20.60
CA PHE D 1109 -53.44 -26.49 19.87
C PHE D 1109 -54.76 -26.67 20.61
N TYR D 1110 -55.88 -26.49 19.93
CA TYR D 1110 -57.19 -26.57 20.61
C TYR D 1110 -57.51 -28.00 21.00
N GLU D 1111 -57.39 -28.33 22.29
CA GLU D 1111 -57.77 -29.68 22.78
C GLU D 1111 -58.69 -29.42 23.97
N PRO D 1112 -59.94 -28.97 23.76
CA PRO D 1112 -60.79 -28.61 24.88
C PRO D 1112 -60.86 -29.72 25.93
N GLN D 1113 -60.80 -29.36 27.21
CA GLN D 1113 -60.87 -30.36 28.29
C GLN D 1113 -61.76 -29.85 29.41
N ILE D 1114 -62.52 -30.73 30.04
CA ILE D 1114 -63.36 -30.32 31.16
C ILE D 1114 -62.50 -29.69 32.24
N ILE D 1115 -62.98 -28.60 32.81
CA ILE D 1115 -62.22 -27.91 33.85
C ILE D 1115 -62.31 -28.74 35.13
N THR D 1116 -61.20 -29.36 35.52
CA THR D 1116 -61.14 -30.17 36.72
C THR D 1116 -60.15 -29.58 37.70
N THR D 1117 -60.32 -29.92 38.98
CA THR D 1117 -59.49 -29.32 40.00
C THR D 1117 -58.03 -29.71 39.88
N ASP D 1118 -57.70 -30.74 39.12
CA ASP D 1118 -56.31 -31.04 38.81
C ASP D 1118 -55.84 -30.36 37.54
N ASN D 1119 -56.76 -29.87 36.71
CA ASN D 1119 -56.39 -29.08 35.56
C ASN D 1119 -55.96 -27.67 35.95
N THR D 1120 -56.54 -27.13 37.00
CA THR D 1120 -56.31 -25.77 37.43
C THR D 1120 -55.65 -25.78 38.80
N PHE D 1121 -55.48 -24.58 39.36
CA PHE D 1121 -54.99 -24.42 40.72
C PHE D 1121 -55.60 -23.17 41.32
N VAL D 1122 -55.97 -23.26 42.57
CA VAL D 1122 -56.68 -22.19 43.25
C VAL D 1122 -55.67 -21.21 43.82
N SER D 1123 -56.10 -19.94 43.93
CA SER D 1123 -55.29 -18.94 44.62
C SER D 1123 -56.22 -17.84 45.11
N GLY D 1124 -56.54 -17.86 46.39
CA GLY D 1124 -57.21 -16.74 47.01
C GLY D 1124 -58.64 -16.54 46.57
N ASN D 1125 -59.18 -15.39 46.95
CA ASN D 1125 -60.56 -15.04 46.66
C ASN D 1125 -60.70 -14.55 45.23
N CYS D 1126 -61.90 -14.71 44.67
CA CYS D 1126 -62.16 -14.43 43.27
C CYS D 1126 -62.74 -13.04 43.04
N ASP D 1127 -62.57 -12.13 43.98
CA ASP D 1127 -63.05 -10.75 43.81
C ASP D 1127 -61.95 -9.80 43.38
N VAL D 1128 -60.72 -10.28 43.20
CA VAL D 1128 -59.60 -9.40 42.88
C VAL D 1128 -59.13 -9.54 41.44
N VAL D 1129 -59.43 -10.65 40.76
CA VAL D 1129 -59.00 -10.82 39.39
C VAL D 1129 -59.92 -10.02 38.48
N ILE D 1130 -59.34 -9.19 37.63
CA ILE D 1130 -60.12 -8.38 36.70
C ILE D 1130 -60.50 -9.25 35.52
N GLY D 1131 -61.80 -9.36 35.26
CA GLY D 1131 -62.29 -10.15 34.14
C GLY D 1131 -62.61 -11.59 34.46
N ILE D 1132 -62.65 -11.97 35.74
CA ILE D 1132 -63.01 -13.34 36.09
C ILE D 1132 -64.45 -13.61 35.65
N VAL D 1133 -64.65 -14.85 35.21
CA VAL D 1133 -65.97 -15.27 34.68
C VAL D 1133 -66.46 -16.45 35.51
N ASN D 1134 -67.77 -16.56 35.69
CA ASN D 1134 -68.28 -17.61 36.59
C ASN D 1134 -68.43 -18.92 35.83
N ASN D 1135 -68.17 -20.03 36.49
CA ASN D 1135 -68.33 -21.39 36.00
C ASN D 1135 -68.08 -22.34 37.16
N THR D 1136 -68.26 -23.63 36.91
CA THR D 1136 -68.07 -24.66 37.92
C THR D 1136 -66.91 -25.54 37.50
N VAL D 1137 -65.89 -25.64 38.35
CA VAL D 1137 -64.79 -26.56 38.11
C VAL D 1137 -65.21 -27.93 38.63
N TYR D 1138 -65.26 -28.90 37.71
CA TYR D 1138 -65.70 -30.24 38.07
C TYR D 1138 -64.55 -30.98 38.76
N ASP D 1139 -64.65 -31.12 40.07
CA ASP D 1139 -63.67 -31.91 40.80
C ASP D 1139 -63.82 -33.38 40.43
N PRO D 1140 -62.73 -34.11 40.25
CA PRO D 1140 -62.81 -35.52 39.85
C PRO D 1140 -62.92 -36.51 40.99
N LEU D 1141 -63.21 -36.07 42.21
CA LEU D 1141 -63.20 -36.95 43.36
C LEU D 1141 -64.56 -37.09 44.03
N GLN D 1142 -65.32 -36.00 44.16
CA GLN D 1142 -66.58 -36.10 44.88
C GLN D 1142 -67.61 -37.01 44.21
N PRO D 1143 -67.68 -37.16 42.88
CA PRO D 1143 -68.57 -38.22 42.36
C PRO D 1143 -68.07 -39.61 42.71
N GLU D 1144 -66.82 -39.92 42.38
CA GLU D 1144 -66.25 -41.24 42.63
C GLU D 1144 -66.16 -41.58 44.10
N LEU D 1145 -66.55 -40.67 44.99
CA LEU D 1145 -66.60 -40.90 46.42
C LEU D 1145 -68.02 -40.92 46.96
N ASP D 1146 -68.82 -39.91 46.63
CA ASP D 1146 -70.21 -39.87 47.06
C ASP D 1146 -71.00 -41.03 46.45
N SER D 1147 -70.95 -41.17 45.12
CA SER D 1147 -71.61 -42.29 44.48
C SER D 1147 -71.02 -43.62 44.93
N PHE D 1148 -69.74 -43.62 45.31
CA PHE D 1148 -69.13 -44.82 45.88
C PHE D 1148 -69.80 -45.21 47.18
N LYS D 1149 -70.05 -44.23 48.06
CA LYS D 1149 -70.61 -44.51 49.38
C LYS D 1149 -72.12 -44.27 49.44
N GLU D 1150 -72.57 -43.08 49.05
CA GLU D 1150 -74.00 -42.76 49.08
C GLU D 1150 -74.72 -43.39 47.90
C1 NAG E . 15.16 46.31 -24.81
C2 NAG E . 15.01 46.88 -26.22
C3 NAG E . 13.81 46.25 -26.92
C4 NAG E . 13.80 44.78 -26.57
C5 NAG E . 13.37 44.68 -25.11
C6 NAG E . 13.14 43.26 -24.66
C7 NAG E . 14.27 49.11 -25.46
C8 NAG E . 12.97 49.63 -25.99
N2 NAG E . 14.96 48.33 -26.29
O3 NAG E . 13.92 46.49 -28.32
O4 NAG E . 12.93 44.03 -27.41
O5 NAG E . 14.40 45.23 -24.27
O6 NAG E . 13.90 42.95 -23.50
O7 NAG E . 14.67 49.40 -24.34
C1 NAG E . 13.70 43.37 -28.44
C2 NAG E . 12.94 43.71 -29.74
C3 NAG E . 13.74 43.28 -30.95
C4 NAG E . 15.14 43.86 -30.89
C5 NAG E . 15.81 43.40 -29.60
C6 NAG E . 17.19 44.00 -29.44
C7 NAG E . 10.51 43.84 -29.73
C8 NAG E . 9.38 43.33 -30.57
N2 NAG E . 11.62 43.11 -29.74
O3 NAG E . 13.06 43.70 -32.12
O4 NAG E . 15.90 43.40 -31.99
O5 NAG E . 15.04 43.84 -28.47
O6 NAG E . 17.44 44.42 -28.10
O7 NAG E . 10.43 44.89 -29.10
C1 NAG F . -55.17 -30.40 9.29
C2 NAG F . -56.51 -31.01 8.92
C3 NAG F . -56.31 -32.22 8.02
C4 NAG F . -55.47 -31.84 6.81
C5 NAG F . -54.18 -31.20 7.26
C6 NAG F . -53.34 -30.68 6.12
C7 NAG F . -58.08 -30.53 10.75
C8 NAG F . -58.77 -31.07 11.95
N2 NAG F . -57.26 -31.37 10.11
O3 NAG F . -57.57 -32.73 7.61
O4 NAG F . -55.21 -33.00 6.02
O5 NAG F . -54.45 -30.07 8.10
O6 NAG F . -52.21 -29.96 6.58
O7 NAG F . -58.25 -29.38 10.35
C1 NAG F . -55.87 -32.82 4.75
C2 NAG F . -55.34 -33.85 3.78
C3 NAG F . -56.03 -33.71 2.43
C4 NAG F . -57.55 -33.77 2.61
C5 NAG F . -57.99 -32.75 3.65
C6 NAG F . -59.47 -32.84 3.97
C7 NAG F . -53.02 -34.46 4.31
C8 NAG F . -51.56 -34.20 4.02
N2 NAG F . -53.90 -33.72 3.62
O3 NAG F . -55.60 -34.76 1.57
O4 NAG F . -58.20 -33.50 1.38
O5 NAG F . -57.29 -32.96 4.89
O6 NAG F . -60.26 -32.66 2.80
O7 NAG F . -53.37 -35.30 5.12
C1 NAG G . -38.92 -41.87 -0.01
C2 NAG G . -39.58 -43.16 -0.47
C3 NAG G . -38.98 -43.62 -1.80
C4 NAG G . -39.04 -42.50 -2.83
C5 NAG G . -38.37 -41.25 -2.26
C6 NAG G . -38.48 -40.05 -3.17
C7 NAG G . -40.28 -44.36 1.54
C8 NAG G . -39.98 -45.50 2.48
N2 NAG G . -39.43 -44.21 0.53
O3 NAG G . -39.71 -44.75 -2.28
O4 NAG G . -38.39 -42.90 -4.03
O5 NAG G . -39.02 -40.88 -1.03
O6 NAG G . -38.24 -38.85 -2.46
O7 NAG G . -41.25 -43.64 1.69
C1 NAG G . -39.36 -42.87 -5.11
C2 NAG G . -38.62 -42.84 -6.43
C3 NAG G . -39.60 -42.86 -7.59
C4 NAG G . -40.55 -44.04 -7.45
C5 NAG G . -41.22 -44.03 -6.08
C6 NAG G . -42.08 -45.24 -5.83
C7 NAG G . -36.45 -41.72 -6.19
C8 NAG G . -35.69 -40.43 -6.35
N2 NAG G . -37.74 -41.68 -6.52
O3 NAG G . -38.89 -42.95 -8.82
O4 NAG G . -41.56 -43.97 -8.46
O5 NAG G . -40.21 -44.01 -5.05
O6 NAG G . -43.21 -44.91 -5.02
O7 NAG G . -35.90 -42.74 -5.79
C1 NAG H . -69.85 -26.48 23.33
C2 NAG H . -71.18 -26.45 22.57
C3 NAG H . -72.17 -27.38 23.23
C4 NAG H . -71.60 -28.78 23.40
C5 NAG H . -70.26 -28.67 24.13
C6 NAG H . -69.54 -29.99 24.27
C7 NAG H . -71.61 -24.44 21.33
C8 NAG H . -72.58 -23.31 21.14
N2 NAG H . -71.70 -25.10 22.47
O3 NAG H . -73.34 -27.40 22.44
O4 NAG H . -72.50 -29.55 24.17
O5 NAG H . -69.38 -27.80 23.39
O6 NAG H . -69.32 -30.60 23.00
O7 NAG H . -70.78 -24.75 20.46
C1 NAG H . -72.82 -30.76 23.45
C2 NAG H . -73.00 -31.96 24.39
C3 NAG H . -74.16 -32.81 23.87
C4 NAG H . -75.38 -31.93 23.71
C5 NAG H . -75.12 -30.87 22.64
C6 NAG H . -75.66 -29.51 23.01
C7 NAG H . -71.15 -32.82 25.67
C8 NAG H . -70.20 -33.97 25.84
N2 NAG H . -71.79 -32.75 24.52
O3 NAG H . -74.41 -33.88 24.78
O4 NAG H . -76.48 -32.74 23.30
O5 NAG H . -73.71 -30.71 22.35
O6 NAG H . -75.66 -28.64 21.89
O7 NAG H . -71.32 -31.98 26.56
C1 NAG I . -70.68 -15.26 40.20
C2 NAG I . -71.20 -13.86 39.85
C3 NAG I . -71.43 -13.03 41.11
C4 NAG I . -72.21 -13.80 42.16
C5 NAG I . -71.53 -15.14 42.42
C6 NAG I . -72.26 -16.01 43.42
C7 NAG I . -70.29 -13.25 37.66
C8 NAG I . -69.00 -12.96 36.97
N2 NAG I . -70.27 -13.16 39.00
O3 NAG I . -72.15 -11.86 40.72
O4 NAG I . -72.18 -13.05 43.38
O5 NAG I . -71.51 -15.87 41.18
O6 NAG I . -73.66 -16.04 43.13
O7 NAG I . -71.30 -13.56 37.06
C1 NAG I . -73.51 -12.63 43.70
C2 NAG I . -73.47 -11.93 45.06
C3 NAG I . -74.87 -11.47 45.43
C4 NAG I . -75.44 -10.58 44.34
C5 NAG I . -75.37 -11.31 42.99
C6 NAG I . -75.79 -10.44 41.84
C7 NAG I . -71.63 -12.66 46.47
C8 NAG I . -71.03 -13.88 47.10
N2 NAG I . -72.90 -12.77 46.08
O3 NAG I . -74.82 -10.78 46.67
O4 NAG I . -76.80 -10.29 44.64
O5 NAG I . -74.03 -11.73 42.73
O6 NAG I . -74.75 -9.52 41.49
O7 NAG I . -70.99 -11.63 46.29
C1 NAG J . -44.52 -3.62 46.02
C2 NAG J . -45.45 -3.44 47.21
C3 NAG J . -46.50 -2.37 46.91
C4 NAG J . -45.82 -1.08 46.47
C5 NAG J . -44.90 -1.38 45.28
C6 NAG J . -44.11 -0.17 44.84
C7 NAG J . -45.81 -5.36 48.69
C8 NAG J . -46.56 -6.63 48.91
N2 NAG J . -46.10 -4.69 47.58
O3 NAG J . -47.27 -2.12 48.08
O4 NAG J . -46.81 -0.12 46.11
O5 NAG J . -43.95 -2.38 45.66
O6 NAG J . -42.76 -0.53 44.56
O7 NAG J . -44.96 -4.97 49.48
C1 NAG J . -46.58 1.05 46.93
C2 NAG J . -47.03 2.28 46.14
C3 NAG J . -46.84 3.54 46.99
C4 NAG J . -47.52 3.38 48.34
C5 NAG J . -47.07 2.09 49.03
C6 NAG J . -47.81 1.81 50.31
C7 NAG J . -46.79 1.96 43.73
C8 NAG J . -45.91 2.15 42.54
N2 NAG J . -46.31 2.38 44.89
O3 NAG J . -47.39 4.65 46.30
O4 NAG J . -47.18 4.48 49.18
O5 NAG J . -47.32 0.97 48.15
O6 NAG J . -47.22 2.49 51.40
O7 NAG J . -47.90 1.44 43.64
C1 NAG K . -50.33 7.44 28.46
C2 NAG K . -51.65 8.10 28.83
C3 NAG K . -51.76 9.47 28.19
C4 NAG K . -50.54 10.32 28.52
C5 NAG K . -49.27 9.56 28.14
C6 NAG K . -48.00 10.28 28.51
C7 NAG K . -53.95 7.28 29.06
C8 NAG K . -55.00 6.36 28.52
N2 NAG K . -52.78 7.27 28.43
O3 NAG K . -52.94 10.14 28.67
O4 NAG K . -50.59 11.55 27.80
O5 NAG K . -49.25 8.29 28.81
O6 NAG K . -48.12 10.90 29.79
O7 NAG K . -54.16 8.01 30.03
C1 NAG K . -50.68 12.63 28.75
C2 NAG K . -50.39 13.92 28.01
C3 NAG K . -50.52 15.10 28.97
C4 NAG K . -51.88 15.09 29.66
C5 NAG K . -52.11 13.73 30.32
C6 NAG K . -53.50 13.60 30.92
C7 NAG K . -48.85 13.41 26.18
C8 NAG K . -47.44 13.46 25.69
N2 NAG K . -49.07 13.90 27.40
O3 NAG K . -50.36 16.32 28.24
O4 NAG K . -51.95 16.12 30.63
O5 NAG K . -51.98 12.68 29.35
O6 NAG K . -53.76 12.25 31.29
O7 NAG K . -49.76 12.94 25.50
C1 NAG L . -45.13 -18.22 61.15
C2 NAG L . -46.19 -17.23 60.65
C3 NAG L . -47.58 -17.79 60.92
C4 NAG L . -47.63 -18.60 62.22
C5 NAG L . -46.48 -18.18 63.12
C6 NAG L . -46.56 -18.78 64.50
C7 NAG L . -44.88 -15.39 61.59
C8 NAG L . -44.82 -15.00 63.04
N2 NAG L . -46.04 -15.89 61.17
O3 NAG L . -47.97 -18.61 59.82
O4 NAG L . -48.83 -18.26 62.90
O5 NAG L . -45.24 -18.59 62.52
O6 NAG L . -46.53 -20.20 64.44
O7 NAG L . -43.92 -15.25 60.85
C1 NAG L . -49.96 -19.10 62.59
C2 NAG L . -51.08 -18.65 63.54
C3 NAG L . -51.65 -17.32 63.08
C4 NAG L . -51.32 -17.07 61.61
C5 NAG L . -51.44 -18.37 60.86
C6 NAG L . -51.40 -18.20 59.35
C7 NAG L . -52.04 -20.93 63.43
C8 NAG L . -52.94 -21.44 62.34
N2 NAG L . -52.15 -19.63 63.71
O3 NAG L . -51.14 -16.29 63.90
O4 NAG L . -52.24 -16.12 61.08
O5 NAG L . -50.33 -19.21 61.22
O6 NAG L . -50.26 -17.43 58.96
O7 NAG L . -51.27 -21.66 64.03
C1 NAG M . -38.16 -36.99 62.50
C2 NAG M . -36.87 -36.77 63.31
C3 NAG M . -36.22 -38.12 63.62
C4 NAG M . -37.22 -39.10 64.24
C5 NAG M . -38.48 -39.17 63.38
C6 NAG M . -39.56 -40.01 64.00
C7 NAG M . -35.73 -34.66 62.93
C8 NAG M . -34.61 -33.97 62.21
N2 NAG M . -35.94 -35.94 62.60
O3 NAG M . -35.13 -37.87 64.49
O4 NAG M . -36.62 -40.38 64.25
O5 NAG M . -39.01 -37.85 63.21
O6 NAG M . -40.33 -39.25 64.94
O7 NAG M . -36.43 -34.09 63.75
C1 NAG M . -36.21 -40.70 65.59
C2 NAG M . -36.34 -42.21 65.77
C3 NAG M . -35.80 -42.65 67.12
C4 NAG M . -34.39 -42.10 67.33
C5 NAG M . -34.40 -40.59 67.13
C6 NAG M . -33.03 -39.97 67.24
C7 NAG M . -38.15 -43.29 64.55
C8 NAG M . -39.13 -44.40 64.81
N2 NAG M . -37.73 -42.63 65.63
O3 NAG M . -35.81 -44.06 67.19
O4 NAG M . -33.98 -42.39 68.66
O5 NAG M . -34.87 -40.29 65.80
O6 NAG M . -32.97 -39.04 68.31
O7 NAG M . -37.78 -43.00 63.42
C1 NAG N . -21.85 -43.98 39.19
C2 NAG N . -22.08 -45.19 40.10
C3 NAG N . -21.23 -45.08 41.35
C4 NAG N . -19.77 -44.85 40.99
C5 NAG N . -19.64 -43.65 40.05
C6 NAG N . -18.24 -43.42 39.55
C7 NAG N . -24.06 -46.46 40.78
C8 NAG N . -25.52 -46.40 41.10
N2 NAG N . -23.49 -45.30 40.44
O3 NAG N . -21.35 -46.28 42.10
O4 NAG N . -19.02 -44.60 42.17
O5 NAG N . -20.47 -43.87 38.90
O6 NAG N . -18.24 -42.58 38.41
O7 NAG N . -23.43 -47.51 40.82
C1 NAG N . -17.98 -45.58 42.31
C2 NAG N . -16.87 -44.98 43.15
C3 NAG N . -15.74 -45.99 43.34
C4 NAG N . -16.30 -47.29 43.91
C5 NAG N . -17.46 -47.80 43.07
C6 NAG N . -18.14 -49.00 43.68
C7 NAG N . -16.53 -42.55 43.12
C8 NAG N . -15.95 -41.39 42.37
N2 NAG N . -16.36 -43.75 42.56
O3 NAG N . -14.76 -45.45 44.21
O4 NAG N . -15.27 -48.27 43.95
O5 NAG N . -18.45 -46.78 42.93
O6 NAG N . -18.70 -49.84 42.68
O7 NAG N . -17.13 -42.41 44.17
C1 NAG O . -9.74 -28.56 48.83
C2 NAG O . -9.16 -29.34 50.01
C3 NAG O . -7.65 -29.12 50.02
C4 NAG O . -7.06 -29.53 48.68
C5 NAG O . -7.68 -28.71 47.55
C6 NAG O . -8.21 -29.56 46.42
C7 NAG O . -11.06 -28.76 51.41
C8 NAG O . -11.49 -27.44 51.96
N2 NAG O . -9.75 -28.93 51.25
O3 NAG O . -7.10 -29.86 51.09
O4 NAG O . -5.65 -29.28 48.66
O5 NAG O . -8.77 -27.90 48.04
O6 NAG O . -8.43 -30.90 46.85
O7 NAG O . -11.87 -29.63 51.10
C1 NAG O . -4.90 -30.50 48.84
C2 NAG O . -3.73 -30.04 49.72
C3 NAG O . -3.10 -31.23 50.45
C4 NAG O . -4.19 -32.05 51.11
C5 NAG O . -5.12 -32.60 50.03
C6 NAG O . -6.22 -33.45 50.60
C7 NAG O . -2.16 -28.23 49.32
C8 NAG O . -3.07 -27.23 49.99
N2 NAG O . -2.73 -29.36 48.93
O3 NAG O . -2.17 -30.75 51.41
O4 NAG O . -3.58 -33.14 51.81
O5 NAG O . -5.76 -31.50 49.37
O6 NAG O . -7.30 -32.66 51.05
O7 NAG O . -0.97 -28.01 49.15
C1 NAG P . -38.40 -55.50 36.30
C2 NAG P . -38.13 -56.93 36.75
C3 NAG P . -39.20 -57.37 37.72
C4 NAG P . -39.27 -56.44 38.92
C5 NAG P . -39.32 -54.99 38.45
C6 NAG P . -39.10 -54.02 39.58
C7 NAG P . -36.87 -58.33 35.22
C8 NAG P . -36.73 -58.56 33.75
N2 NAG P . -38.04 -57.84 35.63
O3 NAG P . -38.92 -58.71 38.14
O4 NAG P . -40.46 -56.71 39.64
O5 NAG P . -38.28 -54.73 37.49
O6 NAG P . -38.14 -54.51 40.51
O7 NAG P . -35.96 -58.54 36.01
C1 NAG P . -40.11 -57.20 40.94
C2 NAG P . -41.32 -57.87 41.57
C3 NAG P . -40.96 -58.41 42.95
C4 NAG P . -39.72 -59.28 42.90
C5 NAG P . -38.59 -58.53 42.20
C6 NAG P . -37.36 -59.39 42.01
C7 NAG P . -43.67 -57.33 41.31
C8 NAG P . -44.65 -56.21 41.07
N2 NAG P . -42.44 -56.96 41.66
O3 NAG P . -42.07 -59.13 43.47
O4 NAG P . -39.31 -59.60 44.22
O5 NAG P . -39.02 -58.12 40.89
O6 NAG P . -36.89 -59.34 40.66
O7 NAG P . -44.00 -58.50 41.22
C1 NAG Q . -55.38 -55.25 25.20
C2 NAG Q . -55.31 -56.37 24.16
C3 NAG Q . -56.58 -57.22 24.18
C4 NAG Q . -57.83 -56.35 24.13
C5 NAG Q . -57.75 -55.20 25.12
C6 NAG Q . -58.93 -55.13 26.06
C7 NAG Q . -53.86 -55.47 22.41
C8 NAG Q . -53.78 -54.93 21.02
N2 NAG Q . -55.07 -55.82 22.84
O3 NAG Q . -56.60 -58.02 25.35
O4 NAG Q . -58.02 -55.83 22.81
O5 NAG Q . -56.59 -55.37 25.94
O6 NAG Q . -58.57 -54.52 27.29
O7 NAG Q . -52.86 -55.60 23.11
C1 NAG Q . -58.40 -56.93 21.96
C2 NAG Q . -59.82 -56.68 21.45
C3 NAG Q . -60.23 -57.80 20.49
C4 NAG Q . -59.20 -57.96 19.39
C5 NAG Q . -57.81 -58.15 19.98
C6 NAG Q . -56.72 -58.21 18.95
C7 NAG Q . -61.32 -55.41 22.91
C8 NAG Q . -62.27 -55.48 24.07
N2 NAG Q . -60.77 -56.57 22.55
O3 NAG Q . -61.51 -57.49 19.93
O4 NAG Q . -59.52 -59.10 18.58
O5 NAG Q . -57.50 -57.06 20.86
O6 NAG Q . -56.41 -56.91 18.45
O7 NAG Q . -61.07 -54.36 22.35
C1 NAG R . 54.15 -4.01 -7.65
C2 NAG R . 54.34 -2.83 -8.58
C3 NAG R . 53.01 -2.13 -8.79
C4 NAG R . 51.95 -3.12 -9.25
C5 NAG R . 51.88 -4.29 -8.27
C6 NAG R . 50.92 -5.37 -8.72
C7 NAG R . 56.61 -1.92 -8.45
C8 NAG R . 56.86 -2.29 -9.88
N2 NAG R . 55.34 -1.90 -8.07
O3 NAG R . 53.17 -1.07 -9.73
O4 NAG R . 50.68 -2.46 -9.30
O5 NAG R . 53.17 -4.90 -8.16
O6 NAG R . 50.51 -6.18 -7.62
O7 NAG R . 57.53 -1.64 -7.68
C1 NAG S . 42.79 -5.87 -8.01
C2 NAG S . 41.96 -5.43 -9.22
C3 NAG S . 41.46 -4.00 -9.03
C4 NAG S . 40.77 -3.85 -7.68
C5 NAG S . 41.75 -4.25 -6.57
C6 NAG S . 41.13 -4.19 -5.20
C7 NAG S . 42.26 -6.27 -11.48
C8 NAG S . 42.07 -5.54 -12.77
N2 NAG S . 42.68 -5.53 -10.46
O3 NAG S . 40.58 -3.65 -10.08
O4 NAG S . 40.39 -2.49 -7.49
O5 NAG S . 42.14 -5.63 -6.78
O6 NAG S . 39.99 -5.04 -5.10
O7 NAG S . 42.05 -7.47 -11.37
C1 NAG T . 29.97 -15.32 30.79
C2 NAG T . 29.78 -16.78 31.18
C3 NAG T . 29.62 -16.92 32.69
C4 NAG T . 30.72 -16.18 33.42
C5 NAG T . 30.74 -14.73 32.96
C6 NAG T . 31.85 -13.92 33.62
C7 NAG T . 28.76 -18.09 29.40
C8 NAG T . 28.00 -19.39 29.39
N2 NAG T . 28.64 -17.35 30.50
O3 NAG T . 29.62 -18.29 33.03
O4 NAG T . 30.48 -16.23 34.83
O5 NAG T . 31.00 -14.69 31.54
O6 NAG T . 33.12 -14.33 33.17
O7 NAG T . 29.43 -17.73 28.44
C1 NAG U . 12.76 -33.39 23.97
C2 NAG U . 12.18 -34.75 24.32
C3 NAG U . 12.41 -35.05 25.80
C4 NAG U . 13.89 -34.89 26.15
C5 NAG U . 14.37 -33.51 25.73
C6 NAG U . 15.85 -33.32 25.94
C7 NAG U . 10.31 -35.34 22.87
C8 NAG U . 8.83 -35.38 22.71
N2 NAG U . 10.76 -34.85 24.02
O3 NAG U . 11.96 -36.37 26.09
O4 NAG U . 14.05 -35.03 27.56
O5 NAG U . 14.13 -33.32 24.32
O6 NAG U . 16.60 -34.08 25.00
O7 NAG U . 11.07 -35.72 21.97
C1 NAG V . 0.52 -36.96 -13.55
C2 NAG V . -0.73 -36.93 -14.44
C3 NAG V . -1.09 -38.34 -14.89
C4 NAG V . 0.11 -39.01 -15.55
C5 NAG V . 1.33 -38.96 -14.63
C6 NAG V . 2.58 -39.49 -15.27
C7 NAG V . -2.16 -35.02 -13.89
C8 NAG V . -3.35 -34.55 -13.11
N2 NAG V . -1.84 -36.31 -13.75
O3 NAG V . -2.18 -38.29 -15.81
O4 NAG V . -0.19 -40.38 -15.85
O5 NAG V . 1.59 -37.60 -14.25
O6 NAG V . 2.94 -38.71 -16.40
O7 NAG V . -1.53 -34.28 -14.62
C1 NAG W . -3.53 -49.52 -0.19
C2 NAG W . -2.55 -50.13 -1.20
C3 NAG W . -3.28 -51.16 -2.05
C4 NAG W . -4.50 -50.55 -2.72
C5 NAG W . -5.35 -49.81 -1.69
C6 NAG W . -6.79 -50.27 -1.67
C7 NAG W . -1.44 -47.97 -1.54
C8 NAG W . -2.03 -46.70 -2.08
N2 NAG W . -1.94 -49.10 -2.03
O3 NAG W . -3.63 -52.26 -1.23
O4 NAG W . -4.08 -49.62 -3.71
O5 NAG W . -4.83 -50.06 -0.37
O6 NAG W . -6.95 -51.44 -0.88
O7 NAG W . -0.53 -47.97 -0.71
C1 NAG X . -39.84 -53.17 14.10
C2 NAG X . -41.03 -54.11 13.89
C3 NAG X . -41.98 -53.56 12.84
C4 NAG X . -41.28 -52.53 11.96
C5 NAG X . -39.86 -52.98 11.70
C6 NAG X . -39.14 -52.12 10.69
C7 NAG X . -41.45 -56.44 13.29
C8 NAG X . -41.12 -57.29 12.10
N2 NAG X . -40.60 -55.45 13.56
O3 NAG X . -43.11 -52.98 13.48
O4 NAG X . -41.99 -52.42 10.72
O5 NAG X . -39.10 -52.91 12.92
O6 NAG X . -39.72 -52.27 9.40
O7 NAG X . -42.44 -56.66 13.98
C1 NAG Y . -29.01 -53.16 24.09
C2 NAG Y . -27.66 -52.48 23.82
C3 NAG Y . -27.30 -52.53 22.34
C4 NAG Y . -27.52 -53.92 21.78
C5 NAG Y . -28.98 -54.30 21.97
C6 NAG Y . -29.33 -55.65 21.40
C7 NAG Y . -27.38 -50.79 25.55
C8 NAG Y . -27.75 -49.40 25.95
N2 NAG Y . -27.64 -51.12 24.29
O3 NAG Y . -25.95 -52.12 22.16
O4 NAG Y . -27.21 -53.93 20.39
O5 NAG Y . -29.24 -54.37 23.39
O6 NAG Y . -30.37 -56.28 22.14
O7 NAG Y . -26.88 -51.58 26.34
C1 NAG Z . 20.78 44.36 7.65
C2 NAG Z . 21.49 43.21 6.92
C3 NAG Z . 21.97 42.19 7.94
C4 NAG Z . 22.81 42.86 9.01
C5 NAG Z . 22.03 44.02 9.64
C6 NAG Z . 22.84 44.80 10.65
C7 NAG Z . 20.46 43.07 4.69
C8 NAG Z . 19.34 42.46 3.91
N2 NAG Z . 20.63 42.58 5.93
O3 NAG Z . 22.71 41.18 7.28
O4 NAG Z . 23.12 41.91 10.03
O5 NAG Z . 21.63 44.95 8.61
O6 NAG Z . 22.18 46.01 11.00
O7 NAG Z . 21.15 43.98 4.25
C1 NAG AA . 5.41 39.43 31.29
C2 NAG AA . 4.02 39.15 31.85
C3 NAG AA . 3.65 40.31 32.78
C4 NAG AA . 4.69 40.44 33.89
C5 NAG AA . 6.09 40.56 33.26
C6 NAG AA . 7.19 40.54 34.29
C7 NAG AA . 2.72 37.73 30.38
C8 NAG AA . 1.50 37.10 31.00
N2 NAG AA . 3.02 38.96 30.82
O3 NAG AA . 2.35 40.08 33.32
O4 NAG AA . 4.43 41.62 34.63
O5 NAG AA . 6.33 39.46 32.37
O6 NAG AA . 8.33 41.26 33.82
O7 NAG AA . 3.39 37.16 29.55
C1 NAG BA . -23.55 39.86 9.34
C2 NAG BA . -24.04 39.82 10.78
C3 NAG BA . -25.51 40.26 10.83
C4 NAG BA . -25.72 41.57 10.11
C5 NAG BA . -25.17 41.47 8.69
C6 NAG BA . -25.27 42.76 7.91
C7 NAG BA . -22.79 38.19 12.07
C8 NAG BA . -22.97 37.09 13.07
N2 NAG BA . -23.87 38.51 11.35
O3 NAG BA . -25.90 40.36 12.19
O4 NAG BA . -27.11 41.86 10.04
O5 NAG BA . -23.77 41.13 8.76
O6 NAG BA . -24.57 42.65 6.66
O7 NAG BA . -21.72 38.77 11.91
C1 NAG CA . -22.29 23.30 29.97
C2 NAG CA . -23.37 22.22 29.98
C3 NAG CA . -24.73 22.85 30.15
C4 NAG CA . -24.75 23.85 31.31
C5 NAG CA . -23.64 24.87 31.12
C6 NAG CA . -23.54 25.87 32.25
C7 NAG CA . -23.81 21.77 27.60
C8 NAG CA . -24.86 20.87 27.04
N2 NAG CA . -23.30 21.41 28.79
O3 NAG CA . -25.69 21.83 30.37
O4 NAG CA . -26.00 24.53 31.32
O5 NAG CA . -22.37 24.17 31.08
O6 NAG CA . -22.33 26.61 32.18
O7 NAG CA . -23.43 22.77 27.00
C1 NAG DA . 12.16 6.96 39.16
C2 NAG DA . 11.30 5.79 39.62
C3 NAG DA . 11.58 5.45 41.09
C4 NAG DA . 13.08 5.37 41.35
C5 NAG DA . 13.72 6.69 40.94
C6 NAG DA . 15.21 6.73 41.18
C7 NAG DA . 9.04 5.27 38.86
C8 NAG DA . 9.45 4.74 37.53
N2 NAG DA . 9.89 6.09 39.46
O3 NAG DA . 10.95 4.23 41.41
O4 NAG DA . 13.31 5.15 42.73
O5 NAG DA . 13.52 6.85 39.52
O6 NAG DA . 15.81 7.80 40.44
O7 NAG DA . 7.96 4.96 39.38
C1 NAG EA . -3.03 9.28 50.62
C2 NAG EA . -2.46 8.09 51.38
C3 NAG EA . -3.33 7.68 52.56
C4 NAG EA . -3.88 8.88 53.32
C5 NAG EA . -4.55 9.83 52.34
C6 NAG EA . -5.18 11.03 53.01
C7 NAG EA . -1.62 5.87 50.73
C8 NAG EA . -2.28 4.59 50.36
N2 NAG EA . -2.30 6.98 50.46
O3 NAG EA . -2.61 6.83 53.44
O4 NAG EA . -4.84 8.44 54.27
O5 NAG EA . -3.55 10.32 51.43
O6 NAG EA . -6.60 10.92 53.01
O7 NAG EA . -0.52 5.90 51.28
C1 NAG FA . -23.36 -25.73 58.12
C2 NAG FA . -23.21 -27.19 58.55
C3 NAG FA . -21.94 -27.46 59.37
C4 NAG FA . -20.80 -26.54 58.97
C5 NAG FA . -21.28 -25.10 59.11
C6 NAG FA . -20.18 -24.09 58.95
C7 NAG FA . -25.62 -27.45 58.88
C8 NAG FA . -26.53 -26.65 59.76
N2 NAG FA . -24.37 -27.61 59.30
O3 NAG FA . -21.57 -28.82 59.20
O4 NAG FA . -19.69 -26.76 59.83
O5 NAG FA . -22.24 -24.87 58.07
O6 NAG FA . -20.72 -22.80 58.62
O7 NAG FA . -26.01 -27.91 57.80
C1 NAG GA . -31.46 -11.96 56.83
C2 NAG GA . -31.09 -10.64 56.14
C3 NAG GA . -29.57 -10.53 56.00
C4 NAG GA . -28.89 -10.83 57.32
C5 NAG GA . -29.28 -12.23 57.77
C6 NAG GA . -28.61 -12.65 59.05
C7 NAG GA . -32.83 -9.87 54.63
C8 NAG GA . -33.09 -9.48 53.21
N2 NAG GA . -31.72 -10.57 54.84
O3 NAG GA . -29.24 -9.23 55.54
O4 NAG GA . -27.47 -10.77 57.14
O5 NAG GA . -30.70 -12.24 58.00
O6 NAG GA . -29.39 -12.31 60.19
O7 NAG GA . -33.59 -9.55 55.54
C1 NAG HA . 1.23 11.39 -43.44
C2 NAG HA . 2.65 11.05 -43.02
C3 NAG HA . 2.96 11.70 -41.67
C4 NAG HA . 2.66 13.19 -41.72
C5 NAG HA . 1.23 13.41 -42.21
C6 NAG HA . 0.89 14.88 -42.38
C7 NAG HA . 3.31 8.87 -43.96
C8 NAG HA . 4.00 7.59 -43.59
N2 NAG HA . 2.86 9.60 -42.95
O3 NAG HA . 4.32 11.48 -41.33
O4 NAG HA . 2.79 13.75 -40.42
O5 NAG HA . 1.06 12.80 -43.49
O6 NAG HA . 0.92 15.57 -41.14
O7 NAG HA . 3.18 9.22 -45.13
C1 NAG IA . -28.57 8.87 -40.91
C2 NAG IA . -28.59 10.02 -39.91
C3 NAG IA . -30.02 10.54 -39.73
C4 NAG IA . -30.62 10.89 -41.09
C5 NAG IA . -30.52 9.70 -42.03
C6 NAG IA . -30.99 10.01 -43.43
C7 NAG IA . -26.73 9.59 -38.38
C8 NAG IA . -26.33 9.14 -37.00
N2 NAG IA . -28.04 9.61 -38.63
O3 NAG IA . -30.00 11.68 -38.89
O4 NAG IA . -31.99 11.26 -40.93
O5 NAG IA . -29.15 9.29 -42.14
O6 NAG IA . -30.30 9.22 -44.40
O7 NAG IA . -25.90 9.93 -39.21
C1 NAG JA . -14.56 -25.93 -33.37
C2 NAG JA . -16.10 -25.87 -33.40
C3 NAG JA . -16.67 -27.27 -33.20
C4 NAG JA . -16.05 -28.24 -34.20
C5 NAG JA . -14.53 -28.20 -34.06
C6 NAG JA . -13.84 -29.09 -35.06
C7 NAG JA . -16.91 -23.68 -32.71
C8 NAG JA . -17.96 -23.48 -33.76
N2 NAG JA . -16.62 -24.95 -32.41
O3 NAG JA . -18.07 -27.21 -33.35
O4 NAG JA . -16.51 -29.55 -33.90
O5 NAG JA . -14.07 -26.86 -34.32
O6 NAG JA . -14.27 -30.45 -34.95
O7 NAG JA . -16.33 -22.73 -32.18
C1 NAG KA . -34.95 -14.22 -18.31
C2 NAG KA . -34.90 -15.69 -17.91
C3 NAG KA . -36.12 -16.43 -18.43
C4 NAG KA . -37.39 -15.70 -18.09
C5 NAG KA . -37.32 -14.28 -18.61
C6 NAG KA . -38.54 -13.45 -18.28
C7 NAG KA . -32.65 -16.61 -17.60
C8 NAG KA . -32.45 -18.05 -17.28
N2 NAG KA . -33.69 -16.34 -18.39
O3 NAG KA . -36.12 -17.75 -17.89
O4 NAG KA . -38.49 -16.35 -18.71
O5 NAG KA . -36.20 -13.62 -17.99
O6 NAG KA . -39.15 -12.94 -19.45
O7 NAG KA . -31.91 -15.73 -17.17
C1 NAG LA . -33.18 21.10 -8.63
C2 NAG LA . -33.53 21.13 -7.14
C3 NAG LA . -35.05 21.12 -6.99
C4 NAG LA . -35.67 22.26 -7.78
C5 NAG LA . -35.21 22.17 -9.24
C6 NAG LA . -35.71 23.33 -10.07
C7 NAG LA . -31.75 20.06 -5.84
C8 NAG LA . -31.12 18.74 -5.55
N2 NAG LA . -32.96 20.03 -6.39
O3 NAG LA . -35.40 21.20 -5.62
O4 NAG LA . -37.08 22.16 -7.72
O5 NAG LA . -33.78 22.20 -9.31
O6 NAG LA . -34.95 23.45 -11.28
O7 NAG LA . -31.17 21.13 -5.60
C1 NAG MA . -51.87 7.56 -8.22
C2 NAG MA . -51.67 8.98 -8.77
C3 NAG MA . -52.30 9.97 -7.81
C4 NAG MA . -53.79 9.69 -7.66
C5 NAG MA . -54.03 8.22 -7.32
C6 NAG MA . -54.83 7.49 -8.38
C7 NAG MA . -49.26 8.62 -8.49
C8 NAG MA . -48.81 9.00 -7.12
N2 NAG MA . -50.28 9.32 -8.99
O3 NAG MA . -52.08 11.30 -8.27
O4 NAG MA . -54.32 10.50 -6.61
O5 NAG MA . -52.79 7.51 -7.14
O6 NAG MA . -54.89 6.09 -8.12
O7 NAG MA . -48.73 7.71 -9.13
C1 NAG NA . -61.82 -4.26 27.05
C2 NAG NA . -62.41 -3.08 27.81
C3 NAG NA . -63.57 -2.40 27.10
C4 NAG NA . -63.45 -2.45 25.58
C5 NAG NA . -63.20 -3.90 25.17
C6 NAG NA . -63.21 -4.11 23.68
C7 NAG NA . -62.25 -3.29 30.26
C8 NAG NA . -62.59 -2.00 30.93
N2 NAG NA . -62.88 -3.53 29.10
O3 NAG NA . -63.63 -1.04 27.54
O4 NAG NA . -64.67 -2.01 25.00
O5 NAG NA . -61.87 -4.21 25.64
O6 NAG NA . -62.82 -5.45 23.37
O7 NAG NA . -61.46 -4.10 30.75
C1 NAG OA . -62.57 -13.01 14.65
C2 NAG OA . -62.00 -13.39 13.30
C3 NAG OA . -61.61 -12.14 12.52
C4 NAG OA . -62.79 -11.18 12.43
C5 NAG OA . -63.34 -10.89 13.82
C6 NAG OA . -64.58 -10.04 13.80
C7 NAG OA . -60.80 -15.50 12.91
C8 NAG OA . -59.54 -16.28 13.16
N2 NAG OA . -60.85 -14.27 13.45
O3 NAG OA . -61.19 -12.51 11.21
O4 NAG OA . -62.36 -9.96 11.83
O5 NAG OA . -63.69 -12.12 14.47
O6 NAG OA . -65.46 -10.39 14.86
O7 NAG OA . -61.73 -15.97 12.25
#